data_6PKW
#
_entry.id   6PKW
#
_cell.length_a   1.00
_cell.length_b   1.00
_cell.length_c   1.00
_cell.angle_alpha   90.00
_cell.angle_beta   90.00
_cell.angle_gamma   90.00
#
_symmetry.space_group_name_H-M   'P 1'
#
_entity_poly.entity_id   1
_entity_poly.type   'polypeptide(L)'
_entity_poly.pdbx_seq_one_letter_code
;MALGTSGVKIHPNGNSNQLGVQLENVKLTSLFKKLDKRCSLASWIKENIKKKECCFYVEDGREGICKCGYPKVQHCDEAI
KPEDYMGEQWDKHRHVRETPTDAFGDISFGGLGQKTGKYVRVSSDTSCENLYQLMTEQWKLRSPNLLISVTGGAKNFYIK
THLKDKFRRGLIKVAQTTGAWILTGGTHAGVMKHVGMAVRDYTLSSGSMEGQIVVIGVAPWGVIHNRSTLIHPEGRFPAY
YSLDEQGQGRLSCLDINHTHFLLVDDGTQGHYGVEIELRARLEKLISKLSLGNRESGVTIPVVCVVLDGGPGTLNTIYNS
MLNHTPCVVLEGSGRLADVIAHVASVPVSKVTMALINRLLKRFFMQEYKNFTELQIIEWTKKIQDILRMPHLLTVFRIDE
DKNYDVDVAILQALLKASRSDEHAGRHCWERQLELAVAWNRVDIAESEIFTEESQWTSSDLHPAMFSALVGDKPEFVRLL
LENGVCVREFLEREETLCELYSHLPSCFFLRKLAKRVQGGKMRRGQEPLPGSRKVCLSHVSEEVRHLLGSFTQPLYIASR
YKPTKDDVRLKVPSKGALDLPCSGEEWSADTVWDPGRDLFLWAVVQNNRELAEIGWEQCRDCIAAALAASKILRKLAQES
GEDDSEEATEMLELANHYEKQAIGVFSECHSWDAQRAQKLLIRISPSWGRSTCLWLALEAHDKSFIAHSGVQALLTQIWC
GELSVDNPHWKVLLCMIFFPLIYTGFLTFRRDEDIQRQAERTEQQKLAMESVFAGQSDGKIKRHLRGFSQKSELKPLNCS
SRLMSFLKSPQVKFYWNIASYFGFLWLFAVVLMIDFQTSPSWRELLLYVWLTSLVCEEIRQLYHDFDGSGFRRKAKMYIK
DLWNILDVLSIVLFIAGLICRLQASDTVFYIGKVILCIDFIIFCLRLMAIFSISRTLGPKIIIVRRMMLDLFFFMFLLSI
WVVAYGVAKQGILIENEERLNWIIRGAVYEPYITIFGNFPTNIDNTLFDISSCSVNASDPLKPKCPMLNADNTPVFPEWL
TIMMLCVYLLFANILLLNLLIAIFNYTFQEVQDNTDTIWKFQRYELIKEYHSRPALPPPFILLSHLILFIRGVFLRDLPQ
RHKNFRQELEQTEEEELLSWEAYMKDNYLASTRQDESQSVEHRIHDTAEKVGAMSELLEREQEMV(UNK)(UNK)(UNK)
(UNK)(UNK)(UNK)(UNK)(UNK)(UNK)(UNK)(UNK)(UNK)(UNK)(UNK)(UNK)(UNK)(UNK)(UNK)(UNK)
(UNK)(UNK)(UNK)DEEAPHMFARQLQYPDSTVRRFPVPEEKVSWEVNFSPYQPPVYNQQDSSESDTSALDKHRNPGGR
TGIRGKGALNTLGPNHILHPIFTRWRDAEHKVLEFLAVWEDAEKRWALLGGPAQPDEPLAQVLERILGKKLNEKTKTLLK
AGEEVYKGYVDDSRNTDNAWVETSIITLHCDKNTPLMADLNHMVESSLSSHQPLQWREVSSDACRCSYQREALRQIAHHH
NTYFSNSLEVLFQGPDYKDDDDKAHHHHHHHHHH
;
_entity_poly.pdbx_strand_id   A,C,B,D
#
# COMPACT_ATOMS: atom_id res chain seq x y z
N LEU A 41 -7.92 50.94 19.27
CA LEU A 41 -7.41 50.60 17.95
C LEU A 41 -6.37 51.62 17.51
N ALA A 42 -6.52 52.09 16.28
CA ALA A 42 -5.63 53.12 15.77
C ALA A 42 -5.83 54.44 16.50
N SER A 43 -7.04 54.69 16.99
CA SER A 43 -7.24 55.80 17.90
C SER A 43 -6.46 55.58 19.18
N TRP A 44 -6.41 54.35 19.67
CA TRP A 44 -5.60 54.06 20.85
C TRP A 44 -4.12 54.11 20.54
N ILE A 45 -3.76 53.78 19.30
CA ILE A 45 -2.40 53.97 18.81
C ILE A 45 -2.02 55.44 18.89
N LYS A 46 -2.89 56.33 18.41
CA LYS A 46 -2.61 57.75 18.54
C LYS A 46 -2.76 58.25 19.97
N GLU A 47 -3.47 57.49 20.82
CA GLU A 47 -3.69 57.89 22.19
C GLU A 47 -2.43 57.69 23.03
N ASN A 48 -2.01 56.44 23.20
CA ASN A 48 -1.00 56.18 24.21
C ASN A 48 0.41 56.07 23.68
N ILE A 49 0.61 55.95 22.38
CA ILE A 49 1.97 55.82 21.88
C ILE A 49 2.67 57.18 21.84
N LYS A 50 2.10 58.11 21.07
CA LYS A 50 2.66 59.42 20.76
C LYS A 50 4.07 59.32 20.17
N THR A 116 3.57 37.50 5.68
CA THR A 116 3.21 38.87 5.98
C THR A 116 3.15 39.14 7.48
N GLY A 117 3.44 40.38 7.87
CA GLY A 117 3.53 40.71 9.28
C GLY A 117 3.21 42.15 9.61
N LYS A 118 3.46 42.56 10.84
CA LYS A 118 3.05 43.87 11.33
C LYS A 118 4.23 44.71 11.77
N TYR A 119 4.07 46.01 11.63
CA TYR A 119 5.05 47.00 12.04
C TYR A 119 4.36 48.07 12.88
N VAL A 120 5.03 48.50 13.93
CA VAL A 120 4.54 49.58 14.78
C VAL A 120 5.70 50.52 15.08
N ARG A 121 5.52 51.79 14.76
CA ARG A 121 6.43 52.80 15.26
C ARG A 121 6.09 53.11 16.71
N VAL A 122 7.11 53.21 17.56
CA VAL A 122 6.95 53.60 18.95
C VAL A 122 8.01 54.64 19.26
N SER A 123 7.78 55.39 20.33
CA SER A 123 8.72 56.40 20.72
C SER A 123 9.89 55.78 21.47
N SER A 124 10.87 56.63 21.79
CA SER A 124 12.09 56.18 22.43
C SER A 124 11.89 55.84 23.90
N ASP A 125 10.83 56.34 24.53
CA ASP A 125 10.62 56.06 25.95
C ASP A 125 9.12 56.04 26.19
N THR A 126 8.53 54.85 26.13
CA THR A 126 7.10 54.66 26.28
C THR A 126 6.82 53.82 27.52
N SER A 127 5.54 53.65 27.83
CA SER A 127 5.16 52.69 28.85
C SER A 127 5.35 51.29 28.32
N CYS A 128 5.98 50.45 29.12
CA CYS A 128 6.23 49.09 28.68
C CYS A 128 5.05 48.18 28.96
N GLU A 129 4.23 48.52 29.95
CA GLU A 129 2.96 47.84 30.12
C GLU A 129 2.03 48.12 28.95
N ASN A 130 2.13 49.33 28.37
CA ASN A 130 1.46 49.63 27.12
C ASN A 130 1.94 48.70 26.01
N LEU A 131 3.25 48.45 25.95
CA LEU A 131 3.80 47.55 24.95
C LEU A 131 3.27 46.14 25.13
N TYR A 132 3.18 45.70 26.39
CA TYR A 132 2.66 44.36 26.66
C TYR A 132 1.20 44.26 26.30
N GLN A 133 0.42 45.30 26.59
CA GLN A 133 -0.99 45.29 26.26
C GLN A 133 -1.20 45.33 24.74
N LEU A 134 -0.33 46.05 24.04
CA LEU A 134 -0.38 46.04 22.58
C LEU A 134 -0.05 44.68 22.02
N MET A 135 0.94 44.02 22.61
CA MET A 135 1.41 42.75 22.08
C MET A 135 0.42 41.62 22.36
N THR A 136 0.06 41.44 23.62
CA THR A 136 -0.70 40.23 23.93
C THR A 136 -2.20 40.40 23.71
N GLU A 137 -2.69 41.62 23.63
CA GLU A 137 -4.13 41.83 23.49
C GLU A 137 -4.49 42.50 22.19
N GLN A 138 -3.84 43.63 21.88
CA GLN A 138 -4.18 44.37 20.67
C GLN A 138 -3.69 43.63 19.44
N TRP A 139 -2.51 43.03 19.52
CA TRP A 139 -2.03 42.25 18.39
C TRP A 139 -2.69 40.88 18.29
N LYS A 140 -3.39 40.44 19.33
CA LYS A 140 -3.95 39.10 19.45
C LYS A 140 -2.87 38.03 19.27
N LEU A 141 -1.88 38.09 20.15
CA LEU A 141 -0.83 37.09 20.21
C LEU A 141 -0.81 36.48 21.60
N ARG A 142 -0.64 35.15 21.66
CA ARG A 142 -0.77 34.43 22.93
C ARG A 142 0.42 34.71 23.83
N SER A 143 0.24 34.40 25.11
CA SER A 143 1.25 34.72 26.11
C SER A 143 2.47 33.80 25.92
N PRO A 144 3.68 34.35 25.97
CA PRO A 144 4.86 33.52 25.74
C PRO A 144 5.17 32.66 26.95
N ASN A 145 5.49 31.40 26.70
CA ASN A 145 5.94 30.55 27.77
C ASN A 145 7.41 30.77 28.06
N LEU A 146 8.22 30.96 27.04
CA LEU A 146 9.61 31.31 27.24
C LEU A 146 9.97 32.46 26.32
N LEU A 147 11.14 33.02 26.56
CA LEU A 147 11.63 34.09 25.71
C LEU A 147 13.13 33.94 25.57
N ILE A 148 13.58 33.87 24.33
CA ILE A 148 15.00 33.80 24.04
C ILE A 148 15.38 35.09 23.35
N SER A 149 16.48 35.67 23.79
CA SER A 149 16.90 36.99 23.32
C SER A 149 18.25 36.84 22.65
N VAL A 150 18.27 36.93 21.33
CA VAL A 150 19.51 36.74 20.60
C VAL A 150 20.37 37.99 20.75
N THR A 151 21.56 37.81 21.32
CA THR A 151 22.48 38.94 21.44
C THR A 151 23.07 39.28 20.08
N GLY A 152 23.80 38.35 19.49
CA GLY A 152 24.19 38.45 18.10
C GLY A 152 25.24 39.50 17.80
N GLY A 153 25.60 39.57 16.52
CA GLY A 153 26.53 40.56 16.04
C GLY A 153 26.00 41.24 14.80
N ALA A 154 26.36 42.51 14.64
CA ALA A 154 25.79 43.31 13.58
C ALA A 154 26.33 42.93 12.21
N LYS A 155 27.60 42.54 12.14
CA LYS A 155 28.22 42.23 10.87
C LYS A 155 27.74 40.90 10.36
N ASN A 156 27.66 40.79 9.03
CA ASN A 156 27.43 39.50 8.42
C ASN A 156 28.69 38.66 8.53
N PHE A 157 28.50 37.35 8.59
CA PHE A 157 29.62 36.43 8.80
C PHE A 157 29.17 35.03 8.39
N TYR A 158 30.16 34.18 8.10
CA TYR A 158 29.90 32.86 7.55
C TYR A 158 29.96 31.82 8.66
N ILE A 159 28.96 30.96 8.69
CA ILE A 159 28.93 29.86 9.62
C ILE A 159 29.35 28.59 8.90
N LYS A 160 29.70 27.57 9.66
CA LYS A 160 29.97 26.26 9.10
C LYS A 160 28.67 25.57 8.75
N THR A 161 28.78 24.41 8.10
CA THR A 161 27.59 23.71 7.64
C THR A 161 26.88 23.01 8.79
N HIS A 162 27.59 22.10 9.47
CA HIS A 162 26.93 21.23 10.44
C HIS A 162 26.52 21.97 11.70
N LEU A 163 27.23 23.05 12.05
CA LEU A 163 26.81 23.84 13.20
C LEU A 163 25.54 24.60 12.90
N LYS A 164 25.52 25.34 11.79
CA LYS A 164 24.39 26.21 11.49
C LYS A 164 23.15 25.42 11.11
N ASP A 165 23.31 24.24 10.50
CA ASP A 165 22.15 23.45 10.12
C ASP A 165 21.41 22.93 11.34
N LYS A 166 22.14 22.30 12.25
CA LYS A 166 21.54 21.83 13.50
C LYS A 166 21.05 22.99 14.34
N PHE A 167 21.73 24.14 14.25
CA PHE A 167 21.29 25.35 14.94
C PHE A 167 19.92 25.80 14.47
N ARG A 168 19.75 25.91 13.16
CA ARG A 168 18.48 26.33 12.58
C ARG A 168 17.38 25.32 12.93
N ARG A 169 17.68 24.03 12.84
CA ARG A 169 16.68 23.01 13.15
C ARG A 169 16.25 23.09 14.60
N GLY A 170 17.21 23.23 15.52
CA GLY A 170 16.85 23.28 16.93
C GLY A 170 16.14 24.55 17.33
N LEU A 171 16.49 25.67 16.69
CA LEU A 171 15.84 26.92 17.03
C LEU A 171 14.40 26.93 16.56
N ILE A 172 14.16 26.42 15.35
CA ILE A 172 12.78 26.24 14.89
C ILE A 172 12.03 25.30 15.82
N LYS A 173 12.72 24.26 16.31
CA LYS A 173 12.09 23.30 17.22
C LYS A 173 11.62 23.95 18.51
N VAL A 174 12.50 24.69 19.19
CA VAL A 174 12.09 25.29 20.44
C VAL A 174 11.18 26.47 20.24
N ALA A 175 11.20 27.09 19.07
CA ALA A 175 10.23 28.13 18.81
C ALA A 175 8.85 27.54 18.67
N GLN A 176 8.75 26.38 18.03
CA GLN A 176 7.44 25.82 17.78
C GLN A 176 6.90 25.12 19.00
N THR A 177 7.72 24.31 19.68
CA THR A 177 7.18 23.33 20.60
C THR A 177 6.70 23.93 21.90
N THR A 178 7.11 25.14 22.23
CA THR A 178 6.63 25.78 23.45
C THR A 178 5.98 27.11 23.18
N GLY A 179 6.06 27.61 21.96
CA GLY A 179 5.55 28.94 21.68
C GLY A 179 6.35 30.01 22.38
N ALA A 180 7.67 29.84 22.44
CA ALA A 180 8.48 30.88 23.02
C ALA A 180 8.58 32.07 22.07
N TRP A 181 9.05 33.19 22.59
CA TRP A 181 9.22 34.35 21.74
C TRP A 181 10.68 34.52 21.41
N ILE A 182 10.94 35.16 20.27
CA ILE A 182 12.29 35.32 19.76
C ILE A 182 12.56 36.80 19.62
N LEU A 183 13.36 37.33 20.54
CA LEU A 183 13.68 38.75 20.57
C LEU A 183 14.96 38.99 19.79
N THR A 184 14.90 39.92 18.84
CA THR A 184 15.94 40.04 17.82
C THR A 184 16.18 41.52 17.57
N GLY A 185 17.41 41.84 17.16
CA GLY A 185 17.61 43.10 16.46
C GLY A 185 16.77 43.15 15.19
N GLY A 186 16.24 44.32 14.89
CA GLY A 186 15.31 44.42 13.79
C GLY A 186 15.92 44.56 12.41
N THR A 187 17.23 44.65 12.32
CA THR A 187 17.89 44.88 11.04
C THR A 187 17.81 43.64 10.16
N HIS A 188 18.19 43.81 8.90
CA HIS A 188 18.43 42.65 8.07
C HIS A 188 19.84 42.12 8.25
N ALA A 189 20.79 42.96 8.59
CA ALA A 189 22.17 42.54 8.67
C ALA A 189 22.44 41.80 9.98
N GLY A 190 23.42 40.91 9.94
CA GLY A 190 23.84 40.16 11.10
C GLY A 190 23.21 38.78 11.16
N VAL A 191 23.22 38.22 12.36
CA VAL A 191 22.64 36.91 12.62
C VAL A 191 21.12 36.94 12.52
N MET A 192 20.55 38.15 12.50
CA MET A 192 19.24 38.42 11.95
C MET A 192 19.00 37.68 10.65
N LYS A 193 19.97 37.76 9.75
CA LYS A 193 19.84 37.06 8.46
C LYS A 193 19.87 35.55 8.63
N HIS A 194 20.64 35.05 9.59
CA HIS A 194 20.68 33.62 9.85
C HIS A 194 19.33 33.11 10.33
N VAL A 195 18.76 33.79 11.33
CA VAL A 195 17.51 33.31 11.89
C VAL A 195 16.36 33.55 10.93
N GLY A 196 16.48 34.57 10.07
CA GLY A 196 15.50 34.75 9.02
C GLY A 196 15.57 33.65 7.98
N MET A 197 16.79 33.23 7.64
CA MET A 197 16.97 32.09 6.75
C MET A 197 16.37 30.83 7.37
N ALA A 198 16.49 30.70 8.69
CA ALA A 198 15.93 29.54 9.38
C ALA A 198 14.41 29.53 9.33
N VAL A 199 13.79 30.67 9.64
CA VAL A 199 12.35 30.71 9.73
C VAL A 199 11.73 30.64 8.34
N ARG A 200 12.47 31.04 7.30
CA ARG A 200 12.03 30.69 5.96
C ARG A 200 12.20 29.21 5.72
N ASP A 201 13.32 28.64 6.18
CA ASP A 201 13.70 27.27 5.85
C ASP A 201 12.77 26.24 6.46
N TYR A 202 12.05 26.59 7.53
CA TYR A 202 10.94 25.73 7.88
C TYR A 202 9.67 26.11 7.12
N THR A 203 9.17 27.31 7.33
CA THR A 203 7.89 27.70 6.75
C THR A 203 8.07 28.17 5.32
N GLN A 212 2.17 28.65 14.34
CA GLN A 212 2.45 30.07 14.55
C GLN A 212 3.65 30.25 15.47
N ILE A 213 4.59 31.10 15.06
CA ILE A 213 5.83 31.34 15.78
C ILE A 213 6.14 32.82 15.76
N VAL A 214 6.82 33.29 16.81
CA VAL A 214 6.85 34.70 17.15
C VAL A 214 8.28 35.20 17.06
N VAL A 215 8.53 36.02 16.07
CA VAL A 215 9.81 36.71 15.93
C VAL A 215 9.56 38.21 15.99
N ILE A 216 10.04 38.82 17.06
CA ILE A 216 9.95 40.26 17.24
C ILE A 216 11.32 40.87 17.00
N GLY A 217 11.35 41.89 16.15
CA GLY A 217 12.57 42.63 15.86
C GLY A 217 12.47 44.02 16.44
N VAL A 218 13.61 44.53 16.90
CA VAL A 218 13.71 45.86 17.49
C VAL A 218 14.66 46.67 16.63
N ASP A 255 14.37 44.22 6.92
CA ASP A 255 14.43 42.77 6.95
C ASP A 255 13.13 42.17 6.42
N ILE A 256 13.21 40.96 5.88
CA ILE A 256 12.01 40.26 5.42
C ILE A 256 11.42 39.42 6.53
N ASN A 257 12.18 38.45 7.00
CA ASN A 257 11.56 37.24 7.54
C ASN A 257 11.13 37.35 8.98
N HIS A 258 11.16 38.52 9.59
CA HIS A 258 10.49 38.62 10.87
C HIS A 258 8.99 38.71 10.67
N THR A 259 8.25 38.68 11.78
CA THR A 259 6.81 38.86 11.76
C THR A 259 6.33 40.03 12.58
N HIS A 260 7.14 40.56 13.50
CA HIS A 260 6.68 41.71 14.25
C HIS A 260 7.80 42.71 14.39
N PHE A 261 7.47 43.99 14.19
CA PHE A 261 8.45 45.04 14.12
C PHE A 261 8.16 46.13 15.15
N LEU A 262 9.14 46.43 15.97
CA LEU A 262 9.08 47.55 16.90
C LEU A 262 10.12 48.56 16.48
N LEU A 263 9.68 49.65 15.89
CA LEU A 263 10.60 50.71 15.45
C LEU A 263 10.68 51.72 16.58
N VAL A 264 11.75 51.63 17.36
CA VAL A 264 12.01 52.65 18.38
C VAL A 264 12.49 53.92 17.68
N ASP A 265 11.71 54.97 17.78
CA ASP A 265 11.93 56.20 17.03
C ASP A 265 12.33 57.28 18.01
N ASP A 266 13.49 57.88 17.77
CA ASP A 266 13.85 59.10 18.47
C ASP A 266 13.97 60.29 17.53
N GLY A 267 14.06 60.05 16.23
CA GLY A 267 14.22 61.12 15.27
C GLY A 267 15.65 61.53 15.00
N THR A 268 16.63 60.82 15.57
CA THR A 268 18.02 61.24 15.42
C THR A 268 18.53 60.93 14.03
N GLN A 269 18.34 59.68 13.58
CA GLN A 269 18.82 59.16 12.28
C GLN A 269 20.34 59.32 12.16
N GLY A 270 21.05 59.22 13.29
CA GLY A 270 22.49 59.32 13.25
C GLY A 270 23.20 58.29 14.10
N HIS A 271 22.46 57.61 14.96
CA HIS A 271 23.04 56.71 15.94
C HIS A 271 22.50 55.31 15.76
N TYR A 272 23.21 54.35 16.37
CA TYR A 272 22.78 52.96 16.40
C TYR A 272 22.44 52.47 17.79
N GLY A 273 23.12 52.96 18.83
CA GLY A 273 22.93 52.46 20.17
C GLY A 273 21.75 53.04 20.91
N VAL A 274 20.55 52.87 20.36
CA VAL A 274 19.36 53.39 21.01
C VAL A 274 18.41 52.24 21.32
N GLU A 275 18.46 51.19 20.52
CA GLU A 275 17.49 50.11 20.61
C GLU A 275 17.74 49.16 21.75
N ILE A 276 18.79 49.36 22.55
CA ILE A 276 19.26 48.31 23.44
C ILE A 276 18.75 48.48 24.87
N GLU A 277 18.65 49.71 25.38
CA GLU A 277 18.31 49.87 26.79
C GLU A 277 16.83 49.60 27.03
N LEU A 278 15.97 50.05 26.12
CA LEU A 278 14.56 49.74 26.22
C LEU A 278 14.31 48.26 25.99
N ARG A 279 15.15 47.63 25.16
CA ARG A 279 15.10 46.19 25.01
C ARG A 279 15.43 45.50 26.33
N ALA A 280 16.41 46.03 27.06
CA ALA A 280 16.76 45.48 28.37
C ALA A 280 15.64 45.69 29.38
N ARG A 281 15.00 46.86 29.35
CA ARG A 281 13.92 47.15 30.28
C ARG A 281 12.70 46.29 29.99
N LEU A 282 12.38 46.10 28.70
CA LEU A 282 11.35 45.16 28.31
C LEU A 282 11.67 43.75 28.78
N GLU A 283 12.94 43.36 28.67
CA GLU A 283 13.36 42.03 29.09
C GLU A 283 13.17 41.82 30.58
N LYS A 284 13.61 42.79 31.38
CA LYS A 284 13.50 42.63 32.83
C LYS A 284 12.06 42.76 33.30
N LEU A 285 11.23 43.51 32.57
CA LEU A 285 9.84 43.63 32.95
C LEU A 285 9.06 42.36 32.62
N ILE A 286 9.28 41.80 31.43
CA ILE A 286 8.62 40.56 31.10
C ILE A 286 9.22 39.40 31.89
N SER A 287 10.42 39.58 32.42
CA SER A 287 10.93 38.66 33.43
C SER A 287 10.10 38.72 34.69
N LYS A 288 9.83 39.94 35.17
CA LYS A 288 9.04 40.06 36.39
C LYS A 288 7.58 39.68 36.15
N LEU A 289 7.10 39.79 34.92
CA LEU A 289 5.80 39.24 34.56
C LEU A 289 5.91 37.72 34.67
N SER A 290 5.23 37.15 35.65
CA SER A 290 5.39 35.74 35.97
C SER A 290 4.31 34.93 35.28
N LEU A 291 4.42 33.61 35.40
CA LEU A 291 3.37 32.72 34.90
C LEU A 291 2.18 32.86 35.83
N GLY A 292 1.25 33.74 35.43
CA GLY A 292 0.19 34.19 36.32
C GLY A 292 -1.02 33.29 36.42
N ASN A 293 -1.15 32.31 35.53
CA ASN A 293 -2.27 31.37 35.62
C ASN A 293 -2.15 30.50 36.86
N ARG A 294 -1.04 29.78 36.97
CA ARG A 294 -0.72 29.07 38.21
C ARG A 294 -0.20 30.09 39.21
N GLU A 295 -1.02 30.42 40.21
CA GLU A 295 -0.67 31.43 41.20
C GLU A 295 0.34 30.82 42.17
N SER A 296 1.60 30.87 41.77
CA SER A 296 2.69 30.31 42.55
C SER A 296 3.99 30.97 42.12
N GLY A 297 5.09 30.56 42.74
CA GLY A 297 6.38 31.14 42.46
C GLY A 297 6.96 30.64 41.15
N VAL A 298 6.40 31.08 40.04
CA VAL A 298 6.87 30.65 38.73
C VAL A 298 6.96 31.86 37.83
N THR A 299 8.16 32.42 37.68
CA THR A 299 8.39 33.57 36.83
C THR A 299 8.81 33.09 35.45
N ILE A 300 8.14 33.58 34.42
CA ILE A 300 8.37 33.19 33.03
C ILE A 300 9.78 33.59 32.63
N PRO A 301 10.65 32.62 32.40
CA PRO A 301 12.09 32.90 32.31
C PRO A 301 12.52 33.29 30.91
N VAL A 302 13.60 34.06 30.86
CA VAL A 302 14.17 34.55 29.61
C VAL A 302 15.63 34.16 29.61
N VAL A 303 16.08 33.61 28.48
CA VAL A 303 17.48 33.22 28.36
C VAL A 303 18.04 33.81 27.08
N CYS A 304 19.35 34.01 27.07
CA CYS A 304 20.04 34.60 25.93
C CYS A 304 21.09 33.63 25.38
N VAL A 305 21.28 33.70 24.08
CA VAL A 305 22.32 32.97 23.38
C VAL A 305 23.26 33.98 22.76
N VAL A 306 24.44 33.49 22.39
CA VAL A 306 25.49 34.36 21.87
C VAL A 306 26.02 33.74 20.60
N LEU A 307 26.00 34.51 19.51
CA LEU A 307 26.69 34.14 18.28
C LEU A 307 27.37 35.40 17.75
N ASP A 308 28.70 35.32 17.57
CA ASP A 308 29.54 36.40 17.06
C ASP A 308 29.42 37.66 17.91
N GLY A 309 29.80 37.53 19.17
CA GLY A 309 29.78 38.65 20.06
C GLY A 309 30.97 39.56 19.86
N GLY A 310 30.90 40.71 20.49
CA GLY A 310 32.01 41.62 20.55
C GLY A 310 32.26 42.00 21.98
N PRO A 311 33.27 42.84 22.22
CA PRO A 311 33.44 43.39 23.57
C PRO A 311 32.33 44.33 23.96
N GLY A 312 31.67 44.96 23.00
CA GLY A 312 30.47 45.71 23.31
C GLY A 312 29.33 44.82 23.74
N THR A 313 29.20 43.64 23.12
CA THR A 313 28.21 42.68 23.53
C THR A 313 28.48 42.15 24.94
N LEU A 314 29.77 42.07 25.30
CA LEU A 314 30.21 41.47 26.54
C LEU A 314 29.63 42.16 27.77
N ASN A 315 29.45 43.49 27.70
CA ASN A 315 28.97 44.23 28.86
C ASN A 315 27.50 43.91 29.16
N THR A 316 26.65 43.94 28.15
CA THR A 316 25.25 43.62 28.40
C THR A 316 25.07 42.13 28.63
N ILE A 317 25.97 41.29 28.10
CA ILE A 317 25.98 39.88 28.47
C ILE A 317 26.26 39.74 29.95
N TYR A 318 27.25 40.46 30.44
CA TYR A 318 27.61 40.39 31.86
C TYR A 318 26.52 40.99 32.72
N ASN A 319 25.78 41.96 32.21
CA ASN A 319 24.68 42.50 32.98
C ASN A 319 23.53 41.51 33.07
N SER A 320 23.26 40.80 31.97
CA SER A 320 22.23 39.77 31.99
C SER A 320 22.61 38.63 32.92
N MET A 321 23.88 38.24 32.88
CA MET A 321 24.37 37.23 33.82
C MET A 321 24.34 37.75 35.25
N LEU A 322 24.54 39.05 35.41
CA LEU A 322 24.38 39.68 36.71
C LEU A 322 22.92 39.75 37.10
N ASN A 323 22.03 39.78 36.13
CA ASN A 323 20.60 39.82 36.41
C ASN A 323 20.03 38.43 36.63
N HIS A 324 20.92 37.43 36.76
CA HIS A 324 20.60 36.07 37.13
C HIS A 324 19.65 35.43 36.12
N THR A 325 20.15 35.31 34.90
CA THR A 325 19.53 34.50 33.89
C THR A 325 20.65 33.95 33.05
N PRO A 326 20.60 32.68 32.69
CA PRO A 326 21.78 32.05 32.09
C PRO A 326 21.99 32.44 30.64
N CYS A 327 22.98 31.81 30.03
CA CYS A 327 23.36 32.13 28.66
C CYS A 327 24.02 30.93 28.02
N VAL A 328 23.74 30.76 26.74
CA VAL A 328 24.28 29.66 25.95
C VAL A 328 25.08 30.23 24.81
N VAL A 329 26.32 29.78 24.68
CA VAL A 329 27.25 30.27 23.68
C VAL A 329 27.69 29.11 22.81
N LEU A 330 27.69 29.33 21.50
CA LEU A 330 28.20 28.35 20.56
C LEU A 330 29.70 28.55 20.40
N GLU A 331 30.30 27.92 19.39
CA GLU A 331 31.73 28.06 19.15
C GLU A 331 32.07 28.47 17.73
N GLY A 332 31.09 28.71 16.88
CA GLY A 332 31.32 28.97 15.48
C GLY A 332 31.71 30.38 15.11
N SER A 333 32.17 31.20 16.05
CA SER A 333 32.52 32.58 15.75
C SER A 333 33.56 33.08 16.74
N GLY A 334 33.95 34.34 16.56
CA GLY A 334 35.09 34.94 17.22
C GLY A 334 35.04 34.98 18.74
N ARG A 335 34.16 35.81 19.30
CA ARG A 335 33.99 35.83 20.74
C ARG A 335 33.39 34.53 21.25
N LEU A 336 32.67 33.82 20.38
CA LEU A 336 32.19 32.48 20.70
C LEU A 336 33.35 31.54 21.00
N ALA A 337 34.34 31.50 20.10
CA ALA A 337 35.50 30.65 20.33
C ALA A 337 36.35 31.16 21.48
N ASP A 338 36.36 32.48 21.68
CA ASP A 338 37.10 33.06 22.81
C ASP A 338 36.53 32.58 24.13
N VAL A 339 35.21 32.64 24.28
CA VAL A 339 34.59 32.22 25.54
C VAL A 339 34.60 30.70 25.64
N ILE A 340 34.55 29.99 24.51
CA ILE A 340 34.59 28.53 24.56
C ILE A 340 35.96 28.04 25.04
N ALA A 341 37.03 28.67 24.56
CA ALA A 341 38.35 28.33 25.06
C ALA A 341 38.56 28.83 26.47
N HIS A 342 37.89 29.93 26.85
CA HIS A 342 38.02 30.44 28.20
C HIS A 342 37.33 29.55 29.21
N VAL A 343 36.16 29.03 28.87
CA VAL A 343 35.47 28.09 29.75
C VAL A 343 36.08 26.71 29.68
N ALA A 354 46.27 38.04 31.72
CA ALA A 354 47.10 38.98 30.98
C ALA A 354 47.58 38.38 29.67
N LEU A 355 47.67 37.05 29.58
CA LEU A 355 48.41 36.43 28.50
C LEU A 355 47.51 35.66 27.53
N ILE A 356 46.80 34.64 28.01
CA ILE A 356 46.01 33.84 27.09
C ILE A 356 44.74 34.57 26.67
N ASN A 357 44.28 35.53 27.47
CA ASN A 357 43.24 36.43 26.98
C ASN A 357 43.81 37.36 25.92
N ARG A 358 45.06 37.77 26.06
CA ARG A 358 45.71 38.50 24.99
C ARG A 358 46.05 37.58 23.82
N LEU A 359 46.24 36.28 24.07
CA LEU A 359 46.47 35.35 22.97
C LEU A 359 45.19 35.10 22.18
N LEU A 360 44.03 35.06 22.86
CA LEU A 360 42.77 34.98 22.16
C LEU A 360 42.40 36.32 21.52
N LYS A 361 42.86 37.42 22.13
CA LYS A 361 42.77 38.71 21.49
C LYS A 361 43.72 38.82 20.32
N ARG A 362 44.82 38.07 20.34
CA ARG A 362 45.63 37.86 19.15
C ARG A 362 45.00 36.85 18.22
N PHE A 363 44.09 36.01 18.73
CA PHE A 363 43.31 35.13 17.88
C PHE A 363 42.11 35.85 17.29
N PHE A 364 41.50 36.75 18.03
CA PHE A 364 40.57 37.73 17.47
C PHE A 364 41.26 39.07 17.28
N MET A 365 42.29 39.08 16.44
CA MET A 365 43.06 40.28 16.17
C MET A 365 42.80 40.85 14.78
N GLN A 366 41.82 40.31 14.05
CA GLN A 366 41.65 40.65 12.64
C GLN A 366 41.23 42.10 12.45
N GLU A 367 40.50 42.66 13.40
CA GLU A 367 40.34 44.10 13.46
C GLU A 367 41.70 44.73 13.72
N TYR A 368 42.24 44.45 14.90
CA TYR A 368 43.54 44.90 15.38
C TYR A 368 43.78 44.25 16.74
N LYS A 369 45.03 44.24 17.16
CA LYS A 369 45.33 44.16 18.57
C LYS A 369 45.28 45.53 19.22
N ASN A 370 45.27 46.58 18.41
CA ASN A 370 44.89 47.91 18.85
C ASN A 370 43.40 48.03 19.13
N PHE A 371 42.61 47.05 18.68
CA PHE A 371 41.22 46.96 19.09
C PHE A 371 41.09 46.69 20.58
N THR A 372 42.10 46.07 21.20
CA THR A 372 42.12 45.93 22.64
C THR A 372 42.27 47.28 23.34
N GLU A 373 43.19 48.12 22.83
CA GLU A 373 43.39 49.50 23.26
C GLU A 373 43.72 49.60 24.74
N LEU A 374 44.54 48.65 25.22
CA LEU A 374 44.96 48.52 26.62
C LEU A 374 43.79 48.37 27.59
N GLN A 375 42.68 47.82 27.10
CA GLN A 375 41.58 47.39 27.96
C GLN A 375 41.60 45.89 28.16
N ILE A 376 42.78 45.28 28.04
CA ILE A 376 42.93 43.84 28.17
C ILE A 376 42.60 43.39 29.57
N ILE A 377 43.17 44.06 30.58
CA ILE A 377 42.96 43.69 31.97
C ILE A 377 41.51 43.88 32.37
N GLU A 378 40.87 44.94 31.87
CA GLU A 378 39.47 45.21 32.16
C GLU A 378 38.58 44.13 31.58
N TRP A 379 38.80 43.78 30.32
CA TRP A 379 37.91 42.83 29.66
C TRP A 379 38.17 41.41 30.14
N THR A 380 39.40 41.07 30.51
CA THR A 380 39.60 39.77 31.09
C THR A 380 39.14 39.71 32.55
N LYS A 381 39.04 40.84 33.24
CA LYS A 381 38.38 40.82 34.54
C LYS A 381 36.89 40.59 34.39
N LYS A 382 36.31 41.16 33.33
CA LYS A 382 34.93 40.85 32.98
C LYS A 382 34.76 39.37 32.67
N ILE A 383 35.70 38.79 31.92
CA ILE A 383 35.60 37.38 31.56
C ILE A 383 35.83 36.49 32.78
N GLN A 384 36.65 36.93 33.72
CA GLN A 384 36.87 36.16 34.93
C GLN A 384 35.65 36.21 35.84
N ASP A 385 35.02 37.37 35.93
CA ASP A 385 33.80 37.48 36.72
C ASP A 385 32.65 36.73 36.06
N ILE A 386 32.67 36.64 34.74
CA ILE A 386 31.69 35.81 34.04
C ILE A 386 31.97 34.34 34.34
N LEU A 387 33.25 33.96 34.37
CA LEU A 387 33.60 32.61 34.78
C LEU A 387 33.38 32.39 36.27
N ARG A 388 33.28 33.47 37.05
CA ARG A 388 33.08 33.36 38.49
C ARG A 388 31.67 32.94 38.86
N MET A 389 30.73 32.94 37.92
CA MET A 389 29.42 32.37 38.17
C MET A 389 29.24 31.17 37.25
N PRO A 390 29.94 30.06 37.49
CA PRO A 390 30.13 29.07 36.44
C PRO A 390 28.93 28.17 36.22
N HIS A 391 28.00 28.09 37.18
CA HIS A 391 26.83 27.25 37.00
C HIS A 391 25.89 27.81 35.95
N LEU A 392 25.88 29.12 35.80
CA LEU A 392 24.90 29.77 34.94
C LEU A 392 25.38 29.90 33.50
N LEU A 393 26.56 29.39 33.18
CA LEU A 393 27.03 29.42 31.81
C LEU A 393 26.62 28.17 31.08
N THR A 394 26.72 28.24 29.75
CA THR A 394 26.67 27.02 28.96
C THR A 394 27.46 27.24 27.69
N VAL A 395 28.42 26.37 27.45
CA VAL A 395 29.02 26.22 26.15
C VAL A 395 28.30 25.07 25.45
N PHE A 396 28.44 24.99 24.13
CA PHE A 396 27.79 23.92 23.41
C PHE A 396 28.73 22.74 23.16
N ARG A 397 29.81 22.97 22.41
CA ARG A 397 30.91 22.01 22.18
C ARG A 397 30.39 20.71 21.57
N ILE A 398 29.92 20.82 20.33
CA ILE A 398 29.43 19.67 19.56
C ILE A 398 30.51 18.61 19.35
N VAL A 406 20.40 20.55 19.80
CA VAL A 406 20.61 21.94 20.21
C VAL A 406 19.50 22.36 21.13
N ASP A 407 18.31 21.84 20.87
CA ASP A 407 17.13 22.21 21.65
C ASP A 407 17.23 21.69 23.07
N VAL A 408 17.64 20.43 23.22
CA VAL A 408 17.68 19.78 24.51
C VAL A 408 18.74 20.41 25.40
N ALA A 409 19.79 20.98 24.79
CA ALA A 409 20.78 21.69 25.57
C ALA A 409 20.21 22.95 26.18
N ILE A 410 19.34 23.64 25.43
CA ILE A 410 18.71 24.85 25.93
C ILE A 410 17.77 24.52 27.07
N LEU A 411 16.96 23.48 26.90
CA LEU A 411 16.04 23.09 27.96
C LEU A 411 16.78 22.61 29.19
N GLN A 412 17.87 21.85 29.01
CA GLN A 412 18.65 21.39 30.15
C GLN A 412 19.40 22.55 30.80
N ALA A 413 19.72 23.58 30.02
CA ALA A 413 20.34 24.76 30.59
C ALA A 413 19.38 25.50 31.49
N LEU A 414 18.12 25.61 31.06
CA LEU A 414 17.13 26.23 31.93
C LEU A 414 16.85 25.38 33.15
N LEU A 415 16.91 24.06 32.99
CA LEU A 415 16.73 23.17 34.13
C LEU A 415 17.87 23.32 35.12
N LYS A 416 19.10 23.50 34.62
CA LYS A 416 20.21 23.76 35.51
C LYS A 416 20.10 25.12 36.16
N ALA A 417 19.53 26.09 35.45
CA ALA A 417 19.33 27.42 36.02
C ALA A 417 18.35 27.37 37.18
N SER A 418 17.26 26.63 37.00
CA SER A 418 16.33 26.43 38.09
C SER A 418 16.94 25.58 39.19
N ARG A 419 17.87 24.69 38.83
CA ARG A 419 18.51 23.82 39.81
C ARG A 419 19.39 24.64 40.74
N SER A 420 20.15 25.57 40.19
CA SER A 420 20.96 26.47 41.00
C SER A 420 20.24 27.77 41.30
N ASP A 421 18.91 27.81 41.16
CA ASP A 421 18.18 29.03 41.49
C ASP A 421 18.11 29.25 43.00
N GLU A 422 18.26 28.20 43.79
CA GLU A 422 18.31 28.33 45.25
C GLU A 422 19.39 27.43 45.84
N ARG A 426 11.12 25.16 49.08
CA ARG A 426 11.43 23.97 49.87
C ARG A 426 11.62 22.75 48.98
N HIS A 427 11.18 22.88 47.73
CA HIS A 427 11.33 21.80 46.75
C HIS A 427 11.74 22.45 45.44
N CYS A 428 13.04 22.37 45.13
CA CYS A 428 13.57 22.91 43.89
C CYS A 428 12.97 22.20 42.68
N TRP A 429 12.81 20.88 42.79
CA TRP A 429 12.20 20.09 41.73
C TRP A 429 10.76 20.51 41.49
N GLU A 430 10.07 21.00 42.52
CA GLU A 430 8.70 21.44 42.32
C GLU A 430 8.65 22.69 41.47
N ARG A 431 9.63 23.58 41.65
CA ARG A 431 9.75 24.72 40.75
C ARG A 431 10.10 24.26 39.35
N GLN A 432 10.98 23.28 39.24
CA GLN A 432 11.36 22.74 37.92
C GLN A 432 10.17 22.12 37.23
N LEU A 433 9.33 21.45 37.98
CA LEU A 433 8.19 20.78 37.41
C LEU A 433 7.10 21.75 37.05
N GLU A 434 6.91 22.80 37.86
CA GLU A 434 6.01 23.86 37.48
C GLU A 434 6.49 24.58 36.23
N LEU A 435 7.80 24.59 36.01
CA LEU A 435 8.30 25.05 34.73
C LEU A 435 7.99 24.05 33.63
N ALA A 436 8.12 22.76 33.94
CA ALA A 436 8.05 21.74 32.90
C ALA A 436 6.64 21.56 32.38
N VAL A 437 5.64 21.78 33.24
CA VAL A 437 4.27 21.53 32.82
C VAL A 437 3.82 22.53 31.78
N ALA A 438 4.25 23.78 31.89
CA ALA A 438 3.77 24.79 30.98
C ALA A 438 4.46 24.68 29.64
N TRP A 439 5.63 24.09 29.60
CA TRP A 439 6.28 23.92 28.32
C TRP A 439 5.70 22.77 27.54
N ASN A 440 5.10 21.81 28.25
CA ASN A 440 4.44 20.65 27.68
C ASN A 440 5.43 19.84 26.84
N ARG A 441 6.66 19.79 27.28
CA ARG A 441 7.68 19.05 26.57
C ARG A 441 8.08 17.87 27.42
N VAL A 442 7.76 16.68 26.93
CA VAL A 442 7.75 15.49 27.78
C VAL A 442 9.14 14.97 28.06
N ASP A 443 10.03 14.98 27.05
CA ASP A 443 11.33 14.36 27.21
C ASP A 443 12.22 15.15 28.16
N ILE A 444 11.95 16.46 28.25
CA ILE A 444 12.67 17.32 29.18
C ILE A 444 12.48 16.86 30.60
N ALA A 445 11.22 16.65 31.01
CA ALA A 445 10.98 16.16 32.36
C ALA A 445 11.32 14.69 32.50
N GLU A 446 11.21 13.94 31.41
CA GLU A 446 11.47 12.50 31.47
C GLU A 446 12.92 12.21 31.76
N SER A 447 13.82 12.90 31.07
CA SER A 447 15.22 12.78 31.39
C SER A 447 15.63 13.69 32.54
N GLU A 448 14.79 14.65 32.91
CA GLU A 448 15.21 15.62 33.91
C GLU A 448 15.07 15.08 35.31
N ILE A 449 13.84 14.70 35.69
CA ILE A 449 13.52 14.48 37.09
C ILE A 449 13.05 13.06 37.38
N PHE A 450 12.66 12.29 36.39
CA PHE A 450 12.25 10.92 36.63
C PHE A 450 13.38 9.94 36.31
N THR A 451 14.46 10.08 37.07
CA THR A 451 15.57 9.17 36.94
C THR A 451 15.26 7.87 37.65
N GLU A 452 16.20 6.93 37.62
CA GLU A 452 16.01 5.67 38.30
C GLU A 452 16.11 5.82 39.82
N GLU A 453 16.75 6.88 40.29
CA GLU A 453 16.84 7.16 41.71
C GLU A 453 15.79 8.16 42.18
N SER A 454 14.60 8.12 41.58
CA SER A 454 13.62 9.16 41.82
C SER A 454 12.96 9.02 43.18
N GLN A 455 12.21 7.93 43.37
CA GLN A 455 11.47 7.62 44.60
C GLN A 455 10.51 8.75 44.99
N TRP A 456 9.51 8.95 44.14
CA TRP A 456 8.56 10.02 44.38
C TRP A 456 7.49 9.59 45.37
N THR A 457 6.68 10.57 45.77
CA THR A 457 5.58 10.35 46.68
C THR A 457 4.24 10.49 45.97
N SER A 458 3.19 10.17 46.70
CA SER A 458 1.87 10.41 46.17
C SER A 458 1.51 11.88 46.27
N SER A 459 1.72 12.48 47.46
CA SER A 459 1.03 13.72 47.81
C SER A 459 1.56 14.91 47.03
N ASP A 460 2.88 15.06 46.95
CA ASP A 460 3.47 16.32 46.52
C ASP A 460 3.26 16.58 45.03
N LEU A 461 2.93 15.57 44.26
CA LEU A 461 2.67 15.78 42.84
C LEU A 461 1.30 16.36 42.59
N HIS A 462 0.45 16.36 43.61
CA HIS A 462 -0.94 16.79 43.45
C HIS A 462 -1.18 18.19 42.90
N PRO A 463 -0.42 19.25 43.25
CA PRO A 463 -0.69 20.52 42.56
C PRO A 463 -0.32 20.47 41.10
N ALA A 464 0.82 19.85 40.80
CA ALA A 464 1.34 19.81 39.44
C ALA A 464 0.38 19.09 38.51
N MET A 465 -0.12 17.93 38.93
CA MET A 465 -1.09 17.20 38.14
C MET A 465 -2.35 18.00 37.94
N PHE A 466 -2.75 18.75 38.97
CA PHE A 466 -3.89 19.67 38.80
C PHE A 466 -3.57 20.74 37.79
N SER A 467 -2.37 21.29 37.87
CA SER A 467 -1.97 22.25 36.85
C SER A 467 -1.71 21.57 35.53
N ALA A 468 -1.43 20.27 35.56
CA ALA A 468 -1.32 19.56 34.32
C ALA A 468 -2.68 19.29 33.71
N LEU A 469 -3.74 19.42 34.50
CA LEU A 469 -5.03 19.00 34.01
C LEU A 469 -5.86 20.16 33.50
N VAL A 470 -5.69 21.35 34.07
CA VAL A 470 -6.50 22.49 33.67
C VAL A 470 -6.17 22.94 32.26
N GLY A 471 -4.90 22.87 31.87
CA GLY A 471 -4.55 22.87 30.48
C GLY A 471 -4.58 21.43 30.00
N ASP A 472 -4.88 21.24 28.72
CA ASP A 472 -4.88 19.89 28.16
C ASP A 472 -3.44 19.45 28.00
N LYS A 473 -2.97 18.59 28.90
CA LYS A 473 -1.63 18.03 28.81
C LYS A 473 -1.78 16.52 28.66
N PRO A 474 -2.18 16.05 27.47
CA PRO A 474 -2.71 14.70 27.38
C PRO A 474 -1.67 13.61 27.47
N GLU A 475 -0.52 13.75 26.80
CA GLU A 475 0.52 12.75 26.99
C GLU A 475 1.16 12.92 28.35
N PHE A 476 1.14 14.15 28.85
CA PHE A 476 1.82 14.48 30.07
C PHE A 476 1.09 13.87 31.26
N VAL A 477 -0.24 13.79 31.19
CA VAL A 477 -0.95 13.20 32.30
C VAL A 477 -0.79 11.70 32.30
N ARG A 478 -0.55 11.09 31.14
CA ARG A 478 -0.20 9.68 31.13
C ARG A 478 1.15 9.45 31.76
N LEU A 479 2.08 10.36 31.47
CA LEU A 479 3.38 10.32 32.14
C LEU A 479 3.23 10.45 33.64
N LEU A 480 2.28 11.26 34.07
CA LEU A 480 2.07 11.46 35.50
C LEU A 480 1.50 10.22 36.17
N LEU A 481 0.48 9.62 35.58
CA LEU A 481 -0.10 8.43 36.20
C LEU A 481 0.83 7.24 36.10
N GLU A 482 1.67 7.20 35.06
CA GLU A 482 2.68 6.15 35.01
C GLU A 482 3.76 6.40 36.04
N ASN A 483 3.97 7.66 36.42
CA ASN A 483 4.93 7.94 37.47
C ASN A 483 4.40 7.57 38.84
N GLY A 484 3.10 7.40 39.01
CA GLY A 484 2.62 6.90 40.27
C GLY A 484 1.62 7.76 41.01
N VAL A 485 0.83 8.53 40.29
CA VAL A 485 -0.22 9.33 40.89
C VAL A 485 -1.49 8.50 40.99
N CYS A 486 -2.04 8.38 42.19
CA CYS A 486 -3.29 7.65 42.41
C CYS A 486 -4.46 8.62 42.41
N VAL A 487 -5.42 8.39 41.52
CA VAL A 487 -6.53 9.32 41.42
C VAL A 487 -7.49 9.20 42.58
N ARG A 488 -7.53 8.04 43.23
CA ARG A 488 -8.27 7.96 44.49
C ARG A 488 -7.60 8.83 45.54
N GLU A 489 -6.27 8.85 45.54
CA GLU A 489 -5.55 9.77 46.40
C GLU A 489 -5.65 11.20 45.89
N PHE A 490 -5.99 11.39 44.62
CA PHE A 490 -6.17 12.75 44.13
C PHE A 490 -7.42 13.38 44.69
N LEU A 491 -8.40 12.56 45.05
CA LEU A 491 -9.67 13.08 45.52
C LEU A 491 -9.72 12.85 47.03
N GLU A 492 -9.48 13.93 47.76
CA GLU A 492 -9.70 13.95 49.19
C GLU A 492 -10.51 15.16 49.64
N ARG A 493 -10.75 16.12 48.75
CA ARG A 493 -11.47 17.32 49.12
C ARG A 493 -12.40 17.69 47.98
N GLU A 494 -13.63 18.05 48.34
CA GLU A 494 -14.59 18.51 47.35
C GLU A 494 -14.19 19.84 46.73
N GLU A 495 -13.36 20.63 47.43
CA GLU A 495 -12.89 21.89 46.91
C GLU A 495 -12.00 21.70 45.69
N THR A 496 -11.34 20.55 45.57
CA THR A 496 -10.54 20.27 44.39
C THR A 496 -11.40 20.15 43.16
N LEU A 497 -12.46 19.35 43.24
CA LEU A 497 -13.40 19.25 42.13
C LEU A 497 -14.13 20.57 41.92
N CYS A 498 -14.31 21.35 42.99
CA CYS A 498 -14.87 22.67 42.84
C CYS A 498 -13.99 23.55 41.99
N GLU A 499 -12.68 23.52 42.21
CA GLU A 499 -11.76 24.31 41.40
C GLU A 499 -11.67 23.77 39.98
N LEU A 500 -11.80 22.44 39.84
CA LEU A 500 -11.82 21.82 38.53
C LEU A 500 -12.96 22.34 37.70
N TYR A 501 -14.15 22.34 38.26
CA TYR A 501 -15.25 22.94 37.52
C TYR A 501 -15.17 24.44 37.48
N SER A 502 -14.41 25.06 38.39
CA SER A 502 -14.18 26.49 38.29
C SER A 502 -13.35 26.83 37.08
N HIS A 503 -12.52 25.91 36.63
CA HIS A 503 -11.71 26.19 35.46
C HIS A 503 -12.19 25.39 34.26
N LEU A 504 -13.49 25.23 34.12
CA LEU A 504 -14.03 24.71 32.87
C LEU A 504 -13.73 25.72 31.78
N PRO A 505 -12.82 25.40 30.86
CA PRO A 505 -12.37 26.41 29.89
C PRO A 505 -13.25 27.01 28.79
N SER A 506 -13.95 26.21 27.99
CA SER A 506 -14.77 26.76 26.91
C SER A 506 -15.79 25.80 26.32
N CYS A 507 -17.02 25.78 26.84
CA CYS A 507 -18.01 24.88 26.26
C CYS A 507 -19.46 25.32 26.41
N PHE A 508 -20.28 24.94 25.44
CA PHE A 508 -21.71 25.20 25.54
C PHE A 508 -22.21 24.92 26.95
N PHE A 509 -21.60 23.95 27.61
CA PHE A 509 -21.93 23.66 28.99
C PHE A 509 -21.55 24.81 29.90
N LEU A 510 -20.55 25.60 29.52
CA LEU A 510 -20.23 26.79 30.31
C LEU A 510 -21.36 27.80 30.26
N ARG A 511 -21.97 27.96 29.07
CA ARG A 511 -23.08 28.90 28.95
C ARG A 511 -24.31 28.38 29.68
N LYS A 512 -24.60 27.09 29.55
CA LYS A 512 -25.70 26.50 30.31
C LYS A 512 -25.44 26.55 31.80
N LEU A 513 -24.18 26.46 32.20
CA LEU A 513 -23.82 26.54 33.60
C LEU A 513 -23.99 27.96 34.11
N ALA A 514 -23.66 28.95 33.28
CA ALA A 514 -23.86 30.34 33.67
C ALA A 514 -25.33 30.66 33.81
N LYS A 515 -26.17 30.02 33.00
CA LYS A 515 -27.62 30.13 33.21
C LYS A 515 -28.02 29.48 34.53
N ARG A 516 -27.52 28.28 34.79
CA ARG A 516 -27.93 27.53 35.98
C ARG A 516 -27.28 28.01 37.25
N VAL A 517 -26.38 28.99 37.18
CA VAL A 517 -25.82 29.61 38.37
C VAL A 517 -26.39 31.00 38.61
N GLN A 518 -26.33 31.86 37.60
CA GLN A 518 -26.84 33.22 37.75
C GLN A 518 -28.36 33.23 37.72
N CYS A 536 -20.40 25.56 43.00
CA CYS A 536 -20.96 24.59 43.94
C CYS A 536 -21.46 23.34 43.22
N LEU A 537 -21.16 22.18 43.81
CA LEU A 537 -21.46 20.90 43.18
C LEU A 537 -22.95 20.63 43.08
N SER A 538 -23.76 21.30 43.91
CA SER A 538 -25.21 21.19 43.81
C SER A 538 -25.70 21.70 42.47
N HIS A 539 -25.15 22.83 42.01
CA HIS A 539 -25.44 23.34 40.68
C HIS A 539 -25.04 22.35 39.61
N VAL A 540 -23.92 21.66 39.84
CA VAL A 540 -23.41 20.71 38.87
C VAL A 540 -24.38 19.56 38.72
N SER A 541 -24.79 18.98 39.83
CA SER A 541 -25.74 17.86 39.76
C SER A 541 -27.11 18.32 39.28
N GLU A 542 -27.47 19.58 39.52
CA GLU A 542 -28.73 20.10 38.99
C GLU A 542 -28.69 20.16 37.46
N GLU A 543 -27.62 20.74 36.91
CA GLU A 543 -27.48 20.82 35.47
C GLU A 543 -27.32 19.45 34.84
N VAL A 544 -26.68 18.52 35.56
CA VAL A 544 -26.48 17.18 35.04
C VAL A 544 -27.79 16.40 35.03
N ARG A 545 -28.56 16.47 36.12
CA ARG A 545 -29.85 15.82 36.15
C ARG A 545 -30.81 16.42 35.15
N HIS A 546 -30.62 17.69 34.80
CA HIS A 546 -31.30 18.21 33.62
C HIS A 546 -30.78 17.57 32.35
N LEU A 547 -29.46 17.36 32.26
CA LEU A 547 -28.86 16.88 31.03
C LEU A 547 -29.27 15.45 30.72
N LEU A 548 -29.47 14.64 31.75
CA LEU A 548 -29.93 13.28 31.53
C LEU A 548 -31.44 13.15 31.58
N GLY A 549 -32.15 14.17 32.03
CA GLY A 549 -33.57 14.01 32.20
C GLY A 549 -33.91 13.71 33.65
N SER A 550 -35.15 14.04 34.02
CA SER A 550 -35.55 14.09 35.42
C SER A 550 -35.76 12.73 36.06
N PHE A 551 -35.52 11.64 35.34
CA PHE A 551 -35.78 10.32 35.88
C PHE A 551 -34.76 9.92 36.93
N THR A 552 -33.53 10.40 36.81
CA THR A 552 -32.45 9.91 37.64
C THR A 552 -32.50 10.46 39.04
N GLN A 553 -31.99 9.67 39.99
CA GLN A 553 -31.65 10.19 41.28
C GLN A 553 -30.49 11.18 41.13
N PRO A 554 -30.47 12.25 41.92
CA PRO A 554 -29.40 13.24 41.78
C PRO A 554 -28.07 12.71 42.28
N LEU A 555 -27.00 13.39 41.90
CA LEU A 555 -25.67 12.84 42.13
C LEU A 555 -25.04 13.34 43.42
N TYR A 556 -24.80 14.64 43.51
CA TYR A 556 -23.90 15.16 44.54
C TYR A 556 -24.70 15.91 45.58
N ILE A 557 -24.95 15.25 46.71
CA ILE A 557 -25.77 15.84 47.77
C ILE A 557 -24.82 16.60 48.67
N ALA A 558 -24.46 17.81 48.23
CA ALA A 558 -24.09 18.98 49.05
C ALA A 558 -23.05 18.68 50.13
N SER A 559 -21.84 18.37 49.68
CA SER A 559 -20.68 18.09 50.53
C SER A 559 -20.94 16.89 51.45
N ARG A 560 -21.08 15.73 50.82
CA ARG A 560 -21.21 14.47 51.54
C ARG A 560 -20.38 13.42 50.82
N TYR A 561 -19.32 12.95 51.46
CA TYR A 561 -18.42 11.95 50.90
C TYR A 561 -18.44 10.67 51.72
N LYS A 562 -19.58 10.34 52.29
CA LYS A 562 -19.70 9.15 53.11
C LYS A 562 -21.13 8.65 53.11
N ASP A 590 -27.42 6.82 49.75
CA ASP A 590 -27.15 6.98 48.32
C ASP A 590 -25.85 7.71 48.09
N THR A 591 -25.52 7.91 46.80
CA THR A 591 -24.47 8.81 46.32
C THR A 591 -23.09 8.40 46.83
N VAL A 592 -22.62 7.24 46.35
CA VAL A 592 -21.22 6.89 46.54
C VAL A 592 -20.36 7.85 45.74
N TRP A 593 -19.12 8.02 46.18
CA TRP A 593 -18.33 9.11 45.62
C TRP A 593 -17.73 8.74 44.27
N ASP A 594 -17.02 7.60 44.18
CA ASP A 594 -16.58 6.95 42.94
C ASP A 594 -15.80 7.90 42.03
N PRO A 595 -14.53 8.14 42.36
CA PRO A 595 -13.81 9.26 41.76
C PRO A 595 -13.57 9.14 40.27
N GLY A 596 -13.46 7.91 39.76
CA GLY A 596 -13.27 7.73 38.34
C GLY A 596 -14.47 8.21 37.55
N ARG A 597 -15.67 7.98 38.09
CA ARG A 597 -16.89 8.53 37.50
C ARG A 597 -16.83 10.03 37.45
N ASP A 598 -16.27 10.64 38.48
CA ASP A 598 -16.27 12.07 38.58
C ASP A 598 -15.30 12.69 37.60
N LEU A 599 -14.08 12.13 37.54
CA LEU A 599 -13.07 12.67 36.62
C LEU A 599 -13.47 12.44 35.18
N PHE A 600 -13.99 11.26 34.89
CA PHE A 600 -14.40 10.98 33.52
C PHE A 600 -15.58 11.84 33.12
N LEU A 601 -16.44 12.18 34.07
CA LEU A 601 -17.50 13.12 33.77
C LEU A 601 -16.95 14.49 33.46
N TRP A 602 -15.97 14.94 34.25
CA TRP A 602 -15.39 16.25 34.05
C TRP A 602 -14.72 16.36 32.70
N ALA A 603 -14.08 15.29 32.27
CA ALA A 603 -13.51 15.31 30.94
C ALA A 603 -14.57 15.22 29.86
N VAL A 604 -15.62 14.44 30.08
CA VAL A 604 -16.49 14.15 28.94
C VAL A 604 -17.45 15.31 28.71
N VAL A 605 -17.74 16.09 29.74
CA VAL A 605 -18.56 17.27 29.51
C VAL A 605 -17.75 18.32 28.78
N GLN A 606 -16.45 18.33 29.03
CA GLN A 606 -15.54 19.33 28.51
C GLN A 606 -15.28 19.20 27.02
N ASN A 607 -15.78 18.13 26.39
CA ASN A 607 -15.70 17.88 24.94
C ASN A 607 -14.25 17.79 24.48
N ASN A 608 -13.42 17.19 25.31
CA ASN A 608 -12.04 16.92 24.97
C ASN A 608 -11.88 15.41 24.80
N ARG A 609 -11.09 15.01 23.82
CA ARG A 609 -10.99 13.60 23.53
C ARG A 609 -10.10 12.87 24.51
N GLU A 610 -8.82 13.24 24.55
CA GLU A 610 -7.81 12.38 25.16
C GLU A 610 -7.98 12.28 26.66
N LEU A 611 -8.48 13.36 27.28
CA LEU A 611 -8.75 13.30 28.70
C LEU A 611 -9.90 12.34 28.98
N ALA A 612 -10.92 12.37 28.13
CA ALA A 612 -12.04 11.45 28.30
C ALA A 612 -11.60 10.03 28.06
N GLU A 613 -10.66 9.85 27.13
CA GLU A 613 -10.08 8.55 26.87
C GLU A 613 -9.40 8.00 28.10
N ILE A 614 -8.62 8.83 28.76
CA ILE A 614 -7.87 8.38 29.93
C ILE A 614 -8.81 8.14 31.10
N GLY A 615 -9.82 9.00 31.25
CA GLY A 615 -10.78 8.81 32.33
C GLY A 615 -11.56 7.53 32.21
N TRP A 616 -12.05 7.22 31.00
CA TRP A 616 -12.75 5.96 30.82
C TRP A 616 -11.80 4.78 30.91
N GLU A 617 -10.54 4.96 30.57
CA GLU A 617 -9.60 3.88 30.78
C GLU A 617 -9.35 3.64 32.25
N GLN A 618 -9.57 4.64 33.09
CA GLN A 618 -9.30 4.42 34.49
C GLN A 618 -10.49 3.95 35.30
N CYS A 619 -11.67 4.49 35.05
CA CYS A 619 -12.80 4.21 35.93
C CYS A 619 -13.31 2.81 35.72
N ARG A 620 -13.91 2.27 36.76
CA ARG A 620 -14.63 1.02 36.64
C ARG A 620 -16.09 1.33 36.32
N ASP A 621 -16.95 0.31 36.34
CA ASP A 621 -18.34 0.51 35.98
C ASP A 621 -18.41 1.12 34.57
N CYS A 622 -17.56 0.62 33.69
CA CYS A 622 -17.43 1.12 32.31
C CYS A 622 -18.61 1.02 31.33
N ILE A 623 -19.32 -0.10 31.31
CA ILE A 623 -20.42 -0.26 30.35
C ILE A 623 -21.51 0.79 30.57
N ALA A 624 -21.81 1.01 31.85
CA ALA A 624 -22.79 2.00 32.29
C ALA A 624 -22.28 3.40 32.07
N ALA A 625 -21.02 3.64 32.40
CA ALA A 625 -20.43 4.95 32.21
C ALA A 625 -20.35 5.31 30.73
N ALA A 626 -20.04 4.32 29.90
CA ALA A 626 -19.97 4.55 28.47
C ALA A 626 -21.32 4.98 27.92
N LEU A 627 -22.38 4.32 28.37
CA LEU A 627 -23.69 4.70 27.90
C LEU A 627 -24.11 6.05 28.43
N ALA A 628 -23.66 6.39 29.64
CA ALA A 628 -23.95 7.70 30.19
C ALA A 628 -23.32 8.79 29.33
N ALA A 629 -22.08 8.55 28.90
CA ALA A 629 -21.40 9.46 28.01
C ALA A 629 -22.14 9.60 26.70
N SER A 630 -22.63 8.47 26.19
CA SER A 630 -23.38 8.49 24.93
C SER A 630 -24.61 9.37 25.03
N LYS A 631 -25.38 9.21 26.11
CA LYS A 631 -26.62 9.96 26.19
C LYS A 631 -26.38 11.43 26.43
N ILE A 632 -25.36 11.76 27.22
CA ILE A 632 -25.23 13.18 27.50
C ILE A 632 -24.58 13.91 26.35
N LEU A 633 -23.76 13.22 25.54
CA LEU A 633 -23.31 13.86 24.33
C LEU A 633 -24.45 14.10 23.36
N ARG A 634 -25.38 13.15 23.27
CA ARG A 634 -26.52 13.35 22.37
C ARG A 634 -27.41 14.47 22.89
N LYS A 635 -27.60 14.57 24.20
CA LYS A 635 -28.43 15.63 24.74
C LYS A 635 -27.75 16.98 24.62
N LEU A 636 -26.41 17.00 24.60
CA LEU A 636 -25.71 18.23 24.28
C LEU A 636 -25.94 18.66 22.86
N ALA A 637 -25.64 17.77 21.91
CA ALA A 637 -25.71 18.14 20.50
C ALA A 637 -27.14 18.30 20.00
N GLN A 638 -28.13 17.83 20.75
CA GLN A 638 -29.51 18.11 20.40
C GLN A 638 -29.82 19.58 20.63
N GLU A 639 -29.63 20.05 21.88
CA GLU A 639 -29.83 21.46 22.18
C GLU A 639 -28.79 22.30 21.44
N SER A 640 -27.54 22.23 21.87
CA SER A 640 -26.35 22.64 21.11
C SER A 640 -26.27 24.11 20.75
N GLY A 641 -27.31 24.89 21.04
CA GLY A 641 -27.48 26.21 20.48
C GLY A 641 -27.50 26.15 18.96
N GLU A 642 -27.08 27.27 18.36
CA GLU A 642 -26.77 27.36 16.95
C GLU A 642 -25.38 27.95 16.79
N ASP A 643 -24.51 27.65 17.75
CA ASP A 643 -23.17 28.23 17.83
C ASP A 643 -22.30 27.85 16.66
N ASP A 644 -21.98 26.56 16.53
CA ASP A 644 -21.05 26.15 15.50
C ASP A 644 -21.20 24.66 15.25
N SER A 645 -21.04 24.29 13.97
CA SER A 645 -20.81 22.90 13.64
C SER A 645 -19.39 22.47 13.93
N GLU A 646 -18.50 23.43 14.20
CA GLU A 646 -17.15 23.11 14.64
C GLU A 646 -17.17 22.37 15.96
N GLU A 647 -18.04 22.77 16.88
CA GLU A 647 -18.42 21.90 17.98
C GLU A 647 -19.92 21.68 17.87
N ALA A 648 -20.31 20.85 16.92
CA ALA A 648 -21.57 20.15 17.00
C ALA A 648 -21.31 18.72 16.59
N THR A 649 -20.51 18.55 15.54
CA THR A 649 -20.33 17.23 14.97
C THR A 649 -19.25 16.44 15.66
N GLU A 650 -18.33 17.11 16.36
CA GLU A 650 -17.37 16.38 17.17
C GLU A 650 -18.04 15.70 18.33
N MET A 651 -19.11 16.32 18.83
CA MET A 651 -19.90 15.73 19.89
C MET A 651 -20.52 14.42 19.44
N LEU A 652 -21.12 14.42 18.26
CA LEU A 652 -21.75 13.22 17.74
C LEU A 652 -20.71 12.16 17.40
N GLU A 653 -19.55 12.60 16.90
CA GLU A 653 -18.49 11.67 16.55
C GLU A 653 -17.97 10.97 17.79
N LEU A 654 -17.77 11.72 18.87
CA LEU A 654 -17.31 11.12 20.11
C LEU A 654 -18.37 10.22 20.73
N ALA A 655 -19.64 10.61 20.60
CA ALA A 655 -20.71 9.79 21.13
C ALA A 655 -20.76 8.45 20.43
N ASN A 656 -20.58 8.49 19.11
CA ASN A 656 -20.58 7.26 18.35
C ASN A 656 -19.37 6.42 18.67
N HIS A 657 -18.25 7.08 18.97
CA HIS A 657 -17.05 6.37 19.40
C HIS A 657 -17.30 5.59 20.69
N TYR A 658 -17.89 6.24 21.68
CA TYR A 658 -18.12 5.55 22.94
C TYR A 658 -19.18 4.49 22.83
N GLU A 659 -20.15 4.66 21.93
CA GLU A 659 -21.11 3.61 21.68
C GLU A 659 -20.41 2.37 21.13
N LYS A 660 -19.48 2.59 20.21
CA LYS A 660 -18.74 1.46 19.65
C LYS A 660 -17.86 0.80 20.71
N GLN A 661 -17.26 1.60 21.59
CA GLN A 661 -16.48 1.02 22.69
C GLN A 661 -17.35 0.18 23.60
N ALA A 662 -18.57 0.65 23.83
CA ALA A 662 -19.50 -0.06 24.70
C ALA A 662 -19.86 -1.40 24.13
N ILE A 663 -20.14 -1.44 22.82
CA ILE A 663 -20.54 -2.72 22.26
C ILE A 663 -19.36 -3.64 22.15
N GLY A 664 -18.14 -3.10 22.04
CA GLY A 664 -16.99 -3.98 22.02
C GLY A 664 -16.78 -4.68 23.35
N VAL A 665 -16.87 -3.91 24.44
CA VAL A 665 -16.69 -4.47 25.78
C VAL A 665 -17.76 -5.50 26.06
N PHE A 666 -19.00 -5.15 25.74
CA PHE A 666 -20.09 -6.07 26.00
C PHE A 666 -20.01 -7.28 25.10
N SER A 667 -19.40 -7.14 23.92
CA SER A 667 -19.25 -8.28 23.04
C SER A 667 -18.23 -9.27 23.58
N GLU A 668 -17.15 -8.77 24.17
CA GLU A 668 -16.21 -9.68 24.79
C GLU A 668 -16.82 -10.36 26.01
N CYS A 669 -17.59 -9.61 26.80
CA CYS A 669 -18.19 -10.20 27.99
C CYS A 669 -19.25 -11.23 27.63
N HIS A 670 -20.03 -10.97 26.59
CA HIS A 670 -21.01 -11.94 26.13
C HIS A 670 -20.34 -13.11 25.45
N SER A 671 -19.16 -12.91 24.90
CA SER A 671 -18.36 -14.03 24.45
C SER A 671 -17.84 -14.86 25.60
N TRP A 672 -17.78 -14.30 26.80
CA TRP A 672 -17.26 -15.11 27.88
C TRP A 672 -18.32 -16.06 28.45
N ASP A 673 -19.38 -15.52 29.03
CA ASP A 673 -20.39 -16.34 29.70
C ASP A 673 -21.68 -15.57 29.77
N ALA A 674 -22.72 -16.08 29.12
CA ALA A 674 -23.86 -15.25 28.75
C ALA A 674 -24.73 -14.87 29.94
N GLN A 675 -24.83 -15.74 30.95
CA GLN A 675 -25.62 -15.41 32.12
C GLN A 675 -25.01 -14.24 32.86
N ARG A 676 -23.68 -14.20 32.91
CA ARG A 676 -22.99 -13.08 33.53
C ARG A 676 -23.24 -11.79 32.76
N ALA A 677 -23.22 -11.88 31.44
CA ALA A 677 -23.49 -10.70 30.62
C ALA A 677 -24.93 -10.23 30.77
N GLN A 678 -25.84 -11.18 30.96
CA GLN A 678 -27.21 -10.84 31.28
C GLN A 678 -27.28 -10.07 32.59
N LYS A 679 -26.53 -10.53 33.59
CA LYS A 679 -26.50 -9.88 34.89
C LYS A 679 -25.96 -8.46 34.79
N LEU A 680 -24.98 -8.24 33.92
CA LEU A 680 -24.50 -6.88 33.70
C LEU A 680 -25.54 -6.04 32.99
N LEU A 681 -26.22 -6.61 32.00
CA LEU A 681 -27.15 -5.81 31.22
C LEU A 681 -28.36 -5.41 32.04
N ILE A 682 -28.71 -6.19 33.07
CA ILE A 682 -29.88 -5.88 33.86
C ILE A 682 -29.57 -5.07 35.11
N ARG A 683 -28.33 -5.00 35.54
CA ARG A 683 -28.04 -4.48 36.86
C ARG A 683 -28.23 -2.97 36.89
N ILE A 684 -28.47 -2.46 38.07
CA ILE A 684 -28.34 -1.04 38.31
C ILE A 684 -26.98 -0.84 38.95
N SER A 685 -26.56 0.42 39.01
CA SER A 685 -25.35 0.74 39.73
C SER A 685 -25.65 1.86 40.69
N PRO A 686 -24.97 1.90 41.83
CA PRO A 686 -25.12 3.08 42.70
C PRO A 686 -24.57 4.32 42.05
N SER A 687 -23.52 4.20 41.26
CA SER A 687 -23.09 5.30 40.44
C SER A 687 -24.07 5.49 39.29
N TRP A 688 -23.92 6.64 38.64
CA TRP A 688 -24.73 7.06 37.51
C TRP A 688 -26.21 7.10 37.89
N GLY A 689 -26.48 7.69 39.06
CA GLY A 689 -27.80 7.68 39.58
C GLY A 689 -28.23 6.27 39.94
N ARG A 690 -29.52 6.03 39.78
CA ARG A 690 -30.05 4.69 39.95
C ARG A 690 -30.59 4.34 38.57
N SER A 691 -29.74 3.77 37.73
CA SER A 691 -30.10 3.56 36.35
C SER A 691 -29.57 2.22 35.86
N THR A 692 -30.18 1.73 34.79
CA THR A 692 -29.76 0.49 34.15
C THR A 692 -28.80 0.81 33.03
N CYS A 693 -28.25 -0.25 32.44
CA CYS A 693 -27.64 -0.10 31.13
C CYS A 693 -28.70 0.18 30.09
N LEU A 694 -29.79 -0.55 30.16
CA LEU A 694 -30.72 -0.64 29.05
C LEU A 694 -31.50 0.65 28.89
N TRP A 695 -31.98 1.21 30.00
CA TRP A 695 -32.74 2.44 29.93
C TRP A 695 -31.89 3.59 29.42
N LEU A 696 -30.63 3.62 29.82
CA LEU A 696 -29.73 4.66 29.32
C LEU A 696 -29.50 4.51 27.83
N ALA A 697 -29.38 3.27 27.36
CA ALA A 697 -29.25 3.06 25.92
C ALA A 697 -30.51 3.52 25.19
N LEU A 698 -31.67 3.23 25.75
CA LEU A 698 -32.91 3.50 25.06
C LEU A 698 -33.25 4.98 25.07
N GLU A 699 -32.94 5.66 26.16
CA GLU A 699 -33.04 7.11 26.14
C GLU A 699 -31.99 7.71 25.24
N ALA A 700 -30.88 7.01 25.04
CA ALA A 700 -29.81 7.53 24.21
C ALA A 700 -30.00 7.24 22.74
N HIS A 701 -31.01 6.42 22.39
CA HIS A 701 -31.24 5.94 21.02
C HIS A 701 -29.99 5.25 20.44
N ASP A 702 -29.28 4.52 21.29
CA ASP A 702 -28.05 3.89 20.85
C ASP A 702 -28.38 2.70 19.96
N LYS A 703 -28.61 2.96 18.68
CA LYS A 703 -29.22 1.99 17.80
C LYS A 703 -28.28 0.84 17.47
N SER A 704 -26.99 1.03 17.63
CA SER A 704 -26.10 -0.10 17.40
C SER A 704 -26.11 -1.06 18.57
N PHE A 705 -26.14 -0.54 19.79
CA PHE A 705 -25.94 -1.40 20.95
C PHE A 705 -27.15 -2.27 21.21
N ILE A 706 -28.34 -1.72 20.98
CA ILE A 706 -29.54 -2.54 21.04
C ILE A 706 -29.55 -3.56 19.91
N ALA A 707 -28.87 -3.28 18.82
CA ALA A 707 -28.76 -4.26 17.75
C ALA A 707 -27.58 -5.16 18.06
N HIS A 708 -27.80 -6.08 18.99
CA HIS A 708 -26.74 -7.01 19.32
C HIS A 708 -27.35 -8.33 19.76
N SER A 709 -26.55 -9.39 19.60
CA SER A 709 -26.97 -10.76 19.90
C SER A 709 -27.45 -10.91 21.32
N GLY A 710 -26.65 -10.46 22.29
CA GLY A 710 -26.98 -10.70 23.67
C GLY A 710 -28.21 -9.94 24.12
N VAL A 711 -28.32 -8.69 23.70
CA VAL A 711 -29.44 -7.89 24.17
C VAL A 711 -30.74 -8.29 23.47
N GLN A 712 -30.66 -8.73 22.21
CA GLN A 712 -31.85 -9.26 21.58
C GLN A 712 -32.24 -10.59 22.18
N ALA A 713 -31.26 -11.40 22.56
CA ALA A 713 -31.55 -12.67 23.23
C ALA A 713 -32.23 -12.43 24.57
N LEU A 714 -31.81 -11.39 25.29
CA LEU A 714 -32.43 -11.13 26.57
C LEU A 714 -33.80 -10.52 26.40
N LEU A 715 -33.99 -9.68 25.38
CA LEU A 715 -35.33 -9.17 25.12
C LEU A 715 -36.27 -10.29 24.73
N THR A 716 -35.74 -11.28 24.01
CA THR A 716 -36.52 -12.44 23.63
C THR A 716 -36.88 -13.29 24.84
N GLN A 717 -35.91 -13.50 25.73
CA GLN A 717 -36.19 -14.34 26.89
C GLN A 717 -37.09 -13.63 27.89
N ILE A 718 -37.02 -12.30 27.95
CA ILE A 718 -37.98 -11.56 28.75
C ILE A 718 -39.31 -11.41 28.03
N TRP A 719 -39.39 -11.82 26.77
CA TRP A 719 -40.65 -11.92 26.07
C TRP A 719 -41.30 -13.28 26.18
N CYS A 720 -40.50 -14.33 26.33
CA CYS A 720 -41.06 -15.67 26.37
C CYS A 720 -41.53 -16.07 27.77
N GLY A 721 -41.07 -15.37 28.80
CA GLY A 721 -41.48 -15.72 30.15
C GLY A 721 -40.88 -17.03 30.59
N GLU A 722 -41.62 -17.73 31.46
CA GLU A 722 -41.13 -18.98 32.02
C GLU A 722 -41.11 -20.11 30.99
N LEU A 723 -41.87 -19.98 29.91
CA LEU A 723 -41.66 -20.86 28.79
C LEU A 723 -40.33 -20.51 28.15
N SER A 724 -39.48 -21.52 27.94
CA SER A 724 -38.22 -21.26 27.29
C SER A 724 -38.44 -21.00 25.80
N VAL A 725 -37.48 -20.30 25.19
CA VAL A 725 -37.66 -19.82 23.82
C VAL A 725 -37.46 -20.91 22.79
N ASP A 726 -37.05 -22.11 23.19
CA ASP A 726 -36.88 -23.20 22.25
C ASP A 726 -38.20 -23.72 21.69
N ASN A 727 -39.31 -23.47 22.38
CA ASN A 727 -40.61 -23.82 21.86
C ASN A 727 -40.97 -22.92 20.68
N PRO A 728 -41.23 -23.47 19.50
CA PRO A 728 -41.51 -22.62 18.33
C PRO A 728 -42.91 -22.06 18.34
N HIS A 729 -43.32 -21.46 17.23
CA HIS A 729 -44.72 -21.10 17.06
C HIS A 729 -45.58 -22.36 16.91
N TRP A 730 -46.90 -22.14 16.96
CA TRP A 730 -48.00 -23.05 16.65
C TRP A 730 -48.10 -24.28 17.55
N LYS A 731 -47.11 -24.53 18.40
CA LYS A 731 -47.35 -25.36 19.56
C LYS A 731 -47.82 -24.49 20.71
N VAL A 732 -47.36 -23.24 20.70
CA VAL A 732 -47.91 -22.22 21.57
C VAL A 732 -49.36 -21.95 21.22
N LEU A 733 -49.67 -21.86 19.93
CA LEU A 733 -51.02 -21.55 19.49
C LEU A 733 -51.96 -22.70 19.79
N LEU A 734 -51.50 -23.91 19.50
CA LEU A 734 -52.30 -25.10 19.75
C LEU A 734 -52.44 -25.37 21.24
N CYS A 735 -51.47 -24.95 22.05
CA CYS A 735 -51.63 -25.06 23.48
C CYS A 735 -52.51 -23.95 24.03
N MET A 736 -52.58 -22.81 23.33
CA MET A 736 -53.59 -21.82 23.66
C MET A 736 -54.97 -22.37 23.37
N ILE A 737 -55.08 -23.27 22.40
CA ILE A 737 -56.30 -24.06 22.25
C ILE A 737 -56.37 -25.12 23.33
N PHE A 738 -55.40 -26.05 23.35
CA PHE A 738 -55.45 -27.23 24.21
C PHE A 738 -54.88 -26.90 25.57
N PHE A 739 -55.77 -26.72 26.55
CA PHE A 739 -55.36 -26.30 27.88
C PHE A 739 -54.44 -27.28 28.61
N PRO A 740 -54.74 -28.61 28.77
CA PRO A 740 -53.85 -29.42 29.61
C PRO A 740 -52.64 -29.97 28.87
N LEU A 741 -52.37 -29.44 27.67
CA LEU A 741 -51.32 -29.95 26.80
C LEU A 741 -49.92 -29.76 27.38
N ILE A 742 -49.78 -28.89 28.39
CA ILE A 742 -48.52 -28.75 29.10
C ILE A 742 -48.15 -30.01 29.87
N TYR A 743 -49.12 -30.85 30.25
CA TYR A 743 -48.78 -32.00 31.06
C TYR A 743 -48.25 -33.14 30.23
N THR A 744 -48.60 -33.20 28.95
CA THR A 744 -47.88 -34.07 28.04
C THR A 744 -46.51 -33.46 27.76
N GLY A 745 -45.56 -34.32 27.38
CA GLY A 745 -44.22 -33.83 27.16
C GLY A 745 -44.11 -32.99 25.91
N PHE A 746 -44.12 -31.68 26.12
CA PHE A 746 -44.13 -30.64 25.10
C PHE A 746 -43.72 -29.36 25.79
N LEU A 747 -43.29 -28.38 24.99
CA LEU A 747 -43.21 -26.97 25.38
C LEU A 747 -42.27 -26.78 26.58
N THR A 748 -40.99 -27.03 26.33
CA THR A 748 -39.97 -27.00 27.36
C THR A 748 -39.89 -25.62 28.00
N PHE A 749 -40.09 -25.57 29.31
CA PHE A 749 -40.09 -24.31 30.01
C PHE A 749 -38.66 -23.92 30.36
N ARG A 750 -38.50 -22.70 30.86
CA ARG A 750 -37.18 -22.26 31.28
C ARG A 750 -36.71 -23.03 32.50
N ARG A 751 -37.58 -23.18 33.50
CA ARG A 751 -37.19 -23.84 34.73
C ARG A 751 -36.97 -25.33 34.53
N ASP A 752 -37.81 -25.98 33.72
CA ASP A 752 -37.68 -27.42 33.52
C ASP A 752 -36.43 -27.76 32.73
N GLU A 753 -36.21 -27.04 31.62
CA GLU A 753 -34.99 -27.26 30.84
C GLU A 753 -33.76 -26.82 31.60
N ASP A 754 -33.91 -25.87 32.52
CA ASP A 754 -32.81 -25.46 33.38
C ASP A 754 -32.44 -26.57 34.35
N ILE A 755 -33.44 -27.23 34.92
CA ILE A 755 -33.19 -28.38 35.79
C ILE A 755 -32.54 -29.51 35.01
N GLN A 756 -32.99 -29.73 33.78
CA GLN A 756 -32.40 -30.78 32.94
C GLN A 756 -30.95 -30.45 32.57
N ARG A 757 -30.68 -29.19 32.25
CA ARG A 757 -29.31 -28.79 31.89
C ARG A 757 -28.40 -28.83 33.10
N GLN A 758 -28.91 -28.46 34.27
CA GLN A 758 -28.09 -28.52 35.48
C GLN A 758 -27.84 -29.96 35.91
N ALA A 759 -28.81 -30.84 35.69
CA ALA A 759 -28.60 -32.26 35.95
C ALA A 759 -27.58 -32.84 34.98
N GLU A 760 -27.59 -32.37 33.74
CA GLU A 760 -26.58 -32.80 32.78
C GLU A 760 -25.20 -32.29 33.15
N ARG A 761 -25.11 -31.05 33.65
CA ARG A 761 -23.82 -30.45 33.95
C ARG A 761 -23.21 -31.04 35.21
N THR A 762 -24.00 -31.15 36.27
CA THR A 762 -23.50 -31.67 37.54
C THR A 762 -23.22 -33.15 37.52
N GLU A 763 -23.65 -33.88 36.49
CA GLU A 763 -23.33 -35.29 36.35
C GLU A 763 -21.87 -35.53 36.02
N GLN A 764 -21.16 -34.51 35.57
CA GLN A 764 -19.78 -34.69 35.13
C GLN A 764 -18.82 -33.89 36.00
N CYS A 799 -47.37 -28.18 39.15
CA CYS A 799 -48.49 -28.50 38.28
C CYS A 799 -49.49 -27.36 38.22
N SER A 800 -50.05 -27.02 39.38
CA SER A 800 -50.95 -25.89 39.47
C SER A 800 -50.21 -24.58 39.26
N SER A 801 -49.10 -24.39 39.97
CA SER A 801 -48.25 -23.23 39.76
C SER A 801 -47.64 -23.24 38.38
N ARG A 802 -47.39 -24.43 37.82
CA ARG A 802 -46.97 -24.56 36.43
C ARG A 802 -48.01 -23.99 35.48
N LEU A 803 -49.27 -24.29 35.71
CA LEU A 803 -50.33 -23.81 34.84
C LEU A 803 -50.53 -22.31 34.99
N MET A 804 -50.49 -21.80 36.23
CA MET A 804 -50.62 -20.36 36.43
C MET A 804 -49.41 -19.61 35.86
N SER A 805 -48.24 -20.24 35.86
CA SER A 805 -47.07 -19.65 35.25
C SER A 805 -47.22 -19.58 33.74
N PHE A 806 -47.67 -20.68 33.13
CA PHE A 806 -47.85 -20.71 31.69
C PHE A 806 -48.97 -19.77 31.25
N LEU A 807 -49.93 -19.52 32.13
CA LEU A 807 -50.93 -18.50 31.89
C LEU A 807 -50.30 -17.12 31.71
N LYS A 808 -49.34 -16.78 32.55
CA LYS A 808 -48.85 -15.41 32.64
C LYS A 808 -47.72 -15.11 31.68
N SER A 809 -47.58 -15.88 30.59
CA SER A 809 -46.55 -15.58 29.62
C SER A 809 -46.95 -14.37 28.78
N PRO A 810 -45.97 -13.55 28.35
CA PRO A 810 -46.32 -12.32 27.64
C PRO A 810 -46.88 -12.56 26.26
N GLN A 811 -46.32 -13.50 25.51
CA GLN A 811 -46.77 -13.66 24.13
C GLN A 811 -48.14 -14.34 24.05
N VAL A 812 -48.46 -15.19 25.01
CA VAL A 812 -49.81 -15.75 25.01
C VAL A 812 -50.79 -14.68 25.43
N LYS A 813 -50.35 -13.72 26.24
CA LYS A 813 -51.19 -12.60 26.59
C LYS A 813 -51.43 -11.71 25.38
N PHE A 814 -50.43 -11.55 24.54
CA PHE A 814 -50.58 -10.75 23.34
C PHE A 814 -51.51 -11.42 22.34
N TYR A 815 -51.36 -12.73 22.16
CA TYR A 815 -52.24 -13.46 21.26
C TYR A 815 -53.67 -13.46 21.79
N TRP A 816 -53.80 -13.51 23.11
CA TRP A 816 -55.10 -13.39 23.75
C TRP A 816 -55.73 -12.03 23.49
N ASN A 817 -54.92 -10.98 23.52
CA ASN A 817 -55.44 -9.63 23.35
C ASN A 817 -55.89 -9.42 21.92
N ILE A 818 -55.12 -9.92 20.96
CA ILE A 818 -55.55 -9.72 19.57
C ILE A 818 -56.74 -10.61 19.25
N ALA A 819 -56.87 -11.75 19.94
CA ALA A 819 -58.06 -12.56 19.77
C ALA A 819 -59.29 -11.89 20.35
N SER A 820 -59.13 -11.22 21.50
CA SER A 820 -60.23 -10.45 22.06
C SER A 820 -60.58 -9.27 21.16
N TYR A 821 -59.59 -8.72 20.47
CA TYR A 821 -59.90 -7.63 19.56
C TYR A 821 -60.62 -8.12 18.30
N PHE A 822 -60.27 -9.32 17.83
CA PHE A 822 -61.05 -9.98 16.78
C PHE A 822 -62.51 -10.16 17.20
N GLY A 823 -62.70 -10.64 18.43
CA GLY A 823 -64.05 -10.80 18.93
C GLY A 823 -64.81 -9.50 19.02
N PHE A 824 -64.11 -8.41 19.38
CA PHE A 824 -64.73 -7.10 19.36
C PHE A 824 -65.10 -6.67 17.95
N LEU A 825 -64.25 -6.97 16.97
CA LEU A 825 -64.54 -6.61 15.59
C LEU A 825 -65.78 -7.34 15.07
N TRP A 826 -65.87 -8.64 15.39
CA TRP A 826 -67.05 -9.42 15.00
C TRP A 826 -68.31 -8.91 15.68
N LEU A 827 -68.21 -8.60 16.98
CA LEU A 827 -69.33 -8.02 17.73
C LEU A 827 -69.79 -6.70 17.13
N PHE A 828 -68.84 -5.84 16.80
CA PHE A 828 -69.19 -4.51 16.32
C PHE A 828 -69.77 -4.57 14.92
N ALA A 829 -69.27 -5.49 14.09
CA ALA A 829 -69.87 -5.74 12.79
C ALA A 829 -71.30 -6.24 12.92
N VAL A 830 -71.55 -7.13 13.90
CA VAL A 830 -72.89 -7.65 14.13
C VAL A 830 -73.84 -6.52 14.55
N VAL A 831 -73.41 -5.68 15.49
CA VAL A 831 -74.28 -4.61 15.99
C VAL A 831 -74.52 -3.57 14.90
N LEU A 832 -73.53 -3.35 14.03
CA LEU A 832 -73.76 -2.47 12.89
C LEU A 832 -74.71 -3.10 11.88
N MET A 833 -74.74 -4.43 11.79
CA MET A 833 -75.69 -5.06 10.89
C MET A 833 -77.12 -5.00 11.41
N ILE A 834 -77.34 -5.44 12.65
CA ILE A 834 -78.67 -5.93 12.99
C ILE A 834 -79.58 -4.85 13.59
N ASP A 835 -79.10 -3.95 14.44
CA ASP A 835 -80.04 -3.08 15.18
C ASP A 835 -79.49 -1.67 15.37
N PHE A 836 -79.96 -0.76 14.52
CA PHE A 836 -79.76 0.66 14.72
C PHE A 836 -81.05 1.22 15.32
N GLN A 837 -81.03 1.53 16.62
CA GLN A 837 -82.22 2.01 17.31
C GLN A 837 -81.92 3.30 18.06
N THR A 838 -82.85 3.76 18.89
CA THR A 838 -82.64 4.99 19.65
C THR A 838 -82.52 4.72 21.15
N SER A 841 -80.03 -1.41 22.52
CA SER A 841 -80.08 -2.85 22.78
C SER A 841 -79.15 -3.26 23.90
N TRP A 842 -79.30 -4.52 24.32
CA TRP A 842 -78.35 -5.12 25.26
C TRP A 842 -76.98 -5.28 24.61
N ARG A 843 -76.94 -5.54 23.31
CA ARG A 843 -75.68 -5.58 22.58
C ARG A 843 -75.01 -4.20 22.55
N GLU A 844 -75.82 -3.14 22.49
CA GLU A 844 -75.26 -1.78 22.51
C GLU A 844 -74.66 -1.44 23.87
N LEU A 845 -75.31 -1.89 24.94
CA LEU A 845 -74.75 -1.69 26.27
C LEU A 845 -73.48 -2.52 26.46
N LEU A 846 -73.44 -3.72 25.87
CA LEU A 846 -72.21 -4.51 25.91
C LEU A 846 -71.09 -3.83 25.14
N LEU A 847 -71.43 -3.17 24.04
CA LEU A 847 -70.45 -2.44 23.26
C LEU A 847 -69.91 -1.23 24.03
N TYR A 848 -70.80 -0.55 24.77
CA TYR A 848 -70.37 0.58 25.59
C TYR A 848 -69.49 0.11 26.74
N VAL A 849 -69.81 -1.05 27.32
CA VAL A 849 -68.98 -1.58 28.39
C VAL A 849 -67.63 -2.01 27.86
N TRP A 850 -67.58 -2.48 26.61
CA TRP A 850 -66.32 -2.85 26.00
C TRP A 850 -65.45 -1.63 25.75
N LEU A 851 -66.07 -0.54 25.29
CA LEU A 851 -65.34 0.71 25.14
C LEU A 851 -64.84 1.24 26.48
N THR A 852 -65.63 1.03 27.55
CA THR A 852 -65.17 1.41 28.87
C THR A 852 -63.98 0.56 29.31
N SER A 853 -63.98 -0.72 28.94
CA SER A 853 -62.87 -1.61 29.24
C SER A 853 -61.60 -1.16 28.52
N LEU A 854 -61.73 -0.74 27.27
CA LEU A 854 -60.55 -0.26 26.54
C LEU A 854 -60.05 1.07 27.07
N VAL A 855 -60.97 1.93 27.52
CA VAL A 855 -60.56 3.19 28.14
C VAL A 855 -59.86 2.93 29.47
N CYS A 856 -60.30 1.91 30.21
CA CYS A 856 -59.62 1.54 31.45
C CYS A 856 -58.25 0.96 31.17
N GLU A 857 -58.10 0.23 30.06
CA GLU A 857 -56.79 -0.27 29.66
C GLU A 857 -55.84 0.86 29.33
N GLU A 858 -56.33 1.88 28.60
CA GLU A 858 -55.50 3.05 28.31
C GLU A 858 -55.16 3.82 29.59
N ILE A 859 -56.08 3.84 30.56
CA ILE A 859 -55.83 4.58 31.79
C ILE A 859 -54.77 3.88 32.64
N ARG A 860 -54.85 2.56 32.76
CA ARG A 860 -53.81 1.86 33.52
C ARG A 860 -52.50 1.82 32.76
N GLN A 861 -52.53 1.96 31.43
CA GLN A 861 -51.29 2.20 30.70
C GLN A 861 -50.69 3.55 31.06
N LEU A 862 -51.53 4.58 31.14
CA LEU A 862 -51.02 5.94 31.29
C LEU A 862 -50.51 6.21 32.70
N TYR A 863 -51.34 5.94 33.71
CA TYR A 863 -51.00 6.33 35.08
C TYR A 863 -49.84 5.51 35.63
N HIS A 864 -49.95 4.19 35.56
CA HIS A 864 -48.92 3.34 36.14
C HIS A 864 -47.63 3.41 35.35
N ASP A 865 -47.72 3.35 34.03
CA ASP A 865 -46.53 3.48 33.19
C ASP A 865 -46.48 4.89 32.61
N GLY A 870 -42.80 12.66 32.96
CA GLY A 870 -43.70 13.61 33.58
C GLY A 870 -45.07 13.61 32.93
N PHE A 871 -45.99 14.39 33.51
CA PHE A 871 -47.33 14.51 32.96
C PHE A 871 -47.31 15.26 31.63
N ARG A 872 -46.59 16.39 31.59
CA ARG A 872 -46.40 17.09 30.33
C ARG A 872 -45.56 16.27 29.36
N ARG A 873 -44.63 15.46 29.87
CA ARG A 873 -43.87 14.57 29.01
C ARG A 873 -44.75 13.47 28.45
N LYS A 874 -45.68 12.96 29.26
CA LYS A 874 -46.64 11.97 28.76
C LYS A 874 -47.56 12.57 27.72
N ALA A 875 -47.94 13.84 27.90
CA ALA A 875 -48.78 14.51 26.91
C ALA A 875 -48.02 14.76 25.61
N LYS A 876 -46.74 15.10 25.71
CA LYS A 876 -45.92 15.31 24.51
C LYS A 876 -45.70 14.00 23.77
N MET A 877 -45.49 12.91 24.50
CA MET A 877 -45.36 11.60 23.86
C MET A 877 -46.69 11.14 23.25
N TYR A 878 -47.81 11.55 23.85
CA TYR A 878 -49.10 11.18 23.30
C TYR A 878 -49.41 11.96 22.02
N ILE A 879 -49.11 13.26 22.02
CA ILE A 879 -49.36 14.06 20.83
C ILE A 879 -48.34 13.79 19.73
N LYS A 880 -47.16 13.27 20.09
CA LYS A 880 -46.16 12.95 19.09
C LYS A 880 -46.58 11.74 18.26
N ASP A 881 -47.26 10.77 18.87
CA ASP A 881 -47.69 9.58 18.17
C ASP A 881 -48.87 9.90 17.26
N LEU A 882 -48.80 9.42 16.02
CA LEU A 882 -49.97 9.44 15.15
C LEU A 882 -50.98 8.40 15.60
N TRP A 883 -50.53 7.33 16.23
CA TRP A 883 -51.42 6.25 16.59
C TRP A 883 -52.16 6.53 17.88
N ASN A 884 -51.50 7.17 18.85
CA ASN A 884 -52.19 7.59 20.07
C ASN A 884 -53.23 8.67 19.75
N ILE A 885 -52.88 9.60 18.86
CA ILE A 885 -53.87 10.62 18.51
C ILE A 885 -54.94 10.02 17.60
N LEU A 886 -54.60 8.95 16.87
CA LEU A 886 -55.60 8.21 16.12
C LEU A 886 -56.59 7.54 17.05
N ASP A 887 -56.10 6.97 18.14
CA ASP A 887 -56.98 6.35 19.12
C ASP A 887 -57.86 7.38 19.80
N VAL A 888 -57.32 8.55 20.13
CA VAL A 888 -58.17 9.50 20.84
C VAL A 888 -59.18 10.15 19.88
N LEU A 889 -58.83 10.28 18.59
CA LEU A 889 -59.82 10.76 17.63
C LEU A 889 -60.90 9.72 17.40
N SER A 890 -60.51 8.44 17.39
CA SER A 890 -61.48 7.38 17.24
C SER A 890 -62.43 7.32 18.43
N ILE A 891 -61.90 7.55 19.63
CA ILE A 891 -62.77 7.41 20.80
C ILE A 891 -63.62 8.66 20.99
N VAL A 892 -63.17 9.83 20.51
CA VAL A 892 -64.07 10.97 20.61
C VAL A 892 -65.13 10.92 19.51
N LEU A 893 -64.82 10.29 18.37
CA LEU A 893 -65.86 10.03 17.37
C LEU A 893 -66.86 9.01 17.88
N PHE A 894 -66.40 8.06 18.69
CA PHE A 894 -67.31 7.14 19.35
C PHE A 894 -68.21 7.85 20.35
N ILE A 895 -67.65 8.79 21.11
CA ILE A 895 -68.44 9.56 22.07
C ILE A 895 -69.46 10.42 21.34
N ALA A 896 -69.08 10.95 20.19
CA ALA A 896 -70.01 11.72 19.36
C ALA A 896 -71.13 10.82 18.82
N GLY A 897 -70.78 9.59 18.42
CA GLY A 897 -71.81 8.67 17.98
C GLY A 897 -72.78 8.29 19.07
N LEU A 898 -72.27 8.13 20.30
CA LEU A 898 -73.13 7.77 21.41
C LEU A 898 -74.05 8.93 21.79
N ILE A 899 -73.50 10.16 21.85
CA ILE A 899 -74.34 11.31 22.14
C ILE A 899 -75.31 11.62 21.00
N CYS A 900 -75.00 11.18 19.78
CA CYS A 900 -75.87 11.46 18.65
C CYS A 900 -76.99 10.44 18.55
N ARG A 901 -76.74 9.20 18.96
CA ARG A 901 -77.83 8.23 19.11
C ARG A 901 -78.65 8.49 20.36
N LEU A 902 -78.07 9.16 21.36
CA LEU A 902 -78.83 9.46 22.57
C LEU A 902 -79.84 10.57 22.34
N GLN A 903 -79.61 11.44 21.36
CA GLN A 903 -80.53 12.53 21.08
C GLN A 903 -81.79 12.02 20.40
N ALA A 904 -82.93 12.62 20.75
CA ALA A 904 -84.25 12.13 20.32
C ALA A 904 -84.69 12.87 19.06
N SER A 905 -84.14 12.45 17.93
CA SER A 905 -84.55 12.94 16.62
C SER A 905 -84.16 11.92 15.56
N ASP A 906 -84.96 11.84 14.50
CA ASP A 906 -84.66 10.94 13.40
C ASP A 906 -83.45 11.40 12.61
N THR A 907 -83.25 12.72 12.50
CA THR A 907 -82.01 13.24 11.96
C THR A 907 -80.84 12.88 12.86
N VAL A 908 -81.05 12.95 14.18
CA VAL A 908 -80.02 12.56 15.13
C VAL A 908 -79.76 11.07 15.07
N PHE A 909 -80.80 10.25 14.87
CA PHE A 909 -80.60 8.80 14.79
C PHE A 909 -79.86 8.41 13.52
N TYR A 910 -80.24 8.99 12.38
CA TYR A 910 -79.55 8.74 11.12
C TYR A 910 -78.11 9.24 11.17
N ILE A 911 -77.89 10.40 11.79
CA ILE A 911 -76.55 10.96 11.87
C ILE A 911 -75.67 10.13 12.80
N GLY A 912 -76.25 9.59 13.88
CA GLY A 912 -75.47 8.72 14.75
C GLY A 912 -75.11 7.42 14.08
N LYS A 913 -76.02 6.86 13.27
CA LYS A 913 -75.70 5.68 12.48
C LYS A 913 -74.58 5.98 11.49
N VAL A 914 -74.58 7.17 10.90
CA VAL A 914 -73.52 7.56 9.97
C VAL A 914 -72.19 7.74 10.68
N ILE A 915 -72.20 8.35 11.88
CA ILE A 915 -70.97 8.55 12.64
C ILE A 915 -70.38 7.22 13.07
N LEU A 916 -71.22 6.28 13.52
CA LEU A 916 -70.71 4.96 13.88
C LEU A 916 -70.23 4.18 12.66
N CYS A 917 -70.86 4.41 11.49
CA CYS A 917 -70.39 3.79 10.27
C CYS A 917 -69.04 4.34 9.85
N ILE A 918 -68.77 5.61 10.15
CA ILE A 918 -67.43 6.14 9.94
C ILE A 918 -66.45 5.56 10.94
N ASP A 919 -66.89 5.42 12.19
CA ASP A 919 -65.98 4.99 13.25
C ASP A 919 -65.58 3.53 13.10
N PHE A 920 -66.42 2.71 12.44
CA PHE A 920 -66.06 1.33 12.13
C PHE A 920 -64.80 1.25 11.28
N ILE A 921 -64.77 2.01 10.19
CA ILE A 921 -63.59 1.99 9.36
C ILE A 921 -62.45 2.77 10.00
N ILE A 922 -62.75 3.67 10.94
CA ILE A 922 -61.68 4.29 11.72
C ILE A 922 -60.95 3.24 12.55
N PHE A 923 -61.70 2.37 13.22
CA PHE A 923 -61.09 1.27 13.95
C PHE A 923 -60.44 0.26 13.01
N CYS A 924 -60.97 0.12 11.81
CA CYS A 924 -60.33 -0.74 10.81
C CYS A 924 -58.95 -0.22 10.46
N LEU A 925 -58.80 1.10 10.35
CA LEU A 925 -57.45 1.64 10.15
C LEU A 925 -56.63 1.56 11.43
N ARG A 926 -57.29 1.58 12.59
CA ARG A 926 -56.62 1.48 13.88
C ARG A 926 -56.00 0.10 14.11
N LEU A 927 -56.49 -0.93 13.42
CA LEU A 927 -55.86 -2.26 13.47
C LEU A 927 -54.39 -2.29 13.05
N MET A 928 -53.92 -1.31 12.28
CA MET A 928 -52.78 -1.53 11.39
C MET A 928 -51.45 -1.70 12.09
N ALA A 929 -51.30 -1.19 13.32
CA ALA A 929 -50.03 -1.35 14.03
C ALA A 929 -49.85 -2.78 14.54
N ILE A 930 -50.94 -3.50 14.77
CA ILE A 930 -50.86 -4.89 15.17
C ILE A 930 -50.35 -5.73 14.01
N PHE A 931 -50.79 -5.39 12.80
CA PHE A 931 -50.20 -5.98 11.61
C PHE A 931 -48.81 -5.46 11.34
N SER A 932 -48.38 -4.39 12.01
CA SER A 932 -47.06 -3.79 11.82
C SER A 932 -46.04 -4.25 12.86
N ILE A 933 -46.14 -5.49 13.35
CA ILE A 933 -45.35 -5.85 14.52
C ILE A 933 -44.50 -7.08 14.23
N SER A 934 -44.77 -7.77 13.12
CA SER A 934 -44.04 -9.01 12.86
C SER A 934 -42.66 -8.70 12.31
N ARG A 935 -41.93 -9.77 11.97
CA ARG A 935 -40.55 -9.63 11.51
C ARG A 935 -40.50 -8.95 10.15
N THR A 936 -41.38 -9.34 9.25
CA THR A 936 -41.41 -8.77 7.91
C THR A 936 -42.40 -7.62 7.78
N LEU A 937 -43.05 -7.23 8.87
CA LEU A 937 -44.01 -6.13 8.81
C LEU A 937 -43.31 -4.78 8.70
N GLY A 938 -42.05 -4.71 9.14
CA GLY A 938 -41.27 -3.50 9.09
C GLY A 938 -41.06 -2.88 7.73
N PRO A 939 -40.64 -3.65 6.71
CA PRO A 939 -40.61 -3.08 5.35
C PRO A 939 -41.98 -2.67 4.83
N LYS A 940 -43.03 -3.35 5.27
CA LYS A 940 -44.39 -2.95 4.88
C LYS A 940 -44.75 -1.59 5.46
N ILE A 941 -44.44 -1.37 6.74
CA ILE A 941 -44.69 -0.08 7.38
C ILE A 941 -43.79 0.99 6.77
N ILE A 942 -42.58 0.61 6.38
CA ILE A 942 -41.64 1.57 5.79
C ILE A 942 -42.12 2.03 4.43
N ILE A 943 -42.56 1.09 3.60
CA ILE A 943 -43.09 1.43 2.28
C ILE A 943 -44.42 2.15 2.40
N VAL A 944 -45.14 1.93 3.51
CA VAL A 944 -46.34 2.72 3.80
C VAL A 944 -45.98 4.18 3.97
N ARG A 945 -44.81 4.47 4.54
CA ARG A 945 -44.35 5.85 4.68
C ARG A 945 -43.97 6.43 3.33
N ARG A 946 -43.28 5.66 2.50
CA ARG A 946 -42.86 6.13 1.19
C ARG A 946 -44.05 6.31 0.25
N MET A 947 -45.13 5.59 0.51
CA MET A 947 -46.34 5.69 -0.31
C MET A 947 -47.00 7.06 -0.15
N MET A 948 -46.78 7.72 0.99
CA MET A 948 -47.52 8.93 1.34
C MET A 948 -47.18 10.10 0.42
N LEU A 949 -45.89 10.33 0.16
CA LEU A 949 -45.45 11.53 -0.56
C LEU A 949 -45.88 11.50 -2.02
N ASP A 950 -46.08 10.31 -2.59
CA ASP A 950 -46.46 10.18 -3.99
C ASP A 950 -47.85 10.73 -4.26
N LEU A 951 -48.67 10.84 -3.22
CA LEU A 951 -50.04 11.33 -3.36
C LEU A 951 -50.09 12.80 -3.80
N PHE A 952 -51.17 13.13 -4.51
CA PHE A 952 -51.67 14.41 -5.00
C PHE A 952 -50.96 14.99 -6.21
N PHE A 953 -49.82 14.43 -6.62
CA PHE A 953 -49.22 14.89 -7.86
C PHE A 953 -49.87 14.22 -9.06
N PHE A 954 -50.11 12.92 -8.96
CA PHE A 954 -50.87 12.21 -9.99
C PHE A 954 -52.32 12.68 -10.02
N MET A 955 -52.87 13.05 -8.85
CA MET A 955 -54.21 13.59 -8.80
C MET A 955 -54.29 14.95 -9.47
N PHE A 956 -53.23 15.76 -9.32
CA PHE A 956 -53.16 17.03 -10.04
C PHE A 956 -53.06 16.82 -11.54
N LEU A 957 -52.28 15.82 -11.98
CA LEU A 957 -52.14 15.55 -13.39
C LEU A 957 -53.43 15.04 -14.01
N LEU A 958 -54.12 14.15 -13.29
CA LEU A 958 -55.41 13.65 -13.76
C LEU A 958 -56.46 14.75 -13.74
N SER A 959 -56.37 15.68 -12.79
CA SER A 959 -57.31 16.79 -12.75
C SER A 959 -57.08 17.75 -13.91
N ILE A 960 -55.81 17.98 -14.26
CA ILE A 960 -55.49 18.83 -15.41
C ILE A 960 -55.97 18.18 -16.71
N TRP A 961 -55.73 16.88 -16.85
CA TRP A 961 -56.17 16.17 -18.05
C TRP A 961 -57.70 16.13 -18.15
N VAL A 962 -58.37 15.93 -17.01
CA VAL A 962 -59.83 15.88 -17.00
C VAL A 962 -60.41 17.25 -17.30
N VAL A 963 -59.77 18.32 -16.84
CA VAL A 963 -60.23 19.67 -17.15
C VAL A 963 -60.05 19.95 -18.63
N ALA A 964 -58.94 19.50 -19.21
CA ALA A 964 -58.71 19.68 -20.65
C ALA A 964 -59.74 18.93 -21.48
N TYR A 965 -60.05 17.68 -21.09
CA TYR A 965 -61.02 16.89 -21.85
C TYR A 965 -62.43 17.46 -21.72
N GLY A 966 -62.81 17.88 -20.51
CA GLY A 966 -64.12 18.46 -20.31
C GLY A 966 -64.31 19.78 -21.01
N VAL A 967 -63.26 20.62 -21.02
CA VAL A 967 -63.34 21.89 -21.73
C VAL A 967 -63.40 21.65 -23.23
N ALA A 968 -62.70 20.62 -23.73
CA ALA A 968 -62.76 20.28 -25.15
C ALA A 968 -64.15 19.80 -25.54
N LYS A 969 -64.77 18.95 -24.71
CA LYS A 969 -66.10 18.45 -25.02
C LYS A 969 -67.14 19.56 -24.96
N GLN A 970 -67.02 20.49 -24.00
CA GLN A 970 -67.98 21.58 -23.90
C GLN A 970 -67.79 22.58 -25.03
N GLY A 971 -66.53 22.85 -25.42
CA GLY A 971 -66.29 23.80 -26.49
C GLY A 971 -66.71 23.26 -27.85
N ILE A 972 -66.45 21.99 -28.11
CA ILE A 972 -66.83 21.40 -29.39
C ILE A 972 -68.34 21.21 -29.48
N LEU A 973 -68.94 20.64 -28.43
CA LEU A 973 -70.34 20.22 -28.53
C LEU A 973 -71.31 21.38 -28.37
N ILE A 974 -71.46 21.87 -27.14
CA ILE A 974 -72.56 22.79 -26.83
C ILE A 974 -72.07 24.06 -26.17
N GLU A 975 -71.34 23.91 -25.05
CA GLU A 975 -71.03 24.96 -24.07
C GLU A 975 -72.29 25.58 -23.46
N ASN A 976 -73.37 24.79 -23.42
CA ASN A 976 -74.61 25.25 -22.82
C ASN A 976 -74.56 25.25 -21.30
N GLU A 977 -73.99 24.17 -20.72
CA GLU A 977 -74.06 23.86 -19.28
C GLU A 977 -75.50 23.87 -18.78
N GLU A 978 -76.37 23.15 -19.50
CA GLU A 978 -77.80 23.22 -19.22
C GLU A 978 -78.16 22.56 -17.90
N ARG A 979 -77.75 21.32 -17.70
CA ARG A 979 -78.08 20.56 -16.49
C ARG A 979 -76.83 20.43 -15.63
N LEU A 980 -76.94 20.87 -14.38
CA LEU A 980 -75.77 20.91 -13.50
C LEU A 980 -75.30 19.52 -13.11
N ASN A 981 -76.23 18.58 -12.93
CA ASN A 981 -75.88 17.20 -12.65
C ASN A 981 -75.14 16.57 -13.83
N TRP A 982 -75.67 16.77 -15.03
CA TRP A 982 -74.94 16.31 -16.21
C TRP A 982 -73.71 17.15 -16.51
N ILE A 983 -73.64 18.40 -16.02
CA ILE A 983 -72.42 19.17 -16.13
C ILE A 983 -71.30 18.51 -15.33
N ILE A 984 -71.61 18.12 -14.09
CA ILE A 984 -70.61 17.42 -13.28
C ILE A 984 -70.33 16.02 -13.82
N ARG A 985 -71.34 15.38 -14.43
CA ARG A 985 -71.16 14.05 -15.01
C ARG A 985 -70.21 14.09 -16.20
N GLY A 986 -70.55 14.87 -17.23
CA GLY A 986 -69.67 15.08 -18.38
C GLY A 986 -68.38 15.84 -18.06
N ALA A 987 -68.25 16.39 -16.86
CA ALA A 987 -66.97 16.90 -16.40
C ALA A 987 -66.07 15.80 -15.86
N VAL A 988 -66.52 15.08 -14.82
CA VAL A 988 -65.61 14.23 -14.06
C VAL A 988 -65.89 12.74 -14.23
N TYR A 989 -67.14 12.34 -14.47
CA TYR A 989 -67.44 10.91 -14.48
C TYR A 989 -67.03 10.26 -15.80
N GLU A 990 -67.45 10.87 -16.92
CA GLU A 990 -67.21 10.32 -18.24
C GLU A 990 -65.74 10.32 -18.69
N PRO A 991 -64.92 11.36 -18.44
CA PRO A 991 -63.48 11.18 -18.75
C PRO A 991 -62.79 10.20 -17.84
N TYR A 992 -63.16 10.13 -16.56
CA TYR A 992 -62.60 9.10 -15.70
C TYR A 992 -63.07 7.71 -16.10
N ILE A 993 -64.28 7.61 -16.66
CA ILE A 993 -64.76 6.34 -17.20
C ILE A 993 -63.97 5.97 -18.44
N THR A 994 -63.65 6.95 -19.27
CA THR A 994 -62.83 6.69 -20.45
C THR A 994 -61.36 6.50 -20.11
N ILE A 995 -60.94 6.82 -18.88
CA ILE A 995 -59.56 6.68 -18.48
C ILE A 995 -59.31 5.43 -17.64
N PHE A 996 -60.29 4.97 -16.87
CA PHE A 996 -60.08 3.84 -15.97
C PHE A 996 -60.28 2.52 -16.71
N THR A 1033 -76.92 14.54 -37.67
CA THR A 1033 -75.50 14.85 -37.88
C THR A 1033 -74.99 15.87 -36.88
N PRO A 1034 -73.97 15.48 -36.10
CA PRO A 1034 -73.28 16.45 -35.26
C PRO A 1034 -72.50 17.44 -36.12
N VAL A 1035 -72.43 18.69 -35.62
CA VAL A 1035 -71.76 19.75 -36.37
C VAL A 1035 -70.27 19.47 -36.50
N PHE A 1036 -69.67 18.93 -35.46
CA PHE A 1036 -68.26 18.58 -35.52
C PHE A 1036 -68.13 17.09 -35.74
N PRO A 1037 -67.39 16.66 -36.76
CA PRO A 1037 -67.35 15.24 -37.12
C PRO A 1037 -66.63 14.39 -36.08
N GLU A 1038 -66.85 13.09 -36.18
CA GLU A 1038 -66.41 12.14 -35.17
C GLU A 1038 -65.01 11.61 -35.39
N TRP A 1039 -64.46 11.73 -36.61
CA TRP A 1039 -63.14 11.19 -36.88
C TRP A 1039 -62.05 12.02 -36.20
N LEU A 1040 -62.15 13.34 -36.27
CA LEU A 1040 -61.19 14.19 -35.59
C LEU A 1040 -61.47 14.24 -34.10
N THR A 1041 -62.75 14.05 -33.72
CA THR A 1041 -63.12 13.89 -32.31
C THR A 1041 -62.42 12.69 -31.69
N ILE A 1042 -62.46 11.55 -32.37
CA ILE A 1042 -61.85 10.35 -31.82
C ILE A 1042 -60.34 10.38 -32.02
N MET A 1043 -59.83 11.17 -32.97
CA MET A 1043 -58.39 11.37 -33.05
C MET A 1043 -57.86 12.16 -31.84
N MET A 1044 -58.58 13.22 -31.46
CA MET A 1044 -58.24 13.93 -30.23
C MET A 1044 -58.47 13.07 -29.00
N LEU A 1045 -59.46 12.17 -29.05
CA LEU A 1045 -59.66 11.24 -27.95
C LEU A 1045 -58.49 10.26 -27.84
N CYS A 1046 -57.94 9.83 -28.97
CA CYS A 1046 -56.77 8.95 -28.95
C CYS A 1046 -55.53 9.67 -28.48
N VAL A 1047 -55.40 10.96 -28.83
CA VAL A 1047 -54.27 11.74 -28.31
C VAL A 1047 -54.40 11.95 -26.80
N TYR A 1048 -55.63 12.18 -26.33
CA TYR A 1048 -55.89 12.29 -24.90
C TYR A 1048 -55.61 10.98 -24.19
N LEU A 1049 -55.95 9.86 -24.83
CA LEU A 1049 -55.66 8.55 -24.27
C LEU A 1049 -54.16 8.30 -24.21
N LEU A 1050 -53.42 8.77 -25.22
CA LEU A 1050 -51.96 8.64 -25.20
C LEU A 1050 -51.35 9.48 -24.08
N PHE A 1051 -51.89 10.68 -23.85
CA PHE A 1051 -51.40 11.53 -22.78
C PHE A 1051 -51.66 10.92 -21.41
N ALA A 1052 -52.87 10.40 -21.19
CA ALA A 1052 -53.19 9.75 -19.92
C ALA A 1052 -52.42 8.45 -19.75
N ASN A 1053 -52.13 7.75 -20.85
CA ASN A 1053 -51.35 6.52 -20.79
C ASN A 1053 -49.90 6.81 -20.42
N ILE A 1054 -49.33 7.86 -20.98
CA ILE A 1054 -47.97 8.26 -20.64
C ILE A 1054 -47.91 8.74 -19.19
N LEU A 1055 -48.96 9.44 -18.74
CA LEU A 1055 -49.00 9.89 -17.35
C LEU A 1055 -49.13 8.71 -16.39
N LEU A 1056 -49.92 7.70 -16.75
CA LEU A 1056 -50.07 6.53 -15.90
C LEU A 1056 -48.81 5.69 -15.85
N LEU A 1057 -48.15 5.52 -16.99
CA LEU A 1057 -46.89 4.79 -17.03
C LEU A 1057 -45.80 5.53 -16.27
N ASN A 1058 -45.75 6.85 -16.40
CA ASN A 1058 -44.79 7.64 -15.65
C ASN A 1058 -45.09 7.62 -14.15
N LEU A 1059 -46.37 7.56 -13.77
CA LEU A 1059 -46.71 7.47 -12.35
C LEU A 1059 -46.32 6.12 -11.78
N LEU A 1060 -46.52 5.04 -12.54
CA LEU A 1060 -46.15 3.72 -12.07
C LEU A 1060 -44.64 3.58 -11.96
N ILE A 1061 -43.90 4.15 -12.92
CA ILE A 1061 -42.44 4.09 -12.85
C ILE A 1061 -41.93 5.05 -11.76
N ALA A 1062 -42.68 6.12 -11.46
CA ALA A 1062 -42.30 7.01 -10.38
C ALA A 1062 -42.48 6.34 -9.03
N ILE A 1063 -43.56 5.56 -8.86
CA ILE A 1063 -43.72 4.78 -7.65
C ILE A 1063 -42.71 3.64 -7.62
N PHE A 1064 -42.30 3.15 -8.80
CA PHE A 1064 -41.24 2.17 -8.90
C PHE A 1064 -39.90 2.75 -8.46
N ASN A 1065 -39.72 4.07 -8.62
CA ASN A 1065 -38.50 4.70 -8.17
C ASN A 1065 -38.45 4.80 -6.65
N TYR A 1066 -39.59 5.03 -6.02
CA TYR A 1066 -39.63 5.18 -4.57
C TYR A 1066 -39.46 3.82 -3.88
N ASP A 1073 -32.54 -2.35 5.00
CA ASP A 1073 -31.17 -2.46 5.51
C ASP A 1073 -31.05 -1.79 6.86
N ASN A 1074 -31.71 -0.65 7.01
CA ASN A 1074 -31.70 0.08 8.28
C ASN A 1074 -32.93 -0.21 9.13
N THR A 1075 -34.05 -0.52 8.50
CA THR A 1075 -35.33 -0.63 9.19
C THR A 1075 -35.38 -1.81 10.15
N ASP A 1076 -34.55 -2.83 9.92
CA ASP A 1076 -34.50 -3.99 10.80
C ASP A 1076 -34.10 -3.60 12.22
N THR A 1077 -33.10 -2.75 12.35
CA THR A 1077 -32.69 -2.24 13.65
C THR A 1077 -33.77 -1.37 14.27
N ILE A 1078 -34.56 -0.71 13.44
CA ILE A 1078 -35.64 0.13 13.95
C ILE A 1078 -36.74 -0.75 14.54
N TRP A 1079 -36.98 -1.89 13.89
CA TRP A 1079 -37.88 -2.89 14.43
C TRP A 1079 -37.35 -3.45 15.74
N LYS A 1080 -36.03 -3.65 15.80
CA LYS A 1080 -35.37 -4.05 17.05
C LYS A 1080 -35.61 -3.01 18.13
N PHE A 1081 -35.65 -1.74 17.74
CA PHE A 1081 -35.83 -0.69 18.72
C PHE A 1081 -37.25 -0.66 19.27
N GLN A 1082 -38.25 -0.73 18.38
CA GLN A 1082 -39.64 -0.68 18.87
C GLN A 1082 -40.06 -1.97 19.56
N ARG A 1083 -39.30 -3.05 19.35
CA ARG A 1083 -39.52 -4.29 20.07
C ARG A 1083 -39.50 -4.08 21.58
N TYR A 1084 -38.65 -3.17 22.06
CA TYR A 1084 -38.62 -2.87 23.50
C TYR A 1084 -39.93 -2.28 23.98
N GLU A 1085 -40.46 -1.30 23.25
CA GLU A 1085 -41.69 -0.66 23.69
C GLU A 1085 -42.85 -1.64 23.66
N LEU A 1086 -42.83 -2.56 22.70
CA LEU A 1086 -43.79 -3.65 22.68
C LEU A 1086 -43.70 -4.51 23.94
N ILE A 1087 -42.49 -4.98 24.26
CA ILE A 1087 -42.32 -5.91 25.35
C ILE A 1087 -42.62 -5.24 26.67
N LYS A 1088 -42.33 -3.95 26.80
CA LYS A 1088 -42.69 -3.25 28.03
C LYS A 1088 -44.20 -3.11 28.15
N GLU A 1089 -44.88 -2.75 27.06
CA GLU A 1089 -46.32 -2.54 27.13
C GLU A 1089 -47.08 -3.83 27.40
N TYR A 1090 -46.54 -4.97 26.97
CA TYR A 1090 -47.27 -6.21 27.21
C TYR A 1090 -46.74 -7.06 28.35
N HIS A 1091 -45.57 -6.75 28.89
CA HIS A 1091 -45.25 -7.31 30.20
C HIS A 1091 -45.94 -6.53 31.29
N SER A 1092 -46.19 -5.25 31.04
CA SER A 1092 -46.81 -4.39 32.05
C SER A 1092 -48.24 -4.82 32.35
N ARG A 1093 -49.07 -4.84 31.31
CA ARG A 1093 -50.48 -5.21 31.46
C ARG A 1093 -50.63 -6.65 31.91
N PRO A 1094 -51.60 -6.92 32.78
CA PRO A 1094 -51.74 -8.31 33.26
C PRO A 1094 -52.55 -9.19 32.32
N ALA A 1095 -52.81 -10.40 32.76
CA ALA A 1095 -53.39 -11.46 31.93
C ALA A 1095 -54.89 -11.56 32.17
N LEU A 1096 -55.67 -10.98 31.26
CA LEU A 1096 -57.13 -11.02 31.23
C LEU A 1096 -57.59 -10.50 29.87
N PRO A 1097 -58.78 -10.86 29.41
CA PRO A 1097 -59.41 -10.08 28.34
C PRO A 1097 -59.86 -8.74 28.88
N PRO A 1098 -60.04 -7.74 28.02
CA PRO A 1098 -60.49 -6.41 28.48
C PRO A 1098 -61.78 -6.38 29.31
N PRO A 1099 -62.83 -7.19 29.02
CA PRO A 1099 -63.96 -7.17 29.95
C PRO A 1099 -63.65 -7.82 31.30
N PHE A 1100 -62.64 -8.67 31.37
CA PHE A 1100 -62.21 -9.21 32.65
C PHE A 1100 -60.99 -8.47 33.21
N ILE A 1101 -60.28 -7.71 32.38
CA ILE A 1101 -59.27 -6.83 32.97
C ILE A 1101 -59.95 -5.60 33.56
N LEU A 1102 -61.22 -5.36 33.23
CA LEU A 1102 -62.05 -4.47 34.04
C LEU A 1102 -62.08 -4.90 35.50
N LEU A 1103 -62.43 -6.17 35.75
CA LEU A 1103 -62.42 -6.72 37.09
C LEU A 1103 -61.01 -6.76 37.67
N SER A 1104 -60.02 -7.03 36.83
CA SER A 1104 -58.64 -7.08 37.32
C SER A 1104 -58.18 -5.70 37.78
N HIS A 1105 -58.55 -4.64 37.04
CA HIS A 1105 -58.24 -3.30 37.50
C HIS A 1105 -59.07 -2.92 38.72
N LEU A 1106 -60.30 -3.45 38.83
CA LEU A 1106 -61.09 -3.23 40.03
C LEU A 1106 -60.40 -3.80 41.26
N ILE A 1107 -59.89 -5.02 41.15
CA ILE A 1107 -59.20 -5.67 42.26
C ILE A 1107 -57.88 -4.97 42.55
N LEU A 1108 -57.15 -4.57 41.51
CA LEU A 1108 -55.88 -3.88 41.71
C LEU A 1108 -56.07 -2.48 42.31
N PHE A 1109 -57.14 -1.79 41.92
CA PHE A 1109 -57.38 -0.45 42.45
C PHE A 1109 -57.89 -0.50 43.88
N ILE A 1110 -58.70 -1.50 44.21
CA ILE A 1110 -59.11 -1.69 45.60
C ILE A 1110 -57.91 -2.12 46.45
N ARG A 1111 -56.99 -2.90 45.88
CA ARG A 1111 -55.77 -3.27 46.61
C ARG A 1111 -54.86 -2.06 46.81
N GLY A 1112 -54.83 -1.15 45.83
CA GLY A 1112 -54.11 0.10 46.01
C GLY A 1112 -54.77 1.03 47.00
N VAL A 1113 -56.10 0.96 47.10
CA VAL A 1113 -56.80 1.67 48.17
C VAL A 1113 -56.46 1.06 49.52
N PHE A 1114 -56.28 -0.27 49.57
CA PHE A 1114 -55.73 -0.90 50.75
C PHE A 1114 -54.27 -0.53 50.95
N LEU A 1115 -53.52 -0.38 49.85
CA LEU A 1115 -52.09 -0.07 49.83
C LEU A 1115 -51.25 -1.01 50.67
N ARG A 1121 -44.16 -3.51 41.76
CA ARG A 1121 -43.05 -3.18 40.88
C ARG A 1121 -42.78 -4.33 39.90
N HIS A 1122 -41.53 -4.45 39.48
CA HIS A 1122 -41.12 -5.56 38.62
C HIS A 1122 -39.64 -5.86 38.84
N LYS A 1123 -39.34 -7.13 39.05
CA LYS A 1123 -37.97 -7.61 39.19
C LYS A 1123 -37.42 -8.18 37.89
N ASN A 1124 -38.16 -8.05 36.79
CA ASN A 1124 -37.68 -8.59 35.53
C ASN A 1124 -36.65 -7.70 34.88
N PHE A 1125 -36.51 -6.46 35.33
CA PHE A 1125 -35.60 -5.51 34.71
C PHE A 1125 -34.48 -5.04 35.63
N ARG A 1126 -34.83 -4.58 36.83
CA ARG A 1126 -33.90 -3.85 37.68
C ARG A 1126 -33.60 -4.69 38.90
N GLN A 1127 -32.32 -4.95 39.14
CA GLN A 1127 -31.91 -5.72 40.29
C GLN A 1127 -30.79 -5.02 41.02
N GLU A 1128 -30.79 -5.14 42.34
CA GLU A 1128 -29.66 -4.80 43.17
C GLU A 1128 -29.17 -6.09 43.82
N LEU A 1129 -27.86 -6.28 43.83
CA LEU A 1129 -27.29 -7.55 44.22
C LEU A 1129 -26.63 -7.44 45.58
N GLU A 1130 -26.02 -8.53 46.00
CA GLU A 1130 -25.14 -8.49 47.16
C GLU A 1130 -23.94 -7.62 46.84
N GLN A 1131 -23.48 -6.88 47.86
CA GLN A 1131 -22.32 -6.04 47.67
C GLN A 1131 -21.08 -6.87 47.36
N THR A 1132 -20.99 -8.05 47.96
CA THR A 1132 -19.96 -9.02 47.59
C THR A 1132 -20.09 -9.44 46.14
N GLU A 1133 -21.31 -9.79 45.75
CA GLU A 1133 -21.58 -10.22 44.38
C GLU A 1133 -21.30 -9.12 43.38
N GLU A 1134 -21.75 -7.90 43.68
CA GLU A 1134 -21.56 -6.82 42.74
C GLU A 1134 -20.10 -6.40 42.66
N GLU A 1135 -19.37 -6.46 43.78
CA GLU A 1135 -17.95 -6.15 43.77
C GLU A 1135 -17.17 -7.14 42.92
N GLU A 1136 -17.47 -8.43 43.09
CA GLU A 1136 -16.85 -9.46 42.26
C GLU A 1136 -17.19 -9.27 40.80
N LEU A 1137 -18.43 -8.89 40.52
CA LEU A 1137 -18.87 -8.71 39.16
C LEU A 1137 -18.17 -7.55 38.50
N LEU A 1138 -17.97 -6.45 39.24
CA LEU A 1138 -17.27 -5.31 38.71
C LEU A 1138 -15.81 -5.64 38.45
N SER A 1139 -15.21 -6.45 39.31
CA SER A 1139 -13.83 -6.85 39.08
C SER A 1139 -13.70 -7.68 37.81
N TRP A 1140 -14.67 -8.57 37.60
CA TRP A 1140 -14.66 -9.37 36.37
C TRP A 1140 -14.88 -8.50 35.15
N GLU A 1141 -15.75 -7.49 35.27
CA GLU A 1141 -15.96 -6.55 34.18
C GLU A 1141 -14.69 -5.81 33.83
N ALA A 1142 -13.96 -5.37 34.85
CA ALA A 1142 -12.73 -4.63 34.62
C ALA A 1142 -11.69 -5.48 33.94
N TYR A 1143 -11.61 -6.75 34.34
CA TYR A 1143 -10.65 -7.65 33.71
C TYR A 1143 -11.00 -7.86 32.25
N MET A 1144 -12.28 -8.03 31.95
CA MET A 1144 -12.67 -8.21 30.56
C MET A 1144 -12.45 -6.95 29.74
N LYS A 1145 -12.64 -5.78 30.36
CA LYS A 1145 -12.39 -4.53 29.63
C LYS A 1145 -10.92 -4.39 29.30
N ASP A 1146 -10.06 -4.76 30.25
CA ASP A 1146 -8.62 -4.75 30.01
C ASP A 1146 -8.26 -5.63 28.83
N ASN A 1147 -8.86 -6.83 28.78
CA ASN A 1147 -8.54 -7.74 27.68
C ASN A 1147 -9.03 -7.19 26.35
N TYR A 1148 -10.22 -6.58 26.34
CA TYR A 1148 -10.76 -5.97 25.15
C TYR A 1148 -9.88 -4.85 24.64
N LEU A 1149 -9.44 -4.00 25.54
CA LEU A 1149 -8.67 -2.84 25.11
C LEU A 1149 -7.31 -3.26 24.62
N ALA A 1150 -6.75 -4.33 25.20
CA ALA A 1150 -5.51 -4.88 24.68
C ALA A 1150 -5.70 -5.43 23.28
N SER A 1151 -6.85 -6.06 23.02
CA SER A 1151 -7.10 -6.60 21.68
C SER A 1151 -7.23 -5.48 20.65
N THR A 1152 -7.89 -4.40 21.02
CA THR A 1152 -8.01 -3.28 20.11
C THR A 1152 -6.68 -2.60 19.87
N ARG A 1153 -5.85 -2.49 20.90
CA ARG A 1153 -4.53 -1.92 20.70
C ARG A 1153 -3.64 -2.80 19.86
N GLN A 1154 -3.89 -4.11 19.87
CA GLN A 1154 -3.11 -4.96 18.99
C GLN A 1154 -3.56 -4.80 17.55
N ASP A 1155 -4.86 -4.93 17.29
CA ASP A 1155 -5.30 -4.90 15.91
C ASP A 1155 -5.37 -3.51 15.33
N GLU A 1156 -5.08 -2.48 16.12
CA GLU A 1156 -4.63 -1.24 15.50
C GLU A 1156 -3.30 -1.45 14.80
N SER A 1157 -2.40 -2.18 15.45
CA SER A 1157 -1.02 -2.24 15.01
C SER A 1157 -0.76 -3.28 13.96
N GLN A 1158 -1.75 -3.71 13.21
CA GLN A 1158 -1.50 -4.50 12.02
C GLN A 1158 -2.25 -4.00 10.81
N SER A 1159 -2.96 -2.88 10.91
CA SER A 1159 -3.52 -2.26 9.72
C SER A 1159 -2.38 -1.74 8.88
N VAL A 1160 -2.41 -2.05 7.59
CA VAL A 1160 -1.29 -1.75 6.72
C VAL A 1160 -1.06 -0.26 6.57
N GLU A 1161 -2.09 0.55 6.83
CA GLU A 1161 -1.89 1.99 6.92
C GLU A 1161 -0.96 2.33 8.07
N HIS A 1162 -1.19 1.71 9.23
CA HIS A 1162 -0.31 1.98 10.35
C HIS A 1162 1.09 1.45 10.11
N ARG A 1163 1.20 0.35 9.39
CA ARG A 1163 2.51 -0.22 9.10
C ARG A 1163 3.29 0.69 8.19
N ILE A 1164 2.65 1.19 7.13
CA ILE A 1164 3.38 2.03 6.20
C ILE A 1164 3.71 3.35 6.86
N HIS A 1165 2.88 3.80 7.79
CA HIS A 1165 3.15 5.02 8.52
C HIS A 1165 4.37 4.86 9.43
N ASP A 1166 4.41 3.75 10.17
CA ASP A 1166 5.50 3.49 11.10
C ASP A 1166 6.81 3.32 10.35
N THR A 1167 6.77 2.65 9.21
CA THR A 1167 7.98 2.49 8.43
C THR A 1167 8.46 3.81 7.88
N ALA A 1168 7.55 4.70 7.50
CA ALA A 1168 7.97 6.01 7.03
C ALA A 1168 8.68 6.79 8.13
N GLU A 1169 8.13 6.74 9.34
CA GLU A 1169 8.78 7.44 10.46
C GLU A 1169 10.15 6.85 10.78
N LYS A 1170 10.24 5.52 10.80
CA LYS A 1170 11.49 4.87 11.13
C LYS A 1170 12.55 5.13 10.08
N VAL A 1171 12.17 5.10 8.81
CA VAL A 1171 13.16 5.31 7.76
C VAL A 1171 13.62 6.75 7.73
N GLY A 1172 12.74 7.69 8.07
CA GLY A 1172 13.19 9.06 8.23
C GLY A 1172 14.22 9.23 9.33
N ALA A 1173 13.99 8.57 10.47
CA ALA A 1173 14.96 8.64 11.56
C ALA A 1173 16.27 7.95 11.19
N MET A 1174 16.19 6.83 10.49
CA MET A 1174 17.40 6.11 10.07
C MET A 1174 18.21 6.91 9.09
N SER A 1175 17.53 7.61 8.18
CA SER A 1175 18.23 8.42 7.19
C SER A 1175 18.92 9.60 7.84
N GLU A 1176 18.25 10.27 8.77
CA GLU A 1176 18.88 11.39 9.47
C GLU A 1176 20.06 10.92 10.30
N LEU A 1177 19.91 9.77 10.99
CA LEU A 1177 20.99 9.25 11.80
C LEU A 1177 22.19 8.85 10.96
N LEU A 1178 21.96 8.20 9.82
CA LEU A 1178 23.10 7.75 9.04
C LEU A 1178 23.75 8.91 8.30
N GLU A 1179 22.99 9.95 7.96
CA GLU A 1179 23.59 11.16 7.43
C GLU A 1179 24.50 11.81 8.47
N ARG A 1180 24.05 11.84 9.73
CA ARG A 1180 24.90 12.36 10.80
C ARG A 1180 26.13 11.47 11.03
N GLU A 1181 25.98 10.16 10.85
CA GLU A 1181 27.10 9.26 11.06
C GLU A 1181 28.15 9.40 9.96
N GLN A 1182 27.69 9.48 8.70
CA GLN A 1182 28.62 9.67 7.59
C GLN A 1182 29.26 11.05 7.63
N GLU A 1183 28.54 12.06 8.10
CA GLU A 1183 29.16 13.35 8.34
C GLU A 1183 30.10 13.32 9.54
N MET A 1184 29.91 12.38 10.46
CA MET A 1184 30.77 12.28 11.62
C MET A 1184 32.05 11.51 11.34
N VAL A 1185 32.02 10.58 10.39
CA VAL A 1185 33.19 9.77 10.09
C VAL A 1185 33.59 9.95 8.63
N UNK A 1186 43.92 9.56 10.49
CA UNK A 1186 44.84 8.44 10.63
C UNK A 1186 46.28 8.86 10.31
N UNK A 1187 46.51 10.17 10.27
CA UNK A 1187 47.84 10.70 10.01
C UNK A 1187 48.68 10.71 11.29
N UNK A 1188 48.01 10.47 12.42
CA UNK A 1188 48.69 10.40 13.71
C UNK A 1188 49.56 9.16 13.79
N UNK A 1189 49.10 8.08 13.15
CA UNK A 1189 49.87 6.85 13.02
C UNK A 1189 51.11 7.10 12.18
N UNK A 1190 50.96 7.92 11.14
CA UNK A 1190 52.07 8.29 10.27
C UNK A 1190 53.08 9.15 11.04
N UNK A 1191 52.56 10.00 11.92
CA UNK A 1191 53.38 10.84 12.79
C UNK A 1191 54.21 10.00 13.76
N UNK A 1192 53.55 9.03 14.39
CA UNK A 1192 54.22 8.10 15.30
C UNK A 1192 55.21 7.21 14.56
N UNK A 1193 54.90 6.85 13.33
CA UNK A 1193 55.78 6.05 12.48
C UNK A 1193 57.06 6.81 12.14
N UNK A 1194 56.91 8.07 11.73
CA UNK A 1194 58.05 8.94 11.44
C UNK A 1194 58.86 9.19 12.70
N UNK A 1195 58.18 9.29 13.84
CA UNK A 1195 58.82 9.45 15.13
C UNK A 1195 59.64 8.21 15.50
N UNK A 1196 59.12 7.03 15.17
CA UNK A 1196 59.82 5.77 15.41
C UNK A 1196 61.05 5.65 14.53
N UNK A 1197 60.91 6.10 13.29
CA UNK A 1197 62.02 6.13 12.33
C UNK A 1197 63.13 7.08 12.80
N UNK A 1198 62.75 8.24 13.30
CA UNK A 1198 63.72 9.20 13.83
C UNK A 1198 64.37 8.71 15.13
N UNK A 1199 63.61 7.96 15.93
CA UNK A 1199 64.14 7.35 17.15
C UNK A 1199 65.18 6.29 16.80
N UNK A 1200 64.87 5.46 15.81
CA UNK A 1200 65.82 4.47 15.31
C UNK A 1200 67.02 5.13 14.64
N UNK A 1201 66.82 6.31 14.08
CA UNK A 1201 67.90 7.09 13.47
C UNK A 1201 68.85 7.68 14.52
N UNK A 1202 68.30 8.16 15.63
CA UNK A 1202 69.10 8.71 16.72
C UNK A 1202 69.75 7.57 17.51
N UNK A 1203 69.19 6.37 17.39
CA UNK A 1203 69.77 5.20 18.04
C UNK A 1203 70.88 4.60 17.18
N UNK A 1204 70.77 4.76 15.85
CA UNK A 1204 71.79 4.22 14.95
C UNK A 1204 72.75 5.28 14.46
N UNK A 1205 73.08 6.24 15.34
CA UNK A 1205 74.03 7.30 15.01
C UNK A 1205 74.70 7.82 16.28
N UNK A 1206 74.62 7.01 17.33
CA UNK A 1206 75.19 7.35 18.63
C UNK A 1206 75.66 6.08 19.32
N UNK A 1207 75.67 4.98 18.57
CA UNK A 1207 76.13 3.70 19.08
C UNK A 1207 77.65 3.60 19.07
N ASP A 1208 45.82 24.45 41.62
CA ASP A 1208 45.16 24.26 42.91
C ASP A 1208 43.88 25.07 42.96
N GLU A 1209 43.51 25.52 44.17
CA GLU A 1209 42.32 26.34 44.38
C GLU A 1209 42.69 27.49 45.30
N GLU A 1210 42.66 28.70 44.78
CA GLU A 1210 42.92 29.90 45.55
C GLU A 1210 41.66 30.76 45.58
N ALA A 1211 41.44 31.43 46.71
CA ALA A 1211 40.23 32.25 46.88
C ALA A 1211 40.58 33.73 46.84
N PRO A 1212 40.32 34.42 45.73
CA PRO A 1212 40.64 35.86 45.67
C PRO A 1212 39.61 36.69 46.42
N HIS A 1213 39.74 38.01 46.32
CA HIS A 1213 38.77 38.89 46.98
C HIS A 1213 37.45 38.91 46.23
N MET A 1214 37.50 39.10 44.90
CA MET A 1214 36.38 38.97 43.96
C MET A 1214 35.31 40.06 44.11
N PHE A 1215 35.43 40.93 45.10
CA PHE A 1215 34.67 42.16 45.22
C PHE A 1215 35.56 43.38 45.09
N ALA A 1216 36.77 43.26 45.63
CA ALA A 1216 37.87 44.12 45.21
C ALA A 1216 38.13 43.96 43.73
N ARG A 1217 38.11 42.71 43.25
CA ARG A 1217 38.24 42.45 41.82
C ARG A 1217 37.02 42.94 41.07
N GLN A 1218 35.84 42.86 41.68
CA GLN A 1218 34.64 43.38 41.08
C GLN A 1218 34.60 44.90 41.16
N LEU A 1219 33.62 45.48 40.46
CA LEU A 1219 33.27 46.89 40.67
C LEU A 1219 32.30 46.96 41.85
N GLN A 1220 32.84 46.63 43.02
CA GLN A 1220 32.05 46.42 44.24
C GLN A 1220 32.66 47.25 45.36
N TYR A 1221 32.26 48.52 45.40
CA TYR A 1221 32.48 49.45 46.50
C TYR A 1221 31.15 50.15 46.74
N PRO A 1222 30.86 50.63 48.00
CA PRO A 1222 29.45 50.78 48.42
C PRO A 1222 28.62 51.81 47.68
N ASP A 1223 28.21 51.44 46.46
CA ASP A 1223 27.04 51.99 45.76
C ASP A 1223 27.18 53.49 45.48
N SER A 1224 28.17 53.82 44.68
CA SER A 1224 28.25 55.14 44.07
C SER A 1224 27.71 55.07 42.65
N THR A 1225 27.53 56.24 42.03
CA THR A 1225 27.11 56.26 40.64
C THR A 1225 28.25 55.85 39.71
N VAL A 1226 29.48 56.00 40.16
CA VAL A 1226 30.64 55.53 39.39
C VAL A 1226 30.92 54.07 39.75
N ARG A 1227 31.62 53.39 38.86
CA ARG A 1227 32.09 52.03 39.10
C ARG A 1227 33.59 52.03 39.37
N ARG A 1228 34.08 50.91 39.87
CA ARG A 1228 35.50 50.76 40.14
C ARG A 1228 36.25 50.41 38.86
N PHE A 1229 37.58 50.32 38.97
CA PHE A 1229 38.17 49.63 37.84
C PHE A 1229 38.06 48.12 38.05
N PRO A 1230 37.76 47.35 37.00
CA PRO A 1230 37.75 45.90 37.17
C PRO A 1230 39.17 45.36 37.32
N VAL A 1231 39.51 45.07 38.56
CA VAL A 1231 40.84 44.57 38.88
C VAL A 1231 40.88 43.07 38.60
N PRO A 1232 41.85 42.59 37.83
CA PRO A 1232 41.94 41.15 37.60
C PRO A 1232 42.41 40.43 38.85
N GLU A 1233 42.24 39.11 38.83
CA GLU A 1233 42.64 38.28 39.97
C GLU A 1233 44.15 38.22 40.10
N GLU A 1234 44.87 38.38 38.98
CA GLU A 1234 46.32 38.53 39.03
C GLU A 1234 46.73 39.84 39.70
N LYS A 1235 45.85 40.84 39.70
CA LYS A 1235 46.14 42.13 40.30
C LYS A 1235 45.42 42.36 41.61
N VAL A 1236 44.68 41.36 42.09
CA VAL A 1236 44.25 41.37 43.48
C VAL A 1236 45.46 41.28 44.40
N SER A 1237 46.46 40.49 44.01
CA SER A 1237 47.70 40.39 44.78
C SER A 1237 48.50 41.68 44.72
N TRP A 1238 49.08 42.03 45.86
CA TRP A 1238 49.96 43.19 46.00
C TRP A 1238 51.29 43.03 45.28
N GLU A 1239 51.64 41.80 44.88
CA GLU A 1239 53.01 41.46 44.56
C GLU A 1239 53.47 42.10 43.24
N VAL A 1240 52.66 42.03 42.21
CA VAL A 1240 53.04 42.54 40.89
C VAL A 1240 52.18 43.76 40.61
N ASN A 1241 52.79 44.94 40.71
CA ASN A 1241 52.06 46.19 40.53
C ASN A 1241 51.74 46.43 39.06
N PHE A 1242 50.52 46.89 38.81
CA PHE A 1242 50.10 47.25 37.46
C PHE A 1242 50.25 48.75 37.24
N SER A 1243 50.18 49.14 35.96
CA SER A 1243 50.62 50.48 35.58
C SER A 1243 49.64 51.58 36.00
N PRO A 1244 48.32 51.61 35.54
CA PRO A 1244 47.54 52.84 35.77
C PRO A 1244 47.20 53.16 37.22
N TYR A 1245 46.48 52.26 37.91
CA TYR A 1245 45.99 52.43 39.28
C TYR A 1245 45.30 53.78 39.46
N GLN A 1246 44.16 53.91 38.81
CA GLN A 1246 43.35 55.14 38.89
C GLN A 1246 42.09 54.87 39.70
N PRO A 1247 42.10 55.10 41.01
CA PRO A 1247 40.88 55.00 41.77
C PRO A 1247 40.06 56.26 41.65
N PRO A 1248 38.74 56.15 41.66
CA PRO A 1248 37.92 57.30 42.06
C PRO A 1248 37.97 57.48 43.57
N VAL A 1249 39.11 57.96 44.08
CA VAL A 1249 39.40 57.93 45.50
C VAL A 1249 38.67 59.08 46.17
N TYR A 1250 37.47 58.80 46.67
CA TYR A 1250 36.64 59.81 47.30
C TYR A 1250 36.23 59.32 48.68
N ASN A 1251 35.53 60.18 49.40
CA ASN A 1251 34.99 59.87 50.72
C ASN A 1251 33.48 59.92 50.59
N GLN A 1252 32.86 58.75 50.46
CA GLN A 1252 31.41 58.64 50.34
C GLN A 1252 30.75 58.65 51.71
N LYS A 1265 47.30 56.01 52.40
CA LYS A 1265 47.53 55.80 53.83
C LYS A 1265 47.72 54.32 54.14
N HIS A 1266 47.16 53.45 53.30
CA HIS A 1266 47.26 52.01 53.52
C HIS A 1266 47.06 51.29 52.19
N ARG A 1267 47.65 50.09 52.10
CA ARG A 1267 47.38 49.15 51.03
C ARG A 1267 46.75 47.90 51.66
N ASN A 1268 45.60 47.50 51.15
CA ASN A 1268 44.77 46.50 51.82
C ASN A 1268 45.44 45.13 51.74
N PRO A 1269 45.77 44.51 52.87
CA PRO A 1269 46.41 43.18 52.84
C PRO A 1269 45.39 42.12 52.46
N GLY A 1270 45.68 41.40 51.38
CA GLY A 1270 44.79 40.39 50.86
C GLY A 1270 44.09 40.78 49.58
N GLY A 1271 44.20 42.04 49.17
CA GLY A 1271 43.55 42.47 47.94
C GLY A 1271 43.83 43.89 47.56
N ARG A 1272 44.12 44.12 46.28
CA ARG A 1272 44.20 45.46 45.72
C ARG A 1272 42.89 45.75 45.00
N THR A 1273 42.14 46.72 45.53
CA THR A 1273 40.79 46.95 45.07
C THR A 1273 40.74 47.83 43.83
N GLY A 1274 41.81 48.57 43.54
CA GLY A 1274 41.73 49.65 42.60
C GLY A 1274 40.95 50.86 43.10
N ILE A 1275 40.64 50.89 44.40
CA ILE A 1275 39.88 51.97 45.02
C ILE A 1275 40.62 52.40 46.26
N ARG A 1276 41.07 53.65 46.30
CA ARG A 1276 41.54 54.28 47.52
C ARG A 1276 40.40 55.10 48.12
N GLY A 1277 40.63 55.58 49.32
CA GLY A 1277 39.67 56.45 49.98
C GLY A 1277 38.91 55.74 51.07
N LYS A 1278 38.36 56.54 51.99
CA LYS A 1278 37.54 55.97 53.05
C LYS A 1278 36.23 55.44 52.50
N GLY A 1279 35.63 56.16 51.56
CA GLY A 1279 34.35 55.75 51.03
C GLY A 1279 33.24 56.02 52.03
N ALA A 1280 32.27 55.11 52.07
CA ALA A 1280 31.19 55.18 53.05
C ALA A 1280 31.55 54.51 54.35
N LEU A 1281 32.80 54.08 54.52
CA LEU A 1281 33.23 53.29 55.66
C LEU A 1281 33.51 54.20 56.85
N ASN A 1282 33.95 53.58 57.95
CA ASN A 1282 34.29 54.34 59.15
C ASN A 1282 35.60 55.10 58.96
N THR A 1283 36.69 54.37 58.76
CA THR A 1283 38.01 55.00 58.71
C THR A 1283 38.95 54.15 57.86
N LEU A 1284 40.10 54.74 57.57
CA LEU A 1284 41.16 54.04 56.86
C LEU A 1284 41.72 52.91 57.73
N GLY A 1285 42.36 51.95 57.07
CA GLY A 1285 42.77 50.74 57.73
C GLY A 1285 41.57 49.88 58.03
N PRO A 1286 41.66 49.05 59.06
CA PRO A 1286 40.54 48.19 59.42
C PRO A 1286 39.45 48.93 60.19
N ASN A 1287 38.21 48.54 59.93
CA ASN A 1287 37.05 48.99 60.69
C ASN A 1287 36.38 47.72 61.21
N HIS A 1288 36.38 47.54 62.52
CA HIS A 1288 36.11 46.21 63.07
C HIS A 1288 34.65 46.02 63.46
N ILE A 1289 34.25 44.75 63.48
CA ILE A 1289 32.90 44.35 63.86
C ILE A 1289 32.95 42.95 64.49
N LEU A 1290 32.31 42.80 65.64
CA LEU A 1290 32.25 41.52 66.34
C LEU A 1290 31.02 40.74 65.92
N HIS A 1291 31.19 39.44 65.74
CA HIS A 1291 30.11 38.54 65.33
C HIS A 1291 29.94 37.42 66.35
N PRO A 1292 28.99 37.54 67.28
CA PRO A 1292 28.72 36.45 68.23
C PRO A 1292 27.77 35.42 67.66
N ILE A 1293 28.24 34.17 67.61
CA ILE A 1293 27.39 33.01 67.36
C ILE A 1293 26.79 32.57 68.69
N PHE A 1294 25.47 32.43 68.74
CA PHE A 1294 24.77 32.07 69.98
C PHE A 1294 24.04 30.75 69.77
N THR A 1295 24.67 29.64 70.15
CA THR A 1295 24.10 28.33 69.92
C THR A 1295 23.66 27.66 71.21
N ARG A 1296 22.70 26.76 71.07
CA ARG A 1296 22.37 25.77 72.08
C ARG A 1296 22.15 24.45 71.35
N TRP A 1297 22.32 23.35 72.08
CA TRP A 1297 22.03 22.04 71.50
C TRP A 1297 20.52 21.86 71.47
N ARG A 1298 19.99 21.56 70.29
CA ARG A 1298 18.55 21.45 70.14
C ARG A 1298 18.06 20.09 70.68
N ASP A 1299 16.76 19.87 70.57
CA ASP A 1299 16.15 18.65 71.09
C ASP A 1299 16.55 17.43 70.28
N LYS A 1303 22.66 16.78 69.87
CA LYS A 1303 23.25 16.41 68.60
C LYS A 1303 23.00 17.48 67.56
N VAL A 1304 21.73 17.77 67.32
CA VAL A 1304 21.35 18.88 66.46
C VAL A 1304 21.27 20.12 67.33
N LEU A 1305 21.48 21.29 66.72
CA LEU A 1305 21.59 22.54 67.45
C LEU A 1305 20.60 23.57 66.92
N GLU A 1306 20.41 24.63 67.70
CA GLU A 1306 19.72 25.83 67.27
C GLU A 1306 20.63 27.04 67.48
N PHE A 1307 20.29 28.11 66.79
CA PHE A 1307 21.03 29.37 66.88
C PHE A 1307 20.08 30.52 66.63
N LEU A 1308 20.62 31.74 66.63
CA LEU A 1308 19.85 32.97 66.50
C LEU A 1308 20.00 33.53 65.09
N ALA A 1309 18.86 33.78 64.44
CA ALA A 1309 18.86 34.20 63.04
C ALA A 1309 17.87 35.34 62.83
N VAL A 1310 18.32 36.38 62.14
CA VAL A 1310 17.51 37.58 61.89
C VAL A 1310 17.24 37.69 60.39
N TRP A 1311 16.09 38.23 60.05
CA TRP A 1311 15.70 38.43 58.66
C TRP A 1311 15.17 39.84 58.44
N ARG A 1317 17.12 40.44 54.91
CA ARG A 1317 17.92 39.30 54.49
C ARG A 1317 18.41 38.48 55.69
N TRP A 1318 18.77 37.23 55.43
CA TRP A 1318 19.29 36.36 56.48
C TRP A 1318 20.73 36.75 56.81
N ALA A 1319 20.96 37.17 58.05
CA ALA A 1319 22.27 37.64 58.48
C ALA A 1319 22.52 37.13 59.90
N LEU A 1320 23.64 37.54 60.47
CA LEU A 1320 24.04 37.17 61.82
C LEU A 1320 24.03 38.42 62.69
N LEU A 1321 23.66 38.23 63.97
CA LEU A 1321 23.59 39.35 64.91
C LEU A 1321 25.01 39.82 65.26
N GLY A 1322 25.38 40.99 64.74
CA GLY A 1322 26.72 41.50 64.97
C GLY A 1322 26.71 42.88 65.58
N GLY A 1323 27.82 43.27 66.21
CA GLY A 1323 27.98 44.59 66.74
C GLY A 1323 29.22 45.27 66.20
N PRO A 1324 29.06 46.46 65.61
CA PRO A 1324 30.21 47.17 65.03
C PRO A 1324 31.16 47.66 66.13
N ALA A 1325 32.38 47.12 66.13
CA ALA A 1325 33.38 47.45 67.14
C ALA A 1325 33.97 48.85 66.92
N LEU A 1331 35.34 44.34 74.04
CA LEU A 1331 35.21 43.01 73.45
C LEU A 1331 33.85 42.41 73.80
N ALA A 1332 33.76 41.80 74.99
CA ALA A 1332 32.51 41.18 75.42
C ALA A 1332 31.46 42.21 75.84
N GLN A 1333 31.87 43.46 76.07
CA GLN A 1333 30.91 44.53 76.32
C GLN A 1333 30.04 44.77 75.10
N VAL A 1334 30.65 44.82 73.92
CA VAL A 1334 29.90 45.01 72.68
C VAL A 1334 29.05 43.78 72.37
N LEU A 1335 29.55 42.58 72.71
CA LEU A 1335 28.83 41.34 72.51
C LEU A 1335 27.57 41.29 73.38
N GLU A 1336 27.72 41.56 74.68
CA GLU A 1336 26.57 41.58 75.57
C GLU A 1336 25.64 42.77 75.29
N ARG A 1337 26.17 43.86 74.72
CA ARG A 1337 25.33 45.01 74.38
C ARG A 1337 24.47 44.74 73.14
N ILE A 1338 25.03 44.08 72.12
CA ILE A 1338 24.20 43.71 70.97
C ILE A 1338 23.26 42.56 71.34
N LEU A 1339 23.63 41.75 72.34
CA LEU A 1339 22.70 40.77 72.90
C LEU A 1339 21.54 41.44 73.61
N GLY A 1340 21.81 42.48 74.40
CA GLY A 1340 20.75 43.18 75.09
C GLY A 1340 19.92 44.11 74.21
N LYS A 1341 20.46 44.53 73.07
CA LYS A 1341 19.75 45.45 72.20
C LYS A 1341 18.93 44.71 71.13
N LYS A 1342 19.57 43.80 70.38
CA LYS A 1342 18.92 43.25 69.19
C LYS A 1342 17.95 42.13 69.53
N LEU A 1343 18.25 41.31 70.54
CA LEU A 1343 17.52 40.07 70.75
C LEU A 1343 16.21 40.27 71.51
N ASN A 1344 16.28 40.76 72.75
CA ASN A 1344 15.12 40.88 73.63
C ASN A 1344 14.89 42.33 74.06
N GLU A 1345 15.01 43.25 73.09
CA GLU A 1345 14.84 44.70 73.27
C GLU A 1345 15.73 45.29 74.36
N GLY A 1354 32.83 30.38 73.70
CA GLY A 1354 33.87 31.39 73.73
C GLY A 1354 34.90 31.18 72.64
N GLU A 1355 34.61 30.23 71.75
CA GLU A 1355 35.53 29.88 70.68
C GLU A 1355 35.42 30.90 69.56
N GLU A 1356 36.54 31.51 69.18
CA GLU A 1356 36.57 32.30 67.97
C GLU A 1356 36.49 31.39 66.75
N VAL A 1357 35.52 31.67 65.88
CA VAL A 1357 35.62 31.14 64.53
C VAL A 1357 36.78 31.79 63.80
N TYR A 1358 36.86 33.12 63.86
CA TYR A 1358 37.87 33.84 63.09
C TYR A 1358 38.01 35.26 63.64
N LYS A 1359 39.21 35.83 63.48
CA LYS A 1359 39.43 37.25 63.65
C LYS A 1359 40.30 37.73 62.51
N GLY A 1360 39.91 38.83 61.87
CA GLY A 1360 40.71 39.42 60.81
C GLY A 1360 39.91 39.91 59.63
N TYR A 1361 40.55 39.94 58.47
CA TYR A 1361 39.99 40.56 57.28
C TYR A 1361 38.81 39.78 56.74
N VAL A 1362 37.80 40.50 56.28
CA VAL A 1362 36.60 39.89 55.72
C VAL A 1362 36.47 40.32 54.27
N ASP A 1363 36.07 39.38 53.42
CA ASP A 1363 35.66 39.72 52.06
C ASP A 1363 34.40 40.57 52.12
N ASP A 1364 34.38 41.68 51.39
CA ASP A 1364 33.21 42.53 51.38
C ASP A 1364 33.23 43.34 50.10
N SER A 1365 32.03 43.72 49.66
CA SER A 1365 31.84 44.70 48.59
C SER A 1365 31.96 46.14 49.09
N ARG A 1366 32.57 46.34 50.25
CA ARG A 1366 32.86 47.68 50.75
C ARG A 1366 34.35 48.00 50.81
N ASN A 1367 35.21 46.99 50.75
CA ASN A 1367 36.62 47.16 51.09
C ASN A 1367 37.36 47.97 50.02
N THR A 1368 38.13 48.95 50.47
CA THR A 1368 39.00 49.73 49.60
C THR A 1368 40.45 49.40 49.94
N ASP A 1369 41.38 50.04 49.22
CA ASP A 1369 42.81 49.76 49.40
C ASP A 1369 43.31 50.29 50.72
N ASN A 1370 42.81 51.45 51.15
CA ASN A 1370 43.25 52.01 52.42
C ASN A 1370 42.21 51.89 53.53
N ALA A 1371 40.94 51.72 53.20
CA ALA A 1371 39.90 51.55 54.22
C ALA A 1371 39.16 50.26 53.93
N TRP A 1372 39.22 49.31 54.86
CA TRP A 1372 38.53 48.04 54.72
C TRP A 1372 37.88 47.71 56.04
N VAL A 1373 36.97 46.74 56.03
CA VAL A 1373 36.32 46.29 57.25
C VAL A 1373 36.88 44.92 57.62
N GLU A 1374 36.94 44.66 58.92
CA GLU A 1374 37.43 43.40 59.46
C GLU A 1374 36.48 42.94 60.56
N THR A 1375 36.35 41.62 60.69
CA THR A 1375 35.40 41.07 61.64
C THR A 1375 36.09 40.09 62.58
N SER A 1376 35.43 39.88 63.72
CA SER A 1376 35.90 38.99 64.78
C SER A 1376 34.70 38.14 65.18
N ILE A 1377 34.55 36.99 64.54
CA ILE A 1377 33.47 36.07 64.85
C ILE A 1377 33.93 35.08 65.93
N ILE A 1378 33.16 35.04 67.02
CA ILE A 1378 33.40 34.21 68.19
C ILE A 1378 32.08 33.52 68.55
N THR A 1379 32.17 32.29 69.05
CA THR A 1379 31.01 31.43 69.26
C THR A 1379 30.83 31.10 70.73
N LEU A 1380 29.65 31.40 71.27
CA LEU A 1380 29.21 30.95 72.57
C LEU A 1380 28.15 29.86 72.36
N HIS A 1381 28.31 28.75 73.09
CA HIS A 1381 27.36 27.65 73.08
C HIS A 1381 26.78 27.48 74.47
N CYS A 1382 25.47 27.25 74.55
CA CYS A 1382 24.78 27.23 75.84
C CYS A 1382 25.02 25.95 76.63
N ASP A 1383 25.60 24.93 76.01
CA ASP A 1383 25.97 23.66 76.65
C ASP A 1383 24.76 22.96 77.26
N LYS A 1384 23.65 22.96 76.53
CA LYS A 1384 22.41 22.38 77.03
C LYS A 1384 21.62 21.79 75.86
N ASN A 1385 21.23 20.53 76.01
CA ASN A 1385 20.33 19.91 75.04
C ASN A 1385 18.93 20.51 75.16
N THR A 1386 18.22 20.52 74.03
CA THR A 1386 16.89 21.13 73.85
C THR A 1386 16.84 22.59 74.28
N MET A 1389 21.72 27.61 81.25
CA MET A 1389 21.36 28.15 79.95
C MET A 1389 20.30 29.23 80.10
N ALA A 1390 20.44 30.05 81.14
CA ALA A 1390 19.50 31.12 81.43
C ALA A 1390 19.76 32.38 80.62
N ASP A 1391 20.83 32.43 79.83
CA ASP A 1391 21.13 33.65 79.07
C ASP A 1391 20.44 33.64 77.71
N LEU A 1392 20.15 32.46 77.16
CA LEU A 1392 19.42 32.36 75.91
C LEU A 1392 18.03 31.75 76.09
N ASN A 1393 17.65 31.40 77.31
CA ASN A 1393 16.27 31.02 77.57
C ASN A 1393 15.45 32.20 78.06
N HIS A 1394 16.04 33.08 78.88
CA HIS A 1394 15.34 34.25 79.40
C HIS A 1394 15.27 35.39 78.40
N MET A 1395 15.98 35.30 77.28
CA MET A 1395 15.92 36.32 76.25
C MET A 1395 14.78 36.00 75.29
N VAL A 1396 13.88 36.95 75.12
CA VAL A 1396 12.72 36.78 74.23
C VAL A 1396 13.18 37.08 72.81
N GLU A 1397 13.27 36.04 71.97
CA GLU A 1397 13.69 36.20 70.58
C GLU A 1397 12.61 36.89 69.75
N LEU A 1406 15.30 38.51 65.23
CA LEU A 1406 15.87 37.18 65.20
C LEU A 1406 14.92 36.12 65.72
N GLN A 1407 15.41 34.89 65.80
CA GLN A 1407 14.64 33.73 66.22
C GLN A 1407 15.61 32.60 66.50
N TRP A 1408 15.09 31.52 67.07
CA TRP A 1408 15.81 30.26 67.08
C TRP A 1408 15.67 29.56 65.74
N ARG A 1409 16.71 28.81 65.37
CA ARG A 1409 16.78 28.22 64.05
C ARG A 1409 17.62 26.96 64.13
N GLU A 1410 17.09 25.85 63.62
CA GLU A 1410 17.85 24.61 63.58
C GLU A 1410 19.00 24.72 62.58
N VAL A 1411 20.01 23.88 62.78
CA VAL A 1411 21.21 23.89 61.97
C VAL A 1411 21.15 22.76 60.95
N SER A 1412 21.39 23.09 59.69
CA SER A 1412 21.50 22.09 58.64
C SER A 1412 22.51 22.46 57.58
N SER A 1413 23.20 23.60 57.72
CA SER A 1413 23.96 24.26 56.65
C SER A 1413 23.08 24.47 55.41
N ASP A 1414 21.82 24.85 55.64
CA ASP A 1414 20.83 24.99 54.59
C ASP A 1414 20.68 26.44 54.14
N ALA A 1415 20.52 27.37 55.08
CA ALA A 1415 20.35 28.79 54.79
C ALA A 1415 21.38 29.57 55.59
N CYS A 1416 22.58 29.71 55.03
CA CYS A 1416 23.68 30.36 55.73
C CYS A 1416 23.73 31.85 55.40
N ARG A 1417 24.20 32.63 56.37
CA ARG A 1417 24.43 34.05 56.16
C ARG A 1417 25.72 34.29 55.38
N CYS A 1418 26.78 33.57 55.75
CA CYS A 1418 28.04 33.60 55.05
C CYS A 1418 28.69 32.23 55.19
N SER A 1419 29.94 32.11 54.76
CA SER A 1419 30.69 30.87 54.95
C SER A 1419 31.06 30.66 56.41
N TYR A 1420 31.10 31.75 57.19
CA TYR A 1420 31.31 31.63 58.63
C TYR A 1420 30.13 30.93 59.30
N GLN A 1421 28.92 31.10 58.76
CA GLN A 1421 27.76 30.37 59.27
C GLN A 1421 27.91 28.87 59.00
N ARG A 1422 28.46 28.49 57.84
CA ARG A 1422 28.71 27.09 57.57
C ARG A 1422 29.85 26.54 58.41
N GLU A 1423 30.83 27.40 58.74
CA GLU A 1423 31.91 26.99 59.63
C GLU A 1423 31.40 26.75 61.05
N ALA A 1424 30.49 27.61 61.52
CA ALA A 1424 29.85 27.38 62.81
C ALA A 1424 28.93 26.17 62.78
N LEU A 1425 28.30 25.92 61.62
CA LEU A 1425 27.47 24.73 61.46
C LEU A 1425 28.29 23.45 61.55
N ARG A 1426 29.48 23.45 60.95
CA ARG A 1426 30.36 22.30 61.08
C ARG A 1426 31.04 22.23 62.44
N GLN A 1427 31.18 23.37 63.12
CA GLN A 1427 31.83 23.39 64.42
C GLN A 1427 30.92 22.86 65.53
N ILE A 1428 29.66 23.28 65.54
CA ILE A 1428 28.74 22.85 66.59
C ILE A 1428 28.31 21.41 66.39
N ALA A 1429 28.31 20.93 65.16
CA ALA A 1429 27.94 19.55 64.86
C ALA A 1429 29.19 18.68 64.67
N LEU B 41 10.91 -50.72 -18.30
CA LEU B 41 10.51 -50.39 -16.95
C LEU B 41 11.21 -51.29 -15.95
N ALA B 42 10.42 -51.83 -15.01
CA ALA B 42 10.96 -52.76 -14.04
C ALA B 42 11.38 -54.06 -14.70
N SER B 43 10.73 -54.43 -15.79
CA SER B 43 11.23 -55.52 -16.61
C SER B 43 12.58 -55.17 -17.20
N TRP B 44 12.76 -53.93 -17.62
CA TRP B 44 14.06 -53.50 -18.12
C TRP B 44 15.08 -53.37 -17.00
N ILE B 45 14.61 -53.05 -15.79
CA ILE B 45 15.44 -53.11 -14.60
C ILE B 45 15.96 -54.52 -14.38
N LYS B 46 15.09 -55.51 -14.47
CA LYS B 46 15.55 -56.90 -14.35
C LYS B 46 16.33 -57.34 -15.59
N GLU B 47 16.16 -56.64 -16.71
CA GLU B 47 16.84 -57.02 -17.94
C GLU B 47 18.31 -56.64 -17.90
N ASN B 48 18.60 -55.34 -17.84
CA ASN B 48 19.97 -54.92 -18.08
C ASN B 48 20.79 -54.66 -16.83
N ILE B 49 20.17 -54.58 -15.66
CA ILE B 49 20.97 -54.31 -14.46
C ILE B 49 21.65 -55.57 -13.98
N LYS B 50 20.85 -56.58 -13.65
CA LYS B 50 21.28 -57.84 -13.01
C LYS B 50 22.05 -57.59 -11.72
N THR B 116 10.62 -36.55 -1.08
CA THR B 116 10.67 -37.95 -1.49
C THR B 116 11.53 -38.16 -2.73
N GLY B 117 12.14 -39.35 -2.83
CA GLY B 117 13.07 -39.61 -3.91
C GLY B 117 13.17 -41.07 -4.31
N LYS B 118 14.15 -41.40 -5.15
CA LYS B 118 14.26 -42.72 -5.74
C LYS B 118 15.56 -43.39 -5.38
N TYR B 119 15.50 -44.72 -5.31
CA TYR B 119 16.66 -45.57 -5.03
C TYR B 119 16.71 -46.67 -6.07
N VAL B 120 17.92 -46.99 -6.52
CA VAL B 120 18.14 -48.08 -7.45
C VAL B 120 19.36 -48.86 -6.99
N ARG B 121 19.18 -50.16 -6.78
CA ARG B 121 20.32 -51.04 -6.62
C ARG B 121 20.92 -51.32 -7.97
N VAL B 122 22.25 -51.27 -8.05
CA VAL B 122 22.98 -51.62 -9.27
C VAL B 122 24.15 -52.51 -8.87
N SER B 123 24.67 -53.24 -9.84
CA SER B 123 25.77 -54.12 -9.56
C SER B 123 27.07 -53.34 -9.51
N SER B 124 28.15 -54.06 -9.16
CA SER B 124 29.45 -53.44 -9.00
C SER B 124 30.12 -53.08 -10.32
N ASP B 125 29.68 -53.67 -11.43
CA ASP B 125 30.31 -53.36 -12.72
C ASP B 125 29.24 -53.51 -13.79
N THR B 126 28.59 -52.40 -14.12
CA THR B 126 27.51 -52.38 -15.09
C THR B 126 27.91 -51.53 -16.30
N SER B 127 27.04 -51.51 -17.30
CA SER B 127 27.21 -50.56 -18.38
C SER B 127 26.89 -49.16 -17.89
N CYS B 128 27.75 -48.21 -18.21
CA CYS B 128 27.55 -46.85 -17.77
C CYS B 128 26.65 -46.08 -18.71
N GLU B 129 26.61 -46.49 -19.98
CA GLU B 129 25.60 -45.96 -20.89
C GLU B 129 24.22 -46.38 -20.46
N ASN B 130 24.10 -47.59 -19.89
CA ASN B 130 22.87 -48.02 -19.25
C ASN B 130 22.49 -47.08 -18.11
N LEU B 131 23.48 -46.67 -17.31
CA LEU B 131 23.23 -45.76 -16.21
C LEU B 131 22.75 -44.42 -16.72
N TYR B 132 23.36 -43.94 -17.81
CA TYR B 132 22.95 -42.67 -18.38
C TYR B 132 21.53 -42.76 -18.95
N GLN B 133 21.21 -43.87 -19.60
CA GLN B 133 19.87 -44.05 -20.16
C GLN B 133 18.84 -44.16 -19.05
N LEU B 134 19.21 -44.79 -17.93
CA LEU B 134 18.32 -44.86 -16.79
C LEU B 134 18.10 -43.47 -16.19
N MET B 135 19.16 -42.68 -16.12
CA MET B 135 19.07 -41.40 -15.46
C MET B 135 18.31 -40.39 -16.30
N THR B 136 18.72 -40.19 -17.55
CA THR B 136 18.15 -39.08 -18.30
C THR B 136 16.85 -39.43 -18.97
N GLU B 137 16.53 -40.71 -19.15
CA GLU B 137 15.34 -41.08 -19.86
C GLU B 137 14.37 -41.85 -18.99
N GLN B 138 14.84 -42.90 -18.33
CA GLN B 138 13.95 -43.72 -17.52
C GLN B 138 13.54 -42.98 -16.26
N TRP B 139 14.45 -42.23 -15.65
CA TRP B 139 14.10 -41.44 -14.49
C TRP B 139 13.35 -40.17 -14.83
N LYS B 140 13.34 -39.78 -16.11
CA LYS B 140 12.80 -38.51 -16.60
C LYS B 140 13.44 -37.33 -15.85
N LEU B 141 14.75 -37.24 -15.99
CA LEU B 141 15.51 -36.11 -15.46
C LEU B 141 16.27 -35.45 -16.60
N ARG B 142 16.27 -34.12 -16.61
CA ARG B 142 16.83 -33.36 -17.73
C ARG B 142 18.34 -33.47 -17.77
N SER B 143 18.91 -33.13 -18.93
CA SER B 143 20.35 -33.28 -19.13
C SER B 143 21.10 -32.25 -18.30
N PRO B 144 22.17 -32.64 -17.62
CA PRO B 144 22.89 -31.70 -16.76
C PRO B 144 23.74 -30.76 -17.60
N ASN B 145 23.69 -29.48 -17.25
CA ASN B 145 24.59 -28.53 -17.90
C ASN B 145 25.97 -28.56 -17.27
N LEU B 146 26.04 -28.70 -15.96
CA LEU B 146 27.32 -28.87 -15.30
C LEU B 146 27.21 -30.00 -14.31
N LEU B 147 28.34 -30.41 -13.79
CA LEU B 147 28.38 -31.45 -12.78
C LEU B 147 29.47 -31.12 -11.79
N ILE B 148 29.11 -31.05 -10.53
CA ILE B 148 30.08 -30.82 -9.47
C ILE B 148 30.13 -32.09 -8.63
N SER B 149 31.34 -32.52 -8.33
CA SER B 149 31.56 -33.79 -7.65
C SER B 149 32.24 -33.52 -6.34
N VAL B 150 31.49 -33.65 -5.25
CA VAL B 150 32.04 -33.34 -3.93
C VAL B 150 32.97 -34.47 -3.51
N THR B 151 34.24 -34.14 -3.29
CA THR B 151 35.19 -35.13 -2.80
C THR B 151 34.90 -35.47 -1.34
N GLY B 152 35.03 -34.47 -0.46
CA GLY B 152 34.55 -34.59 0.89
C GLY B 152 35.35 -35.51 1.79
N GLY B 153 34.90 -35.58 3.04
CA GLY B 153 35.48 -36.48 4.01
C GLY B 153 34.41 -37.25 4.73
N ALA B 154 34.76 -38.48 5.12
CA ALA B 154 33.77 -39.40 5.68
C ALA B 154 33.37 -38.99 7.09
N LYS B 155 34.30 -38.47 7.87
CA LYS B 155 34.03 -38.13 9.26
C LYS B 155 33.17 -36.88 9.34
N ASN B 156 32.33 -36.84 10.36
CA ASN B 156 31.63 -35.61 10.68
C ASN B 156 32.61 -34.62 11.29
N PHE B 157 32.35 -33.34 11.09
CA PHE B 157 33.25 -32.28 11.53
C PHE B 157 32.49 -30.97 11.54
N TYR B 158 33.00 -30.03 12.32
CA TYR B 158 32.32 -28.76 12.57
C TYR B 158 32.89 -27.68 11.67
N ILE B 159 32.01 -26.94 11.02
CA ILE B 159 32.40 -25.81 10.20
C ILE B 159 32.16 -24.54 10.99
N LYS B 160 32.77 -23.45 10.53
CA LYS B 160 32.50 -22.14 11.10
C LYS B 160 31.17 -21.62 10.59
N THR B 161 30.74 -20.49 11.15
CA THR B 161 29.43 -19.95 10.79
C THR B 161 29.46 -19.30 9.42
N HIS B 162 30.31 -18.29 9.24
CA HIS B 162 30.24 -17.46 8.05
C HIS B 162 30.73 -18.20 6.82
N LEU B 163 31.63 -19.18 6.98
CA LEU B 163 32.07 -19.96 5.84
C LEU B 163 30.96 -20.88 5.36
N LYS B 164 30.38 -21.65 6.29
CA LYS B 164 29.40 -22.66 5.90
C LYS B 164 28.10 -22.04 5.45
N ASP B 165 27.73 -20.88 5.99
CA ASP B 165 26.48 -20.25 5.60
C ASP B 165 26.53 -19.77 4.16
N LYS B 166 27.57 -19.02 3.82
CA LYS B 166 27.77 -18.58 2.45
C LYS B 166 28.00 -19.77 1.52
N PHE B 167 28.63 -20.83 2.03
CA PHE B 167 28.82 -22.05 1.26
C PHE B 167 27.50 -22.67 0.85
N ARG B 168 26.61 -22.85 1.84
CA ARG B 168 25.31 -23.43 1.57
C ARG B 168 24.51 -22.57 0.61
N ARG B 169 24.54 -21.24 0.81
CA ARG B 169 23.80 -20.34 -0.06
C ARG B 169 24.30 -20.41 -1.49
N GLY B 170 25.62 -20.40 -1.67
CA GLY B 170 26.17 -20.44 -3.02
C GLY B 170 25.99 -21.78 -3.71
N LEU B 171 26.02 -22.86 -2.94
CA LEU B 171 25.85 -24.17 -3.56
C LEU B 171 24.42 -24.38 -4.00
N ILE B 172 23.46 -23.94 -3.19
CA ILE B 172 22.06 -23.94 -3.62
C ILE B 172 21.88 -23.05 -4.85
N LYS B 173 22.61 -21.94 -4.89
CA LYS B 173 22.52 -21.01 -6.03
C LYS B 173 22.97 -21.66 -7.32
N VAL B 174 24.16 -22.27 -7.33
CA VAL B 174 24.63 -22.86 -8.57
C VAL B 174 23.93 -24.15 -8.89
N ALA B 175 23.33 -24.81 -7.90
CA ALA B 175 22.52 -25.98 -8.21
C ALA B 175 21.26 -25.54 -8.94
N GLN B 176 20.67 -24.44 -8.52
CA GLN B 176 19.40 -24.04 -9.10
C GLN B 176 19.59 -23.36 -10.44
N THR B 177 20.56 -22.45 -10.53
CA THR B 177 20.55 -21.50 -11.64
C THR B 177 20.99 -22.10 -12.95
N THR B 178 21.66 -23.24 -12.93
CA THR B 178 22.06 -23.88 -14.17
C THR B 178 21.54 -25.29 -14.28
N GLY B 179 20.94 -25.83 -13.23
CA GLY B 179 20.53 -27.21 -13.24
C GLY B 179 21.71 -28.15 -13.30
N ALA B 180 22.79 -27.83 -12.60
CA ALA B 180 23.90 -28.74 -12.55
C ALA B 180 23.57 -29.94 -11.68
N TRP B 181 24.37 -30.98 -11.79
CA TRP B 181 24.14 -32.14 -10.94
C TRP B 181 25.16 -32.16 -9.82
N ILE B 182 24.78 -32.81 -8.73
CA ILE B 182 25.58 -32.81 -7.51
C ILE B 182 25.90 -34.26 -7.19
N LEU B 183 27.14 -34.66 -7.45
CA LEU B 183 27.57 -36.03 -7.23
C LEU B 183 28.18 -36.15 -5.84
N THR B 184 27.69 -37.10 -5.07
CA THR B 184 27.94 -37.14 -3.64
C THR B 184 28.17 -38.59 -3.23
N GLY B 185 28.96 -38.79 -2.17
CA GLY B 185 28.85 -40.03 -1.44
C GLY B 185 27.45 -40.23 -0.89
N GLY B 186 26.99 -41.47 -0.91
CA GLY B 186 25.61 -41.72 -0.56
C GLY B 186 25.30 -41.84 0.92
N THR B 187 26.33 -41.77 1.77
CA THR B 187 26.14 -41.97 3.19
C THR B 187 25.41 -40.79 3.81
N HIS B 188 25.00 -40.97 5.06
CA HIS B 188 24.57 -39.82 5.83
C HIS B 188 25.74 -39.11 6.49
N ALA B 189 26.81 -39.83 6.79
CA ALA B 189 27.92 -39.24 7.52
C ALA B 189 28.81 -38.42 6.58
N GLY B 190 29.47 -37.43 7.16
CA GLY B 190 30.39 -36.59 6.44
C GLY B 190 29.76 -35.29 5.97
N VAL B 191 30.41 -34.69 4.97
CA VAL B 191 29.92 -33.45 4.37
C VAL B 191 28.65 -33.67 3.57
N MET B 192 28.33 -34.93 3.30
CA MET B 192 26.98 -35.37 2.98
C MET B 192 25.94 -34.71 3.88
N LYS B 193 26.20 -34.71 5.18
CA LYS B 193 25.27 -34.09 6.12
C LYS B 193 25.21 -32.59 5.94
N HIS B 194 26.33 -31.96 5.60
CA HIS B 194 26.35 -30.52 5.34
C HIS B 194 25.49 -30.15 4.16
N VAL B 195 25.69 -30.86 3.04
CA VAL B 195 24.95 -30.51 1.83
C VAL B 195 23.49 -30.92 1.96
N GLY B 196 23.21 -31.94 2.77
CA GLY B 196 21.83 -32.28 3.04
C GLY B 196 21.15 -31.23 3.89
N MET B 197 21.88 -30.68 4.87
CA MET B 197 21.38 -29.55 5.65
C MET B 197 21.11 -28.35 4.74
N ALA B 198 21.96 -28.16 3.74
CA ALA B 198 21.77 -27.05 2.81
C ALA B 198 20.52 -27.22 1.96
N VAL B 199 20.34 -28.41 1.39
CA VAL B 199 19.24 -28.61 0.48
C VAL B 199 17.92 -28.68 1.25
N ARG B 200 17.96 -29.04 2.54
CA ARG B 200 16.77 -28.79 3.35
C ARG B 200 16.60 -27.30 3.59
N ASP B 201 17.70 -26.59 3.85
CA ASP B 201 17.65 -25.21 4.29
C ASP B 201 17.13 -24.26 3.21
N TYR B 202 17.22 -24.65 1.93
CA TYR B 202 16.44 -23.93 0.97
C TYR B 202 15.01 -24.47 0.86
N THR B 203 14.88 -25.72 0.45
CA THR B 203 13.56 -26.28 0.18
C THR B 203 12.92 -26.78 1.47
N GLN B 212 13.51 -27.61 -9.28
CA GLN B 212 14.02 -28.97 -9.23
C GLN B 212 15.54 -28.97 -9.26
N ILE B 213 16.16 -29.73 -8.35
CA ILE B 213 17.60 -29.78 -8.21
C ILE B 213 18.02 -31.23 -7.95
N VAL B 214 19.23 -31.56 -8.39
CA VAL B 214 19.62 -32.95 -8.60
C VAL B 214 20.77 -33.28 -7.67
N VAL B 215 20.49 -34.11 -6.68
CA VAL B 215 21.52 -34.64 -5.80
C VAL B 215 21.53 -36.16 -5.93
N ILE B 216 22.61 -36.67 -6.50
CA ILE B 216 22.82 -38.10 -6.65
C ILE B 216 23.85 -38.55 -5.63
N GLY B 217 23.50 -39.59 -4.88
CA GLY B 217 24.40 -40.19 -3.91
C GLY B 217 24.83 -41.57 -4.38
N VAL B 218 26.07 -41.91 -4.07
CA VAL B 218 26.65 -43.19 -4.44
C VAL B 218 27.01 -43.92 -3.16
N ASP B 255 20.82 -41.90 4.46
CA ASP B 255 20.71 -40.45 4.41
C ASP B 255 19.29 -40.03 4.06
N ILE B 256 18.89 -38.83 4.51
CA ILE B 256 17.58 -38.31 4.15
C ILE B 256 17.66 -37.49 2.87
N ASN B 257 18.42 -36.42 2.89
CA ASN B 257 18.10 -35.28 2.05
C ASN B 257 18.60 -35.39 0.63
N HIS B 258 19.12 -36.53 0.21
CA HIS B 258 19.35 -36.65 -1.22
C HIS B 258 18.03 -36.92 -1.94
N THR B 259 18.08 -36.94 -3.27
CA THR B 259 16.94 -37.29 -4.09
C THR B 259 17.17 -38.48 -4.99
N HIS B 260 18.41 -38.87 -5.23
CA HIS B 260 18.62 -40.04 -6.07
C HIS B 260 19.72 -40.90 -5.49
N PHE B 261 19.49 -42.20 -5.48
CA PHE B 261 20.37 -43.14 -4.81
C PHE B 261 20.85 -44.21 -5.77
N LEU B 262 22.16 -44.36 -5.85
CA LEU B 262 22.79 -45.44 -6.60
C LEU B 262 23.50 -46.34 -5.61
N LEU B 263 22.92 -47.51 -5.35
CA LEU B 263 23.54 -48.45 -4.42
C LEU B 263 24.38 -49.40 -5.25
N VAL B 264 25.69 -49.16 -5.25
CA VAL B 264 26.61 -50.10 -5.89
C VAL B 264 26.73 -51.33 -5.00
N ASP B 265 26.29 -52.47 -5.50
CA ASP B 265 26.17 -53.68 -4.71
C ASP B 265 27.19 -54.67 -5.22
N ASP B 266 28.05 -55.15 -4.33
CA ASP B 266 28.91 -56.27 -4.64
C ASP B 266 28.59 -57.48 -3.77
N GLY B 267 27.88 -57.29 -2.67
CA GLY B 267 27.57 -58.37 -1.76
C GLY B 267 28.61 -58.61 -0.69
N THR B 268 29.64 -57.77 -0.60
CA THR B 268 30.72 -58.02 0.34
C THR B 268 30.30 -57.71 1.76
N GLN B 269 29.72 -56.52 1.96
CA GLN B 269 29.30 -56.00 3.28
C GLN B 269 30.48 -55.97 4.26
N GLY B 270 31.69 -55.74 3.76
CA GLY B 270 32.83 -55.67 4.64
C GLY B 270 33.77 -54.53 4.32
N HIS B 271 33.60 -53.91 3.15
CA HIS B 271 34.54 -52.92 2.67
C HIS B 271 33.83 -51.59 2.44
N TYR B 272 34.63 -50.54 2.33
CA TYR B 272 34.15 -49.21 2.00
C TYR B 272 34.62 -48.71 0.65
N GLY B 273 35.84 -49.07 0.24
CA GLY B 273 36.42 -48.55 -0.98
C GLY B 273 35.96 -49.24 -2.25
N VAL B 274 34.66 -49.23 -2.52
CA VAL B 274 34.13 -49.86 -3.72
C VAL B 274 33.41 -48.83 -4.56
N GLU B 275 32.86 -47.80 -3.93
CA GLU B 275 32.01 -46.85 -4.60
C GLU B 275 32.77 -45.82 -5.42
N ILE B 276 34.09 -45.87 -5.45
CA ILE B 276 34.87 -44.74 -5.94
C ILE B 276 35.31 -44.92 -7.40
N GLU B 277 35.68 -46.12 -7.82
CA GLU B 277 36.24 -46.27 -9.15
C GLU B 277 35.16 -46.17 -10.22
N LEU B 278 34.00 -46.76 -9.97
CA LEU B 278 32.89 -46.61 -10.89
C LEU B 278 32.38 -45.19 -10.89
N ARG B 279 32.49 -44.49 -9.76
CA ARG B 279 32.20 -43.06 -9.72
C ARG B 279 33.14 -42.29 -10.63
N ALA B 280 34.42 -42.67 -10.63
CA ALA B 280 35.40 -42.04 -11.50
C ALA B 280 35.12 -42.34 -12.97
N ARG B 281 34.72 -43.59 -13.28
CA ARG B 281 34.43 -43.97 -14.65
C ARG B 281 33.18 -43.27 -15.16
N LEU B 282 32.15 -43.16 -14.31
CA LEU B 282 30.98 -42.36 -14.62
C LEU B 282 31.34 -40.92 -14.87
N GLU B 283 32.25 -40.38 -14.06
CA GLU B 283 32.68 -38.99 -14.20
C GLU B 283 33.37 -38.76 -15.54
N LYS B 284 34.31 -39.63 -15.89
CA LYS B 284 35.05 -39.44 -17.14
C LYS B 284 34.17 -39.71 -18.35
N LEU B 285 33.17 -40.58 -18.21
CA LEU B 285 32.28 -40.84 -19.33
C LEU B 285 31.32 -39.70 -19.56
N ILE B 286 30.74 -39.16 -18.49
CA ILE B 286 29.86 -38.01 -18.66
C ILE B 286 30.66 -36.76 -18.99
N SER B 287 31.96 -36.78 -18.72
CA SER B 287 32.85 -35.76 -19.27
C SER B 287 32.94 -35.88 -20.78
N LYS B 288 33.14 -37.10 -21.28
CA LYS B 288 33.22 -37.28 -22.73
C LYS B 288 31.88 -37.08 -23.40
N LEU B 289 30.78 -37.29 -22.66
CA LEU B 289 29.47 -36.90 -23.16
C LEU B 289 29.43 -35.40 -23.24
N SER B 290 29.40 -34.86 -24.46
CA SER B 290 29.53 -33.43 -24.68
C SER B 290 28.17 -32.78 -24.78
N LEU B 291 28.17 -31.46 -24.86
CA LEU B 291 26.93 -30.72 -25.10
C LEU B 291 26.54 -30.97 -26.55
N GLY B 292 25.66 -31.95 -26.74
CA GLY B 292 25.37 -32.50 -28.06
C GLY B 292 24.36 -31.75 -28.87
N ASN B 293 23.62 -30.82 -28.27
CA ASN B 293 22.66 -30.02 -29.02
C ASN B 293 23.39 -29.10 -29.99
N ARG B 294 24.26 -28.24 -29.47
CA ARG B 294 25.14 -27.45 -30.32
C ARG B 294 26.27 -28.36 -30.79
N GLU B 295 26.22 -28.76 -32.06
CA GLU B 295 27.21 -29.68 -32.61
C GLU B 295 28.51 -28.92 -32.84
N SER B 296 29.31 -28.83 -31.78
CA SER B 296 30.56 -28.11 -31.80
C SER B 296 31.43 -28.63 -30.66
N GLY B 297 32.63 -28.08 -30.55
CA GLY B 297 33.57 -28.50 -29.54
C GLY B 297 33.22 -27.98 -28.16
N VAL B 298 32.17 -28.53 -27.57
CA VAL B 298 31.75 -28.10 -26.24
C VAL B 298 31.43 -29.33 -25.41
N THR B 299 32.37 -29.74 -24.58
CA THR B 299 32.19 -30.89 -23.72
C THR B 299 31.67 -30.41 -22.36
N ILE B 300 30.59 -31.03 -21.90
CA ILE B 300 29.92 -30.66 -20.65
C ILE B 300 30.87 -30.90 -19.49
N PRO B 301 31.33 -29.85 -18.83
CA PRO B 301 32.45 -29.96 -17.91
C PRO B 301 32.03 -30.35 -16.51
N VAL B 302 32.95 -30.99 -15.81
CA VAL B 302 32.74 -31.45 -14.46
C VAL B 302 33.86 -30.90 -13.60
N VAL B 303 33.52 -30.34 -12.45
CA VAL B 303 34.52 -29.80 -11.56
C VAL B 303 34.30 -30.37 -10.16
N CYS B 304 35.37 -30.41 -9.38
CA CYS B 304 35.33 -30.94 -8.02
C CYS B 304 35.74 -29.89 -7.01
N VAL B 305 35.13 -29.98 -5.83
CA VAL B 305 35.47 -29.16 -4.70
C VAL B 305 35.99 -30.07 -3.61
N VAL B 306 36.66 -29.47 -2.64
CA VAL B 306 37.31 -30.22 -1.57
C VAL B 306 36.92 -29.59 -0.24
N LEU B 307 36.36 -30.40 0.65
CA LEU B 307 36.16 -30.00 2.04
C LEU B 307 36.54 -31.19 2.92
N ASP B 308 37.49 -30.96 3.83
CA ASP B 308 38.00 -31.95 4.78
C ASP B 308 38.55 -33.18 4.05
N GLY B 309 39.57 -32.95 3.26
CA GLY B 309 40.21 -34.05 2.57
C GLY B 309 41.15 -34.81 3.47
N GLY B 310 41.61 -35.93 2.94
CA GLY B 310 42.64 -36.70 3.59
C GLY B 310 43.72 -37.00 2.59
N PRO B 311 44.77 -37.70 3.02
CA PRO B 311 45.76 -38.17 2.04
C PRO B 311 45.21 -39.22 1.10
N GLY B 312 44.19 -39.96 1.53
CA GLY B 312 43.49 -40.84 0.61
C GLY B 312 42.72 -40.08 -0.44
N THR B 313 42.12 -38.95 -0.06
CA THR B 313 41.45 -38.08 -1.02
C THR B 313 42.42 -37.48 -2.01
N LEU B 314 43.66 -37.24 -1.55
CA LEU B 314 44.67 -36.54 -2.33
C LEU B 314 45.00 -37.26 -3.64
N ASN B 315 44.97 -38.59 -3.64
CA ASN B 315 45.35 -39.33 -4.83
C ASN B 315 44.31 -39.18 -5.95
N THR B 316 43.04 -39.35 -5.61
CA THR B 316 42.02 -39.18 -6.64
C THR B 316 41.83 -37.72 -7.00
N ILE B 317 42.14 -36.81 -6.08
CA ILE B 317 42.21 -35.39 -6.42
C ILE B 317 43.28 -35.16 -7.47
N TYR B 318 44.45 -35.74 -7.26
CA TYR B 318 45.54 -35.57 -8.20
C TYR B 318 45.26 -36.26 -9.52
N ASN B 319 44.47 -37.33 -9.49
CA ASN B 319 44.10 -37.98 -10.74
C ASN B 319 43.11 -37.12 -11.52
N SER B 320 42.17 -36.49 -10.82
CA SER B 320 41.23 -35.59 -11.47
C SER B 320 41.94 -34.38 -12.04
N MET B 321 42.89 -33.83 -11.30
CA MET B 321 43.71 -32.75 -11.80
C MET B 321 44.58 -33.21 -12.96
N LEU B 322 44.99 -34.47 -12.93
CA LEU B 322 45.70 -35.07 -14.05
C LEU B 322 44.76 -35.29 -15.21
N ASN B 323 43.47 -35.46 -14.95
CA ASN B 323 42.50 -35.67 -16.00
C ASN B 323 42.02 -34.34 -16.57
N HIS B 324 42.69 -33.24 -16.19
CA HIS B 324 42.48 -31.91 -16.74
C HIS B 324 41.05 -31.43 -16.50
N THR B 325 40.72 -31.30 -15.22
CA THR B 325 39.55 -30.61 -14.79
C THR B 325 39.90 -29.96 -13.47
N PRO B 326 39.50 -28.73 -13.27
CA PRO B 326 40.00 -27.98 -12.11
C PRO B 326 39.38 -28.39 -10.79
N CYS B 327 39.75 -27.67 -9.74
CA CYS B 327 39.30 -28.00 -8.41
C CYS B 327 39.31 -26.76 -7.54
N VAL B 328 38.32 -26.67 -6.67
CA VAL B 328 38.15 -25.55 -5.77
C VAL B 328 38.21 -26.05 -4.34
N VAL B 329 39.08 -25.46 -3.54
CA VAL B 329 39.29 -25.90 -2.17
C VAL B 329 39.00 -24.73 -1.24
N LEU B 330 38.25 -24.98 -0.18
CA LEU B 330 38.01 -23.99 0.85
C LEU B 330 39.15 -24.02 1.86
N GLU B 331 38.97 -23.36 3.01
CA GLU B 331 39.99 -23.33 4.04
C GLU B 331 39.48 -23.76 5.41
N GLY B 332 38.23 -24.14 5.53
CA GLY B 332 37.63 -24.42 6.81
C GLY B 332 37.90 -25.80 7.40
N SER B 333 38.91 -26.51 6.92
CA SER B 333 39.18 -27.86 7.44
C SER B 333 40.65 -28.19 7.26
N GLY B 334 41.01 -29.40 7.67
CA GLY B 334 42.39 -29.84 7.82
C GLY B 334 43.23 -29.83 6.57
N ARG B 335 42.95 -30.73 5.63
CA ARG B 335 43.66 -30.71 4.36
C ARG B 335 43.31 -29.48 3.55
N LEU B 336 42.14 -28.89 3.80
CA LEU B 336 41.79 -27.60 3.21
C LEU B 336 42.78 -26.53 3.62
N ALA B 337 43.04 -26.40 4.91
CA ALA B 337 44.00 -25.41 5.37
C ALA B 337 45.42 -25.78 4.97
N ASP B 338 45.71 -27.07 4.85
CA ASP B 338 47.03 -27.52 4.40
C ASP B 338 47.29 -27.06 2.97
N VAL B 339 46.33 -27.27 2.08
CA VAL B 339 46.51 -26.88 0.69
C VAL B 339 46.39 -25.36 0.54
N ILE B 340 45.62 -24.71 1.41
CA ILE B 340 45.51 -23.25 1.33
C ILE B 340 46.81 -22.59 1.73
N ALA B 341 47.48 -23.11 2.77
CA ALA B 341 48.79 -22.59 3.11
C ALA B 341 49.83 -23.01 2.10
N HIS B 342 49.64 -24.17 1.45
CA HIS B 342 50.61 -24.61 0.45
C HIS B 342 50.54 -23.77 -0.81
N VAL B 343 49.34 -23.40 -1.23
CA VAL B 343 49.18 -22.52 -2.38
C VAL B 343 49.46 -21.08 -2.02
N ALA B 354 60.19 -31.04 2.70
CA ALA B 354 60.54 -31.89 3.82
C ALA B 354 60.08 -31.28 5.14
N LEU B 355 59.95 -29.97 5.21
CA LEU B 355 59.84 -29.30 6.50
C LEU B 355 58.46 -28.68 6.73
N ILE B 356 58.04 -27.74 5.88
CA ILE B 356 56.78 -27.08 6.14
C ILE B 356 55.61 -27.97 5.77
N ASN B 357 55.81 -28.94 4.88
CA ASN B 357 54.81 -29.98 4.71
C ASN B 357 54.75 -30.87 5.94
N ARG B 358 55.89 -31.12 6.58
CA ARG B 358 55.87 -31.81 7.86
C ARG B 358 55.35 -30.91 8.97
N LEU B 359 55.50 -29.59 8.82
CA LEU B 359 54.92 -28.68 9.81
C LEU B 359 53.41 -28.61 9.70
N LEU B 360 52.87 -28.68 8.48
CA LEU B 360 51.44 -28.78 8.30
C LEU B 360 50.93 -30.17 8.65
N LYS B 361 51.78 -31.19 8.47
CA LYS B 361 51.48 -32.51 8.98
C LYS B 361 51.58 -32.55 10.50
N ARG B 362 52.39 -31.67 11.09
CA ARG B 362 52.32 -31.41 12.51
C ARG B 362 51.15 -30.51 12.86
N PHE B 363 50.63 -29.77 11.89
CA PHE B 363 49.39 -29.03 12.10
C PHE B 363 48.17 -29.90 11.91
N PHE B 364 48.23 -30.84 10.97
CA PHE B 364 47.26 -31.93 10.93
C PHE B 364 47.86 -33.20 11.53
N MET B 365 48.20 -33.13 12.82
CA MET B 365 48.80 -34.24 13.53
C MET B 365 47.86 -34.88 14.53
N GLN B 366 46.58 -34.49 14.53
CA GLN B 366 45.65 -34.90 15.59
C GLN B 366 45.38 -36.39 15.56
N GLU B 367 45.42 -37.00 14.37
CA GLU B 367 45.49 -38.45 14.28
C GLU B 367 46.81 -38.90 14.89
N TYR B 368 47.91 -38.51 14.25
CA TYR B 368 49.29 -38.79 14.63
C TYR B 368 50.18 -38.07 13.65
N LYS B 369 51.43 -37.89 14.04
CA LYS B 369 52.49 -37.72 13.05
C LYS B 369 52.99 -39.06 12.55
N ASN B 370 52.63 -40.14 13.24
CA ASN B 370 52.75 -41.49 12.71
C ASN B 370 51.72 -41.76 11.63
N PHE B 371 50.71 -40.90 11.49
CA PHE B 371 49.82 -40.96 10.34
C PHE B 371 50.55 -40.65 9.05
N THR B 372 51.65 -39.90 9.12
CA THR B 372 52.49 -39.70 7.95
C THR B 372 53.17 -40.99 7.53
N GLU B 373 53.72 -41.74 8.50
CA GLU B 373 54.30 -43.07 8.32
C GLU B 373 55.44 -43.08 7.32
N LEU B 374 56.26 -42.01 7.37
CA LEU B 374 57.41 -41.77 6.48
C LEU B 374 57.01 -41.73 5.01
N GLN B 375 55.77 -41.34 4.73
CA GLN B 375 55.33 -41.01 3.38
C GLN B 375 55.29 -39.51 3.16
N ILE B 376 56.10 -38.77 3.93
CA ILE B 376 56.12 -37.32 3.86
C ILE B 376 56.62 -36.85 2.50
N ILE B 377 57.74 -37.42 2.06
CA ILE B 377 58.35 -37.02 0.78
C ILE B 377 57.43 -37.37 -0.39
N GLU B 378 56.76 -38.51 -0.30
CA GLU B 378 55.82 -38.94 -1.34
C GLU B 378 54.65 -37.99 -1.44
N TRP B 379 54.05 -37.67 -0.30
CA TRP B 379 52.84 -36.85 -0.32
C TRP B 379 53.15 -35.39 -0.61
N THR B 380 54.32 -34.90 -0.22
CA THR B 380 54.67 -33.56 -0.62
C THR B 380 55.14 -33.50 -2.07
N LYS B 381 55.58 -34.62 -2.65
CA LYS B 381 55.83 -34.62 -4.09
C LYS B 381 54.51 -34.58 -4.84
N LYS B 382 53.49 -35.25 -4.29
CA LYS B 382 52.14 -35.11 -4.82
C LYS B 382 51.65 -33.68 -4.74
N ILE B 383 51.89 -33.02 -3.59
CA ILE B 383 51.45 -31.64 -3.42
C ILE B 383 52.22 -30.69 -4.31
N GLN B 384 53.49 -31.00 -4.57
CA GLN B 384 54.28 -30.14 -5.46
C GLN B 384 53.84 -30.31 -6.90
N ASP B 385 53.52 -31.54 -7.31
CA ASP B 385 53.02 -31.76 -8.65
C ASP B 385 51.62 -31.18 -8.82
N ILE B 386 50.84 -31.15 -7.74
CA ILE B 386 49.57 -30.46 -7.77
C ILE B 386 49.78 -28.96 -7.90
N LEU B 387 50.79 -28.42 -7.20
CA LEU B 387 51.14 -27.03 -7.38
C LEU B 387 51.82 -26.78 -8.72
N ARG B 388 52.32 -27.83 -9.37
CA ARG B 388 52.98 -27.69 -10.66
C ARG B 388 52.01 -27.43 -11.80
N MET B 389 50.72 -27.58 -11.59
CA MET B 389 49.74 -27.16 -12.58
C MET B 389 48.91 -26.02 -11.99
N PRO B 390 49.49 -24.84 -11.82
CA PRO B 390 48.90 -23.86 -10.90
C PRO B 390 47.70 -23.12 -11.45
N HIS B 391 47.51 -23.12 -12.76
CA HIS B 391 46.36 -22.43 -13.34
C HIS B 391 45.07 -23.14 -13.01
N LEU B 392 45.12 -24.46 -12.84
CA LEU B 392 43.90 -25.23 -12.69
C LEU B 392 43.48 -25.37 -11.24
N LEU B 393 44.18 -24.73 -10.31
CA LEU B 393 43.76 -24.76 -8.92
C LEU B 393 42.86 -23.59 -8.61
N THR B 394 42.17 -23.70 -7.49
CA THR B 394 41.51 -22.53 -6.91
C THR B 394 41.44 -22.70 -5.42
N VAL B 395 41.97 -21.73 -4.68
CA VAL B 395 41.67 -21.57 -3.29
C VAL B 395 40.55 -20.54 -3.19
N PHE B 396 39.89 -20.49 -2.04
CA PHE B 396 38.81 -19.53 -1.88
C PHE B 396 39.28 -18.26 -1.18
N ARG B 397 39.75 -18.39 0.08
CA ARG B 397 40.37 -17.32 0.86
C ARG B 397 39.45 -16.11 1.02
N ILE B 398 38.36 -16.32 1.76
CA ILE B 398 37.39 -15.27 2.04
C ILE B 398 38.00 -14.09 2.80
N VAL B 406 30.38 -17.21 -3.39
CA VAL B 406 30.94 -18.54 -3.54
C VAL B 406 30.65 -19.05 -4.92
N ASP B 407 29.47 -18.70 -5.42
CA ASP B 407 29.02 -19.16 -6.73
C ASP B 407 29.88 -18.58 -7.84
N VAL B 408 30.13 -17.28 -7.78
CA VAL B 408 30.85 -16.57 -8.82
C VAL B 408 32.29 -17.05 -8.90
N ALA B 409 32.85 -17.51 -7.78
CA ALA B 409 34.19 -18.06 -7.80
C ALA B 409 34.22 -19.37 -8.59
N ILE B 410 33.18 -20.17 -8.45
CA ILE B 410 33.10 -21.44 -9.18
C ILE B 410 32.97 -21.17 -10.67
N LEU B 411 32.10 -20.25 -11.03
CA LEU B 411 31.93 -19.93 -12.45
C LEU B 411 33.19 -19.31 -13.03
N GLN B 412 33.86 -18.44 -12.28
CA GLN B 412 35.10 -17.85 -12.77
C GLN B 412 36.21 -18.88 -12.82
N ALA B 413 36.14 -19.89 -11.96
CA ALA B 413 37.12 -20.97 -12.02
C ALA B 413 36.95 -21.79 -13.28
N LEU B 414 35.71 -22.06 -13.66
CA LEU B 414 35.49 -22.76 -14.92
C LEU B 414 35.87 -21.91 -16.10
N LEU B 415 35.68 -20.59 -15.99
CA LEU B 415 36.10 -19.69 -17.05
C LEU B 415 37.60 -19.67 -17.18
N LYS B 416 38.32 -19.72 -16.06
CA LYS B 416 39.76 -19.81 -16.11
C LYS B 416 40.22 -21.14 -16.67
N ALA B 417 39.46 -22.20 -16.39
CA ALA B 417 39.79 -23.52 -16.92
C ALA B 417 39.67 -23.54 -18.42
N SER B 418 38.59 -22.94 -18.94
CA SER B 418 38.46 -22.82 -20.38
C SER B 418 39.50 -21.86 -20.94
N ARG B 419 39.92 -20.88 -20.14
CA ARG B 419 40.91 -19.92 -20.59
C ARG B 419 42.26 -20.58 -20.81
N SER B 420 42.66 -21.43 -19.88
CA SER B 420 43.88 -22.19 -20.03
C SER B 420 43.64 -23.56 -20.64
N ASP B 421 42.49 -23.76 -21.30
CA ASP B 421 42.24 -25.04 -21.97
C ASP B 421 43.10 -25.22 -23.21
N GLU B 422 43.56 -24.13 -23.80
CA GLU B 422 44.45 -24.19 -24.95
C GLU B 422 45.56 -23.15 -24.84
N ARG B 426 40.54 -21.75 -32.38
CA ARG B 426 41.10 -20.51 -32.89
C ARG B 426 40.59 -19.32 -32.10
N HIS B 427 39.53 -19.54 -31.33
CA HIS B 427 38.95 -18.49 -30.49
C HIS B 427 38.59 -19.13 -29.16
N CYS B 428 39.45 -18.91 -28.16
CA CYS B 428 39.21 -19.44 -26.82
C CYS B 428 37.94 -18.84 -26.21
N TRP B 429 37.72 -17.54 -26.45
CA TRP B 429 36.51 -16.88 -25.98
C TRP B 429 35.27 -17.48 -26.61
N GLU B 430 35.38 -18.00 -27.83
CA GLU B 430 34.20 -18.61 -28.45
C GLU B 430 33.83 -19.89 -27.73
N ARG B 431 34.81 -20.65 -27.28
CA ARG B 431 34.53 -21.80 -26.44
C ARG B 431 33.94 -21.37 -25.11
N GLN B 432 34.46 -20.28 -24.54
CA GLN B 432 33.94 -19.76 -23.28
C GLN B 432 32.50 -19.30 -23.43
N LEU B 433 32.19 -18.71 -24.56
CA LEU B 433 30.85 -18.20 -24.78
C LEU B 433 29.88 -19.32 -25.09
N GLU B 434 30.33 -20.34 -25.82
CA GLU B 434 29.51 -21.52 -26.00
C GLU B 434 29.25 -22.22 -24.67
N LEU B 435 30.18 -22.08 -23.73
CA LEU B 435 29.89 -22.53 -22.38
C LEU B 435 28.88 -21.61 -21.71
N ALA B 436 29.01 -20.31 -21.94
CA ALA B 436 28.23 -19.35 -21.17
C ALA B 436 26.77 -19.35 -21.58
N VAL B 437 26.49 -19.65 -22.85
CA VAL B 437 25.11 -19.59 -23.32
C VAL B 437 24.27 -20.68 -22.70
N ALA B 438 24.82 -21.85 -22.49
CA ALA B 438 24.04 -22.95 -21.98
C ALA B 438 23.78 -22.82 -20.51
N TRP B 439 24.64 -22.09 -19.81
CA TRP B 439 24.40 -21.89 -18.40
C TRP B 439 23.34 -20.85 -18.16
N ASN B 440 23.15 -19.94 -19.12
CA ASN B 440 22.15 -18.89 -19.08
C ASN B 440 22.36 -17.99 -17.86
N ARG B 441 23.61 -17.79 -17.51
CA ARG B 441 23.92 -16.97 -16.35
C ARG B 441 24.60 -15.70 -16.86
N VAL B 442 23.91 -14.58 -16.68
CA VAL B 442 24.25 -13.38 -17.43
C VAL B 442 25.48 -12.68 -16.87
N ASP B 443 25.60 -12.62 -15.54
CA ASP B 443 26.67 -11.84 -14.93
C ASP B 443 28.03 -12.49 -15.15
N ILE B 444 28.02 -13.82 -15.33
CA ILE B 444 29.24 -14.56 -15.63
C ILE B 444 29.87 -14.06 -16.91
N ALA B 445 29.08 -13.99 -17.98
CA ALA B 445 29.61 -13.49 -19.24
C ALA B 445 29.79 -11.99 -19.21
N GLU B 446 28.98 -11.28 -18.42
CA GLU B 446 29.04 -9.83 -18.38
C GLU B 446 30.34 -9.36 -17.77
N SER B 447 30.75 -9.96 -16.66
CA SER B 447 32.05 -9.66 -16.11
C SER B 447 33.15 -10.47 -16.76
N GLU B 448 32.81 -11.50 -17.53
CA GLU B 448 33.84 -12.39 -18.05
C GLU B 448 34.48 -11.82 -19.29
N ILE B 449 33.67 -11.58 -20.32
CA ILE B 449 34.21 -11.33 -21.67
C ILE B 449 33.84 -9.97 -22.22
N PHE B 450 32.84 -9.29 -21.67
CA PHE B 450 32.49 -7.96 -22.17
C PHE B 450 33.11 -6.88 -21.28
N THR B 451 34.43 -6.86 -21.27
CA THR B 451 35.14 -5.83 -20.54
C THR B 451 35.15 -4.54 -21.36
N GLU B 452 35.78 -3.50 -20.81
CA GLU B 452 35.87 -2.24 -21.53
C GLU B 452 36.85 -2.33 -22.70
N GLU B 453 37.77 -3.29 -22.68
CA GLU B 453 38.71 -3.51 -23.76
C GLU B 453 38.25 -4.60 -24.70
N SER B 454 36.94 -4.71 -24.92
CA SER B 454 36.41 -5.87 -25.64
C SER B 454 36.66 -5.75 -27.13
N GLN B 455 36.05 -4.76 -27.77
CA GLN B 455 36.13 -4.48 -29.22
C GLN B 455 35.72 -5.71 -30.04
N TRP B 456 34.44 -6.05 -29.93
CA TRP B 456 33.95 -7.22 -30.64
C TRP B 456 33.61 -6.88 -32.08
N THR B 457 33.31 -7.93 -32.84
CA THR B 457 32.92 -7.81 -34.24
C THR B 457 31.46 -8.14 -34.43
N SER B 458 31.00 -7.91 -35.65
CA SER B 458 29.66 -8.34 -35.98
C SER B 458 29.60 -9.83 -36.21
N SER B 459 30.53 -10.35 -37.03
CA SER B 459 30.33 -11.64 -37.67
C SER B 459 30.43 -12.81 -36.69
N ASP B 460 31.48 -12.80 -35.84
CA ASP B 460 31.84 -13.99 -35.09
C ASP B 460 30.85 -14.34 -34.01
N LEU B 461 30.00 -13.39 -33.61
CA LEU B 461 29.00 -13.68 -32.60
C LEU B 461 27.82 -14.44 -33.18
N HIS B 462 27.73 -14.50 -34.50
CA HIS B 462 26.57 -15.09 -35.16
C HIS B 462 26.22 -16.53 -34.80
N PRO B 463 27.15 -17.48 -34.61
CA PRO B 463 26.69 -18.80 -34.15
C PRO B 463 26.13 -18.76 -32.76
N ALA B 464 26.80 -18.02 -31.87
CA ALA B 464 26.42 -17.98 -30.47
C ALA B 464 25.02 -17.42 -30.29
N MET B 465 24.73 -16.31 -30.98
CA MET B 465 23.40 -15.72 -30.93
C MET B 465 22.37 -16.68 -31.47
N PHE B 466 22.72 -17.43 -32.52
CA PHE B 466 21.83 -18.47 -33.00
C PHE B 466 21.62 -19.54 -31.95
N SER B 467 22.70 -19.95 -31.30
CA SER B 467 22.55 -20.89 -30.20
C SER B 467 21.90 -20.23 -29.01
N ALA B 468 21.99 -18.91 -28.92
CA ALA B 468 21.26 -18.23 -27.87
C ALA B 468 19.79 -18.16 -28.19
N LEU B 469 19.42 -18.37 -29.44
CA LEU B 469 18.04 -18.14 -29.81
C LEU B 469 17.21 -19.41 -29.84
N VAL B 470 17.82 -20.54 -30.15
CA VAL B 470 17.08 -21.79 -30.26
C VAL B 470 16.57 -22.25 -28.90
N GLY B 471 17.35 -22.04 -27.85
CA GLY B 471 16.82 -22.05 -26.51
C GLY B 471 16.35 -20.65 -26.19
N ASP B 472 15.34 -20.55 -25.35
CA ASP B 472 14.85 -19.23 -24.94
C ASP B 472 15.86 -18.62 -23.99
N LYS B 473 16.66 -17.68 -24.47
CA LYS B 473 17.62 -16.97 -23.64
C LYS B 473 17.24 -15.49 -23.66
N PRO B 474 16.17 -15.12 -22.95
CA PRO B 474 15.53 -13.84 -23.24
C PRO B 474 16.29 -12.63 -22.74
N GLU B 475 16.83 -12.67 -21.53
CA GLU B 475 17.66 -11.55 -21.12
C GLU B 475 18.99 -11.59 -21.84
N PHE B 476 19.41 -12.79 -22.20
CA PHE B 476 20.70 -12.98 -22.78
C PHE B 476 20.75 -12.42 -24.20
N VAL B 477 19.63 -12.50 -24.92
CA VAL B 477 19.64 -11.97 -26.26
C VAL B 477 19.59 -10.45 -26.23
N ARG B 478 19.03 -9.87 -25.17
CA ARG B 478 19.13 -8.42 -25.01
C ARG B 478 20.56 -8.02 -24.74
N LEU B 479 21.25 -8.82 -23.93
CA LEU B 479 22.68 -8.60 -23.72
C LEU B 479 23.45 -8.68 -25.02
N LEU B 480 23.02 -9.58 -25.90
CA LEU B 480 23.72 -9.75 -27.17
C LEU B 480 23.51 -8.56 -28.08
N LEU B 481 22.27 -8.11 -28.22
CA LEU B 481 22.03 -6.98 -29.11
C LEU B 481 22.57 -5.69 -28.53
N GLU B 482 22.64 -5.59 -27.21
CA GLU B 482 23.30 -4.44 -26.61
C GLU B 482 24.80 -4.52 -26.80
N ASN B 483 25.33 -5.72 -26.95
CA ASN B 483 26.75 -5.84 -27.23
C ASN B 483 27.08 -5.49 -28.66
N GLY B 484 26.11 -5.46 -29.56
CA GLY B 484 26.40 -4.98 -30.89
C GLY B 484 26.13 -5.92 -32.04
N VAL B 485 25.16 -6.80 -31.89
CA VAL B 485 24.77 -7.70 -32.96
C VAL B 485 23.71 -7.03 -33.81
N CYS B 486 23.96 -6.93 -35.11
CA CYS B 486 23.00 -6.35 -36.04
C CYS B 486 22.17 -7.45 -36.68
N VAL B 487 20.85 -7.37 -36.54
CA VAL B 487 20.01 -8.43 -37.05
C VAL B 487 19.90 -8.37 -38.56
N ARG B 488 20.12 -7.21 -39.17
CA ARG B 488 20.24 -7.15 -40.61
C ARG B 488 21.49 -7.91 -41.05
N GLU B 489 22.57 -7.77 -40.28
CA GLU B 489 23.76 -8.57 -40.51
C GLU B 489 23.54 -10.02 -40.11
N PHE B 490 22.55 -10.30 -39.27
CA PHE B 490 22.29 -11.68 -38.91
C PHE B 490 21.67 -12.43 -40.08
N LEU B 491 21.01 -11.73 -40.97
CA LEU B 491 20.32 -12.36 -42.08
C LEU B 491 21.14 -12.10 -43.35
N GLU B 492 21.88 -13.10 -43.76
CA GLU B 492 22.54 -13.10 -45.05
C GLU B 492 22.29 -14.38 -45.83
N ARG B 493 21.70 -15.39 -45.22
CA ARG B 493 21.47 -16.65 -45.88
C ARG B 493 20.11 -17.17 -45.49
N GLU B 494 19.38 -17.67 -46.48
CA GLU B 494 18.08 -18.27 -46.22
C GLU B 494 18.20 -19.56 -45.44
N GLU B 495 19.35 -20.21 -45.50
CA GLU B 495 19.59 -21.44 -44.74
C GLU B 495 19.57 -21.19 -43.24
N THR B 496 19.90 -19.98 -42.81
CA THR B 496 19.82 -19.66 -41.40
C THR B 496 18.39 -19.68 -40.89
N LEU B 497 17.49 -19.01 -41.61
CA LEU B 497 16.08 -19.07 -41.27
C LEU B 497 15.53 -20.47 -41.47
N CYS B 498 16.10 -21.22 -42.41
CA CYS B 498 15.72 -22.61 -42.58
C CYS B 498 16.03 -23.41 -41.32
N GLU B 499 17.21 -23.22 -40.75
CA GLU B 499 17.57 -23.92 -39.52
C GLU B 499 16.75 -23.43 -38.34
N LEU B 500 16.41 -22.13 -38.35
CA LEU B 500 15.55 -21.56 -37.32
C LEU B 500 14.21 -22.25 -37.29
N TYR B 501 13.58 -22.37 -38.45
CA TYR B 501 12.34 -23.12 -38.47
C TYR B 501 12.57 -24.60 -38.33
N SER B 502 13.78 -25.09 -38.58
CA SER B 502 14.07 -26.48 -38.34
C SER B 502 14.07 -26.78 -36.85
N HIS B 503 14.36 -25.78 -36.03
CA HIS B 503 14.37 -26.00 -34.60
C HIS B 503 13.19 -25.31 -33.93
N LEU B 504 12.04 -25.32 -34.59
CA LEU B 504 10.82 -24.92 -33.92
C LEU B 504 10.54 -25.92 -32.82
N PRO B 505 10.71 -25.53 -31.55
CA PRO B 505 10.63 -26.52 -30.46
C PRO B 505 9.34 -27.25 -30.06
N SER B 506 8.21 -26.58 -29.85
CA SER B 506 6.98 -27.26 -29.42
C SER B 506 5.71 -26.46 -29.59
N CYS B 507 5.03 -26.56 -30.72
CA CYS B 507 3.79 -25.80 -30.86
C CYS B 507 2.77 -26.41 -31.80
N PHE B 508 1.49 -26.17 -31.52
CA PHE B 508 0.43 -26.59 -32.42
C PHE B 508 0.82 -26.32 -33.86
N PHE B 509 1.58 -25.26 -34.08
CA PHE B 509 2.08 -24.96 -35.41
C PHE B 509 3.05 -26.02 -35.89
N LEU B 510 3.74 -26.69 -34.97
CA LEU B 510 4.59 -27.81 -35.37
C LEU B 510 3.77 -28.94 -35.94
N ARG B 511 2.62 -29.23 -35.33
CA ARG B 511 1.75 -30.29 -35.84
C ARG B 511 1.13 -29.90 -37.18
N LYS B 512 0.68 -28.65 -37.29
CA LYS B 512 0.15 -28.17 -38.57
C LYS B 512 1.25 -28.14 -39.62
N LEU B 513 2.48 -27.87 -39.22
CA LEU B 513 3.60 -27.86 -40.15
C LEU B 513 3.93 -29.27 -40.61
N ALA B 514 3.83 -30.24 -39.70
CA ALA B 514 4.06 -31.63 -40.07
C ALA B 514 2.99 -32.12 -41.03
N LYS B 515 1.76 -31.62 -40.89
CA LYS B 515 0.75 -31.89 -41.90
C LYS B 515 1.11 -31.24 -43.23
N ARG B 516 1.52 -29.98 -43.20
CA ARG B 516 1.79 -29.24 -44.43
C ARG B 516 3.13 -29.59 -45.06
N VAL B 517 3.91 -30.46 -44.45
CA VAL B 517 5.13 -30.96 -45.07
C VAL B 517 4.98 -32.40 -45.53
N GLN B 518 4.54 -33.29 -44.65
CA GLN B 518 4.38 -34.69 -45.01
C GLN B 518 3.14 -34.88 -45.88
N CYS B 536 11.71 -26.11 -45.82
CA CYS B 536 11.69 -25.19 -46.94
C CYS B 536 10.73 -24.04 -46.70
N LEU B 537 11.17 -22.83 -47.05
CA LEU B 537 10.40 -21.62 -46.75
C LEU B 537 9.12 -21.53 -47.55
N SER B 538 9.03 -22.25 -48.67
CA SER B 538 7.80 -22.33 -49.44
C SER B 538 6.68 -22.94 -48.62
N HIS B 539 6.99 -24.02 -47.89
CA HIS B 539 6.04 -24.61 -46.95
C HIS B 539 5.62 -23.62 -45.89
N VAL B 540 6.58 -22.79 -45.46
CA VAL B 540 6.31 -21.83 -44.40
C VAL B 540 5.30 -20.80 -44.88
N SER B 541 5.54 -20.22 -46.05
CA SER B 541 4.61 -19.24 -46.59
C SER B 541 3.29 -19.88 -46.99
N GLU B 542 3.28 -21.16 -47.34
CA GLU B 542 2.02 -21.85 -47.62
C GLU B 542 1.18 -21.96 -46.36
N GLU B 543 1.78 -22.43 -45.27
CA GLU B 543 1.05 -22.55 -44.01
C GLU B 543 0.67 -21.19 -43.46
N VAL B 544 1.49 -20.17 -43.71
CA VAL B 544 1.19 -18.83 -43.22
C VAL B 544 0.04 -18.22 -44.00
N ARG B 545 0.06 -18.33 -45.34
CA ARG B 545 -1.04 -17.84 -46.15
C ARG B 545 -2.32 -18.59 -45.86
N HIS B 546 -2.22 -19.84 -45.42
CA HIS B 546 -3.39 -20.48 -44.84
C HIS B 546 -3.79 -19.83 -43.53
N LEU B 547 -2.81 -19.48 -42.70
CA LEU B 547 -3.11 -18.97 -41.36
C LEU B 547 -3.77 -17.61 -41.41
N LEU B 548 -3.44 -16.79 -42.39
CA LEU B 548 -4.09 -15.51 -42.53
C LEU B 548 -5.30 -15.56 -43.46
N GLY B 549 -5.48 -16.63 -44.19
CA GLY B 549 -6.54 -16.63 -45.17
C GLY B 549 -6.01 -16.32 -46.56
N SER B 550 -6.75 -16.79 -47.57
CA SER B 550 -6.24 -16.83 -48.94
C SER B 550 -6.20 -15.48 -49.63
N PHE B 551 -6.56 -14.40 -48.94
CA PHE B 551 -6.61 -13.09 -49.59
C PHE B 551 -5.22 -12.54 -49.86
N THR B 552 -4.25 -12.88 -49.03
CA THR B 552 -2.96 -12.22 -49.08
C THR B 552 -2.12 -12.73 -50.24
N GLN B 553 -1.25 -11.84 -50.74
CA GLN B 553 -0.15 -12.27 -51.57
C GLN B 553 0.80 -13.13 -50.73
N PRO B 554 1.41 -14.14 -51.32
CA PRO B 554 2.31 -15.01 -50.54
C PRO B 554 3.60 -14.31 -50.19
N LEU B 555 4.32 -14.87 -49.23
CA LEU B 555 5.46 -14.16 -48.66
C LEU B 555 6.78 -14.54 -49.32
N TYR B 556 7.17 -15.79 -49.21
CA TYR B 556 8.55 -16.16 -49.50
C TYR B 556 8.61 -16.96 -50.80
N ILE B 557 8.99 -16.29 -51.87
CA ILE B 557 9.01 -16.93 -53.19
C ILE B 557 10.40 -17.54 -53.34
N ALA B 558 10.58 -18.71 -52.72
CA ALA B 558 11.49 -19.80 -53.12
C ALA B 558 12.91 -19.34 -53.41
N SER B 559 13.59 -18.89 -52.34
CA SER B 559 14.99 -18.45 -52.36
C SER B 559 15.18 -17.27 -53.31
N ARG B 560 14.55 -16.15 -52.94
CA ARG B 560 14.73 -14.89 -53.65
C ARG B 560 14.84 -13.78 -52.61
N TYR B 561 16.01 -13.16 -52.53
CA TYR B 561 16.28 -12.08 -51.59
C TYR B 561 16.61 -10.78 -52.31
N LYS B 562 15.98 -10.56 -53.46
CA LYS B 562 16.22 -9.36 -54.23
C LYS B 562 15.00 -9.03 -55.09
N ASP B 590 7.79 -8.10 -56.10
CA ASP B 590 7.18 -8.28 -54.78
C ASP B 590 8.18 -8.87 -53.80
N THR B 591 7.71 -9.07 -52.57
CA THR B 591 8.39 -9.86 -51.53
C THR B 591 9.75 -9.27 -51.14
N VAL B 592 9.70 -8.08 -50.53
CA VAL B 592 10.90 -7.56 -49.89
C VAL B 592 11.24 -8.44 -48.69
N TRP B 593 12.51 -8.45 -48.32
CA TRP B 593 12.95 -9.45 -47.36
C TRP B 593 12.59 -9.07 -45.93
N ASP B 594 12.98 -7.85 -45.49
CA ASP B 594 12.53 -7.21 -44.24
C ASP B 594 12.75 -8.08 -43.02
N PRO B 595 13.99 -8.16 -42.53
CA PRO B 595 14.35 -9.22 -41.58
C PRO B 595 13.66 -9.13 -40.24
N GLY B 596 13.30 -7.91 -39.81
CA GLY B 596 12.60 -7.77 -38.56
C GLY B 596 11.24 -8.41 -38.60
N ARG B 597 10.56 -8.31 -39.75
CA ARG B 597 9.30 -9.01 -39.96
C ARG B 597 9.50 -10.50 -39.82
N ASP B 598 10.63 -11.00 -40.31
CA ASP B 598 10.85 -12.42 -40.34
C ASP B 598 11.13 -12.95 -38.94
N LEU B 599 12.01 -12.26 -38.21
CA LEU B 599 12.35 -12.71 -36.87
C LEU B 599 11.16 -12.59 -35.94
N PHE B 600 10.43 -11.49 -36.03
CA PHE B 600 9.27 -11.30 -35.19
C PHE B 600 8.19 -12.31 -35.51
N LEU B 601 8.10 -12.72 -36.78
CA LEU B 601 7.18 -13.78 -37.12
C LEU B 601 7.60 -15.10 -36.48
N TRP B 602 8.91 -15.39 -36.55
CA TRP B 602 9.42 -16.64 -35.99
C TRP B 602 9.17 -16.72 -34.50
N ALA B 603 9.31 -15.59 -33.82
CA ALA B 603 9.00 -15.60 -32.41
C ALA B 603 7.50 -15.68 -32.15
N VAL B 604 6.69 -15.02 -32.96
CA VAL B 604 5.30 -14.88 -32.56
C VAL B 604 4.53 -16.15 -32.89
N VAL B 605 4.99 -16.92 -33.86
CA VAL B 605 4.34 -18.19 -34.12
C VAL B 605 4.68 -19.17 -33.00
N GLN B 606 5.87 -19.02 -32.45
CA GLN B 606 6.42 -19.92 -31.46
C GLN B 606 5.74 -19.82 -30.10
N ASN B 607 4.86 -18.83 -29.92
CA ASN B 607 4.04 -18.64 -28.72
C ASN B 607 4.92 -18.38 -27.49
N ASN B 608 6.02 -17.67 -27.71
CA ASN B 608 6.89 -17.25 -26.63
C ASN B 608 6.73 -15.75 -26.46
N ARG B 609 6.76 -15.29 -25.22
CA ARG B 609 6.50 -13.89 -24.98
C ARG B 609 7.70 -13.02 -25.29
N GLU B 610 8.79 -13.22 -24.55
CA GLU B 610 9.86 -12.24 -24.49
C GLU B 610 10.58 -12.10 -25.82
N LEU B 611 10.68 -13.21 -26.56
CA LEU B 611 11.27 -13.12 -27.89
C LEU B 611 10.40 -12.30 -28.82
N ALA B 612 9.09 -12.49 -28.73
CA ALA B 612 8.18 -11.70 -29.54
C ALA B 612 8.23 -10.24 -29.16
N GLU B 613 8.42 -9.99 -27.86
CA GLU B 613 8.58 -8.64 -27.35
C GLU B 613 9.78 -7.97 -27.98
N ILE B 614 10.89 -8.67 -28.03
CA ILE B 614 12.11 -8.09 -28.57
C ILE B 614 12.02 -7.92 -30.07
N GLY B 615 11.39 -8.88 -30.75
CA GLY B 615 11.23 -8.77 -32.18
C GLY B 615 10.37 -7.60 -32.59
N TRP B 616 9.25 -7.40 -31.91
CA TRP B 616 8.43 -6.24 -32.22
C TRP B 616 9.10 -4.95 -31.79
N GLU B 617 9.95 -4.99 -30.77
CA GLU B 617 10.69 -3.80 -30.42
C GLU B 617 11.72 -3.47 -31.48
N GLN B 618 12.15 -4.46 -32.26
CA GLN B 618 13.17 -4.16 -33.25
C GLN B 618 12.62 -3.80 -34.62
N CYS B 619 11.58 -4.49 -35.08
CA CYS B 619 11.16 -4.31 -36.46
C CYS B 619 10.46 -2.98 -36.64
N ARG B 620 10.53 -2.48 -37.86
CA ARG B 620 9.73 -1.32 -38.23
C ARG B 620 8.41 -1.83 -38.80
N ASP B 621 7.60 -0.92 -39.36
CA ASP B 621 6.29 -1.30 -39.89
C ASP B 621 5.50 -1.96 -38.76
N CYS B 622 5.61 -1.40 -37.55
CA CYS B 622 4.97 -1.93 -36.34
C CYS B 622 3.43 -2.01 -36.24
N ILE B 623 2.72 -0.99 -36.68
CA ILE B 623 1.25 -1.00 -36.55
C ILE B 623 0.63 -2.15 -37.33
N ALA B 624 1.16 -2.36 -38.52
CA ALA B 624 0.74 -3.44 -39.42
C ALA B 624 1.19 -4.78 -38.90
N ALA B 625 2.42 -4.85 -38.41
CA ALA B 625 2.95 -6.09 -37.86
C ALA B 625 2.19 -6.49 -36.61
N ALA B 626 1.84 -5.51 -35.78
CA ALA B 626 1.09 -5.78 -34.58
C ALA B 626 -0.26 -6.39 -34.90
N LEU B 627 -0.93 -5.84 -35.91
CA LEU B 627 -2.23 -6.40 -36.28
C LEU B 627 -2.08 -7.76 -36.90
N ALA B 628 -0.98 -8.00 -37.61
CA ALA B 628 -0.73 -9.31 -38.16
C ALA B 628 -0.61 -10.35 -37.06
N ALA B 629 0.12 -9.98 -36.00
CA ALA B 629 0.25 -10.84 -34.84
C ALA B 629 -1.09 -11.12 -34.21
N SER B 630 -1.92 -10.08 -34.12
CA SER B 630 -3.25 -10.23 -33.55
C SER B 630 -4.07 -11.25 -34.30
N LYS B 631 -4.08 -11.13 -35.63
CA LYS B 631 -4.95 -12.02 -36.41
C LYS B 631 -4.43 -13.44 -36.41
N ILE B 632 -3.12 -13.63 -36.43
CA ILE B 632 -2.68 -15.01 -36.52
C ILE B 632 -2.74 -15.70 -35.19
N LEU B 633 -2.64 -14.95 -34.08
CA LEU B 633 -2.91 -15.57 -32.80
C LEU B 633 -4.36 -15.98 -32.69
N ARG B 634 -5.28 -15.16 -33.18
CA ARG B 634 -6.69 -15.54 -33.11
C ARG B 634 -6.97 -16.72 -34.00
N LYS B 635 -6.34 -16.79 -35.17
CA LYS B 635 -6.57 -17.92 -36.06
C LYS B 635 -5.93 -19.19 -35.51
N LEU B 636 -4.87 -19.05 -34.71
CA LEU B 636 -4.34 -20.19 -34.01
C LEU B 636 -5.31 -20.70 -32.96
N ALA B 637 -5.73 -19.82 -32.05
CA ALA B 637 -6.56 -20.27 -30.94
C ALA B 637 -7.98 -20.60 -31.35
N GLN B 638 -8.39 -20.22 -32.55
CA GLN B 638 -9.68 -20.67 -33.07
C GLN B 638 -9.62 -22.16 -33.38
N GLU B 639 -8.68 -22.56 -34.27
CA GLU B 639 -8.50 -23.97 -34.57
C GLU B 639 -8.00 -24.71 -33.34
N SER B 640 -6.75 -24.47 -32.96
CA SER B 640 -6.19 -24.77 -31.63
C SER B 640 -6.15 -26.24 -31.23
N GLY B 641 -6.72 -27.12 -32.05
CA GLY B 641 -7.05 -28.47 -31.64
C GLY B 641 -7.95 -28.47 -30.42
N GLU B 642 -7.83 -29.55 -29.65
CA GLU B 642 -8.39 -29.66 -28.32
C GLU B 642 -7.30 -30.09 -27.36
N ASP B 643 -6.07 -29.65 -27.63
CA ASP B 643 -4.88 -30.07 -26.91
C ASP B 643 -4.92 -29.63 -25.46
N ASP B 644 -4.87 -28.31 -25.22
CA ASP B 644 -4.79 -27.84 -23.85
C ASP B 644 -5.23 -26.39 -23.79
N SER B 645 -5.88 -26.05 -22.68
CA SER B 645 -6.07 -24.66 -22.33
C SER B 645 -4.80 -24.05 -21.75
N GLU B 646 -3.81 -24.89 -21.41
CA GLU B 646 -2.50 -24.40 -21.00
C GLU B 646 -1.84 -23.61 -22.11
N GLU B 647 -1.96 -24.07 -23.34
CA GLU B 647 -1.72 -23.22 -24.49
C GLU B 647 -3.02 -23.18 -25.29
N ALA B 648 -3.99 -22.44 -24.78
CA ALA B 648 -5.04 -21.89 -25.60
C ALA B 648 -5.25 -20.44 -25.17
N THR B 649 -5.23 -20.23 -23.86
CA THR B 649 -5.58 -18.92 -23.35
C THR B 649 -4.40 -17.98 -23.31
N GLU B 650 -3.17 -18.51 -23.32
CA GLU B 650 -2.01 -17.64 -23.43
C GLU B 650 -1.96 -17.01 -24.81
N MET B 651 -2.45 -17.73 -25.80
CA MET B 651 -2.54 -17.19 -27.15
C MET B 651 -3.45 -15.99 -27.19
N LEU B 652 -4.62 -16.11 -26.58
CA LEU B 652 -5.57 -15.00 -26.57
C LEU B 652 -5.07 -13.85 -25.73
N GLU B 653 -4.37 -14.17 -24.63
CA GLU B 653 -3.83 -13.13 -23.77
C GLU B 653 -2.77 -12.32 -24.50
N LEU B 654 -1.89 -13.01 -25.23
CA LEU B 654 -0.86 -12.31 -25.98
C LEU B 654 -1.47 -11.52 -27.14
N ALA B 655 -2.51 -12.06 -27.76
CA ALA B 655 -3.17 -11.35 -28.85
C ALA B 655 -3.77 -10.06 -28.36
N ASN B 656 -4.40 -10.12 -27.19
CA ASN B 656 -4.99 -8.94 -26.61
C ASN B 656 -3.92 -7.94 -26.20
N HIS B 657 -2.77 -8.45 -25.77
CA HIS B 657 -1.64 -7.59 -25.46
C HIS B 657 -1.18 -6.79 -26.66
N TYR B 658 -1.00 -7.47 -27.79
CA TYR B 658 -0.53 -6.77 -28.98
C TYR B 658 -1.58 -5.84 -29.55
N GLU B 659 -2.86 -6.17 -29.36
CA GLU B 659 -3.90 -5.24 -29.77
C GLU B 659 -3.82 -3.96 -28.96
N LYS B 660 -3.56 -4.09 -27.67
CA LYS B 660 -3.43 -2.91 -26.82
C LYS B 660 -2.19 -2.10 -27.18
N GLN B 661 -1.09 -2.79 -27.52
CA GLN B 661 0.10 -2.09 -27.98
C GLN B 661 -0.16 -1.32 -29.27
N ALA B 662 -0.96 -1.92 -30.15
CA ALA B 662 -1.28 -1.30 -31.42
C ALA B 662 -2.06 -0.03 -31.21
N ILE B 663 -3.06 -0.08 -30.33
CA ILE B 663 -3.85 1.12 -30.15
C ILE B 663 -3.08 2.18 -29.40
N GLY B 664 -2.10 1.78 -28.59
CA GLY B 664 -1.29 2.79 -27.93
C GLY B 664 -0.43 3.55 -28.92
N VAL B 665 0.23 2.82 -29.82
CA VAL B 665 1.09 3.46 -30.82
C VAL B 665 0.27 4.35 -31.73
N PHE B 666 -0.87 3.85 -32.17
CA PHE B 666 -1.70 4.64 -33.04
C PHE B 666 -2.31 5.83 -32.31
N SER B 667 -2.49 5.71 -31.00
CA SER B 667 -3.02 6.83 -30.23
C SER B 667 -2.01 7.95 -30.13
N GLU B 668 -0.74 7.59 -29.95
CA GLU B 668 0.29 8.64 -29.95
C GLU B 668 0.43 9.29 -31.32
N CYS B 669 0.34 8.49 -32.38
CA CYS B 669 0.48 9.05 -33.72
C CYS B 669 -0.69 9.94 -34.08
N HIS B 670 -1.90 9.54 -33.69
CA HIS B 670 -3.07 10.37 -33.92
C HIS B 670 -3.07 11.58 -33.02
N SER B 671 -2.40 11.50 -31.88
CA SER B 671 -2.17 12.69 -31.09
C SER B 671 -1.18 13.62 -31.76
N TRP B 672 -0.36 13.11 -32.67
CA TRP B 672 0.59 14.03 -33.28
C TRP B 672 -0.03 14.86 -34.38
N ASP B 673 -0.50 14.22 -35.46
CA ASP B 673 -1.01 14.96 -36.61
C ASP B 673 -1.91 14.03 -37.40
N ALA B 674 -3.18 14.39 -37.51
CA ALA B 674 -4.23 13.41 -37.83
C ALA B 674 -4.19 12.98 -39.29
N GLN B 675 -3.79 13.87 -40.20
CA GLN B 675 -3.70 13.49 -41.60
C GLN B 675 -2.62 12.43 -41.80
N ARG B 676 -1.53 12.54 -41.06
CA ARG B 676 -0.48 11.55 -41.12
C ARG B 676 -0.98 10.21 -40.60
N ALA B 677 -1.75 10.25 -39.51
CA ALA B 677 -2.30 9.01 -38.96
C ALA B 677 -3.30 8.39 -39.91
N GLN B 678 -4.05 9.23 -40.62
CA GLN B 678 -4.92 8.74 -41.67
C GLN B 678 -4.11 8.02 -42.75
N LYS B 679 -2.98 8.60 -43.15
CA LYS B 679 -2.12 8.01 -44.16
C LYS B 679 -1.58 6.66 -43.69
N LEU B 680 -1.27 6.53 -42.41
CA LEU B 680 -0.86 5.22 -41.89
C LEU B 680 -2.01 4.23 -41.89
N LEU B 681 -3.20 4.69 -41.52
CA LEU B 681 -4.31 3.75 -41.40
C LEU B 681 -4.75 3.24 -42.75
N ILE B 682 -4.52 4.02 -43.81
CA ILE B 682 -4.97 3.60 -45.13
C ILE B 682 -3.90 2.88 -45.93
N ARG B 683 -2.63 2.97 -45.55
CA ARG B 683 -1.57 2.54 -46.43
C ARG B 683 -1.52 1.02 -46.51
N ILE B 684 -0.97 0.53 -47.59
CA ILE B 684 -0.56 -0.85 -47.65
C ILE B 684 0.93 -0.87 -47.37
N SER B 685 1.45 -2.06 -47.13
CA SER B 685 2.88 -2.21 -46.99
C SER B 685 3.33 -3.32 -47.92
N PRO B 686 4.55 -3.24 -48.43
CA PRO B 686 5.07 -4.39 -49.18
C PRO B 686 5.28 -5.58 -48.29
N SER B 687 5.66 -5.36 -47.04
CA SER B 687 5.65 -6.44 -46.08
C SER B 687 4.22 -6.79 -45.72
N TRP B 688 4.09 -7.94 -45.05
CA TRP B 688 2.82 -8.49 -44.59
C TRP B 688 1.87 -8.69 -45.76
N GLY B 689 2.41 -9.26 -46.84
CA GLY B 689 1.64 -9.39 -48.05
C GLY B 689 1.35 -8.03 -48.63
N ARG B 690 0.19 -7.94 -49.26
CA ARG B 690 -0.30 -6.68 -49.77
C ARG B 690 -1.58 -6.45 -48.98
N SER B 691 -1.45 -5.81 -47.83
CA SER B 691 -2.57 -5.70 -46.91
C SER B 691 -2.60 -4.32 -46.27
N THR B 692 -3.76 -3.95 -45.77
CA THR B 692 -3.94 -2.70 -45.05
C THR B 692 -3.79 -2.94 -43.57
N CYS B 693 -3.82 -1.85 -42.81
CA CYS B 693 -4.07 -1.98 -41.39
C CYS B 693 -5.49 -2.42 -41.15
N LEU B 694 -6.43 -1.82 -41.87
CA LEU B 694 -7.82 -1.88 -41.51
C LEU B 694 -8.39 -3.26 -41.78
N TRP B 695 -8.06 -3.83 -42.95
CA TRP B 695 -8.58 -5.15 -43.29
C TRP B 695 -8.05 -6.20 -42.35
N LEU B 696 -6.79 -6.07 -41.92
CA LEU B 696 -6.24 -7.02 -40.96
C LEU B 696 -6.96 -6.90 -39.62
N ALA B 697 -7.28 -5.67 -39.21
CA ALA B 697 -8.04 -5.50 -37.98
C ALA B 697 -9.42 -6.13 -38.10
N LEU B 698 -10.06 -5.96 -39.25
CA LEU B 698 -11.42 -6.41 -39.40
C LEU B 698 -11.53 -7.92 -39.55
N GLU B 699 -10.55 -8.52 -40.22
CA GLU B 699 -10.48 -9.96 -40.22
C GLU B 699 -10.08 -10.47 -38.85
N ALA B 700 -9.39 -9.66 -38.07
CA ALA B 700 -8.95 -10.07 -36.75
C ALA B 700 -10.01 -9.86 -35.68
N HIS B 701 -11.11 -9.18 -36.01
CA HIS B 701 -12.15 -8.78 -35.05
C HIS B 701 -11.57 -7.98 -33.90
N ASP B 702 -10.59 -7.13 -34.18
CA ASP B 702 -9.93 -6.37 -33.12
C ASP B 702 -10.85 -5.26 -32.64
N LYS B 703 -11.75 -5.62 -31.73
CA LYS B 703 -12.87 -4.75 -31.42
C LYS B 703 -12.45 -3.51 -30.65
N SER B 704 -11.29 -3.53 -30.01
CA SER B 704 -10.84 -2.32 -29.35
C SER B 704 -10.29 -1.32 -30.34
N PHE B 705 -9.54 -1.79 -31.32
CA PHE B 705 -8.80 -0.88 -32.19
C PHE B 705 -9.73 -0.15 -33.14
N ILE B 706 -10.75 -0.84 -33.62
CA ILE B 706 -11.77 -0.18 -34.40
C ILE B 706 -12.56 0.81 -33.53
N ALA B 707 -12.62 0.57 -32.23
CA ALA B 707 -13.28 1.51 -31.34
C ALA B 707 -12.25 2.55 -30.94
N HIS B 708 -11.99 3.47 -31.86
CA HIS B 708 -11.06 4.54 -31.55
C HIS B 708 -11.44 5.79 -32.30
N SER B 709 -11.03 6.93 -31.75
CA SER B 709 -11.36 8.25 -32.29
C SER B 709 -10.92 8.39 -33.74
N GLY B 710 -9.66 8.08 -34.03
CA GLY B 710 -9.14 8.33 -35.37
C GLY B 710 -9.78 7.45 -36.42
N VAL B 711 -9.98 6.17 -36.09
CA VAL B 711 -10.50 5.26 -37.09
C VAL B 711 -12.00 5.49 -37.29
N GLN B 712 -12.72 5.89 -36.25
CA GLN B 712 -14.11 6.25 -36.45
C GLN B 712 -14.24 7.55 -37.22
N ALA B 713 -13.32 8.48 -36.98
CA ALA B 713 -13.32 9.73 -37.75
C ALA B 713 -13.05 9.46 -39.21
N LEU B 714 -12.17 8.51 -39.51
CA LEU B 714 -11.89 8.23 -40.90
C LEU B 714 -13.02 7.45 -41.54
N LEU B 715 -13.67 6.55 -40.80
CA LEU B 715 -14.84 5.88 -41.34
C LEU B 715 -15.96 6.87 -41.62
N THR B 716 -16.07 7.88 -40.76
CA THR B 716 -17.05 8.93 -40.96
C THR B 716 -16.72 9.77 -42.18
N GLN B 717 -15.46 10.14 -42.35
CA GLN B 717 -15.11 10.98 -43.48
C GLN B 717 -15.17 10.20 -44.79
N ILE B 718 -14.91 8.89 -44.75
CA ILE B 718 -15.13 8.07 -45.93
C ILE B 718 -16.60 7.74 -46.11
N TRP B 719 -17.44 8.10 -45.15
CA TRP B 719 -18.89 8.01 -45.32
C TRP B 719 -19.51 9.30 -45.85
N CYS B 720 -18.90 10.44 -45.54
CA CYS B 720 -19.48 11.70 -45.95
C CYS B 720 -19.09 12.09 -47.37
N GLY B 721 -18.04 11.49 -47.91
CA GLY B 721 -17.63 11.84 -49.25
C GLY B 721 -17.04 13.24 -49.32
N GLU B 722 -17.21 13.87 -50.48
CA GLU B 722 -16.64 15.20 -50.70
C GLU B 722 -17.35 16.27 -49.90
N LEU B 723 -18.58 16.02 -49.46
CA LEU B 723 -19.17 16.88 -48.46
C LEU B 723 -18.43 16.66 -47.15
N SER B 724 -17.99 17.75 -46.53
CA SER B 724 -17.33 17.61 -45.25
C SER B 724 -18.34 17.27 -44.16
N VAL B 725 -17.84 16.67 -43.08
CA VAL B 725 -18.72 16.13 -42.05
C VAL B 725 -19.31 17.19 -41.14
N ASP B 726 -18.88 18.44 -41.28
CA ASP B 726 -19.42 19.51 -40.45
C ASP B 726 -20.87 19.84 -40.79
N ASN B 727 -21.33 19.48 -41.99
CA ASN B 727 -22.72 19.67 -42.34
C ASN B 727 -23.57 18.68 -41.56
N PRO B 728 -24.55 19.15 -40.77
CA PRO B 728 -25.35 18.23 -39.95
C PRO B 728 -26.41 17.51 -40.76
N HIS B 729 -27.31 16.82 -40.07
CA HIS B 729 -28.50 16.30 -40.73
C HIS B 729 -29.42 17.43 -41.16
N TRP B 730 -30.42 17.06 -41.97
CA TRP B 730 -31.61 17.82 -42.40
C TRP B 730 -31.30 19.06 -43.23
N LYS B 731 -30.05 19.46 -43.35
CA LYS B 731 -29.66 20.31 -44.46
C LYS B 731 -29.26 19.44 -45.63
N VAL B 732 -28.75 18.25 -45.31
CA VAL B 732 -28.57 17.20 -46.30
C VAL B 732 -29.91 16.75 -46.86
N LEU B 733 -30.88 16.57 -45.97
CA LEU B 733 -32.20 16.08 -46.40
C LEU B 733 -32.92 17.14 -47.23
N LEU B 734 -32.86 18.38 -46.78
CA LEU B 734 -33.50 19.47 -47.50
C LEU B 734 -32.77 19.77 -48.80
N CYS B 735 -31.47 19.50 -48.86
CA CYS B 735 -30.77 19.65 -50.13
C CYS B 735 -31.03 18.46 -51.04
N MET B 736 -31.35 17.30 -50.47
CA MET B 736 -31.87 16.21 -51.29
C MET B 736 -33.21 16.59 -51.89
N ILE B 737 -33.97 17.43 -51.19
CA ILE B 737 -35.12 18.06 -51.82
C ILE B 737 -34.68 19.16 -52.78
N PHE B 738 -34.00 20.18 -52.26
CA PHE B 738 -33.68 21.38 -53.03
C PHE B 738 -32.39 21.18 -53.79
N PHE B 739 -32.51 20.93 -55.09
CA PHE B 739 -31.35 20.61 -55.93
C PHE B 739 -30.30 21.73 -56.00
N PRO B 740 -30.62 23.01 -56.37
CA PRO B 740 -29.50 23.96 -56.57
C PRO B 740 -29.03 24.62 -55.27
N LEU B 741 -29.45 24.08 -54.12
CA LEU B 741 -29.17 24.67 -52.83
C LEU B 741 -27.68 24.66 -52.48
N ILE B 742 -26.88 23.86 -53.17
CA ILE B 742 -25.43 23.90 -53.02
C ILE B 742 -24.84 25.22 -53.47
N TYR B 743 -25.50 25.95 -54.38
CA TYR B 743 -24.88 27.16 -54.89
C TYR B 743 -25.08 28.34 -53.94
N THR B 744 -26.11 28.29 -53.11
CA THR B 744 -26.17 29.20 -51.99
C THR B 744 -25.16 28.76 -50.94
N GLY B 745 -24.72 29.71 -50.11
CA GLY B 745 -23.71 29.38 -49.12
C GLY B 745 -24.26 28.51 -48.02
N PHE B 746 -23.98 27.21 -48.14
CA PHE B 746 -24.46 26.14 -47.28
C PHE B 746 -23.58 24.94 -47.56
N LEU B 747 -23.58 23.99 -46.62
CA LEU B 747 -23.12 22.62 -46.83
C LEU B 747 -21.65 22.58 -47.26
N THR B 748 -20.80 22.98 -46.31
CA THR B 748 -19.37 23.11 -46.56
C THR B 748 -18.77 21.78 -46.97
N PHE B 749 -18.16 21.76 -48.14
CA PHE B 749 -17.60 20.53 -48.67
C PHE B 749 -16.21 20.33 -48.10
N ARG B 750 -15.64 19.15 -48.37
CA ARG B 750 -14.28 18.89 -47.92
C ARG B 750 -13.29 19.76 -48.67
N ARG B 751 -13.42 19.84 -49.99
CA ARG B 751 -12.46 20.59 -50.80
C ARG B 751 -12.57 22.08 -50.55
N ASP B 752 -13.81 22.60 -50.42
CA ASP B 752 -13.99 24.03 -50.23
C ASP B 752 -13.49 24.48 -48.87
N GLU B 753 -13.87 23.76 -47.81
CA GLU B 753 -13.38 24.09 -46.48
C GLU B 753 -11.89 23.83 -46.37
N ASP B 754 -11.36 22.90 -47.16
CA ASP B 754 -9.92 22.67 -47.20
C ASP B 754 -9.19 23.84 -47.81
N ILE B 755 -9.74 24.41 -48.89
CA ILE B 755 -9.17 25.61 -49.49
C ILE B 755 -9.24 26.78 -48.52
N GLN B 756 -10.34 26.89 -47.79
CA GLN B 756 -10.48 27.96 -46.81
C GLN B 756 -9.50 27.80 -45.65
N ARG B 757 -9.32 26.57 -45.18
CA ARG B 757 -8.38 26.32 -44.08
C ARG B 757 -6.94 26.52 -44.53
N GLN B 758 -6.62 26.13 -45.76
CA GLN B 758 -5.27 26.34 -46.28
C GLN B 758 -4.99 27.81 -46.53
N ALA B 759 -6.00 28.56 -46.94
CA ALA B 759 -5.85 30.01 -47.09
C ALA B 759 -5.67 30.67 -45.73
N GLU B 760 -6.34 30.14 -44.71
CA GLU B 760 -6.14 30.66 -43.36
C GLU B 760 -4.75 30.33 -42.83
N ARG B 761 -4.24 29.14 -43.15
CA ARG B 761 -2.97 28.70 -42.61
C ARG B 761 -1.80 29.40 -43.30
N THR B 762 -1.84 29.47 -44.64
CA THR B 762 -0.75 30.08 -45.38
C THR B 762 -0.71 31.59 -45.26
N GLU B 763 -1.75 32.21 -44.70
CA GLU B 763 -1.75 33.65 -44.46
C GLU B 763 -0.79 34.05 -43.35
N GLN B 764 -0.36 33.11 -42.52
CA GLN B 764 0.47 33.43 -41.39
C GLN B 764 1.85 32.79 -41.49
N CYS B 799 -18.58 23.85 -60.48
CA CYS B 799 -20.03 24.01 -60.44
C CYS B 799 -20.73 22.75 -60.93
N SER B 800 -20.46 22.39 -62.19
CA SER B 800 -21.01 21.16 -62.75
C SER B 800 -20.37 19.94 -62.09
N SER B 801 -19.04 19.93 -62.01
CA SER B 801 -18.35 18.86 -61.30
C SER B 801 -18.66 18.89 -59.82
N ARG B 802 -18.93 20.08 -59.27
CA ARG B 802 -19.42 20.20 -57.91
C ARG B 802 -20.74 19.47 -57.71
N LEU B 803 -21.66 19.64 -58.65
CA LEU B 803 -22.95 19.00 -58.55
C LEU B 803 -22.85 17.49 -58.72
N MET B 804 -22.04 17.04 -59.67
CA MET B 804 -21.86 15.61 -59.85
C MET B 804 -21.12 14.98 -58.67
N SER B 805 -20.26 15.75 -58.02
CA SER B 805 -19.61 15.27 -56.81
C SER B 805 -20.60 15.14 -55.68
N PHE B 806 -21.44 16.15 -55.48
CA PHE B 806 -22.44 16.09 -54.42
C PHE B 806 -23.47 15.02 -54.68
N LEU B 807 -23.70 14.68 -55.95
CA LEU B 807 -24.54 13.54 -56.29
C LEU B 807 -23.97 12.25 -55.72
N LYS B 808 -22.67 12.05 -55.84
CA LYS B 808 -22.06 10.76 -55.58
C LYS B 808 -21.68 10.56 -54.11
N SER B 809 -22.29 11.30 -53.19
CA SER B 809 -21.98 11.09 -51.78
C SER B 809 -22.65 9.81 -51.28
N PRO B 810 -22.02 9.10 -50.34
CA PRO B 810 -22.57 7.80 -49.92
C PRO B 810 -23.86 7.91 -49.13
N GLN B 811 -23.96 8.89 -48.24
CA GLN B 811 -25.15 8.94 -47.39
C GLN B 811 -26.37 9.44 -48.14
N VAL B 812 -26.17 10.30 -49.15
CA VAL B 812 -27.32 10.69 -49.94
C VAL B 812 -27.74 9.53 -50.83
N LYS B 813 -26.79 8.67 -51.18
CA LYS B 813 -27.12 7.45 -51.91
C LYS B 813 -27.93 6.51 -51.04
N PHE B 814 -27.59 6.44 -49.76
CA PHE B 814 -28.33 5.56 -48.85
C PHE B 814 -29.74 6.08 -48.60
N TYR B 815 -29.86 7.40 -48.41
CA TYR B 815 -31.19 7.98 -48.24
C TYR B 815 -32.02 7.83 -49.50
N TRP B 816 -31.36 7.92 -50.65
CA TRP B 816 -32.02 7.68 -51.93
C TRP B 816 -32.52 6.25 -52.02
N ASN B 817 -31.72 5.30 -51.54
CA ASN B 817 -32.09 3.89 -51.65
C ASN B 817 -33.26 3.56 -50.74
N ILE B 818 -33.27 4.12 -49.53
CA ILE B 818 -34.39 3.81 -48.66
C ILE B 818 -35.64 4.55 -49.13
N ALA B 819 -35.47 5.69 -49.79
CA ALA B 819 -36.63 6.35 -50.39
C ALA B 819 -37.20 5.55 -51.54
N SER B 820 -36.32 4.96 -52.37
CA SER B 820 -36.78 4.07 -53.43
C SER B 820 -37.45 2.84 -52.87
N TYR B 821 -37.00 2.38 -51.71
CA TYR B 821 -37.64 1.23 -51.09
C TYR B 821 -39.00 1.58 -50.52
N PHE B 822 -39.15 2.80 -49.98
CA PHE B 822 -40.47 3.31 -49.60
C PHE B 822 -41.41 3.33 -50.80
N GLY B 823 -40.91 3.83 -51.93
CA GLY B 823 -41.72 3.86 -53.14
C GLY B 823 -42.12 2.47 -53.59
N PHE B 824 -41.23 1.51 -53.44
CA PHE B 824 -41.58 0.12 -53.74
C PHE B 824 -42.65 -0.41 -52.79
N LEU B 825 -42.57 -0.04 -51.51
CA LEU B 825 -43.58 -0.49 -50.55
C LEU B 825 -44.95 0.07 -50.88
N TRP B 826 -45.00 1.36 -51.24
CA TRP B 826 -46.25 1.98 -51.64
C TRP B 826 -46.81 1.35 -52.91
N LEU B 827 -45.95 1.11 -53.89
CA LEU B 827 -46.33 0.43 -55.13
C LEU B 827 -46.90 -0.96 -54.86
N PHE B 828 -46.22 -1.72 -54.01
CA PHE B 828 -46.63 -3.10 -53.77
C PHE B 828 -47.92 -3.15 -52.98
N ALA B 829 -48.11 -2.21 -52.05
CA ALA B 829 -49.37 -2.09 -51.34
C ALA B 829 -50.52 -1.75 -52.30
N VAL B 830 -50.24 -0.87 -53.27
CA VAL B 830 -51.25 -0.51 -54.27
C VAL B 830 -51.64 -1.72 -55.12
N VAL B 831 -50.65 -2.47 -55.61
CA VAL B 831 -50.92 -3.61 -56.48
C VAL B 831 -51.62 -4.72 -55.68
N LEU B 832 -51.31 -4.85 -54.40
CA LEU B 832 -52.05 -5.79 -53.57
C LEU B 832 -53.48 -5.32 -53.32
N MET B 833 -53.71 -4.01 -53.32
CA MET B 833 -55.09 -3.53 -53.17
C MET B 833 -55.92 -3.74 -54.43
N ILE B 834 -55.43 -3.28 -55.58
CA ILE B 834 -56.35 -2.93 -56.65
C ILE B 834 -56.61 -4.09 -57.63
N ASP B 835 -55.62 -4.89 -58.00
CA ASP B 835 -55.84 -5.84 -59.11
C ASP B 835 -55.13 -7.17 -58.90
N PHE B 836 -55.88 -8.16 -58.45
CA PHE B 836 -55.44 -9.54 -58.44
C PHE B 836 -56.06 -10.22 -59.66
N GLN B 837 -55.26 -10.48 -60.68
CA GLN B 837 -55.75 -11.06 -61.93
C GLN B 837 -54.91 -12.28 -62.30
N THR B 838 -55.13 -12.82 -63.51
CA THR B 838 -54.37 -13.98 -63.95
C THR B 838 -53.44 -13.65 -65.11
N SER B 841 -51.36 -7.22 -65.01
CA SER B 841 -51.42 -5.79 -65.30
C SER B 841 -50.07 -5.22 -65.69
N TRP B 842 -50.08 -3.97 -66.16
CA TRP B 842 -48.86 -3.23 -66.38
C TRP B 842 -48.14 -2.94 -65.07
N ARG B 843 -48.90 -2.72 -64.00
CA ARG B 843 -48.31 -2.57 -62.67
C ARG B 843 -47.64 -3.85 -62.21
N GLU B 844 -48.19 -5.01 -62.58
CA GLU B 844 -47.58 -6.28 -62.23
C GLU B 844 -46.26 -6.49 -62.97
N LEU B 845 -46.21 -6.09 -64.23
CA LEU B 845 -44.96 -6.17 -64.98
C LEU B 845 -43.92 -5.19 -64.44
N LEU B 846 -44.37 -4.02 -63.97
CA LEU B 846 -43.47 -3.09 -63.31
C LEU B 846 -42.92 -3.66 -62.01
N LEU B 847 -43.76 -4.39 -61.29
CA LEU B 847 -43.34 -5.03 -60.05
C LEU B 847 -42.32 -6.13 -60.33
N TYR B 848 -42.52 -6.88 -61.40
CA TYR B 848 -41.56 -7.92 -61.78
C TYR B 848 -40.24 -7.32 -62.22
N VAL B 849 -40.30 -6.18 -62.92
CA VAL B 849 -39.07 -5.52 -63.33
C VAL B 849 -38.34 -4.95 -62.12
N TRP B 850 -39.08 -4.52 -61.11
CA TRP B 850 -38.48 -4.02 -59.89
C TRP B 850 -37.78 -5.15 -59.13
N LEU B 851 -38.42 -6.32 -59.08
CA LEU B 851 -37.77 -7.48 -58.48
C LEU B 851 -36.53 -7.90 -59.26
N THR B 852 -36.56 -7.74 -60.59
CA THR B 852 -35.37 -8.01 -61.38
C THR B 852 -34.26 -7.01 -61.09
N SER B 853 -34.64 -5.75 -60.83
CA SER B 853 -33.66 -4.73 -60.45
C SER B 853 -33.01 -5.05 -59.12
N LEU B 854 -33.79 -5.52 -58.15
CA LEU B 854 -33.22 -5.89 -56.86
C LEU B 854 -32.35 -7.14 -56.96
N VAL B 855 -32.72 -8.09 -57.82
CA VAL B 855 -31.88 -9.26 -58.03
C VAL B 855 -30.57 -8.86 -58.71
N CYS B 856 -30.63 -7.88 -59.62
CA CYS B 856 -29.40 -7.39 -60.23
C CYS B 856 -28.52 -6.65 -59.22
N GLU B 857 -29.14 -5.95 -58.28
CA GLU B 857 -28.39 -5.31 -57.20
C GLU B 857 -27.67 -6.35 -56.33
N GLU B 858 -28.38 -7.43 -55.98
CA GLU B 858 -27.74 -8.51 -55.23
C GLU B 858 -26.63 -9.18 -56.03
N ILE B 859 -26.79 -9.29 -57.35
CA ILE B 859 -25.79 -9.94 -58.19
C ILE B 859 -24.52 -9.09 -58.28
N ARG B 860 -24.67 -7.78 -58.48
CA ARG B 860 -23.49 -6.93 -58.51
C ARG B 860 -22.87 -6.76 -57.13
N GLN B 861 -23.65 -6.96 -56.07
CA GLN B 861 -23.06 -7.07 -54.75
C GLN B 861 -22.21 -8.33 -54.64
N LEU B 862 -22.71 -9.46 -55.16
CA LEU B 862 -22.06 -10.73 -54.92
C LEU B 862 -20.79 -10.90 -55.76
N TYR B 863 -20.90 -10.67 -57.07
CA TYR B 863 -19.79 -10.97 -57.97
C TYR B 863 -18.62 -10.01 -57.76
N HIS B 864 -18.90 -8.70 -57.83
CA HIS B 864 -17.84 -7.71 -57.73
C HIS B 864 -17.26 -7.67 -56.32
N ASP B 865 -18.11 -7.67 -55.32
CA ASP B 865 -17.64 -7.69 -53.94
C ASP B 865 -17.76 -9.10 -53.38
N GLY B 870 -13.67 -16.36 -51.22
CA GLY B 870 -13.94 -17.38 -52.22
C GLY B 870 -15.41 -17.59 -52.49
N PHE B 871 -15.72 -18.44 -53.47
CA PHE B 871 -17.10 -18.73 -53.79
C PHE B 871 -17.77 -19.53 -52.67
N ARG B 872 -17.08 -20.56 -52.18
CA ARG B 872 -17.58 -21.29 -51.02
C ARG B 872 -17.57 -20.42 -49.78
N ARG B 873 -16.61 -19.49 -49.68
CA ARG B 873 -16.61 -18.54 -48.57
C ARG B 873 -17.78 -17.57 -48.67
N LYS B 874 -18.12 -17.15 -49.89
CA LYS B 874 -19.29 -16.30 -50.08
C LYS B 874 -20.57 -17.05 -49.75
N ALA B 875 -20.62 -18.34 -50.07
CA ALA B 875 -21.80 -19.14 -49.73
C ALA B 875 -21.91 -19.35 -48.22
N LYS B 876 -20.78 -19.53 -47.55
CA LYS B 876 -20.80 -19.68 -46.09
C LYS B 876 -21.21 -18.39 -45.40
N MET B 877 -20.74 -17.25 -45.92
CA MET B 877 -21.17 -15.97 -45.37
C MET B 877 -22.64 -15.69 -45.68
N TYR B 878 -23.15 -16.21 -46.80
CA TYR B 878 -24.55 -16.01 -47.12
C TYR B 878 -25.45 -16.87 -46.23
N ILE B 879 -25.06 -18.12 -46.00
CA ILE B 879 -25.87 -18.99 -45.15
C ILE B 879 -25.71 -18.64 -43.68
N LYS B 880 -24.62 -17.98 -43.31
CA LYS B 880 -24.44 -17.57 -41.92
C LYS B 880 -25.39 -16.46 -41.53
N ASP B 881 -25.70 -15.56 -42.46
CA ASP B 881 -26.60 -14.46 -42.18
C ASP B 881 -28.04 -14.94 -42.14
N LEU B 882 -28.77 -14.52 -41.10
CA LEU B 882 -30.21 -14.69 -41.08
C LEU B 882 -30.88 -13.77 -42.07
N TRP B 883 -30.27 -12.63 -42.36
CA TRP B 883 -30.92 -11.64 -43.21
C TRP B 883 -30.72 -11.97 -44.69
N ASN B 884 -29.55 -12.49 -45.06
CA ASN B 884 -29.36 -12.94 -46.43
C ASN B 884 -30.24 -14.14 -46.75
N ILE B 885 -30.36 -15.06 -45.79
CA ILE B 885 -31.24 -16.21 -46.03
C ILE B 885 -32.70 -15.78 -45.94
N LEU B 886 -32.98 -14.71 -45.18
CA LEU B 886 -34.32 -14.12 -45.19
C LEU B 886 -34.65 -13.54 -46.55
N ASP B 887 -33.68 -12.87 -47.18
CA ASP B 887 -33.89 -12.31 -48.51
C ASP B 887 -34.09 -13.42 -49.53
N VAL B 888 -33.32 -14.49 -49.43
CA VAL B 888 -33.47 -15.51 -50.47
C VAL B 888 -34.76 -16.32 -50.26
N LEU B 889 -35.22 -16.45 -49.00
CA LEU B 889 -36.52 -17.08 -48.78
C LEU B 889 -37.65 -16.19 -49.27
N SER B 890 -37.49 -14.88 -49.08
CA SER B 890 -38.49 -13.93 -49.56
C SER B 890 -38.56 -13.95 -51.08
N ILE B 891 -37.41 -14.07 -51.75
CA ILE B 891 -37.44 -13.99 -53.20
C ILE B 891 -37.86 -15.33 -53.81
N VAL B 892 -37.65 -16.45 -53.11
CA VAL B 892 -38.17 -17.69 -53.67
C VAL B 892 -39.67 -17.80 -53.40
N LEU B 893 -40.16 -17.18 -52.31
CA LEU B 893 -41.61 -17.09 -52.12
C LEU B 893 -42.24 -16.18 -53.16
N PHE B 894 -41.51 -15.14 -53.58
CA PHE B 894 -41.96 -14.31 -54.68
C PHE B 894 -42.03 -15.09 -55.99
N ILE B 895 -41.02 -15.93 -56.24
CA ILE B 895 -41.00 -16.74 -57.46
C ILE B 895 -42.14 -17.75 -57.43
N ALA B 896 -42.45 -18.28 -56.25
CA ALA B 896 -43.59 -19.18 -56.09
C ALA B 896 -44.91 -18.45 -56.34
N GLY B 897 -45.00 -17.20 -55.86
CA GLY B 897 -46.20 -16.42 -56.13
C GLY B 897 -46.39 -16.11 -57.60
N LEU B 898 -45.28 -15.84 -58.31
CA LEU B 898 -45.37 -15.55 -59.73
C LEU B 898 -45.74 -16.80 -60.52
N ILE B 899 -45.13 -17.94 -60.20
CA ILE B 899 -45.49 -19.18 -60.89
C ILE B 899 -46.90 -19.64 -60.52
N CYS B 900 -47.41 -19.22 -59.36
CA CYS B 900 -48.74 -19.64 -58.95
C CYS B 900 -49.82 -18.77 -59.56
N ARG B 901 -49.54 -17.49 -59.80
CA ARG B 901 -50.43 -16.66 -60.58
C ARG B 901 -50.33 -16.97 -62.06
N LEU B 902 -49.20 -17.51 -62.51
CA LEU B 902 -49.07 -17.85 -63.93
C LEU B 902 -49.90 -19.09 -64.28
N GLN B 903 -50.17 -19.96 -63.32
CA GLN B 903 -50.94 -21.16 -63.60
C GLN B 903 -52.42 -20.83 -63.80
N ALA B 904 -53.06 -21.55 -64.72
CA ALA B 904 -54.42 -21.24 -65.16
C ALA B 904 -55.42 -22.07 -64.37
N SER B 905 -55.69 -21.62 -63.14
CA SER B 905 -56.73 -22.22 -62.30
C SER B 905 -57.15 -21.20 -61.25
N ASP B 906 -58.42 -21.26 -60.86
CA ASP B 906 -58.93 -20.37 -59.82
C ASP B 906 -58.36 -20.71 -58.47
N THR B 907 -58.11 -22.00 -58.22
CA THR B 907 -57.37 -22.39 -57.03
C THR B 907 -55.95 -21.86 -57.09
N VAL B 908 -55.34 -21.89 -58.28
CA VAL B 908 -54.00 -21.36 -58.46
C VAL B 908 -54.00 -19.84 -58.32
N PHE B 909 -55.05 -19.17 -58.79
CA PHE B 909 -55.11 -17.72 -58.67
C PHE B 909 -55.30 -17.29 -57.22
N TYR B 910 -56.21 -17.95 -56.50
CA TYR B 910 -56.41 -17.66 -55.08
C TYR B 910 -55.18 -17.99 -54.26
N ILE B 911 -54.49 -19.09 -54.60
CA ILE B 911 -53.30 -19.49 -53.86
C ILE B 911 -52.15 -18.53 -54.13
N GLY B 912 -52.05 -18.02 -55.37
CA GLY B 912 -51.02 -17.02 -55.65
C GLY B 912 -51.27 -15.71 -54.95
N LYS B 913 -52.54 -15.31 -54.85
CA LYS B 913 -52.89 -14.13 -54.06
C LYS B 913 -52.53 -14.32 -52.59
N VAL B 914 -52.73 -15.54 -52.07
CA VAL B 914 -52.38 -15.82 -50.68
C VAL B 914 -50.87 -15.81 -50.47
N ILE B 915 -50.12 -16.37 -51.43
CA ILE B 915 -48.65 -16.40 -51.32
C ILE B 915 -48.09 -14.99 -51.38
N LEU B 916 -48.61 -14.15 -52.27
CA LEU B 916 -48.15 -12.77 -52.32
C LEU B 916 -48.58 -11.99 -51.08
N CYS B 917 -49.73 -12.33 -50.48
CA CYS B 917 -50.14 -11.70 -49.24
C CYS B 917 -49.23 -12.11 -48.09
N ILE B 918 -48.69 -13.32 -48.13
CA ILE B 918 -47.67 -13.70 -47.15
C ILE B 918 -46.37 -12.96 -47.42
N ASP B 919 -46.01 -12.83 -48.70
CA ASP B 919 -44.71 -12.26 -49.04
C ASP B 919 -44.65 -10.77 -48.74
N PHE B 920 -45.81 -10.08 -48.73
CA PHE B 920 -45.86 -8.68 -48.32
C PHE B 920 -45.37 -8.49 -46.91
N ILE B 921 -45.89 -9.28 -45.97
CA ILE B 921 -45.42 -9.14 -44.60
C ILE B 921 -44.03 -9.76 -44.42
N ILE B 922 -43.62 -10.66 -45.33
CA ILE B 922 -42.23 -11.11 -45.32
C ILE B 922 -41.29 -9.95 -45.61
N PHE B 923 -41.60 -9.15 -46.63
CA PHE B 923 -40.81 -7.96 -46.89
C PHE B 923 -40.95 -6.91 -45.80
N CYS B 924 -42.11 -6.88 -45.13
CA CYS B 924 -42.27 -5.99 -43.99
C CYS B 924 -41.30 -6.36 -42.87
N LEU B 925 -41.09 -7.65 -42.65
CA LEU B 925 -40.06 -8.04 -41.69
C LEU B 925 -38.66 -7.82 -42.24
N ARG B 926 -38.52 -7.87 -43.56
CA ARG B 926 -37.24 -7.64 -44.23
C ARG B 926 -36.77 -6.18 -44.10
N LEU B 927 -37.68 -5.25 -43.87
CA LEU B 927 -37.30 -3.86 -43.61
C LEU B 927 -36.38 -3.66 -42.40
N MET B 928 -36.33 -4.62 -41.46
CA MET B 928 -35.97 -4.30 -40.08
C MET B 928 -34.50 -3.95 -39.89
N ALA B 929 -33.60 -4.39 -40.77
CA ALA B 929 -32.19 -4.04 -40.61
C ALA B 929 -31.92 -2.60 -40.98
N ILE B 930 -32.75 -2.00 -41.84
CA ILE B 930 -32.61 -0.59 -42.16
C ILE B 930 -32.97 0.26 -40.96
N PHE B 931 -34.00 -0.17 -40.21
CA PHE B 931 -34.29 0.44 -38.93
C PHE B 931 -33.27 0.07 -37.87
N SER B 932 -32.40 -0.91 -38.14
CA SER B 932 -31.38 -1.35 -37.19
C SER B 932 -30.02 -0.74 -37.46
N ILE B 933 -29.96 0.49 -37.97
CA ILE B 933 -28.67 1.00 -38.45
C ILE B 933 -28.30 2.31 -37.77
N SER B 934 -29.25 2.92 -37.06
CA SER B 934 -28.97 4.21 -36.46
C SER B 934 -28.14 4.05 -35.20
N ARG B 935 -27.87 5.18 -34.54
CA ARG B 935 -27.02 5.19 -33.37
C ARG B 935 -27.69 4.48 -32.19
N THR B 936 -28.97 4.72 -32.00
CA THR B 936 -29.71 4.11 -30.91
C THR B 936 -30.44 2.85 -31.33
N LEU B 937 -30.29 2.42 -32.58
CA LEU B 937 -30.96 1.21 -33.06
C LEU B 937 -30.31 -0.04 -32.50
N GLY B 938 -29.03 0.06 -32.13
CA GLY B 938 -28.28 -1.06 -31.58
C GLY B 938 -28.84 -1.70 -30.33
N PRO B 939 -29.19 -0.93 -29.28
CA PRO B 939 -29.89 -1.54 -28.15
C PRO B 939 -31.24 -2.14 -28.52
N LYS B 940 -31.91 -1.57 -29.51
CA LYS B 940 -33.18 -2.15 -29.96
C LYS B 940 -32.97 -3.52 -30.59
N ILE B 941 -31.95 -3.64 -31.44
CA ILE B 941 -31.63 -4.92 -32.05
C ILE B 941 -31.14 -5.90 -31.00
N ILE B 942 -30.44 -5.40 -29.98
CA ILE B 942 -29.91 -6.27 -28.92
C ILE B 942 -31.03 -6.83 -28.08
N ILE B 943 -31.99 -5.98 -27.71
CA ILE B 943 -33.14 -6.44 -26.92
C ILE B 943 -34.05 -7.31 -27.78
N VAL B 944 -34.01 -7.12 -29.09
CA VAL B 944 -34.71 -8.03 -30.00
C VAL B 944 -34.14 -9.45 -29.87
N ARG B 945 -32.84 -9.56 -29.65
CA ARG B 945 -32.23 -10.87 -29.45
C ARG B 945 -32.64 -11.46 -28.10
N ARG B 946 -32.66 -10.63 -27.06
CA ARG B 946 -33.03 -11.12 -25.72
C ARG B 946 -34.51 -11.46 -25.65
N MET B 947 -35.32 -10.86 -26.53
CA MET B 947 -36.75 -11.15 -26.55
C MET B 947 -37.03 -12.57 -27.02
N MET B 948 -36.10 -13.16 -27.79
CA MET B 948 -36.35 -14.44 -28.46
C MET B 948 -36.49 -15.59 -27.47
N LEU B 949 -35.56 -15.68 -26.50
CA LEU B 949 -35.49 -16.83 -25.61
C LEU B 949 -36.69 -16.92 -24.67
N ASP B 950 -37.33 -15.77 -24.38
CA ASP B 950 -38.47 -15.75 -23.46
C ASP B 950 -39.66 -16.48 -24.04
N LEU B 951 -39.71 -16.64 -25.36
CA LEU B 951 -40.83 -17.30 -26.02
C LEU B 951 -40.96 -18.77 -25.63
N PHE B 952 -42.20 -19.25 -25.69
CA PHE B 952 -42.74 -20.61 -25.53
C PHE B 952 -42.80 -21.15 -24.10
N PHE B 953 -42.19 -20.47 -23.13
CA PHE B 953 -42.39 -20.91 -21.76
C PHE B 953 -43.68 -20.36 -21.19
N PHE B 954 -43.98 -19.09 -21.47
CA PHE B 954 -45.26 -18.52 -21.09
C PHE B 954 -46.39 -19.16 -21.91
N MET B 955 -46.10 -19.54 -23.15
CA MET B 955 -47.10 -20.24 -23.96
C MET B 955 -47.38 -21.63 -23.40
N PHE B 956 -46.36 -22.29 -22.87
CA PHE B 956 -46.57 -23.58 -22.21
C PHE B 956 -47.39 -23.41 -20.93
N LEU B 957 -47.12 -22.35 -20.17
CA LEU B 957 -47.87 -22.11 -18.94
C LEU B 957 -49.33 -21.78 -19.23
N LEU B 958 -49.57 -20.95 -20.24
CA LEU B 958 -50.94 -20.63 -20.63
C LEU B 958 -51.64 -21.85 -21.21
N SER B 959 -50.91 -22.72 -21.90
CA SER B 959 -51.50 -23.94 -22.43
C SER B 959 -51.88 -24.90 -21.32
N ILE B 960 -51.04 -24.99 -20.28
CA ILE B 960 -51.36 -25.84 -19.14
C ILE B 960 -52.57 -25.31 -18.39
N TRP B 961 -52.62 -23.98 -18.18
CA TRP B 961 -53.75 -23.39 -17.50
C TRP B 961 -55.04 -23.53 -18.30
N VAL B 962 -54.95 -23.37 -19.63
CA VAL B 962 -56.12 -23.50 -20.49
C VAL B 962 -56.61 -24.93 -20.53
N VAL B 963 -55.68 -25.89 -20.49
CA VAL B 963 -56.08 -27.30 -20.46
C VAL B 963 -56.76 -27.63 -19.14
N ALA B 964 -56.26 -27.06 -18.04
CA ALA B 964 -56.89 -27.27 -16.73
C ALA B 964 -58.30 -26.68 -16.69
N TYR B 965 -58.46 -25.46 -17.22
CA TYR B 965 -59.79 -24.83 -17.21
C TYR B 965 -60.77 -25.54 -18.12
N GLY B 966 -60.32 -25.96 -19.30
CA GLY B 966 -61.19 -26.69 -20.21
C GLY B 966 -61.59 -28.05 -19.70
N VAL B 967 -60.66 -28.75 -19.05
CA VAL B 967 -60.99 -30.05 -18.47
C VAL B 967 -61.94 -29.87 -17.30
N ALA B 968 -61.79 -28.78 -16.52
CA ALA B 968 -62.70 -28.52 -15.42
C ALA B 968 -64.11 -28.22 -15.92
N LYS B 969 -64.22 -27.42 -17.00
CA LYS B 969 -65.53 -27.10 -17.54
C LYS B 969 -66.20 -28.32 -18.16
N GLN B 970 -65.43 -29.18 -18.83
CA GLN B 970 -66.01 -30.38 -19.42
C GLN B 970 -66.41 -31.39 -18.36
N GLY B 971 -65.59 -31.51 -17.30
CA GLY B 971 -65.91 -32.47 -16.25
C GLY B 971 -67.11 -32.05 -15.41
N ILE B 972 -67.19 -30.76 -15.11
CA ILE B 972 -68.32 -30.27 -14.31
C ILE B 972 -69.60 -30.27 -15.12
N LEU B 973 -69.55 -29.73 -16.35
CA LEU B 973 -70.78 -29.49 -17.09
C LEU B 973 -71.32 -30.74 -17.74
N ILE B 974 -70.67 -31.20 -18.82
CA ILE B 974 -71.27 -32.23 -19.67
C ILE B 974 -70.33 -33.42 -19.88
N GLU B 975 -69.11 -33.12 -20.35
CA GLU B 975 -68.17 -34.10 -20.93
C GLU B 975 -68.75 -34.83 -22.14
N ASN B 976 -69.67 -34.18 -22.84
CA ASN B 976 -70.28 -34.76 -24.03
C ASN B 976 -69.34 -34.69 -25.23
N GLU B 977 -68.68 -33.54 -25.41
CA GLU B 977 -67.94 -33.18 -26.64
C GLU B 977 -68.80 -33.34 -27.88
N GLU B 978 -70.00 -32.77 -27.84
CA GLU B 978 -70.98 -32.99 -28.89
C GLU B 978 -70.58 -32.33 -30.19
N ARG B 979 -70.28 -31.03 -30.17
CA ARG B 979 -69.93 -30.28 -31.36
C ARG B 979 -68.44 -29.97 -31.33
N LEU B 980 -67.74 -30.37 -32.41
CA LEU B 980 -66.29 -30.24 -32.44
C LEU B 980 -65.85 -28.78 -32.53
N ASN B 981 -66.61 -27.96 -33.26
CA ASN B 981 -66.32 -26.53 -33.33
C ASN B 981 -66.49 -25.87 -31.97
N TRP B 982 -67.59 -26.18 -31.29
CA TRP B 982 -67.75 -25.68 -29.93
C TRP B 982 -66.84 -26.38 -28.94
N ILE B 983 -66.36 -27.59 -29.25
CA ILE B 983 -65.33 -28.22 -28.41
C ILE B 983 -64.06 -27.39 -28.44
N ILE B 984 -63.62 -27.00 -29.63
CA ILE B 984 -62.43 -26.16 -29.74
C ILE B 984 -62.70 -24.76 -29.18
N ARG B 985 -63.93 -24.26 -29.31
CA ARG B 985 -64.27 -22.95 -28.79
C ARG B 985 -64.20 -22.92 -27.25
N GLY B 986 -64.98 -23.77 -26.59
CA GLY B 986 -64.92 -23.92 -25.15
C GLY B 986 -63.63 -24.50 -24.61
N ALA B 987 -62.74 -24.99 -25.49
CA ALA B 987 -61.38 -25.33 -25.10
C ALA B 987 -60.48 -24.11 -25.06
N VAL B 988 -60.31 -23.41 -26.19
CA VAL B 988 -59.24 -22.43 -26.30
C VAL B 988 -59.74 -20.99 -26.39
N TYR B 989 -60.94 -20.74 -26.95
CA TYR B 989 -61.35 -19.36 -27.16
C TYR B 989 -61.88 -18.73 -25.88
N GLU B 990 -62.78 -19.42 -25.19
CA GLU B 990 -63.43 -18.90 -24.00
C GLU B 990 -62.51 -18.74 -22.78
N PRO B 991 -61.58 -19.67 -22.46
CA PRO B 991 -60.64 -19.34 -21.38
C PRO B 991 -59.66 -18.24 -21.75
N TYR B 992 -59.23 -18.16 -23.01
CA TYR B 992 -58.39 -17.04 -23.42
C TYR B 992 -59.17 -15.74 -23.43
N ILE B 993 -60.47 -15.81 -23.69
CA ILE B 993 -61.32 -14.62 -23.57
C ILE B 993 -61.45 -14.20 -22.12
N THR B 994 -61.58 -15.17 -21.22
CA THR B 994 -61.63 -14.86 -19.79
C THR B 994 -60.27 -14.48 -19.22
N ILE B 995 -59.19 -14.70 -19.96
CA ILE B 995 -57.85 -14.38 -19.48
C ILE B 995 -57.31 -13.09 -20.07
N PHE B 996 -57.70 -12.72 -21.29
CA PHE B 996 -57.15 -11.54 -21.94
C PHE B 996 -57.90 -10.28 -21.50
N THR B 1033 -82.07 -24.99 -13.73
CA THR B 1033 -81.01 -25.12 -12.73
C THR B 1033 -79.90 -26.04 -13.19
N PRO B 1034 -78.67 -25.51 -13.24
CA PRO B 1034 -77.51 -26.36 -13.49
C PRO B 1034 -77.27 -27.28 -12.31
N VAL B 1035 -76.77 -28.48 -12.62
CA VAL B 1035 -76.54 -29.49 -11.59
C VAL B 1035 -75.46 -29.03 -10.62
N PHE B 1036 -74.44 -28.39 -11.14
CA PHE B 1036 -73.38 -27.88 -10.28
C PHE B 1036 -73.57 -26.40 -10.08
N PRO B 1037 -73.63 -25.92 -8.83
CA PRO B 1037 -73.97 -24.51 -8.57
C PRO B 1037 -72.89 -23.56 -9.03
N GLU B 1038 -73.28 -22.28 -9.12
CA GLU B 1038 -72.44 -21.25 -9.73
C GLU B 1038 -71.51 -20.58 -8.75
N TRP B 1039 -71.77 -20.68 -7.44
CA TRP B 1039 -70.93 -19.99 -6.47
C TRP B 1039 -69.56 -20.66 -6.36
N LEU B 1040 -69.52 -21.99 -6.30
CA LEU B 1040 -68.25 -22.69 -6.27
C LEU B 1040 -67.60 -22.70 -7.64
N THR B 1041 -68.43 -22.67 -8.70
CA THR B 1041 -67.93 -22.49 -10.06
C THR B 1041 -67.15 -21.20 -10.19
N ILE B 1042 -67.71 -20.09 -9.72
CA ILE B 1042 -67.04 -18.82 -9.86
C ILE B 1042 -65.94 -18.66 -8.81
N MET B 1043 -65.99 -19.43 -7.72
CA MET B 1043 -64.85 -19.47 -6.80
C MET B 1043 -63.63 -20.14 -7.44
N MET B 1044 -63.86 -21.25 -8.13
CA MET B 1044 -62.78 -21.87 -8.90
C MET B 1044 -62.36 -21.00 -10.07
N LEU B 1045 -63.29 -20.24 -10.64
CA LEU B 1045 -62.92 -19.29 -11.68
C LEU B 1045 -62.03 -18.18 -11.13
N CYS B 1046 -62.30 -17.72 -9.90
CA CYS B 1046 -61.45 -16.71 -9.28
C CYS B 1046 -60.09 -17.27 -8.91
N VAL B 1047 -60.03 -18.54 -8.51
CA VAL B 1047 -58.74 -19.16 -8.24
C VAL B 1047 -57.95 -19.32 -9.53
N TYR B 1048 -58.63 -19.67 -10.61
CA TYR B 1048 -57.99 -19.77 -11.92
C TYR B 1048 -57.50 -18.41 -12.39
N LEU B 1049 -58.28 -17.36 -12.11
CA LEU B 1049 -57.87 -16.00 -12.44
C LEU B 1049 -56.67 -15.57 -11.63
N LEU B 1050 -56.60 -15.99 -10.37
CA LEU B 1050 -55.43 -15.69 -9.54
C LEU B 1050 -54.19 -16.41 -10.05
N PHE B 1051 -54.36 -17.65 -10.50
CA PHE B 1051 -53.23 -18.41 -11.05
C PHE B 1051 -52.72 -17.77 -12.34
N ALA B 1052 -53.63 -17.39 -13.24
CA ALA B 1052 -53.21 -16.74 -14.48
C ALA B 1052 -52.65 -15.34 -14.22
N ASN B 1053 -53.14 -14.66 -13.19
CA ASN B 1053 -52.62 -13.35 -12.84
C ASN B 1053 -51.21 -13.44 -12.28
N ILE B 1054 -50.95 -14.45 -11.44
CA ILE B 1054 -49.61 -14.66 -10.91
C ILE B 1054 -48.66 -15.08 -12.03
N LEU B 1055 -49.16 -15.88 -12.98
CA LEU B 1055 -48.33 -16.28 -14.12
C LEU B 1055 -48.01 -15.09 -15.02
N LEU B 1056 -48.98 -14.19 -15.22
CA LEU B 1056 -48.75 -13.01 -16.06
C LEU B 1056 -47.80 -12.04 -15.39
N LEU B 1057 -47.96 -11.82 -14.08
CA LEU B 1057 -47.05 -10.95 -13.35
C LEU B 1057 -45.64 -11.52 -13.30
N ASN B 1058 -45.52 -12.84 -13.12
CA ASN B 1058 -44.22 -13.49 -13.14
C ASN B 1058 -43.58 -13.43 -14.52
N LEU B 1059 -44.39 -13.51 -15.59
CA LEU B 1059 -43.86 -13.41 -16.93
C LEU B 1059 -43.37 -12.00 -17.23
N LEU B 1060 -44.11 -10.99 -16.77
CA LEU B 1060 -43.70 -9.61 -16.97
C LEU B 1060 -42.43 -9.30 -16.19
N ILE B 1061 -42.33 -9.81 -14.97
CA ILE B 1061 -41.13 -9.58 -14.18
C ILE B 1061 -39.96 -10.43 -14.71
N ALA B 1062 -40.27 -11.55 -15.36
CA ALA B 1062 -39.21 -12.36 -15.98
C ALA B 1062 -38.65 -11.66 -17.21
N ILE B 1063 -39.51 -11.02 -18.00
CA ILE B 1063 -39.03 -10.20 -19.10
C ILE B 1063 -38.33 -8.96 -18.58
N PHE B 1064 -38.76 -8.46 -17.42
CA PHE B 1064 -38.07 -7.37 -16.75
C PHE B 1064 -36.67 -7.77 -16.30
N ASN B 1065 -36.47 -9.06 -16.02
CA ASN B 1065 -35.15 -9.54 -15.64
C ASN B 1065 -34.21 -9.57 -16.85
N TYR B 1066 -34.74 -9.90 -18.02
CA TYR B 1066 -33.91 -10.00 -19.21
C TYR B 1066 -33.53 -8.62 -19.73
N ASP B 1073 -23.51 -1.32 -23.12
CA ASP B 1073 -22.13 -1.03 -22.74
C ASP B 1073 -21.17 -1.63 -23.75
N ASN B 1074 -21.47 -2.84 -24.21
CA ASN B 1074 -20.65 -3.51 -25.21
C ASN B 1074 -21.17 -3.34 -26.62
N THR B 1075 -22.48 -3.18 -26.78
CA THR B 1075 -23.11 -3.20 -28.09
C THR B 1075 -22.73 -2.00 -28.94
N ASP B 1076 -22.32 -0.90 -28.31
CA ASP B 1076 -21.90 0.29 -29.04
C ASP B 1076 -20.71 0.01 -29.95
N THR B 1077 -19.72 -0.72 -29.43
CA THR B 1077 -18.58 -1.12 -30.23
C THR B 1077 -18.98 -2.10 -31.33
N ILE B 1078 -20.03 -2.87 -31.09
CA ILE B 1078 -20.49 -3.81 -32.10
C ILE B 1078 -21.14 -3.05 -33.26
N TRP B 1079 -21.85 -1.97 -32.91
CA TRP B 1079 -22.38 -1.06 -33.92
C TRP B 1079 -21.25 -0.39 -34.69
N LYS B 1080 -20.17 -0.03 -33.98
CA LYS B 1080 -18.98 0.48 -34.63
C LYS B 1080 -18.41 -0.54 -35.60
N PHE B 1081 -18.52 -1.81 -35.26
CA PHE B 1081 -17.96 -2.84 -36.12
C PHE B 1081 -18.79 -3.01 -37.39
N GLN B 1082 -20.11 -3.10 -37.26
CA GLN B 1082 -20.94 -3.29 -38.45
C GLN B 1082 -21.03 -2.03 -39.30
N ARG B 1083 -20.66 -0.88 -38.74
CA ARG B 1083 -20.57 0.34 -39.50
C ARG B 1083 -19.65 0.20 -40.71
N TYR B 1084 -18.58 -0.58 -40.57
CA TYR B 1084 -17.68 -0.82 -41.70
C TYR B 1084 -18.38 -1.54 -42.84
N GLU B 1085 -19.12 -2.60 -42.52
CA GLU B 1085 -19.78 -3.37 -43.57
C GLU B 1085 -20.83 -2.54 -44.26
N LEU B 1086 -21.49 -1.66 -43.50
CA LEU B 1086 -22.41 -0.69 -44.09
C LEU B 1086 -21.70 0.22 -45.09
N ILE B 1087 -20.59 0.83 -44.65
CA ILE B 1087 -19.93 1.83 -45.48
C ILE B 1087 -19.32 1.17 -46.70
N LYS B 1088 -18.85 -0.07 -46.59
CA LYS B 1088 -18.36 -0.76 -47.76
C LYS B 1088 -19.47 -1.07 -48.74
N GLU B 1089 -20.61 -1.55 -48.24
CA GLU B 1089 -21.70 -1.93 -49.12
C GLU B 1089 -22.31 -0.73 -49.83
N TYR B 1090 -22.26 0.46 -49.22
CA TYR B 1090 -22.87 1.60 -49.89
C TYR B 1090 -21.87 2.56 -50.53
N HIS B 1091 -20.58 2.41 -50.28
CA HIS B 1091 -19.63 3.05 -51.17
C HIS B 1091 -19.45 2.24 -52.44
N SER B 1092 -19.65 0.92 -52.34
CA SER B 1092 -19.45 0.04 -53.48
C SER B 1092 -20.48 0.31 -54.57
N ARG B 1093 -21.76 0.20 -54.22
CA ARG B 1093 -22.85 0.40 -55.17
C ARG B 1093 -22.87 1.83 -55.67
N PRO B 1094 -23.18 2.01 -56.97
CA PRO B 1094 -23.18 3.38 -57.48
C PRO B 1094 -24.48 4.13 -57.23
N ALA B 1095 -24.58 5.33 -57.79
CA ALA B 1095 -25.65 6.27 -57.48
C ALA B 1095 -26.72 6.20 -58.56
N LEU B 1096 -27.82 5.50 -58.25
CA LEU B 1096 -29.01 5.37 -59.08
C LEU B 1096 -30.11 4.74 -58.23
N PRO B 1097 -31.38 4.94 -58.56
CA PRO B 1097 -32.41 4.06 -58.03
C PRO B 1097 -32.30 2.70 -58.68
N PRO B 1098 -32.83 1.64 -58.06
CA PRO B 1098 -32.76 0.28 -58.64
C PRO B 1098 -33.32 0.15 -60.06
N PRO B 1099 -34.43 0.81 -60.47
CA PRO B 1099 -34.78 0.70 -61.89
C PRO B 1099 -33.84 1.41 -62.82
N PHE B 1100 -33.07 2.38 -62.32
CA PHE B 1100 -32.04 3.02 -63.12
C PHE B 1100 -30.66 2.45 -62.85
N ILE B 1101 -30.47 1.76 -61.73
CA ILE B 1101 -29.23 1.02 -61.58
C ILE B 1101 -29.28 -0.25 -62.42
N LEU B 1102 -30.46 -0.66 -62.87
CA LEU B 1102 -30.55 -1.60 -63.98
C LEU B 1102 -29.77 -1.12 -65.20
N LEU B 1103 -30.06 0.10 -65.65
CA LEU B 1103 -29.33 0.69 -66.77
C LEU B 1103 -27.87 0.94 -66.42
N SER B 1104 -27.59 1.29 -65.16
CA SER B 1104 -26.21 1.50 -64.75
C SER B 1104 -25.41 0.21 -64.80
N HIS B 1105 -26.00 -0.90 -64.39
CA HIS B 1105 -25.34 -2.19 -64.53
C HIS B 1105 -25.24 -2.61 -65.98
N LEU B 1106 -26.22 -2.22 -66.81
CA LEU B 1106 -26.14 -2.50 -68.24
C LEU B 1106 -24.93 -1.81 -68.85
N ILE B 1107 -24.74 -0.53 -68.51
CA ILE B 1107 -23.61 0.23 -69.03
C ILE B 1107 -22.30 -0.29 -68.48
N LEU B 1108 -22.27 -0.64 -67.19
CA LEU B 1108 -21.05 -1.17 -66.59
C LEU B 1108 -20.69 -2.55 -67.13
N PHE B 1109 -21.68 -3.39 -67.41
CA PHE B 1109 -21.42 -4.73 -67.93
C PHE B 1109 -20.99 -4.68 -69.39
N ILE B 1110 -21.58 -3.76 -70.17
CA ILE B 1110 -21.10 -3.58 -71.54
C ILE B 1110 -19.71 -2.97 -71.55
N ARG B 1111 -19.38 -2.11 -70.58
CA ARG B 1111 -18.03 -1.58 -70.48
C ARG B 1111 -17.04 -2.67 -70.06
N GLY B 1112 -17.48 -3.60 -69.22
CA GLY B 1112 -16.65 -4.74 -68.88
C GLY B 1112 -16.49 -5.70 -70.05
N VAL B 1113 -17.51 -5.79 -70.91
CA VAL B 1113 -17.36 -6.54 -72.15
C VAL B 1113 -16.37 -5.84 -73.07
N PHE B 1114 -16.36 -4.51 -73.05
CA PHE B 1114 -15.30 -3.75 -73.72
C PHE B 1114 -13.97 -3.95 -73.02
N LEU B 1115 -13.99 -4.04 -71.68
CA LEU B 1115 -12.82 -4.20 -70.82
C LEU B 1115 -11.77 -3.12 -71.04
N ARG B 1121 -11.56 -0.14 -59.78
CA ARG B 1121 -11.15 -0.37 -58.39
C ARG B 1121 -11.63 0.76 -57.49
N HIS B 1122 -10.88 1.02 -56.42
CA HIS B 1122 -11.19 2.13 -55.54
C HIS B 1122 -9.91 2.61 -54.86
N LYS B 1123 -9.69 3.92 -54.90
CA LYS B 1123 -8.57 4.56 -54.24
C LYS B 1123 -8.95 5.14 -52.89
N ASN B 1124 -10.17 4.88 -52.42
CA ASN B 1124 -10.59 5.43 -51.14
C ASN B 1124 -10.02 4.64 -49.97
N PHE B 1125 -9.50 3.44 -50.21
CA PHE B 1125 -9.02 2.58 -49.14
C PHE B 1125 -7.54 2.29 -49.22
N ARG B 1126 -7.06 1.83 -50.37
CA ARG B 1126 -5.73 1.26 -50.50
C ARG B 1126 -4.87 2.18 -51.34
N GLN B 1127 -3.74 2.59 -50.80
CA GLN B 1127 -2.83 3.45 -51.53
C GLN B 1127 -1.42 2.91 -51.45
N GLU B 1128 -0.67 3.08 -52.52
CA GLU B 1128 0.77 2.91 -52.51
C GLU B 1128 1.38 4.27 -52.80
N LEU B 1129 2.42 4.61 -52.06
CA LEU B 1129 2.95 5.96 -52.09
C LEU B 1129 4.30 5.98 -52.80
N GLU B 1130 4.90 7.15 -52.83
CA GLU B 1130 6.29 7.26 -53.26
C GLU B 1130 7.17 6.53 -52.27
N GLN B 1131 8.21 5.90 -52.79
CA GLN B 1131 9.14 5.18 -51.93
C GLN B 1131 9.86 6.14 -50.99
N THR B 1132 10.14 7.35 -51.47
CA THR B 1132 10.64 8.42 -50.61
C THR B 1132 9.63 8.76 -49.53
N GLU B 1133 8.38 8.95 -49.93
CA GLU B 1133 7.32 9.29 -49.00
C GLU B 1133 7.10 8.19 -47.97
N GLU B 1134 7.06 6.94 -48.44
CA GLU B 1134 6.80 5.85 -47.52
C GLU B 1134 7.97 5.61 -46.59
N GLU B 1135 9.20 5.80 -47.08
CA GLU B 1135 10.37 5.66 -46.23
C GLU B 1135 10.38 6.71 -45.13
N GLU B 1136 10.09 7.96 -45.48
CA GLU B 1136 9.98 9.02 -44.49
C GLU B 1136 8.87 8.73 -43.48
N LEU B 1137 7.76 8.20 -43.98
CA LEU B 1137 6.63 7.91 -43.12
C LEU B 1137 6.96 6.82 -42.12
N LEU B 1138 7.67 5.79 -42.58
CA LEU B 1138 8.07 4.71 -41.68
C LEU B 1138 9.03 5.21 -40.63
N SER B 1139 9.94 6.12 -41.02
CA SER B 1139 10.86 6.66 -40.03
C SER B 1139 10.12 7.47 -38.97
N TRP B 1140 9.11 8.21 -39.39
CA TRP B 1140 8.31 8.96 -38.43
C TRP B 1140 7.53 8.02 -37.52
N GLU B 1141 7.01 6.92 -38.09
CA GLU B 1141 6.32 5.92 -37.30
C GLU B 1141 7.23 5.33 -36.24
N ALA B 1142 8.47 5.03 -36.63
CA ALA B 1142 9.41 4.42 -35.70
C ALA B 1142 9.74 5.36 -34.58
N TYR B 1143 9.89 6.65 -34.90
CA TYR B 1143 10.18 7.62 -33.86
C TYR B 1143 9.02 7.74 -32.88
N MET B 1144 7.80 7.75 -33.40
CA MET B 1144 6.66 7.83 -32.50
C MET B 1144 6.51 6.57 -31.67
N LYS B 1145 6.85 5.41 -32.22
CA LYS B 1145 6.78 4.17 -31.45
C LYS B 1145 7.78 4.20 -30.31
N ASP B 1146 8.98 4.69 -30.60
CA ASP B 1146 10.00 4.84 -29.56
C ASP B 1146 9.50 5.72 -28.43
N ASN B 1147 8.85 6.83 -28.77
CA ASN B 1147 8.36 7.73 -27.74
C ASN B 1147 7.25 7.08 -26.93
N TYR B 1148 6.36 6.34 -27.60
CA TYR B 1148 5.30 5.62 -26.91
C TYR B 1148 5.85 4.60 -25.94
N LEU B 1149 6.83 3.83 -26.38
CA LEU B 1149 7.34 2.76 -25.55
C LEU B 1149 8.10 3.32 -24.36
N ALA B 1150 8.76 4.47 -24.56
CA ALA B 1150 9.37 5.14 -23.43
C ALA B 1150 8.34 5.61 -22.42
N SER B 1151 7.18 6.09 -22.91
CA SER B 1151 6.15 6.54 -21.98
C SER B 1151 5.57 5.39 -21.18
N THR B 1152 5.39 4.24 -21.83
CA THR B 1152 4.89 3.08 -21.11
C THR B 1152 5.90 2.55 -20.12
N ARG B 1153 7.18 2.59 -20.47
CA ARG B 1153 8.20 2.17 -19.52
C ARG B 1153 8.30 3.12 -18.35
N GLN B 1154 7.97 4.39 -18.55
CA GLN B 1154 7.98 5.29 -17.41
C GLN B 1154 6.80 5.02 -16.50
N ASP B 1155 5.59 4.99 -17.06
CA ASP B 1155 4.44 4.85 -16.19
C ASP B 1155 4.21 3.44 -15.71
N GLU B 1156 5.02 2.49 -16.14
CA GLU B 1156 5.16 1.29 -15.33
C GLU B 1156 5.80 1.62 -14.00
N SER B 1157 6.82 2.48 -14.01
CA SER B 1157 7.67 2.69 -12.87
C SER B 1157 7.15 3.72 -11.90
N GLN B 1158 5.85 4.00 -11.89
CA GLN B 1158 5.26 4.76 -10.81
C GLN B 1158 4.01 4.12 -10.24
N SER B 1159 3.64 2.94 -10.70
CA SER B 1159 2.57 2.22 -10.03
C SER B 1159 3.06 1.80 -8.67
N VAL B 1160 2.24 2.06 -7.64
CA VAL B 1160 2.67 1.85 -6.27
C VAL B 1160 2.94 0.39 -5.97
N GLU B 1161 2.36 -0.53 -6.74
CA GLU B 1161 2.74 -1.92 -6.65
C GLU B 1161 4.21 -2.11 -7.03
N HIS B 1162 4.63 -1.48 -8.12
CA HIS B 1162 6.02 -1.59 -8.51
C HIS B 1162 6.94 -0.92 -7.51
N ARG B 1163 6.48 0.17 -6.90
CA ARG B 1163 7.30 0.87 -5.94
C ARG B 1163 7.50 0.04 -4.69
N ILE B 1164 6.43 -0.58 -4.21
CA ILE B 1164 6.58 -1.36 -2.99
C ILE B 1164 7.37 -2.62 -3.28
N HIS B 1165 7.30 -3.12 -4.50
CA HIS B 1165 8.10 -4.27 -4.89
C HIS B 1165 9.58 -3.93 -4.92
N ASP B 1166 9.92 -2.79 -5.53
CA ASP B 1166 11.30 -2.38 -5.66
C ASP B 1166 11.90 -2.09 -4.30
N THR B 1167 11.13 -1.46 -3.42
CA THR B 1167 11.63 -1.19 -2.09
C THR B 1167 11.84 -2.46 -1.30
N ALA B 1168 11.00 -3.47 -1.51
CA ALA B 1168 11.22 -4.75 -0.83
C ALA B 1168 12.52 -5.38 -1.27
N GLU B 1169 12.78 -5.36 -2.58
CA GLU B 1169 14.03 -5.94 -3.09
C GLU B 1169 15.24 -5.17 -2.58
N LYS B 1170 15.17 -3.84 -2.59
CA LYS B 1170 16.30 -3.04 -2.15
C LYS B 1170 16.56 -3.22 -0.67
N VAL B 1171 15.51 -3.27 0.15
CA VAL B 1171 15.73 -3.39 1.58
C VAL B 1171 16.26 -4.77 1.93
N GLY B 1172 15.85 -5.80 1.17
CA GLY B 1172 16.47 -7.11 1.36
C GLY B 1172 17.96 -7.11 1.07
N ALA B 1173 18.36 -6.43 -0.01
CA ALA B 1173 19.79 -6.35 -0.33
C ALA B 1173 20.54 -5.53 0.71
N MET B 1174 19.94 -4.44 1.18
CA MET B 1174 20.57 -3.60 2.20
C MET B 1174 20.74 -4.35 3.50
N SER B 1175 19.76 -5.15 3.87
CA SER B 1175 19.83 -5.90 5.11
C SER B 1175 20.91 -6.97 5.04
N GLU B 1176 20.99 -7.69 3.91
CA GLU B 1176 22.04 -8.69 3.76
C GLU B 1176 23.43 -8.06 3.74
N LEU B 1177 23.56 -6.91 3.07
CA LEU B 1177 24.85 -6.22 3.02
C LEU B 1177 25.27 -5.72 4.38
N LEU B 1178 24.34 -5.16 5.15
CA LEU B 1178 24.75 -4.60 6.43
C LEU B 1178 24.98 -5.69 7.46
N GLU B 1179 24.28 -6.83 7.32
CA GLU B 1179 24.62 -7.99 8.16
C GLU B 1179 26.03 -8.48 7.86
N ARG B 1180 26.40 -8.51 6.59
CA ARG B 1180 27.77 -8.88 6.23
C ARG B 1180 28.78 -7.86 6.71
N GLU B 1181 28.41 -6.58 6.74
CA GLU B 1181 29.33 -5.54 7.19
C GLU B 1181 29.54 -5.60 8.70
N GLN B 1182 28.45 -5.78 9.45
CA GLN B 1182 28.57 -5.90 10.90
C GLN B 1182 29.28 -7.19 11.29
N GLU B 1183 29.08 -8.26 10.53
CA GLU B 1183 29.87 -9.46 10.74
C GLU B 1183 31.33 -9.27 10.33
N MET B 1184 31.60 -8.33 9.43
CA MET B 1184 32.96 -8.08 8.98
C MET B 1184 33.73 -7.17 9.93
N VAL B 1185 33.04 -6.29 10.64
CA VAL B 1185 33.71 -5.36 11.55
C VAL B 1185 33.21 -5.55 12.97
N UNK B 1186 42.54 -3.87 17.46
CA UNK B 1186 43.23 -2.65 17.85
C UNK B 1186 44.24 -2.90 18.96
N UNK B 1187 44.57 -4.17 19.18
CA UNK B 1187 45.55 -4.55 20.18
C UNK B 1187 46.96 -4.41 19.63
N UNK B 1188 47.07 -4.21 18.33
CA UNK B 1188 48.36 -4.01 17.66
C UNK B 1188 48.96 -2.67 18.07
N UNK B 1189 48.08 -1.69 18.28
CA UNK B 1189 48.48 -0.38 18.77
C UNK B 1189 49.01 -0.51 20.19
N UNK B 1190 48.38 -1.38 20.98
CA UNK B 1190 48.82 -1.64 22.35
C UNK B 1190 50.18 -2.35 22.34
N UNK B 1191 50.37 -3.23 21.36
CA UNK B 1191 51.64 -3.93 21.16
C UNK B 1191 52.77 -2.96 20.83
N UNK B 1192 52.50 -2.05 19.89
CA UNK B 1192 53.46 -1.02 19.51
C UNK B 1192 53.72 -0.04 20.66
N UNK B 1193 52.70 0.23 21.46
CA UNK B 1193 52.82 1.10 22.63
C UNK B 1193 53.75 0.49 23.68
N UNK B 1194 53.53 -0.79 23.98
CA UNK B 1194 54.38 -1.53 24.91
C UNK B 1194 55.80 -1.64 24.37
N UNK B 1195 55.91 -1.78 23.05
CA UNK B 1195 57.20 -1.81 22.38
C UNK B 1195 57.95 -0.46 22.52
N UNK B 1196 57.19 0.62 22.43
CA UNK B 1196 57.74 1.97 22.60
C UNK B 1196 58.20 2.19 24.03
N UNK B 1197 57.41 1.69 24.97
CA UNK B 1197 57.76 1.76 26.39
C UNK B 1197 59.03 0.97 26.69
N UNK B 1198 59.16 -0.22 26.11
CA UNK B 1198 60.36 -1.03 26.29
C UNK B 1198 61.57 -0.41 25.59
N UNK B 1199 61.34 0.26 24.47
CA UNK B 1199 62.42 0.97 23.76
C UNK B 1199 62.93 2.13 24.62
N UNK B 1200 62.00 2.88 25.21
CA UNK B 1200 62.34 3.96 26.12
C UNK B 1200 63.01 3.43 27.40
N UNK B 1201 62.66 2.21 27.78
CA UNK B 1201 63.27 1.55 28.93
C UNK B 1201 64.71 1.11 28.66
N UNK B 1202 64.96 0.62 27.45
CA UNK B 1202 66.31 0.21 27.06
C UNK B 1202 67.16 1.43 26.75
N UNK B 1203 66.50 2.55 26.48
CA UNK B 1203 67.20 3.81 26.25
C UNK B 1203 67.52 4.50 27.57
N UNK B 1204 66.69 4.30 28.58
CA UNK B 1204 66.90 4.91 29.89
C UNK B 1204 67.52 3.94 30.89
N UNK B 1205 68.40 3.07 30.41
CA UNK B 1205 69.11 2.12 31.27
C UNK B 1205 70.45 1.74 30.65
N UNK B 1206 70.90 2.57 29.71
CA UNK B 1206 72.15 2.35 29.01
C UNK B 1206 72.79 3.70 28.67
N UNK B 1207 72.22 4.75 29.25
CA UNK B 1207 72.74 6.11 29.05
C UNK B 1207 73.94 6.37 29.94
N ASP B 1208 63.99 -17.22 -6.12
CA ASP B 1208 64.18 -17.05 -7.55
C ASP B 1208 63.28 -18.02 -8.32
N GLU B 1209 63.74 -18.46 -9.49
CA GLU B 1209 63.01 -19.40 -10.33
C GLU B 1209 63.98 -20.47 -10.82
N GLU B 1210 63.79 -21.70 -10.36
CA GLU B 1210 64.59 -22.83 -10.79
C GLU B 1210 63.70 -23.82 -11.51
N ALA B 1211 64.26 -24.48 -12.54
CA ALA B 1211 63.50 -25.42 -13.35
C ALA B 1211 63.92 -26.85 -13.05
N PRO B 1212 63.15 -27.61 -12.28
CA PRO B 1212 63.54 -29.00 -12.00
C PRO B 1212 63.24 -29.92 -13.17
N HIS B 1213 63.45 -31.22 -12.96
CA HIS B 1213 63.17 -32.18 -14.02
C HIS B 1213 61.67 -32.39 -14.19
N MET B 1214 60.96 -32.61 -13.07
CA MET B 1214 59.50 -32.66 -12.96
C MET B 1214 58.85 -33.86 -13.67
N PHE B 1215 59.62 -34.67 -14.37
CA PHE B 1215 59.23 -35.98 -14.87
C PHE B 1215 60.01 -37.08 -14.18
N ALA B 1216 61.29 -36.81 -13.93
CA ALA B 1216 62.02 -37.55 -12.91
C ALA B 1216 61.36 -37.41 -11.56
N ARG B 1217 60.91 -36.20 -11.23
CA ARG B 1217 60.15 -35.97 -10.01
C ARG B 1217 58.78 -36.64 -10.09
N GLN B 1218 58.20 -36.67 -11.28
CA GLN B 1218 56.92 -37.35 -11.47
C GLN B 1218 57.13 -38.86 -11.50
N LEU B 1219 56.01 -39.58 -11.48
CA LEU B 1219 56.00 -41.01 -11.80
C LEU B 1219 55.93 -41.15 -13.32
N GLN B 1220 57.01 -40.71 -13.98
CA GLN B 1220 57.04 -40.56 -15.43
C GLN B 1220 58.29 -41.26 -15.95
N TYR B 1221 58.15 -42.57 -16.17
CA TYR B 1221 59.08 -43.42 -16.90
C TYR B 1221 58.24 -44.26 -17.85
N PRO B 1222 58.79 -44.72 -19.02
CA PRO B 1222 57.92 -45.03 -20.17
C PRO B 1222 56.94 -46.18 -20.02
N ASP B 1223 55.85 -45.91 -19.29
CA ASP B 1223 54.58 -46.62 -19.38
C ASP B 1223 54.70 -48.10 -19.01
N SER B 1224 55.07 -48.34 -17.76
CA SER B 1224 54.94 -49.66 -17.17
C SER B 1224 53.66 -49.71 -16.34
N THR B 1225 53.31 -50.92 -15.90
CA THR B 1225 52.15 -51.04 -15.01
C THR B 1225 52.47 -50.53 -13.62
N VAL B 1226 53.75 -50.51 -13.25
CA VAL B 1226 54.17 -49.94 -11.98
C VAL B 1226 54.44 -48.45 -12.16
N ARG B 1227 54.40 -47.72 -11.05
CA ARG B 1227 54.75 -46.31 -11.02
C ARG B 1227 56.11 -46.13 -10.37
N ARG B 1228 56.66 -44.93 -10.52
CA ARG B 1228 57.95 -44.61 -9.93
C ARG B 1228 57.77 -44.22 -8.46
N PHE B 1229 58.89 -43.97 -7.78
CA PHE B 1229 58.62 -43.26 -6.54
C PHE B 1229 58.48 -41.77 -6.83
N PRO B 1230 57.53 -41.08 -6.19
CA PRO B 1230 57.45 -39.63 -6.38
C PRO B 1230 58.61 -38.93 -5.71
N VAL B 1231 59.57 -38.55 -6.53
CA VAL B 1231 60.78 -37.89 -6.02
C VAL B 1231 60.47 -36.40 -5.83
N PRO B 1232 60.74 -35.84 -4.66
CA PRO B 1232 60.51 -34.41 -4.47
C PRO B 1232 61.53 -33.59 -5.24
N GLU B 1233 61.22 -32.29 -5.38
CA GLU B 1233 62.11 -31.38 -6.09
C GLU B 1233 63.39 -31.13 -5.32
N GLU B 1234 63.34 -31.26 -4.00
CA GLU B 1234 64.55 -31.23 -3.18
C GLU B 1234 65.42 -32.46 -3.44
N LYS B 1235 64.83 -33.55 -3.92
CA LYS B 1235 65.58 -34.78 -4.18
C LYS B 1235 65.79 -35.04 -5.66
N VAL B 1236 65.35 -34.12 -6.52
CA VAL B 1236 65.82 -34.13 -7.90
C VAL B 1236 67.32 -33.86 -7.93
N SER B 1237 67.79 -32.98 -7.06
CA SER B 1237 69.22 -32.69 -6.98
C SER B 1237 69.99 -33.88 -6.41
N TRP B 1238 71.17 -34.12 -6.98
CA TRP B 1238 72.09 -35.16 -6.54
C TRP B 1238 72.71 -34.87 -5.19
N GLU B 1239 72.61 -33.62 -4.71
CA GLU B 1239 73.49 -33.13 -3.65
C GLU B 1239 73.18 -33.76 -2.29
N VAL B 1240 71.91 -33.83 -1.93
CA VAL B 1240 71.51 -34.33 -0.62
C VAL B 1240 70.80 -35.67 -0.85
N ASN B 1241 71.49 -36.76 -0.53
CA ASN B 1241 70.94 -38.10 -0.76
C ASN B 1241 69.85 -38.42 0.25
N PHE B 1242 68.78 -39.04 -0.24
CA PHE B 1242 67.70 -39.49 0.63
C PHE B 1242 67.87 -40.98 0.95
N SER B 1243 67.12 -41.41 1.97
CA SER B 1243 67.41 -42.71 2.58
C SER B 1243 67.00 -43.90 1.71
N PRO B 1244 65.68 -44.10 1.32
CA PRO B 1244 65.32 -45.40 0.72
C PRO B 1244 65.93 -45.71 -0.64
N TYR B 1245 65.66 -44.87 -1.65
CA TYR B 1245 66.07 -45.05 -3.05
C TYR B 1245 65.79 -46.47 -3.53
N GLN B 1246 64.50 -46.76 -3.68
CA GLN B 1246 64.04 -48.06 -4.16
C GLN B 1246 63.48 -47.91 -5.56
N PRO B 1247 64.27 -48.10 -6.62
CA PRO B 1247 63.73 -48.11 -7.95
C PRO B 1247 63.15 -49.47 -8.29
N PRO B 1248 62.08 -49.52 -9.05
CA PRO B 1248 61.79 -50.74 -9.83
C PRO B 1248 62.73 -50.84 -11.01
N VAL B 1249 64.00 -51.16 -10.74
CA VAL B 1249 65.06 -51.05 -11.72
C VAL B 1249 65.00 -52.25 -12.65
N TYR B 1250 64.30 -52.11 -13.77
CA TYR B 1250 64.12 -53.18 -14.72
C TYR B 1250 64.53 -52.69 -16.10
N ASN B 1251 64.48 -53.60 -17.07
CA ASN B 1251 64.79 -53.30 -18.45
C ASN B 1251 63.50 -53.53 -19.24
N GLN B 1252 62.79 -52.46 -19.52
CA GLN B 1252 61.55 -52.53 -20.28
C GLN B 1252 61.81 -52.56 -21.78
N LYS B 1265 75.21 -47.95 -12.79
CA LYS B 1265 76.20 -47.66 -13.82
C LYS B 1265 76.35 -46.15 -14.02
N HIS B 1266 75.31 -45.39 -13.70
CA HIS B 1266 75.36 -43.95 -13.87
C HIS B 1266 74.33 -43.29 -12.94
N ARG B 1267 74.61 -42.05 -12.57
CA ARG B 1267 73.65 -41.18 -11.90
C ARG B 1267 73.38 -40.00 -12.82
N ASN B 1268 72.11 -39.76 -13.10
CA ASN B 1268 71.70 -38.83 -14.16
C ASN B 1268 72.04 -37.40 -13.76
N PRO B 1269 72.90 -36.70 -14.51
CA PRO B 1269 73.22 -35.31 -14.16
C PRO B 1269 72.06 -34.39 -14.49
N GLY B 1270 71.57 -33.69 -13.47
CA GLY B 1270 70.44 -32.81 -13.61
C GLY B 1270 69.19 -33.32 -12.96
N GLY B 1271 69.17 -34.58 -12.52
CA GLY B 1271 67.99 -35.13 -11.88
C GLY B 1271 68.16 -36.52 -11.35
N ARG B 1272 67.68 -36.76 -10.13
CA ARG B 1272 67.58 -38.11 -9.58
C ARG B 1272 66.14 -38.57 -9.76
N THR B 1273 65.95 -39.60 -10.58
CA THR B 1273 64.62 -40.02 -10.98
C THR B 1273 63.96 -40.93 -9.97
N GLY B 1274 64.75 -41.56 -9.09
CA GLY B 1274 64.26 -42.68 -8.33
C GLY B 1274 64.06 -43.94 -9.15
N ILE B 1275 64.57 -43.97 -10.37
CA ILE B 1275 64.46 -45.11 -11.28
C ILE B 1275 65.84 -45.39 -11.84
N ARG B 1276 66.36 -46.58 -11.57
CA ARG B 1276 67.52 -47.10 -12.27
C ARG B 1276 67.06 -48.03 -13.37
N GLY B 1277 68.00 -48.44 -14.20
CA GLY B 1277 67.72 -49.39 -15.25
C GLY B 1277 67.66 -48.73 -16.61
N LYS B 1278 67.85 -49.55 -17.65
CA LYS B 1278 67.74 -49.03 -19.01
C LYS B 1278 66.30 -48.69 -19.35
N GLY B 1279 65.36 -49.51 -18.90
CA GLY B 1279 63.97 -49.28 -19.24
C GLY B 1279 63.69 -49.64 -20.68
N ALA B 1280 62.82 -48.85 -21.33
CA ALA B 1280 62.54 -49.01 -22.73
C ALA B 1280 63.52 -48.25 -23.62
N LEU B 1281 64.56 -47.67 -23.03
CA LEU B 1281 65.47 -46.80 -23.75
C LEU B 1281 66.51 -47.61 -24.51
N ASN B 1282 67.44 -46.91 -25.17
CA ASN B 1282 68.49 -47.57 -25.91
C ASN B 1282 69.52 -48.18 -24.97
N THR B 1283 70.19 -47.33 -24.20
CA THR B 1283 71.29 -47.81 -23.37
C THR B 1283 71.46 -46.89 -22.17
N LEU B 1284 72.29 -47.34 -21.23
CA LEU B 1284 72.65 -46.55 -20.07
C LEU B 1284 73.46 -45.32 -20.49
N GLY B 1285 73.47 -44.33 -19.62
CA GLY B 1285 74.05 -43.06 -19.96
C GLY B 1285 73.16 -42.33 -20.94
N PRO B 1286 73.74 -41.46 -21.75
CA PRO B 1286 72.94 -40.72 -22.73
C PRO B 1286 72.61 -41.55 -23.96
N ASN B 1287 71.42 -41.33 -24.49
CA ASN B 1287 70.98 -41.88 -25.76
C ASN B 1287 70.59 -40.68 -26.62
N HIS B 1288 71.32 -40.45 -27.70
CA HIS B 1288 71.28 -39.15 -28.35
C HIS B 1288 70.30 -39.11 -29.52
N ILE B 1289 69.85 -37.90 -29.82
CA ILE B 1289 68.93 -37.64 -30.93
C ILE B 1289 69.18 -36.23 -31.46
N LEU B 1290 69.32 -36.11 -32.79
CA LEU B 1290 69.53 -34.82 -33.44
C LEU B 1290 68.20 -34.21 -33.84
N HIS B 1291 68.08 -32.90 -33.65
CA HIS B 1291 66.86 -32.16 -33.98
C HIS B 1291 67.19 -31.03 -34.95
N PRO B 1292 66.98 -31.23 -36.25
CA PRO B 1292 67.19 -30.14 -37.22
C PRO B 1292 65.96 -29.25 -37.35
N ILE B 1293 66.17 -27.95 -37.08
CA ILE B 1293 65.19 -26.93 -37.43
C ILE B 1293 65.44 -26.50 -38.86
N PHE B 1294 64.40 -26.52 -39.69
CA PHE B 1294 64.51 -26.20 -41.11
C PHE B 1294 63.65 -24.98 -41.42
N THR B 1295 64.25 -23.79 -41.39
CA THR B 1295 63.48 -22.56 -41.60
C THR B 1295 63.82 -21.90 -42.93
N ARG B 1296 62.85 -21.12 -43.41
CA ARG B 1296 63.06 -20.14 -44.46
C ARG B 1296 62.31 -18.88 -44.05
N TRP B 1297 62.74 -17.75 -44.57
CA TRP B 1297 62.01 -16.52 -44.33
C TRP B 1297 60.76 -16.51 -45.20
N ARG B 1298 59.61 -16.32 -44.55
CA ARG B 1298 58.34 -16.38 -45.29
C ARG B 1298 58.11 -15.09 -46.04
N ASP B 1299 56.97 -15.01 -46.73
CA ASP B 1299 56.64 -13.87 -47.55
C ASP B 1299 56.34 -12.63 -46.70
N LYS B 1303 60.94 -11.27 -42.85
CA LYS B 1303 60.63 -10.88 -41.48
C LYS B 1303 59.95 -12.02 -40.74
N VAL B 1304 58.83 -12.48 -41.27
CA VAL B 1304 58.15 -13.65 -40.75
C VAL B 1304 58.73 -14.87 -41.46
N LEU B 1305 58.70 -16.02 -40.80
CA LEU B 1305 59.36 -17.21 -41.29
C LEU B 1305 58.37 -18.37 -41.39
N GLU B 1306 58.80 -19.41 -42.10
CA GLU B 1306 58.14 -20.71 -42.09
C GLU B 1306 59.13 -21.79 -41.70
N PHE B 1307 58.58 -22.92 -41.28
CA PHE B 1307 59.38 -24.07 -40.87
C PHE B 1307 58.61 -25.35 -41.19
N LEU B 1308 59.18 -26.48 -40.82
CA LEU B 1308 58.63 -27.80 -41.13
C LEU B 1308 57.99 -28.39 -39.87
N ALA B 1309 56.74 -28.80 -39.99
CA ALA B 1309 55.97 -29.27 -38.85
C ALA B 1309 55.19 -30.52 -39.20
N VAL B 1310 55.27 -31.54 -38.34
CA VAL B 1310 54.62 -32.82 -38.56
C VAL B 1310 53.54 -33.03 -37.51
N TRP B 1311 52.48 -33.72 -37.89
CA TRP B 1311 51.38 -34.02 -36.98
C TRP B 1311 50.99 -35.49 -37.05
N ARG B 1317 50.57 -35.98 -33.03
CA ARG B 1317 50.84 -34.77 -32.25
C ARG B 1317 51.82 -33.86 -32.98
N TRP B 1318 51.82 -32.58 -32.62
CA TRP B 1318 52.75 -31.62 -33.19
C TRP B 1318 54.14 -31.83 -32.60
N ALA B 1319 55.10 -32.16 -33.45
CA ALA B 1319 56.46 -32.45 -33.03
C ALA B 1319 57.42 -31.87 -34.06
N LEU B 1320 58.71 -32.12 -33.84
CA LEU B 1320 59.77 -31.66 -34.72
C LEU B 1320 60.44 -32.86 -35.39
N LEU B 1321 60.86 -32.68 -36.64
CA LEU B 1321 61.47 -33.75 -37.41
C LEU B 1321 62.87 -34.04 -36.85
N GLY B 1322 63.01 -35.17 -36.17
CA GLY B 1322 64.28 -35.52 -35.55
C GLY B 1322 64.79 -36.87 -35.99
N GLY B 1323 66.09 -37.08 -35.84
CA GLY B 1323 66.69 -38.36 -36.13
C GLY B 1323 67.45 -38.91 -34.94
N PRO B 1324 67.12 -40.13 -34.52
CA PRO B 1324 67.80 -40.72 -33.35
C PRO B 1324 69.25 -41.06 -33.67
N ALA B 1325 70.16 -40.37 -32.98
CA ALA B 1325 71.60 -40.55 -33.20
C ALA B 1325 72.11 -41.87 -32.63
N LEU B 1331 76.82 -36.96 -37.78
CA LEU B 1331 76.22 -35.68 -37.42
C LEU B 1331 75.26 -35.23 -38.52
N ALA B 1332 75.81 -34.59 -39.56
CA ALA B 1332 74.99 -34.11 -40.67
C ALA B 1332 74.51 -35.24 -41.58
N GLN B 1333 75.13 -36.42 -41.48
CA GLN B 1333 74.63 -37.58 -42.20
C GLN B 1333 73.24 -37.97 -41.71
N VAL B 1334 73.05 -37.99 -40.39
CA VAL B 1334 71.74 -38.32 -39.81
C VAL B 1334 70.73 -37.21 -40.11
N LEU B 1335 71.20 -35.95 -40.13
CA LEU B 1335 70.35 -34.82 -40.45
C LEU B 1335 69.84 -34.88 -41.88
N GLU B 1336 70.74 -35.08 -42.84
CA GLU B 1336 70.35 -35.21 -44.23
C GLU B 1336 69.58 -36.51 -44.50
N ARG B 1337 69.80 -37.54 -43.69
CA ARG B 1337 69.06 -38.79 -43.87
C ARG B 1337 67.62 -38.68 -43.37
N ILE B 1338 67.40 -38.00 -42.24
CA ILE B 1338 66.01 -37.77 -41.80
C ILE B 1338 65.34 -36.74 -42.70
N LEU B 1339 66.12 -35.84 -43.31
CA LEU B 1339 65.59 -34.96 -44.35
C LEU B 1339 65.14 -35.74 -45.58
N GLY B 1340 65.94 -36.70 -46.02
CA GLY B 1340 65.59 -37.50 -47.18
C GLY B 1340 64.52 -38.55 -46.92
N LYS B 1341 64.34 -38.95 -45.66
CA LYS B 1341 63.36 -39.97 -45.32
C LYS B 1341 61.99 -39.39 -44.96
N LYS B 1342 61.96 -38.44 -44.02
CA LYS B 1342 60.68 -38.02 -43.46
C LYS B 1342 59.96 -36.99 -44.34
N LEU B 1343 60.70 -36.12 -45.01
CA LEU B 1343 60.09 -34.96 -45.67
C LEU B 1343 59.50 -35.29 -47.04
N ASN B 1344 60.34 -35.72 -47.98
CA ASN B 1344 59.92 -35.94 -49.36
C ASN B 1344 60.16 -37.38 -49.79
N GLU B 1345 59.82 -38.32 -48.90
CA GLU B 1345 59.95 -39.77 -49.08
C GLU B 1345 61.37 -40.22 -49.43
N GLY B 1354 72.95 -23.42 -39.50
CA GLY B 1354 73.93 -24.30 -38.88
C GLY B 1354 74.10 -24.01 -37.40
N GLU B 1355 73.23 -23.13 -36.89
CA GLU B 1355 73.31 -22.72 -35.49
C GLU B 1355 72.69 -23.79 -34.61
N GLU B 1356 73.44 -24.27 -33.62
CA GLU B 1356 72.85 -25.10 -32.59
C GLU B 1356 71.97 -24.25 -31.68
N VAL B 1357 70.72 -24.68 -31.53
CA VAL B 1357 69.94 -24.20 -30.39
C VAL B 1357 70.53 -24.72 -29.10
N TYR B 1358 70.79 -26.04 -29.05
CA TYR B 1358 71.24 -26.66 -27.81
C TYR B 1358 71.84 -28.03 -28.13
N LYS B 1359 72.77 -28.45 -27.28
CA LYS B 1359 73.22 -29.84 -27.23
C LYS B 1359 73.31 -30.25 -25.77
N GLY B 1360 72.75 -31.42 -25.44
CA GLY B 1360 72.85 -31.94 -24.10
C GLY B 1360 71.58 -32.58 -23.59
N TYR B 1361 71.42 -32.56 -22.27
CA TYR B 1361 70.35 -33.30 -21.61
C TYR B 1361 68.99 -32.68 -21.87
N VAL B 1362 68.00 -33.53 -22.07
CA VAL B 1362 66.63 -33.10 -22.34
C VAL B 1362 65.74 -33.60 -21.22
N ASP B 1363 64.80 -32.75 -20.80
CA ASP B 1363 63.73 -33.18 -19.92
C ASP B 1363 62.84 -34.16 -20.68
N ASP B 1364 62.54 -35.30 -20.06
CA ASP B 1364 61.69 -36.28 -20.69
C ASP B 1364 61.05 -37.13 -19.61
N SER B 1365 59.88 -37.67 -19.94
CA SER B 1365 59.22 -38.70 -19.16
C SER B 1365 59.77 -40.10 -19.43
N ARG B 1366 60.98 -40.18 -20.01
CA ARG B 1366 61.66 -41.45 -20.20
C ARG B 1366 62.91 -41.60 -19.35
N ASN B 1367 63.45 -40.49 -18.84
CA ASN B 1367 64.80 -40.49 -18.29
C ASN B 1367 64.88 -41.24 -16.96
N THR B 1368 65.87 -42.11 -16.83
CA THR B 1368 66.16 -42.81 -15.59
C THR B 1368 67.49 -42.29 -15.04
N ASP B 1369 67.88 -42.84 -13.88
CA ASP B 1369 69.10 -42.38 -13.22
C ASP B 1369 70.35 -42.81 -13.97
N ASN B 1370 70.33 -44.00 -14.56
CA ASN B 1370 71.49 -44.46 -15.32
C ASN B 1370 71.29 -44.42 -16.83
N ALA B 1371 70.06 -44.41 -17.32
CA ALA B 1371 69.78 -44.33 -18.76
C ALA B 1371 68.87 -43.14 -19.00
N TRP B 1372 69.35 -42.16 -19.76
CA TRP B 1372 68.56 -40.99 -20.08
C TRP B 1372 68.78 -40.69 -21.56
N VAL B 1373 67.92 -39.84 -22.12
CA VAL B 1373 68.07 -39.42 -23.50
C VAL B 1373 68.56 -37.98 -23.53
N GLU B 1374 69.35 -37.67 -24.56
CA GLU B 1374 69.89 -36.34 -24.76
C GLU B 1374 69.73 -35.95 -26.22
N THR B 1375 69.53 -34.65 -26.46
CA THR B 1375 69.26 -34.18 -27.80
C THR B 1375 70.25 -33.09 -28.20
N SER B 1376 70.36 -32.92 -29.52
CA SER B 1376 71.25 -31.94 -30.13
C SER B 1376 70.42 -31.22 -31.20
N ILE B 1377 69.80 -30.12 -30.80
CA ILE B 1377 68.99 -29.33 -31.73
C ILE B 1377 69.87 -28.25 -32.37
N ILE B 1378 69.88 -28.25 -33.71
CA ILE B 1378 70.66 -27.36 -34.54
C ILE B 1378 69.73 -26.82 -35.63
N THR B 1379 69.95 -25.56 -36.03
CA THR B 1379 69.03 -24.84 -36.90
C THR B 1379 69.71 -24.48 -38.22
N LEU B 1380 69.11 -24.90 -39.33
CA LEU B 1380 69.45 -24.46 -40.68
C LEU B 1380 68.37 -23.51 -41.16
N HIS B 1381 68.78 -22.36 -41.70
CA HIS B 1381 67.88 -21.38 -42.29
C HIS B 1381 68.21 -21.24 -43.77
N CYS B 1382 67.17 -21.15 -44.61
CA CYS B 1382 67.36 -21.17 -46.05
C CYS B 1382 67.86 -19.84 -46.61
N ASP B 1383 67.86 -18.77 -45.79
CA ASP B 1383 68.37 -17.45 -46.15
C ASP B 1383 67.67 -16.87 -47.38
N LYS B 1384 66.35 -17.03 -47.44
CA LYS B 1384 65.57 -16.59 -48.58
C LYS B 1384 64.20 -16.13 -48.12
N ASN B 1385 63.81 -14.93 -48.52
CA ASN B 1385 62.46 -14.47 -48.27
C ASN B 1385 61.48 -15.23 -49.16
N THR B 1386 60.24 -15.36 -48.65
CA THR B 1386 59.14 -16.12 -49.28
C THR B 1386 59.52 -17.57 -49.59
N MET B 1389 68.10 -21.69 -52.21
CA MET B 1389 67.11 -22.32 -51.34
C MET B 1389 66.48 -23.52 -52.04
N ALA B 1390 67.31 -24.27 -52.77
CA ALA B 1390 66.83 -25.43 -53.51
C ALA B 1390 66.72 -26.70 -52.66
N ASP B 1391 67.14 -26.64 -51.39
CA ASP B 1391 67.08 -27.84 -50.55
C ASP B 1391 65.73 -27.96 -49.86
N LEU B 1392 65.05 -26.85 -49.62
CA LEU B 1392 63.71 -26.88 -49.04
C LEU B 1392 62.63 -26.45 -50.01
N ASN B 1393 62.98 -26.09 -51.24
CA ASN B 1393 61.98 -25.87 -52.27
C ASN B 1393 61.74 -27.12 -53.10
N HIS B 1394 62.80 -27.88 -53.39
CA HIS B 1394 62.69 -29.10 -54.17
C HIS B 1394 62.17 -30.29 -53.36
N MET B 1395 62.09 -30.16 -52.03
CA MET B 1395 61.56 -31.22 -51.19
C MET B 1395 60.05 -31.07 -51.10
N VAL B 1396 59.33 -32.13 -51.45
CA VAL B 1396 57.87 -32.13 -51.40
C VAL B 1396 57.44 -32.43 -49.97
N GLU B 1397 56.91 -31.43 -49.29
CA GLU B 1397 56.45 -31.58 -47.90
C GLU B 1397 55.17 -32.42 -47.83
N LEU B 1406 54.90 -33.90 -42.53
CA LEU B 1406 55.18 -32.50 -42.22
C LEU B 1406 54.59 -31.54 -43.25
N GLN B 1407 54.90 -30.26 -43.08
CA GLN B 1407 54.38 -29.18 -43.91
C GLN B 1407 55.19 -27.93 -43.61
N TRP B 1408 54.97 -26.90 -44.42
CA TRP B 1408 55.41 -25.56 -44.05
C TRP B 1408 54.43 -24.94 -43.07
N ARG B 1409 54.95 -24.09 -42.20
CA ARG B 1409 54.18 -23.54 -41.11
C ARG B 1409 54.76 -22.19 -40.73
N GLU B 1410 53.90 -21.17 -40.68
CA GLU B 1410 54.33 -19.85 -40.24
C GLU B 1410 54.69 -19.87 -38.76
N VAL B 1411 55.51 -18.90 -38.37
CA VAL B 1411 56.01 -18.81 -37.00
C VAL B 1411 55.24 -17.72 -36.26
N SER B 1412 54.72 -18.09 -35.09
CA SER B 1412 54.09 -17.11 -34.21
C SER B 1412 54.32 -17.41 -32.73
N SER B 1413 55.10 -18.44 -32.41
CA SER B 1413 55.16 -19.06 -31.07
C SER B 1413 53.76 -19.41 -30.56
N ASP B 1414 52.93 -19.93 -31.48
CA ASP B 1414 51.53 -20.23 -31.20
C ASP B 1414 51.32 -21.70 -30.85
N ALA B 1415 51.85 -22.60 -31.68
CA ALA B 1415 51.71 -24.05 -31.49
C ALA B 1415 53.10 -24.66 -31.51
N CYS B 1416 53.75 -24.68 -30.35
CA CYS B 1416 55.12 -25.17 -30.26
C CYS B 1416 55.14 -26.66 -29.89
N ARG B 1417 56.19 -27.34 -30.38
CA ARG B 1417 56.42 -28.73 -30.01
C ARG B 1417 57.03 -28.84 -28.63
N CYS B 1418 58.00 -27.98 -28.34
CA CYS B 1418 58.63 -27.90 -27.03
C CYS B 1418 59.05 -26.45 -26.81
N SER B 1419 59.80 -26.20 -25.73
CA SER B 1419 60.36 -24.87 -25.52
C SER B 1419 61.49 -24.57 -26.49
N TYR B 1420 62.11 -25.61 -27.06
CA TYR B 1420 63.10 -25.41 -28.11
C TYR B 1420 62.46 -24.84 -29.37
N GLN B 1421 61.19 -25.17 -29.62
CA GLN B 1421 60.47 -24.56 -30.73
C GLN B 1421 60.26 -23.07 -30.50
N ARG B 1422 59.97 -22.68 -29.25
CA ARG B 1422 59.85 -21.25 -28.94
C ARG B 1422 61.20 -20.56 -28.98
N GLU B 1423 62.27 -21.27 -28.64
CA GLU B 1423 63.62 -20.70 -28.74
C GLU B 1423 64.00 -20.47 -30.20
N ALA B 1424 63.65 -21.41 -31.08
CA ALA B 1424 63.86 -21.21 -32.51
C ALA B 1424 62.96 -20.12 -33.07
N LEU B 1425 61.75 -19.99 -32.51
CA LEU B 1425 60.84 -18.92 -32.90
C LEU B 1425 61.41 -17.55 -32.55
N ARG B 1426 62.02 -17.42 -31.37
CA ARG B 1426 62.66 -16.18 -31.00
C ARG B 1426 63.99 -15.98 -31.71
N GLN B 1427 64.64 -17.06 -32.15
CA GLN B 1427 65.92 -16.95 -32.82
C GLN B 1427 65.77 -16.49 -34.27
N ILE B 1428 64.80 -17.06 -35.00
CA ILE B 1428 64.64 -16.71 -36.40
C ILE B 1428 64.01 -15.33 -36.54
N ALA B 1429 63.23 -14.91 -35.55
CA ALA B 1429 62.59 -13.59 -35.59
C ALA B 1429 63.38 -12.59 -34.75
N LEU C 41 -13.77 -20.10 51.56
CA LEU C 41 -12.94 -19.00 51.11
C LEU C 41 -12.02 -18.50 52.20
N ALA C 42 -12.50 -17.53 52.98
CA ALA C 42 -11.63 -16.86 53.94
C ALA C 42 -11.39 -17.71 55.19
N SER C 43 -12.38 -18.48 55.62
CA SER C 43 -12.16 -19.38 56.74
C SER C 43 -11.23 -20.51 56.33
N TRP C 44 -11.31 -20.93 55.06
CA TRP C 44 -10.36 -21.87 54.50
C TRP C 44 -8.94 -21.33 54.53
N ILE C 45 -8.77 -20.02 54.40
CA ILE C 45 -7.47 -19.40 54.61
C ILE C 45 -7.08 -19.49 56.07
N LYS C 46 -7.93 -18.94 56.96
CA LYS C 46 -7.54 -18.68 58.34
C LYS C 46 -7.38 -19.94 59.16
N GLU C 47 -8.00 -21.04 58.77
CA GLU C 47 -7.81 -22.28 59.51
C GLU C 47 -6.52 -22.98 59.11
N ASN C 48 -6.16 -22.89 57.82
CA ASN C 48 -4.97 -23.56 57.30
C ASN C 48 -3.67 -22.96 57.80
N ILE C 49 -3.72 -21.81 58.45
CA ILE C 49 -2.51 -21.18 58.99
C ILE C 49 -1.99 -21.98 60.19
N LYS C 50 -2.81 -22.07 61.24
CA LYS C 50 -2.52 -22.73 62.51
C LYS C 50 -1.22 -22.24 63.15
N GLY C 117 -3.08 -6.69 42.68
CA GLY C 117 -2.29 -7.48 43.60
C GLY C 117 -3.15 -8.30 44.54
N LYS C 118 -2.61 -9.43 44.95
CA LYS C 118 -3.31 -10.30 45.90
C LYS C 118 -2.29 -10.84 46.90
N TYR C 119 -2.69 -10.95 48.18
CA TYR C 119 -1.72 -11.20 49.22
C TYR C 119 -2.20 -12.22 50.25
N VAL C 120 -1.24 -12.94 50.80
CA VAL C 120 -1.41 -13.82 51.95
C VAL C 120 -0.29 -13.50 52.92
N ARG C 121 -0.62 -13.38 54.21
CA ARG C 121 0.39 -13.14 55.25
C ARG C 121 0.31 -14.22 56.31
N VAL C 122 1.36 -15.04 56.41
CA VAL C 122 1.39 -16.16 57.35
C VAL C 122 2.64 -16.12 58.20
N SER C 123 2.85 -17.14 59.02
CA SER C 123 3.89 -17.18 60.04
C SER C 123 5.20 -17.74 59.51
N SER C 124 6.24 -17.60 60.33
CA SER C 124 7.58 -18.08 60.01
C SER C 124 7.76 -19.57 60.26
N ASP C 125 6.72 -20.28 60.70
CA ASP C 125 6.69 -21.73 60.74
C ASP C 125 5.32 -22.14 60.19
N THR C 126 5.23 -22.27 58.87
CA THR C 126 3.98 -22.64 58.21
C THR C 126 4.20 -23.78 57.23
N SER C 127 3.09 -24.46 56.92
CA SER C 127 3.13 -25.68 56.13
C SER C 127 3.42 -25.36 54.66
N CYS C 128 4.17 -26.24 54.01
CA CYS C 128 4.57 -25.99 52.64
C CYS C 128 3.48 -26.42 51.66
N GLU C 129 2.76 -27.50 51.98
CA GLU C 129 1.62 -27.92 51.15
C GLU C 129 0.53 -26.85 51.12
N ASN C 130 0.38 -26.12 52.24
CA ASN C 130 -0.57 -25.01 52.31
C ASN C 130 -0.24 -23.93 51.29
N LEU C 131 1.01 -23.44 51.29
CA LEU C 131 1.42 -22.37 50.37
C LEU C 131 1.38 -22.83 48.93
N TYR C 132 1.92 -24.02 48.66
CA TYR C 132 2.02 -24.52 47.29
C TYR C 132 0.65 -24.79 46.69
N GLN C 133 -0.21 -25.48 47.45
CA GLN C 133 -1.56 -25.77 46.97
C GLN C 133 -2.42 -24.52 46.92
N LEU C 134 -2.27 -23.62 47.90
CA LEU C 134 -3.06 -22.39 47.91
C LEU C 134 -2.67 -21.50 46.74
N MET C 135 -1.39 -21.50 46.39
CA MET C 135 -0.94 -20.78 45.21
C MET C 135 -1.52 -21.39 43.95
N THR C 136 -1.35 -22.70 43.77
CA THR C 136 -1.75 -23.30 42.50
C THR C 136 -3.25 -23.49 42.36
N GLU C 137 -4.03 -23.36 43.43
CA GLU C 137 -5.47 -23.53 43.34
C GLU C 137 -6.24 -22.25 43.57
N GLN C 138 -5.61 -21.23 44.16
CA GLN C 138 -6.34 -20.01 44.47
C GLN C 138 -6.40 -19.08 43.27
N ASP C 165 18.61 -2.67 30.98
CA ASP C 165 17.60 -2.78 29.93
C ASP C 165 17.63 -4.15 29.27
N LYS C 166 18.83 -4.71 29.05
CA LYS C 166 18.95 -6.04 28.47
C LYS C 166 18.40 -7.10 29.40
N PHE C 167 18.74 -7.01 30.70
CA PHE C 167 18.20 -7.93 31.69
C PHE C 167 16.70 -7.79 31.83
N ARG C 168 16.19 -6.57 31.68
CA ARG C 168 14.76 -6.34 31.73
C ARG C 168 14.06 -7.03 30.58
N ARG C 169 14.58 -6.86 29.37
CA ARG C 169 13.96 -7.48 28.20
C ARG C 169 14.03 -9.00 28.25
N GLY C 170 15.19 -9.54 28.63
CA GLY C 170 15.32 -10.98 28.75
C GLY C 170 14.53 -11.55 29.91
N LEU C 171 14.36 -10.75 30.96
CA LEU C 171 13.56 -11.18 32.10
C LEU C 171 12.09 -11.24 31.74
N ILE C 172 11.61 -10.25 30.99
CA ILE C 172 10.25 -10.28 30.45
C ILE C 172 10.08 -11.48 29.50
N LYS C 173 11.13 -11.82 28.75
CA LYS C 173 11.06 -12.95 27.82
C LYS C 173 10.89 -14.28 28.55
N VAL C 174 11.81 -14.62 29.46
CA VAL C 174 11.66 -15.89 30.17
C VAL C 174 10.53 -15.86 31.17
N ALA C 175 10.06 -14.70 31.59
CA ALA C 175 8.83 -14.67 32.36
C ALA C 175 7.64 -14.88 31.46
N GLN C 176 7.81 -14.65 30.17
CA GLN C 176 6.72 -14.67 29.23
C GLN C 176 6.65 -15.99 28.47
N LEU C 183 10.59 -15.67 42.39
CA LEU C 183 10.56 -15.50 43.84
C LEU C 183 11.54 -14.42 44.25
N THR C 184 11.06 -13.38 44.91
CA THR C 184 11.85 -12.18 45.15
C THR C 184 11.46 -11.65 46.53
N GLY C 185 12.39 -10.95 47.18
CA GLY C 185 12.04 -10.18 48.36
C GLY C 185 11.02 -9.10 48.05
N GLY C 186 10.24 -8.72 49.07
CA GLY C 186 9.01 -7.99 48.82
C GLY C 186 8.99 -6.50 49.09
N THR C 187 10.04 -5.97 49.73
CA THR C 187 10.07 -4.54 50.02
C THR C 187 10.31 -3.75 48.75
N HIS C 188 10.21 -2.43 48.86
CA HIS C 188 10.37 -1.62 47.65
C HIS C 188 11.83 -1.42 47.29
N ALA C 189 12.73 -1.41 48.28
CA ALA C 189 14.08 -0.88 48.08
C ALA C 189 15.08 -1.97 47.70
N GLY C 190 16.00 -1.61 46.81
CA GLY C 190 17.14 -2.45 46.49
C GLY C 190 17.13 -2.87 45.03
N VAL C 191 17.46 -4.15 44.81
CA VAL C 191 17.37 -4.75 43.48
C VAL C 191 15.94 -5.14 43.14
N MET C 192 15.02 -5.05 44.12
CA MET C 192 13.59 -5.07 43.83
C MET C 192 13.21 -3.98 42.84
N LYS C 193 13.87 -2.81 42.94
CA LYS C 193 13.49 -1.65 42.15
C LYS C 193 13.69 -1.89 40.66
N HIS C 194 14.72 -2.67 40.30
CA HIS C 194 15.03 -2.90 38.90
C HIS C 194 14.00 -3.79 38.25
N VAL C 195 13.65 -4.90 38.92
CA VAL C 195 12.63 -5.79 38.37
C VAL C 195 11.25 -5.13 38.44
N GLY C 196 11.03 -4.24 39.42
CA GLY C 196 9.77 -3.52 39.48
C GLY C 196 9.63 -2.50 38.37
N MET C 197 10.73 -1.82 38.02
CA MET C 197 10.76 -0.97 36.84
C MET C 197 10.50 -1.78 35.57
N ALA C 198 11.06 -2.99 35.50
CA ALA C 198 10.88 -3.85 34.34
C ALA C 198 9.43 -4.26 34.17
N VAL C 199 8.76 -4.63 35.26
CA VAL C 199 7.39 -5.10 35.15
C VAL C 199 6.38 -3.94 35.18
N ARG C 200 6.82 -2.73 35.48
CA ARG C 200 5.94 -1.61 35.16
C ARG C 200 6.09 -1.19 33.70
N ASP C 201 7.29 -1.41 33.14
CA ASP C 201 7.59 -0.93 31.80
C ASP C 201 6.76 -1.64 30.74
N TYR C 202 6.66 -2.96 30.84
CA TYR C 202 5.89 -3.72 29.86
C TYR C 202 4.57 -4.23 30.41
N THR C 203 4.52 -4.58 31.69
CA THR C 203 3.29 -5.06 32.29
C THR C 203 2.68 -3.98 33.17
N HIS C 260 1.65 -10.57 43.45
CA HIS C 260 1.18 -11.28 44.62
C HIS C 260 2.19 -11.12 45.73
N PHE C 261 1.72 -11.37 46.94
CA PHE C 261 2.52 -11.14 48.13
C PHE C 261 2.35 -12.29 49.11
N LEU C 262 3.46 -12.70 49.73
CA LEU C 262 3.44 -13.51 50.94
C LEU C 262 4.20 -12.74 52.01
N LEU C 263 3.48 -12.10 52.91
CA LEU C 263 4.10 -11.44 54.05
C LEU C 263 4.29 -12.49 55.14
N VAL C 264 5.53 -12.94 55.32
CA VAL C 264 5.83 -13.70 56.51
C VAL C 264 5.90 -12.73 57.68
N ASP C 265 5.34 -13.14 58.82
CA ASP C 265 5.18 -12.28 59.99
C ASP C 265 5.48 -13.11 61.23
N ASP C 266 6.56 -12.77 61.93
CA ASP C 266 6.86 -13.41 63.20
C ASP C 266 6.08 -12.79 64.35
N GLY C 267 5.23 -11.80 64.07
CA GLY C 267 4.59 -11.04 65.11
C GLY C 267 5.52 -10.09 65.83
N THR C 268 6.72 -9.85 65.27
CA THR C 268 7.81 -9.22 66.00
C THR C 268 8.10 -7.80 65.56
N GLN C 269 8.26 -7.56 64.26
CA GLN C 269 8.75 -6.30 63.70
C GLN C 269 10.11 -5.92 64.32
N GLY C 270 11.18 -6.55 63.86
CA GLY C 270 12.48 -6.32 64.47
C GLY C 270 13.53 -7.41 64.30
N HIS C 271 13.12 -8.60 63.86
CA HIS C 271 14.07 -9.58 63.37
C HIS C 271 13.75 -9.90 61.90
N TYR C 272 14.80 -10.00 61.09
CA TYR C 272 14.60 -10.13 59.65
C TYR C 272 15.05 -11.46 59.07
N GLY C 273 16.10 -12.08 59.60
CA GLY C 273 16.67 -13.27 58.98
C GLY C 273 15.97 -14.57 59.29
N VAL C 274 14.66 -14.51 59.45
CA VAL C 274 13.87 -15.66 59.87
C VAL C 274 13.18 -16.34 58.68
N GLU C 275 13.67 -16.10 57.46
CA GLU C 275 13.01 -16.63 56.29
C GLU C 275 13.94 -17.27 55.28
N ILE C 276 15.25 -17.14 55.44
CA ILE C 276 16.17 -17.68 54.44
C ILE C 276 16.22 -19.20 54.52
N GLU C 277 15.99 -19.77 55.71
CA GLU C 277 15.92 -21.22 55.79
C GLU C 277 14.57 -21.71 55.31
N LEU C 278 13.51 -20.93 55.50
CA LEU C 278 12.22 -21.21 54.86
C LEU C 278 12.39 -21.24 53.35
N ARG C 279 13.11 -20.27 52.81
CA ARG C 279 13.42 -20.18 51.39
C ARG C 279 14.21 -21.39 50.93
N ALA C 280 15.22 -21.78 51.71
CA ALA C 280 16.07 -22.92 51.36
C ALA C 280 15.28 -24.23 51.44
N ARG C 281 14.45 -24.39 52.46
CA ARG C 281 13.67 -25.61 52.62
C ARG C 281 12.62 -25.74 51.54
N LEU C 282 11.97 -24.63 51.18
CA LEU C 282 11.04 -24.61 50.06
C LEU C 282 11.72 -25.02 48.77
N GLU C 283 12.91 -24.45 48.53
CA GLU C 283 13.63 -24.73 47.29
C GLU C 283 14.09 -26.18 47.22
N LYS C 284 14.59 -26.72 48.33
CA LYS C 284 15.03 -28.11 48.28
C LYS C 284 13.86 -29.07 48.24
N LEU C 285 12.70 -28.67 48.78
CA LEU C 285 11.54 -29.55 48.70
C LEU C 285 11.00 -29.61 47.29
N ILE C 286 10.86 -28.45 46.65
CA ILE C 286 10.41 -28.45 45.26
C ILE C 286 11.50 -29.00 44.34
N SER C 287 12.76 -29.00 44.80
CA SER C 287 13.84 -29.64 44.07
C SER C 287 13.71 -31.15 44.12
N LYS C 288 13.39 -31.70 45.29
CA LYS C 288 13.15 -33.13 45.37
C LYS C 288 11.80 -33.50 44.77
N LEU C 289 10.91 -32.53 44.61
CA LEU C 289 9.69 -32.76 43.85
C LEU C 289 10.02 -33.01 42.39
N GLY C 297 13.22 -39.47 35.07
CA GLY C 297 14.32 -38.77 35.68
C GLY C 297 14.33 -37.27 35.43
N VAL C 298 13.39 -36.57 36.04
CA VAL C 298 13.27 -35.12 35.88
C VAL C 298 12.60 -34.56 37.13
N THR C 299 13.18 -33.52 37.70
CA THR C 299 12.61 -32.81 38.83
C THR C 299 12.07 -31.48 38.36
N ILE C 300 11.22 -30.88 39.19
CA ILE C 300 10.67 -29.56 38.92
C ILE C 300 11.81 -28.55 39.01
N PRO C 301 12.23 -27.96 37.90
CA PRO C 301 13.50 -27.24 37.89
C PRO C 301 13.42 -25.86 38.52
N VAL C 302 14.47 -25.52 39.26
CA VAL C 302 14.61 -24.22 39.92
C VAL C 302 16.00 -23.67 39.62
N VAL C 303 16.09 -22.35 39.37
CA VAL C 303 17.35 -21.68 39.01
C VAL C 303 17.37 -20.33 39.71
N CYS C 304 18.44 -19.55 39.52
CA CYS C 304 18.51 -18.22 40.08
C CYS C 304 19.47 -17.33 39.29
N VAL C 305 19.36 -16.03 39.56
CA VAL C 305 20.19 -14.99 38.96
C VAL C 305 20.78 -14.15 40.08
N LEU C 314 26.01 -13.52 49.17
CA LEU C 314 26.88 -14.46 48.49
C LEU C 314 26.61 -15.89 48.96
N ASN C 315 26.16 -16.05 50.21
CA ASN C 315 25.99 -17.37 50.78
C ASN C 315 24.72 -18.07 50.28
N THR C 316 23.65 -17.33 49.97
CA THR C 316 22.51 -18.02 49.35
C THR C 316 22.81 -18.42 47.91
N ILE C 317 23.74 -17.71 47.27
CA ILE C 317 24.26 -18.15 45.98
C ILE C 317 25.04 -19.45 46.16
N TYR C 318 25.88 -19.51 47.19
CA TYR C 318 26.62 -20.74 47.48
C TYR C 318 25.70 -21.88 47.87
N ASN C 319 24.58 -21.56 48.51
CA ASN C 319 23.54 -22.55 48.78
C ASN C 319 22.99 -23.09 47.48
N SER C 320 22.64 -22.19 46.56
CA SER C 320 22.18 -22.58 45.23
C SER C 320 23.18 -23.50 44.54
N MET C 321 24.47 -23.19 44.68
CA MET C 321 25.52 -24.07 44.20
C MET C 321 25.48 -25.42 44.89
N LEU C 322 25.33 -25.41 46.20
CA LEU C 322 25.45 -26.61 47.02
C LEU C 322 24.15 -27.37 47.12
N ASN C 323 23.01 -26.70 46.96
CA ASN C 323 21.78 -27.43 46.71
C ASN C 323 21.66 -27.82 45.23
N HIS C 324 22.69 -27.48 44.43
CA HIS C 324 22.83 -27.90 43.03
C HIS C 324 21.70 -27.31 42.18
N THR C 325 21.61 -25.99 42.20
CA THR C 325 20.79 -25.29 41.23
C THR C 325 21.62 -24.16 40.65
N PRO C 326 21.70 -24.05 39.34
CA PRO C 326 22.67 -23.15 38.70
C PRO C 326 22.21 -21.70 38.77
N CYS C 327 22.98 -20.83 38.13
CA CYS C 327 22.76 -19.42 38.35
C CYS C 327 23.34 -18.60 37.22
N VAL C 328 22.92 -17.35 37.19
CA VAL C 328 23.38 -16.36 36.23
C VAL C 328 24.02 -15.21 37.02
N THR C 352 45.46 -16.11 44.61
CA THR C 352 44.43 -15.10 44.46
C THR C 352 43.56 -14.96 45.69
N MET C 353 43.70 -15.87 46.66
CA MET C 353 42.79 -15.91 47.80
C MET C 353 43.13 -14.86 48.86
N ALA C 354 44.30 -15.00 49.50
CA ALA C 354 44.56 -14.26 50.74
C ALA C 354 44.79 -12.77 50.53
N LEU C 355 45.24 -12.38 49.36
CA LEU C 355 45.50 -10.97 49.11
C LEU C 355 44.74 -10.43 47.91
N ILE C 356 44.62 -11.21 46.83
CA ILE C 356 44.00 -10.67 45.63
C ILE C 356 42.49 -10.73 45.75
N ASN C 357 41.95 -11.63 46.54
CA ASN C 357 40.55 -11.51 46.91
C ASN C 357 40.34 -10.61 48.11
N ARG C 358 41.38 -10.41 48.92
CA ARG C 358 41.39 -9.23 49.78
C ARG C 358 41.47 -7.97 48.94
N LEU C 359 42.15 -8.03 47.79
CA LEU C 359 42.10 -6.92 46.85
C LEU C 359 40.75 -6.85 46.15
N LEU C 360 40.01 -7.96 46.08
CA LEU C 360 38.66 -7.91 45.53
C LEU C 360 37.70 -7.27 46.53
N LYS C 361 37.90 -7.56 47.82
CA LYS C 361 37.19 -6.84 48.87
C LYS C 361 37.65 -5.38 48.95
N ARG C 362 38.84 -5.08 48.44
CA ARG C 362 39.29 -3.70 48.26
C ARG C 362 38.80 -3.08 46.96
N PHE C 363 38.32 -3.89 46.01
CA PHE C 363 37.82 -3.36 44.75
C PHE C 363 36.43 -2.78 44.93
N PHE C 364 35.50 -3.59 45.42
CA PHE C 364 34.22 -3.09 45.90
C PHE C 364 34.31 -2.90 47.41
N MET C 365 35.08 -1.87 47.79
CA MET C 365 35.39 -1.60 49.18
C MET C 365 34.46 -0.59 49.81
N GLU C 373 37.89 -8.50 60.09
CA GLU C 373 37.83 -9.21 61.37
C GLU C 373 38.48 -10.60 61.30
N LEU C 374 39.51 -10.72 60.47
CA LEU C 374 40.21 -11.98 60.16
C LEU C 374 39.28 -13.05 59.60
N GLN C 375 38.17 -12.63 58.98
CA GLN C 375 37.31 -13.51 58.20
C GLN C 375 37.54 -13.33 56.71
N ILE C 376 38.62 -12.64 56.34
CA ILE C 376 39.07 -12.58 54.96
C ILE C 376 39.38 -13.98 54.46
N ILE C 377 40.08 -14.77 55.31
CA ILE C 377 40.32 -16.18 55.05
C ILE C 377 39.03 -16.93 54.86
N GLU C 378 38.04 -16.65 55.73
CA GLU C 378 36.73 -17.27 55.65
C GLU C 378 36.02 -16.92 54.34
N TRP C 379 36.01 -15.63 53.98
CA TRP C 379 35.39 -15.15 52.75
C TRP C 379 35.99 -15.82 51.53
N THR C 380 37.28 -15.61 51.30
CA THR C 380 37.87 -16.09 50.06
C THR C 380 38.09 -17.59 50.04
N LYS C 381 37.97 -18.29 51.16
CA LYS C 381 38.14 -19.73 51.08
C LYS C 381 36.83 -20.49 51.05
N LYS C 382 35.74 -19.90 51.56
CA LYS C 382 34.42 -20.25 51.04
C LYS C 382 34.38 -20.04 49.54
N ILE C 383 34.99 -18.95 49.05
CA ILE C 383 35.06 -18.72 47.61
C ILE C 383 35.98 -19.74 46.92
N GLN C 384 37.03 -20.19 47.60
CA GLN C 384 37.91 -21.20 47.03
C GLN C 384 37.21 -22.55 46.93
N ASP C 385 36.39 -22.88 47.93
CA ASP C 385 35.53 -24.04 47.83
C ASP C 385 34.47 -23.88 46.75
N ILE C 386 33.99 -22.65 46.55
CA ILE C 386 32.91 -22.40 45.59
C ILE C 386 33.43 -22.47 44.16
N LEU C 387 34.68 -22.05 43.95
CA LEU C 387 35.29 -22.11 42.63
C LEU C 387 35.71 -23.51 42.23
N ARG C 388 35.67 -24.47 43.16
CA ARG C 388 35.96 -25.86 42.83
C ARG C 388 34.87 -26.47 41.96
N MET C 389 33.63 -26.03 42.11
CA MET C 389 32.52 -26.53 41.29
C MET C 389 32.11 -25.45 40.31
N PRO C 390 32.54 -25.51 39.05
CA PRO C 390 32.36 -24.37 38.15
C PRO C 390 31.08 -24.35 37.35
N HIS C 391 30.44 -25.52 37.15
CA HIS C 391 29.48 -25.68 36.06
C HIS C 391 28.19 -24.92 36.30
N LEU C 392 27.79 -24.76 37.56
CA LEU C 392 26.52 -24.12 37.85
C LEU C 392 26.58 -22.61 37.65
N LEU C 393 27.76 -22.02 37.64
CA LEU C 393 27.87 -20.64 37.25
C LEU C 393 27.60 -20.48 35.77
N THR C 394 26.84 -19.46 35.44
CA THR C 394 26.76 -18.94 34.10
C THR C 394 26.93 -17.45 34.28
N VAL C 395 28.16 -16.98 34.17
CA VAL C 395 28.40 -15.55 34.19
C VAL C 395 27.86 -14.96 32.91
N ASP C 407 17.65 -14.56 27.35
CA ASP C 407 16.71 -15.65 27.61
C ASP C 407 17.28 -16.98 27.16
N VAL C 408 17.94 -16.97 26.02
CA VAL C 408 18.64 -18.14 25.52
C VAL C 408 19.81 -18.49 26.43
N ALA C 409 20.44 -17.49 27.07
CA ALA C 409 21.55 -17.79 27.97
C ALA C 409 21.07 -18.49 29.23
N ILE C 410 19.88 -18.12 29.73
CA ILE C 410 19.32 -18.76 30.90
C ILE C 410 18.84 -20.16 30.58
N LEU C 411 18.11 -20.31 29.47
CA LEU C 411 17.69 -21.64 29.03
C LEU C 411 18.89 -22.54 28.75
N GLN C 412 19.97 -21.99 28.20
CA GLN C 412 21.17 -22.78 27.97
C GLN C 412 21.95 -23.01 29.24
N ALA C 413 21.80 -22.12 30.23
CA ALA C 413 22.39 -22.40 31.53
C ALA C 413 21.73 -23.58 32.17
N LEU C 414 20.40 -23.64 32.06
CA LEU C 414 19.65 -24.84 32.43
C LEU C 414 20.12 -26.05 31.62
N LEU C 415 20.37 -25.85 30.34
CA LEU C 415 20.72 -26.96 29.45
C LEU C 415 22.10 -27.52 29.77
N LYS C 416 23.10 -26.65 29.86
CA LYS C 416 24.44 -27.08 30.23
C LYS C 416 24.48 -27.56 31.67
N ALA C 417 23.58 -27.05 32.51
CA ALA C 417 23.45 -27.58 33.86
C ALA C 417 22.96 -29.01 33.85
N SER C 418 21.98 -29.31 32.99
CA SER C 418 21.50 -30.67 32.89
C SER C 418 22.56 -31.59 32.30
N ARG C 419 23.28 -31.11 31.28
CA ARG C 419 24.33 -31.90 30.65
C ARG C 419 25.47 -32.18 31.62
N SER C 420 25.81 -31.22 32.47
CA SER C 420 26.79 -31.45 33.51
C SER C 420 26.24 -32.28 34.65
N ASP C 421 24.91 -32.37 34.79
CA ASP C 421 24.33 -33.19 35.85
C ASP C 421 24.42 -34.67 35.54
N GLU C 422 24.72 -35.04 34.30
CA GLU C 422 24.86 -36.44 33.92
C GLU C 422 26.10 -37.06 34.55
N HIS C 427 20.55 -41.31 29.18
CA HIS C 427 19.84 -40.42 28.27
C HIS C 427 19.62 -39.09 28.98
N CYS C 428 20.71 -38.34 29.10
CA CYS C 428 20.63 -37.01 29.68
C CYS C 428 19.91 -36.05 28.74
N TRP C 429 20.04 -36.28 27.43
CA TRP C 429 19.28 -35.52 26.46
C TRP C 429 17.79 -35.76 26.60
N GLU C 430 17.39 -36.93 27.09
CA GLU C 430 15.97 -37.17 27.35
C GLU C 430 15.49 -36.32 28.51
N ARG C 431 16.34 -36.08 29.51
CA ARG C 431 16.01 -35.13 30.56
C ARG C 431 15.89 -33.73 29.99
N GLN C 432 16.85 -33.34 29.15
CA GLN C 432 16.79 -32.02 28.51
C GLN C 432 15.57 -31.88 27.61
N LEU C 433 15.17 -32.97 26.99
CA LEU C 433 14.09 -32.92 26.03
C LEU C 433 12.75 -32.89 26.74
N GLU C 434 12.62 -33.67 27.81
CA GLU C 434 11.45 -33.59 28.67
C GLU C 434 11.35 -32.23 29.34
N LEU C 435 12.49 -31.58 29.58
CA LEU C 435 12.47 -30.19 29.98
C LEU C 435 11.92 -29.30 28.88
N ALA C 436 12.42 -29.49 27.66
CA ALA C 436 12.14 -28.55 26.58
C ALA C 436 10.70 -28.61 26.13
N VAL C 437 10.06 -29.76 26.25
CA VAL C 437 8.72 -29.87 25.70
C VAL C 437 7.73 -29.15 26.61
N ALA C 438 7.90 -29.26 27.92
CA ALA C 438 7.07 -28.45 28.79
C ALA C 438 7.51 -27.02 28.77
N TRP C 439 8.77 -26.77 28.43
CA TRP C 439 9.17 -25.41 28.12
C TRP C 439 8.47 -24.90 26.88
N ASN C 440 8.37 -25.75 25.85
CA ASN C 440 7.71 -25.47 24.59
C ASN C 440 8.34 -24.25 23.90
N ARG C 441 9.65 -24.36 23.63
CA ARG C 441 10.41 -23.36 22.88
C ARG C 441 11.17 -24.01 21.73
N VAL C 442 10.98 -23.46 20.53
CA VAL C 442 11.57 -24.01 19.31
C VAL C 442 13.09 -23.84 19.28
N ASP C 443 13.59 -22.64 19.54
CA ASP C 443 14.86 -22.24 18.94
C ASP C 443 16.04 -22.87 19.65
N ILE C 444 16.15 -22.66 20.96
CA ILE C 444 17.30 -23.14 21.70
C ILE C 444 17.29 -24.66 21.79
N ALA C 445 16.11 -25.25 21.94
CA ALA C 445 16.02 -26.70 22.00
C ALA C 445 16.30 -27.32 20.65
N GLU C 446 15.93 -26.63 19.57
CA GLU C 446 16.22 -27.12 18.24
C GLU C 446 17.70 -27.07 17.95
N SER C 447 18.35 -25.97 18.31
CA SER C 447 19.78 -25.87 18.08
C SER C 447 20.57 -26.75 19.03
N GLU C 448 20.00 -27.07 20.19
CA GLU C 448 20.77 -27.64 21.29
C GLU C 448 21.03 -29.13 21.09
N ILE C 449 19.97 -29.91 20.88
CA ILE C 449 20.17 -31.33 20.66
C ILE C 449 20.06 -31.72 19.19
N PHE C 450 19.36 -30.93 18.38
CA PHE C 450 19.40 -31.15 16.95
C PHE C 450 20.38 -30.17 16.31
N THR C 451 21.62 -30.31 16.78
CA THR C 451 22.78 -29.79 16.08
C THR C 451 23.22 -30.82 15.05
N TRP C 456 20.54 -39.27 15.38
CA TRP C 456 19.64 -40.04 16.21
C TRP C 456 19.19 -41.32 15.50
N THR C 457 18.31 -42.05 16.17
CA THR C 457 17.36 -42.93 15.52
C THR C 457 15.99 -42.68 16.13
N SER C 458 14.96 -42.81 15.30
CA SER C 458 13.66 -42.21 15.60
C SER C 458 12.92 -42.89 16.76
N SER C 459 13.30 -44.12 17.10
CA SER C 459 12.55 -44.91 18.08
C SER C 459 12.60 -44.28 19.47
N ASP C 460 13.74 -43.71 19.84
CA ASP C 460 13.82 -42.98 21.10
C ASP C 460 13.10 -41.65 21.04
N LEU C 461 12.86 -41.13 19.85
CA LEU C 461 12.28 -39.81 19.71
C LEU C 461 10.77 -39.83 19.72
N HIS C 462 10.16 -41.01 19.58
CA HIS C 462 8.70 -41.13 19.65
C HIS C 462 8.05 -40.59 20.92
N PRO C 463 8.43 -40.99 22.15
CA PRO C 463 7.54 -40.70 23.28
C PRO C 463 7.55 -39.24 23.69
N ALA C 464 8.72 -38.61 23.64
CA ALA C 464 8.81 -37.18 23.88
C ALA C 464 8.01 -36.41 22.84
N MET C 465 8.12 -36.84 21.59
CA MET C 465 7.24 -36.33 20.55
C MET C 465 5.80 -36.64 20.88
N PHE C 466 5.55 -37.81 21.46
CA PHE C 466 4.22 -38.08 21.99
C PHE C 466 3.88 -37.12 23.10
N SER C 467 4.83 -36.86 23.99
CA SER C 467 4.61 -35.83 25.00
C SER C 467 4.48 -34.47 24.35
N ALA C 468 5.10 -34.27 23.19
CA ALA C 468 4.82 -33.08 22.42
C ALA C 468 3.42 -33.12 21.84
N LEU C 469 3.03 -34.28 21.30
CA LEU C 469 1.91 -34.30 20.38
C LEU C 469 0.58 -34.09 21.07
N VAL C 470 0.48 -34.53 22.33
CA VAL C 470 -0.75 -34.29 23.06
C VAL C 470 -0.90 -32.82 23.42
N GLY C 471 0.20 -32.10 23.51
CA GLY C 471 0.11 -30.66 23.52
C GLY C 471 -0.22 -30.14 22.15
N ASP C 472 -0.87 -28.98 22.12
CA ASP C 472 -1.28 -28.37 20.86
C ASP C 472 -0.24 -27.32 20.44
N LYS C 473 0.97 -27.80 20.19
CA LYS C 473 2.10 -26.95 19.79
C LYS C 473 2.37 -27.11 18.31
N PRO C 474 1.82 -26.25 17.45
CA PRO C 474 1.91 -26.50 16.02
C PRO C 474 3.29 -26.30 15.46
N GLU C 475 4.13 -25.51 16.13
CA GLU C 475 5.46 -25.32 15.59
C GLU C 475 6.37 -26.47 15.96
N PHE C 476 6.18 -27.04 17.13
CA PHE C 476 7.14 -28.00 17.64
C PHE C 476 6.90 -29.37 17.03
N VAL C 477 5.66 -29.65 16.67
CA VAL C 477 5.38 -30.83 15.88
C VAL C 477 5.99 -30.68 14.50
N ARG C 478 6.02 -29.46 13.95
CA ARG C 478 6.71 -29.25 12.69
C ARG C 478 8.20 -29.45 12.83
N LEU C 479 8.75 -29.02 13.98
CA LEU C 479 10.16 -29.25 14.24
C LEU C 479 10.48 -30.73 14.33
N LEU C 480 9.64 -31.49 15.02
CA LEU C 480 9.95 -32.90 15.20
C LEU C 480 9.71 -33.67 13.92
N LEU C 481 8.76 -33.25 13.12
CA LEU C 481 8.58 -33.84 11.81
C LEU C 481 9.67 -33.42 10.85
N GLU C 482 10.27 -32.25 11.07
CA GLU C 482 11.50 -31.91 10.37
C GLU C 482 12.64 -32.76 10.89
N ASN C 483 12.56 -33.15 12.15
CA ASN C 483 13.59 -33.94 12.77
C ASN C 483 13.46 -35.41 12.42
N GLY C 484 12.27 -35.88 12.08
CA GLY C 484 12.13 -37.24 11.63
C GLY C 484 11.08 -38.09 12.31
N VAL C 485 10.09 -37.45 12.92
CA VAL C 485 8.96 -38.19 13.49
C VAL C 485 8.14 -38.77 12.35
N CYS C 486 8.10 -40.10 12.28
CA CYS C 486 7.34 -40.82 11.27
C CYS C 486 6.04 -41.34 11.88
N VAL C 487 4.91 -40.78 11.43
CA VAL C 487 3.62 -41.13 12.00
C VAL C 487 3.21 -42.56 11.67
N ARG C 488 3.77 -43.14 10.61
CA ARG C 488 3.56 -44.56 10.35
C ARG C 488 4.26 -45.41 11.40
N GLU C 489 5.47 -45.02 11.77
CA GLU C 489 6.11 -45.67 12.91
C GLU C 489 5.44 -45.27 14.22
N PHE C 490 4.91 -44.06 14.28
CA PHE C 490 4.43 -43.54 15.54
C PHE C 490 3.07 -44.09 15.91
N LEU C 491 2.24 -44.41 14.93
CA LEU C 491 0.93 -44.98 15.22
C LEU C 491 0.97 -46.49 14.99
N GLU C 492 1.75 -47.17 15.81
CA GLU C 492 1.89 -48.61 15.70
C GLU C 492 0.97 -49.39 16.65
N ARG C 493 0.53 -48.78 17.74
CA ARG C 493 -0.35 -49.44 18.70
C ARG C 493 -1.65 -48.66 18.80
N GLU C 494 -2.76 -49.39 18.80
CA GLU C 494 -4.07 -48.75 18.89
C GLU C 494 -4.31 -48.13 20.24
N GLU C 495 -3.60 -48.60 21.28
CA GLU C 495 -3.72 -47.99 22.60
C GLU C 495 -3.21 -46.56 22.59
N THR C 496 -2.19 -46.28 21.78
CA THR C 496 -1.69 -44.92 21.63
C THR C 496 -2.75 -44.01 21.07
N LEU C 497 -3.40 -44.45 19.99
CA LEU C 497 -4.46 -43.68 19.37
C LEU C 497 -5.65 -43.54 20.32
N CYS C 498 -6.00 -44.61 21.01
CA CYS C 498 -7.11 -44.59 21.95
C CYS C 498 -6.81 -43.66 23.11
N GLU C 499 -5.54 -43.54 23.50
CA GLU C 499 -5.18 -42.55 24.50
C GLU C 499 -5.28 -41.15 23.93
N LEU C 500 -4.97 -41.00 22.64
CA LEU C 500 -5.08 -39.69 22.01
C LEU C 500 -6.54 -39.24 21.93
N TYR C 501 -7.43 -40.16 21.62
CA TYR C 501 -8.84 -39.84 21.69
C TYR C 501 -9.31 -39.74 23.12
N SER C 502 -8.60 -40.38 24.05
CA SER C 502 -8.92 -40.23 25.46
C SER C 502 -8.48 -38.88 25.98
N HIS C 503 -7.37 -38.38 25.49
CA HIS C 503 -6.91 -37.06 25.88
C HIS C 503 -7.57 -35.95 25.08
N LEU C 504 -8.60 -36.26 24.28
CA LEU C 504 -9.31 -35.27 23.49
C LEU C 504 -10.01 -34.30 24.43
N PRO C 505 -9.49 -33.10 24.63
CA PRO C 505 -9.80 -32.33 25.84
C PRO C 505 -11.21 -31.77 25.93
N SER C 506 -11.67 -31.03 24.92
CA SER C 506 -12.87 -30.22 25.12
C SER C 506 -13.54 -29.99 23.78
N CYS C 507 -14.72 -30.59 23.61
CA CYS C 507 -15.46 -30.55 22.35
C CYS C 507 -16.89 -31.03 22.57
N PHE C 508 -17.78 -30.58 21.68
CA PHE C 508 -19.12 -31.15 21.63
C PHE C 508 -19.07 -32.59 21.15
N PHE C 509 -18.04 -32.92 20.38
CA PHE C 509 -17.69 -34.31 20.09
C PHE C 509 -17.54 -35.14 21.35
N LEU C 510 -16.95 -34.57 22.41
CA LEU C 510 -16.88 -35.30 23.68
C LEU C 510 -18.26 -35.44 24.32
N ARG C 511 -19.17 -34.49 24.08
CA ARG C 511 -20.51 -34.60 24.64
C ARG C 511 -21.28 -35.73 23.96
N LYS C 512 -21.25 -35.78 22.63
CA LYS C 512 -21.81 -36.91 21.92
C LYS C 512 -21.08 -38.21 22.24
N LEU C 513 -19.78 -38.12 22.53
CA LEU C 513 -18.99 -39.30 22.87
C LEU C 513 -19.42 -39.88 24.21
N ALA C 514 -19.60 -39.03 25.22
CA ALA C 514 -20.07 -39.50 26.51
C ALA C 514 -21.51 -39.95 26.44
N LYS C 515 -22.29 -39.41 25.50
CA LYS C 515 -23.59 -40.00 25.21
C LYS C 515 -23.43 -41.40 24.62
N ARG C 516 -22.35 -41.64 23.89
CA ARG C 516 -22.12 -42.93 23.26
C ARG C 516 -21.31 -43.90 24.11
N VAL C 517 -20.77 -43.48 25.25
CA VAL C 517 -20.00 -44.40 26.08
C VAL C 517 -20.93 -45.30 26.88
N GLN C 518 -21.85 -44.70 27.63
CA GLN C 518 -22.78 -45.47 28.43
C GLN C 518 -24.06 -44.68 28.67
N CYS C 536 -11.67 -47.05 23.86
CA CYS C 536 -12.38 -47.99 22.99
C CYS C 536 -12.73 -47.36 21.66
N LEU C 537 -11.97 -47.73 20.62
CA LEU C 537 -12.15 -47.15 19.30
C LEU C 537 -13.44 -47.58 18.63
N SER C 538 -14.09 -48.63 19.14
CA SER C 538 -15.36 -49.07 18.59
C SER C 538 -16.45 -48.04 18.85
N HIS C 539 -16.48 -47.47 20.06
CA HIS C 539 -17.39 -46.37 20.36
C HIS C 539 -17.07 -45.16 19.52
N VAL C 540 -15.78 -44.97 19.22
CA VAL C 540 -15.37 -43.86 18.37
C VAL C 540 -15.94 -44.03 16.96
N SER C 541 -15.83 -45.23 16.42
CA SER C 541 -16.41 -45.51 15.10
C SER C 541 -17.92 -45.44 15.14
N GLU C 542 -18.53 -45.75 16.28
CA GLU C 542 -19.97 -45.56 16.42
C GLU C 542 -20.33 -44.09 16.33
N GLU C 543 -19.57 -43.24 17.02
CA GLU C 543 -19.76 -41.80 16.93
C GLU C 543 -19.52 -41.31 15.50
N VAL C 544 -18.55 -41.92 14.83
CA VAL C 544 -18.26 -41.59 13.43
C VAL C 544 -19.42 -41.95 12.54
N ARG C 545 -19.96 -43.16 12.71
CA ARG C 545 -21.05 -43.63 11.88
C ARG C 545 -22.31 -42.84 12.14
N HIS C 546 -22.47 -42.30 13.35
CA HIS C 546 -23.55 -41.36 13.55
C HIS C 546 -23.23 -40.02 12.92
N LEU C 547 -21.96 -39.62 12.92
CA LEU C 547 -21.58 -38.30 12.45
C LEU C 547 -21.79 -38.18 10.94
N LEU C 548 -21.22 -39.11 10.19
CA LEU C 548 -21.37 -39.08 8.75
C LEU C 548 -22.77 -39.51 8.34
N GLY C 549 -23.39 -40.39 9.12
CA GLY C 549 -24.50 -41.18 8.63
C GLY C 549 -23.99 -42.57 8.29
N SER C 550 -24.53 -43.59 8.94
CA SER C 550 -23.97 -44.93 8.86
C SER C 550 -24.37 -45.68 7.61
N PHE C 551 -24.88 -44.99 6.57
CA PHE C 551 -24.89 -45.55 5.23
C PHE C 551 -23.47 -45.90 4.79
N THR C 552 -22.50 -45.09 5.19
CA THR C 552 -21.10 -45.44 5.09
C THR C 552 -20.80 -46.68 5.91
N GLN C 553 -19.87 -47.48 5.40
CA GLN C 553 -19.38 -48.59 6.20
C GLN C 553 -18.56 -48.07 7.37
N PRO C 554 -18.63 -48.73 8.52
CA PRO C 554 -17.83 -48.29 9.66
C PRO C 554 -16.36 -48.64 9.48
N LEU C 555 -15.55 -48.17 10.42
CA LEU C 555 -14.11 -48.10 10.20
C LEU C 555 -13.31 -49.15 10.96
N TYR C 556 -13.48 -49.25 12.26
CA TYR C 556 -12.50 -49.89 13.13
C TYR C 556 -13.04 -51.22 13.62
N ILE C 557 -12.60 -52.29 12.98
CA ILE C 557 -13.14 -53.63 13.25
C ILE C 557 -12.26 -54.22 14.35
N ALA C 558 -12.60 -53.86 15.60
CA ALA C 558 -12.34 -54.66 16.80
C ALA C 558 -10.87 -54.96 17.02
N SER C 559 -10.02 -53.95 16.78
CA SER C 559 -8.58 -53.98 17.01
C SER C 559 -7.92 -55.09 16.17
N ARG C 560 -7.99 -54.90 14.85
CA ARG C 560 -7.31 -55.78 13.91
C ARG C 560 -6.70 -54.92 12.82
N TYR C 561 -5.37 -54.89 12.74
CA TYR C 561 -4.66 -53.98 11.85
C TYR C 561 -3.87 -54.75 10.79
N LYS C 562 -4.47 -55.79 10.24
CA LYS C 562 -3.81 -56.59 9.22
C LYS C 562 -4.84 -57.29 8.35
N ASP C 590 -12.22 -55.15 3.74
CA ASP C 590 -12.34 -53.89 4.47
C ASP C 590 -11.14 -53.68 5.38
N THR C 591 -11.34 -52.83 6.41
CA THR C 591 -10.41 -52.63 7.52
C THR C 591 -9.05 -52.10 7.06
N VAL C 592 -9.08 -51.10 6.20
CA VAL C 592 -7.89 -50.31 5.93
C VAL C 592 -7.72 -49.31 7.06
N TRP C 593 -6.48 -49.09 7.47
CA TRP C 593 -6.30 -48.33 8.71
C TRP C 593 -5.99 -46.86 8.46
N ASP C 594 -5.05 -46.57 7.55
CA ASP C 594 -4.73 -45.24 7.00
C ASP C 594 -4.45 -44.23 8.10
N PRO C 595 -3.25 -44.29 8.71
CA PRO C 595 -2.98 -43.45 9.89
C PRO C 595 -3.05 -41.97 9.63
N GLY C 596 -2.73 -41.53 8.42
CA GLY C 596 -2.92 -40.14 8.07
C GLY C 596 -4.38 -39.75 8.10
N ARG C 597 -5.26 -40.64 7.63
CA ARG C 597 -6.69 -40.40 7.73
C ARG C 597 -7.12 -40.34 9.18
N ASP C 598 -6.49 -41.14 10.03
CA ASP C 598 -6.88 -41.19 11.43
C ASP C 598 -6.49 -39.90 12.14
N LEU C 599 -5.25 -39.46 11.93
CA LEU C 599 -4.75 -38.27 12.60
C LEU C 599 -5.45 -37.03 12.07
N PHE C 600 -5.64 -36.95 10.76
CA PHE C 600 -6.37 -35.82 10.19
C PHE C 600 -7.81 -35.82 10.65
N LEU C 601 -8.38 -37.00 10.84
CA LEU C 601 -9.73 -37.10 11.36
C LEU C 601 -9.82 -36.55 12.76
N TRP C 602 -8.87 -36.91 13.62
CA TRP C 602 -8.85 -36.39 14.99
C TRP C 602 -8.71 -34.88 15.01
N ALA C 603 -7.88 -34.35 14.11
CA ALA C 603 -7.72 -32.91 14.02
C ALA C 603 -9.00 -32.23 13.56
N VAL C 604 -9.61 -32.75 12.50
CA VAL C 604 -10.72 -32.04 11.88
C VAL C 604 -11.96 -32.18 12.76
N VAL C 605 -12.02 -33.24 13.55
CA VAL C 605 -13.00 -33.32 14.61
C VAL C 605 -12.72 -32.25 15.66
N GLN C 606 -11.44 -32.09 15.98
CA GLN C 606 -11.03 -31.29 17.12
C GLN C 606 -11.16 -29.79 16.89
N ASN C 607 -11.42 -29.35 15.66
CA ASN C 607 -11.58 -27.94 15.27
C ASN C 607 -10.34 -27.11 15.64
N ASN C 608 -9.18 -27.61 15.24
CA ASN C 608 -7.92 -26.89 15.39
C ASN C 608 -7.37 -26.67 14.00
N ARG C 609 -7.32 -25.40 13.60
CA ARG C 609 -7.00 -25.06 12.22
C ARG C 609 -5.56 -25.40 11.88
N GLU C 610 -4.67 -25.21 12.84
CA GLU C 610 -3.28 -25.59 12.66
C GLU C 610 -3.14 -27.10 12.49
N LEU C 611 -3.76 -27.86 13.39
CA LEU C 611 -3.62 -29.32 13.31
C LEU C 611 -4.34 -29.89 12.10
N ALA C 612 -5.47 -29.27 11.71
CA ALA C 612 -6.16 -29.70 10.50
C ALA C 612 -5.30 -29.48 9.27
N GLU C 613 -4.59 -28.34 9.25
CA GLU C 613 -3.66 -28.07 8.17
C GLU C 613 -2.56 -29.10 8.12
N ILE C 614 -2.02 -29.47 9.29
CA ILE C 614 -0.91 -30.40 9.37
C ILE C 614 -1.34 -31.77 8.88
N GLY C 615 -2.53 -32.20 9.28
CA GLY C 615 -3.03 -33.49 8.84
C GLY C 615 -3.30 -33.53 7.35
N TRP C 616 -3.97 -32.49 6.83
CA TRP C 616 -4.33 -32.53 5.42
C TRP C 616 -3.12 -32.41 4.52
N GLU C 617 -2.09 -31.72 4.96
CA GLU C 617 -0.84 -31.81 4.24
C GLU C 617 -0.25 -33.21 4.37
N GLN C 618 -0.34 -33.79 5.55
CA GLN C 618 0.34 -35.06 5.74
C GLN C 618 -0.44 -36.26 5.25
N CYS C 619 -1.74 -36.14 5.08
CA CYS C 619 -2.50 -37.32 4.71
C CYS C 619 -2.35 -37.62 3.22
N ARG C 620 -2.52 -38.88 2.87
CA ARG C 620 -2.73 -39.25 1.49
C ARG C 620 -4.24 -39.29 1.25
N ASP C 621 -4.65 -39.45 -0.01
CA ASP C 621 -6.03 -39.65 -0.45
C ASP C 621 -6.87 -38.41 -0.13
N CYS C 622 -6.40 -37.30 -0.68
CA CYS C 622 -6.65 -36.02 -0.03
C CYS C 622 -8.03 -35.48 -0.34
N ILE C 623 -8.48 -35.64 -1.57
CA ILE C 623 -9.70 -34.96 -2.01
C ILE C 623 -10.91 -35.55 -1.32
N ALA C 624 -10.98 -36.87 -1.28
CA ALA C 624 -12.08 -37.56 -0.62
C ALA C 624 -12.12 -37.24 0.86
N ALA C 625 -10.95 -37.18 1.48
CA ALA C 625 -10.86 -36.82 2.89
C ALA C 625 -11.34 -35.39 3.10
N ALA C 626 -11.00 -34.50 2.19
CA ALA C 626 -11.40 -33.11 2.30
C ALA C 626 -12.91 -32.97 2.19
N LEU C 627 -13.52 -33.73 1.29
CA LEU C 627 -14.95 -33.61 1.13
C LEU C 627 -15.69 -34.27 2.28
N ALA C 628 -15.11 -35.35 2.83
CA ALA C 628 -15.68 -35.96 4.02
C ALA C 628 -15.62 -35.01 5.21
N ALA C 629 -14.52 -34.26 5.30
CA ALA C 629 -14.40 -33.24 6.32
C ALA C 629 -15.44 -32.16 6.13
N SER C 630 -15.71 -31.79 4.87
CA SER C 630 -16.73 -30.79 4.59
C SER C 630 -18.11 -31.25 5.04
N LYS C 631 -18.44 -32.52 4.76
CA LYS C 631 -19.76 -33.02 5.15
C LYS C 631 -19.89 -33.11 6.66
N ILE C 632 -18.86 -33.59 7.35
CA ILE C 632 -19.02 -33.71 8.79
C ILE C 632 -18.90 -32.38 9.48
N LEU C 633 -18.29 -31.38 8.85
CA LEU C 633 -18.32 -30.06 9.46
C LEU C 633 -19.68 -29.41 9.27
N ARG C 634 -20.34 -29.67 8.14
CA ARG C 634 -21.72 -29.24 7.99
C ARG C 634 -22.63 -29.94 8.99
N LYS C 635 -22.33 -31.22 9.27
CA LYS C 635 -23.15 -31.96 10.23
C LYS C 635 -22.93 -31.47 11.65
N LEU C 636 -21.68 -31.22 12.03
CA LEU C 636 -21.39 -30.68 13.35
C LEU C 636 -21.81 -29.23 13.50
N ALA C 637 -21.98 -28.50 12.41
CA ALA C 637 -22.46 -27.14 12.54
C ALA C 637 -23.97 -27.06 12.50
N GLN C 638 -24.62 -28.03 11.85
CA GLN C 638 -26.08 -28.05 11.81
C GLN C 638 -26.65 -28.37 13.17
N GLU C 639 -26.19 -29.46 13.78
CA GLU C 639 -26.68 -29.82 15.11
C GLU C 639 -25.96 -29.02 16.18
N SER C 640 -24.66 -29.31 16.38
CA SER C 640 -23.75 -28.70 17.36
C SER C 640 -24.21 -28.81 18.81
N GLU C 647 -17.89 -21.72 18.16
CA GLU C 647 -17.52 -22.65 17.09
C GLU C 647 -18.82 -23.23 16.58
N ALA C 648 -19.52 -22.42 15.80
CA ALA C 648 -20.61 -22.85 14.95
C ALA C 648 -20.49 -22.27 13.56
N THR C 649 -20.06 -21.03 13.43
CA THR C 649 -19.90 -20.39 12.14
C THR C 649 -18.45 -20.33 11.69
N GLU C 650 -17.50 -20.43 12.62
CA GLU C 650 -16.11 -20.68 12.24
C GLU C 650 -15.97 -22.06 11.63
N MET C 651 -16.78 -23.01 12.08
CA MET C 651 -16.88 -24.30 11.41
C MET C 651 -17.43 -24.15 10.00
N LEU C 652 -18.33 -23.18 9.78
CA LEU C 652 -18.88 -22.98 8.44
C LEU C 652 -17.83 -22.43 7.49
N GLU C 653 -17.07 -21.43 7.95
CA GLU C 653 -15.96 -20.92 7.16
C GLU C 653 -14.89 -21.99 6.95
N LEU C 654 -14.69 -22.87 7.94
CA LEU C 654 -13.73 -23.96 7.81
C LEU C 654 -14.15 -24.95 6.73
N ALA C 655 -15.43 -25.31 6.73
CA ALA C 655 -15.95 -26.25 5.74
C ALA C 655 -15.90 -25.65 4.35
N ASN C 656 -16.22 -24.36 4.24
CA ASN C 656 -16.09 -23.68 2.96
C ASN C 656 -14.63 -23.60 2.54
N HIS C 657 -13.73 -23.43 3.51
CA HIS C 657 -12.30 -23.36 3.22
C HIS C 657 -11.79 -24.67 2.65
N TYR C 658 -12.13 -25.78 3.30
CA TYR C 658 -11.71 -27.07 2.79
C TYR C 658 -12.43 -27.48 1.52
N GLU C 659 -13.61 -26.93 1.27
CA GLU C 659 -14.22 -27.11 -0.04
C GLU C 659 -13.37 -26.44 -1.11
N LYS C 660 -12.90 -25.23 -0.83
CA LYS C 660 -12.00 -24.57 -1.75
C LYS C 660 -10.67 -25.28 -1.86
N GLN C 661 -10.21 -25.88 -0.77
CA GLN C 661 -8.98 -26.66 -0.81
C GLN C 661 -9.15 -27.92 -1.61
N ALA C 662 -10.38 -28.43 -1.68
CA ALA C 662 -10.64 -29.54 -2.57
C ALA C 662 -10.58 -29.08 -4.02
N ILE C 663 -11.26 -27.97 -4.32
CA ILE C 663 -11.41 -27.59 -5.71
C ILE C 663 -10.11 -27.10 -6.29
N GLY C 664 -9.17 -26.66 -5.45
CA GLY C 664 -7.88 -26.26 -5.97
C GLY C 664 -7.07 -27.42 -6.47
N VAL C 665 -6.98 -28.48 -5.66
CA VAL C 665 -6.23 -29.67 -6.05
C VAL C 665 -6.88 -30.30 -7.25
N PHE C 666 -8.20 -30.37 -7.25
CA PHE C 666 -8.84 -30.97 -8.40
C PHE C 666 -8.77 -30.07 -9.62
N SER C 667 -8.61 -28.77 -9.43
CA SER C 667 -8.42 -27.87 -10.54
C SER C 667 -7.09 -28.14 -11.22
N GLU C 668 -6.04 -28.32 -10.43
CA GLU C 668 -4.75 -28.62 -11.01
C GLU C 668 -4.75 -30.00 -11.68
N CYS C 669 -5.43 -30.96 -11.06
CA CYS C 669 -5.50 -32.30 -11.63
C CYS C 669 -6.25 -32.30 -12.96
N HIS C 670 -7.38 -31.58 -13.00
CA HIS C 670 -8.13 -31.48 -14.24
C HIS C 670 -7.38 -30.68 -15.28
N SER C 671 -6.53 -29.76 -14.85
CA SER C 671 -5.63 -29.10 -15.76
C SER C 671 -4.56 -30.03 -16.26
N TRP C 672 -4.32 -31.15 -15.58
CA TRP C 672 -3.27 -32.02 -16.10
C TRP C 672 -3.76 -32.91 -17.24
N ASP C 673 -4.68 -33.82 -16.97
CA ASP C 673 -5.18 -34.76 -17.99
C ASP C 673 -6.52 -35.28 -17.52
N ALA C 674 -7.58 -34.95 -18.24
CA ALA C 674 -8.92 -35.00 -17.67
C ALA C 674 -9.43 -36.41 -17.51
N GLN C 675 -8.93 -37.37 -18.29
CA GLN C 675 -9.39 -38.74 -18.14
C GLN C 675 -8.96 -39.31 -16.80
N ARG C 676 -7.71 -39.05 -16.40
CA ARG C 676 -7.23 -39.56 -15.13
C ARG C 676 -7.94 -38.88 -13.97
N ALA C 677 -8.21 -37.58 -14.10
CA ALA C 677 -8.96 -36.89 -13.06
C ALA C 677 -10.39 -37.39 -12.99
N GLN C 678 -10.93 -37.78 -14.14
CA GLN C 678 -12.24 -38.41 -14.16
C GLN C 678 -12.21 -39.72 -13.40
N LYS C 679 -11.12 -40.47 -13.55
CA LYS C 679 -10.96 -41.71 -12.80
C LYS C 679 -10.86 -41.44 -11.31
N LEU C 680 -10.28 -40.30 -10.92
CA LEU C 680 -10.31 -39.93 -9.50
C LEU C 680 -11.71 -39.64 -9.03
N LEU C 681 -12.45 -38.86 -9.80
CA LEU C 681 -13.70 -38.28 -9.29
C LEU C 681 -14.76 -39.32 -9.04
N ILE C 682 -14.66 -40.49 -9.68
CA ILE C 682 -15.64 -41.54 -9.51
C ILE C 682 -15.18 -42.63 -8.60
N ARG C 683 -13.95 -42.58 -8.13
CA ARG C 683 -13.36 -43.73 -7.46
C ARG C 683 -14.00 -43.94 -6.10
N ILE C 684 -13.83 -45.14 -5.58
CA ILE C 684 -14.16 -45.42 -4.20
C ILE C 684 -12.86 -45.56 -3.45
N SER C 685 -12.94 -45.46 -2.13
CA SER C 685 -11.72 -45.57 -1.36
C SER C 685 -11.91 -46.58 -0.25
N PRO C 686 -10.88 -47.37 0.04
CA PRO C 686 -10.97 -48.24 1.21
C PRO C 686 -11.02 -47.46 2.50
N SER C 687 -10.24 -46.39 2.58
CA SER C 687 -10.44 -45.42 3.63
C SER C 687 -11.71 -44.64 3.38
N TRP C 688 -12.19 -43.97 4.44
CA TRP C 688 -13.33 -43.08 4.43
C TRP C 688 -14.60 -43.81 4.01
N GLY C 689 -14.92 -44.86 4.76
CA GLY C 689 -15.98 -45.76 4.37
C GLY C 689 -15.61 -46.47 3.09
N ARG C 690 -16.61 -46.78 2.29
CA ARG C 690 -16.41 -47.20 0.93
C ARG C 690 -17.24 -46.22 0.12
N SER C 691 -16.67 -45.04 -0.12
CA SER C 691 -17.47 -43.92 -0.55
C SER C 691 -16.82 -43.25 -1.75
N THR C 692 -17.62 -42.46 -2.45
CA THR C 692 -17.17 -41.73 -3.63
C THR C 692 -17.06 -40.26 -3.29
N CYS C 693 -16.33 -39.54 -4.15
CA CYS C 693 -16.22 -38.10 -4.03
C CYS C 693 -17.57 -37.44 -4.26
N LEU C 694 -18.35 -37.97 -5.20
CA LEU C 694 -19.56 -37.32 -5.66
C LEU C 694 -20.64 -37.35 -4.59
N TRP C 695 -20.87 -38.52 -4.01
CA TRP C 695 -21.89 -38.67 -3.00
C TRP C 695 -21.55 -37.89 -1.74
N LEU C 696 -20.26 -37.79 -1.43
CA LEU C 696 -19.84 -36.92 -0.35
C LEU C 696 -20.09 -35.45 -0.68
N ALA C 697 -19.92 -35.07 -1.95
CA ALA C 697 -20.24 -33.71 -2.34
C ALA C 697 -21.72 -33.44 -2.23
N LEU C 698 -22.53 -34.45 -2.50
CA LEU C 698 -23.97 -34.33 -2.34
C LEU C 698 -24.35 -34.17 -0.88
N GLU C 699 -23.79 -35.01 -0.02
CA GLU C 699 -24.12 -34.95 1.39
C GLU C 699 -23.51 -33.73 2.07
N ALA C 700 -22.49 -33.12 1.48
CA ALA C 700 -21.87 -31.94 2.06
C ALA C 700 -22.54 -30.65 1.61
N HIS C 701 -23.25 -30.70 0.48
CA HIS C 701 -23.96 -29.57 -0.12
C HIS C 701 -23.05 -28.40 -0.50
N ASP C 702 -21.74 -28.61 -0.54
CA ASP C 702 -20.83 -27.57 -0.99
C ASP C 702 -20.97 -27.45 -2.50
N LYS C 703 -21.98 -26.72 -2.94
CA LYS C 703 -22.30 -26.61 -4.35
C LYS C 703 -21.25 -25.86 -5.14
N SER C 704 -20.35 -25.16 -4.45
CA SER C 704 -19.16 -24.62 -5.09
C SER C 704 -18.34 -25.70 -5.75
N PHE C 705 -18.25 -26.88 -5.12
CA PHE C 705 -17.48 -27.97 -5.66
C PHE C 705 -18.09 -28.50 -6.94
N ILE C 706 -19.40 -28.70 -6.94
CA ILE C 706 -20.05 -29.17 -8.15
C ILE C 706 -20.16 -28.05 -9.16
N ALA C 707 -20.01 -26.80 -8.74
CA ALA C 707 -19.85 -25.68 -9.68
C ALA C 707 -18.43 -25.72 -10.19
N HIS C 708 -18.19 -26.62 -11.13
CA HIS C 708 -16.85 -26.79 -11.66
C HIS C 708 -16.96 -27.40 -13.05
N SER C 709 -15.93 -27.14 -13.86
CA SER C 709 -15.94 -27.57 -15.26
C SER C 709 -15.90 -29.08 -15.40
N GLY C 710 -14.91 -29.72 -14.76
CA GLY C 710 -14.69 -31.13 -15.01
C GLY C 710 -15.80 -32.02 -14.49
N VAL C 711 -16.41 -31.64 -13.36
CA VAL C 711 -17.50 -32.44 -12.82
C VAL C 711 -18.72 -32.35 -13.73
N GLN C 712 -18.95 -31.20 -14.34
CA GLN C 712 -20.05 -31.10 -15.29
C GLN C 712 -19.72 -31.83 -16.58
N ALA C 713 -18.46 -31.87 -16.97
CA ALA C 713 -18.09 -32.60 -18.17
C ALA C 713 -18.30 -34.10 -17.98
N LEU C 714 -17.97 -34.60 -16.80
CA LEU C 714 -18.17 -36.02 -16.53
C LEU C 714 -19.66 -36.34 -16.43
N LEU C 715 -20.43 -35.48 -15.76
CA LEU C 715 -21.87 -35.72 -15.69
C LEU C 715 -22.52 -35.61 -17.06
N THR C 716 -21.96 -34.77 -17.93
CA THR C 716 -22.44 -34.67 -19.30
C THR C 716 -22.19 -35.96 -20.06
N GLN C 717 -21.00 -36.54 -19.91
CA GLN C 717 -20.75 -37.81 -20.59
C GLN C 717 -21.57 -38.93 -19.97
N ILE C 718 -21.89 -38.82 -18.70
CA ILE C 718 -22.72 -39.84 -18.06
C ILE C 718 -24.18 -39.59 -18.42
N TRP C 719 -24.46 -38.47 -19.05
CA TRP C 719 -25.79 -38.17 -19.57
C TRP C 719 -25.98 -38.52 -21.03
N CYS C 720 -24.92 -38.43 -21.83
CA CYS C 720 -25.07 -38.63 -23.26
C CYS C 720 -24.88 -40.08 -23.70
N GLY C 721 -24.41 -40.95 -22.82
CA GLY C 721 -24.27 -42.34 -23.19
C GLY C 721 -23.10 -42.57 -24.13
N GLU C 722 -23.18 -43.64 -24.91
CA GLU C 722 -22.11 -43.99 -25.84
C GLU C 722 -22.05 -43.05 -27.03
N LEU C 723 -23.13 -42.34 -27.33
CA LEU C 723 -23.04 -41.22 -28.23
C LEU C 723 -22.36 -40.08 -27.51
N SER C 724 -21.48 -39.38 -28.22
CA SER C 724 -20.71 -38.32 -27.58
C SER C 724 -21.57 -37.10 -27.34
N VAL C 725 -21.06 -36.19 -26.51
CA VAL C 725 -21.80 -34.98 -26.19
C VAL C 725 -21.70 -33.94 -27.28
N ASP C 726 -20.73 -34.06 -28.19
CA ASP C 726 -20.54 -33.08 -29.24
C ASP C 726 -21.63 -33.13 -30.30
N ASN C 727 -22.38 -34.23 -30.37
CA ASN C 727 -23.52 -34.30 -31.26
C ASN C 727 -24.58 -33.29 -30.81
N PRO C 728 -25.08 -32.46 -31.69
CA PRO C 728 -25.92 -31.34 -31.25
C PRO C 728 -27.34 -31.76 -30.92
N HIS C 729 -28.21 -30.78 -30.68
CA HIS C 729 -29.62 -31.05 -30.61
C HIS C 729 -30.16 -31.42 -31.99
N TRP C 730 -31.40 -31.92 -31.99
CA TRP C 730 -32.32 -32.09 -33.12
C TRP C 730 -31.85 -33.03 -34.23
N LYS C 731 -30.60 -33.46 -34.22
CA LYS C 731 -30.23 -34.62 -35.02
C LYS C 731 -30.36 -35.87 -34.19
N VAL C 732 -30.23 -35.70 -32.88
CA VAL C 732 -30.64 -36.71 -31.91
C VAL C 732 -32.12 -37.00 -32.06
N LEU C 733 -32.93 -35.94 -32.15
CA LEU C 733 -34.37 -36.09 -32.36
C LEU C 733 -34.65 -36.75 -33.71
N LEU C 734 -33.83 -36.41 -34.71
CA LEU C 734 -33.99 -36.94 -36.06
C LEU C 734 -33.73 -38.44 -36.10
N CYS C 735 -32.71 -38.90 -35.40
CA CYS C 735 -32.48 -40.34 -35.32
C CYS C 735 -33.45 -41.01 -34.35
N MET C 736 -33.98 -40.26 -33.38
CA MET C 736 -35.02 -40.80 -32.52
C MET C 736 -36.28 -41.10 -33.31
N ILE C 737 -36.54 -40.32 -34.35
CA ILE C 737 -37.65 -40.64 -35.25
C ILE C 737 -37.22 -41.65 -36.30
N PHE C 738 -36.25 -41.29 -37.14
CA PHE C 738 -35.80 -42.13 -38.24
C PHE C 738 -34.69 -43.04 -37.75
N PHE C 739 -34.98 -44.34 -37.71
CA PHE C 739 -34.10 -45.31 -37.06
C PHE C 739 -32.72 -45.49 -37.72
N PRO C 740 -32.61 -45.89 -39.03
CA PRO C 740 -31.33 -46.46 -39.47
C PRO C 740 -30.23 -45.45 -39.80
N LEU C 741 -30.36 -44.22 -39.32
CA LEU C 741 -29.44 -43.14 -39.66
C LEU C 741 -28.02 -43.36 -39.13
N ILE C 742 -27.83 -44.28 -38.18
CA ILE C 742 -26.55 -44.42 -37.50
C ILE C 742 -25.45 -44.98 -38.39
N TYR C 743 -25.80 -45.68 -39.47
CA TYR C 743 -24.76 -46.20 -40.34
C TYR C 743 -24.35 -45.20 -41.41
N THR C 744 -25.16 -44.18 -41.64
CA THR C 744 -24.65 -42.95 -42.21
C THR C 744 -23.83 -42.24 -41.13
N GLY C 745 -22.77 -41.55 -41.56
CA GLY C 745 -21.86 -41.03 -40.55
C GLY C 745 -22.37 -39.73 -39.95
N PHE C 746 -23.01 -39.87 -38.79
CA PHE C 746 -23.55 -38.76 -38.02
C PHE C 746 -23.59 -39.22 -36.57
N LEU C 747 -23.77 -38.25 -35.66
CA LEU C 747 -24.05 -38.49 -34.24
C LEU C 747 -22.94 -39.30 -33.57
N THR C 748 -21.80 -38.62 -33.43
CA THR C 748 -20.52 -39.22 -33.07
C THR C 748 -20.57 -40.03 -31.78
N PHE C 749 -19.96 -41.21 -31.83
CA PHE C 749 -19.97 -42.15 -30.73
C PHE C 749 -18.77 -41.90 -29.81
N ARG C 750 -18.85 -42.46 -28.61
CA ARG C 750 -17.69 -42.40 -27.73
C ARG C 750 -16.60 -43.33 -28.24
N ARG C 751 -16.94 -44.60 -28.47
CA ARG C 751 -15.93 -45.60 -28.80
C ARG C 751 -15.37 -45.39 -30.21
N ASP C 752 -16.23 -44.99 -31.15
CA ASP C 752 -15.80 -44.82 -32.54
C ASP C 752 -14.83 -43.64 -32.66
N GLU C 753 -15.23 -42.48 -32.13
CA GLU C 753 -14.34 -41.33 -32.14
C GLU C 753 -13.13 -41.55 -31.26
N ASP C 754 -13.27 -42.39 -30.24
CA ASP C 754 -12.14 -42.73 -29.38
C ASP C 754 -11.08 -43.52 -30.14
N ILE C 755 -11.50 -44.53 -30.89
CA ILE C 755 -10.57 -45.30 -31.70
C ILE C 755 -10.02 -44.45 -32.83
N GLN C 756 -10.83 -43.54 -33.36
CA GLN C 756 -10.37 -42.62 -34.40
C GLN C 756 -9.27 -41.70 -33.88
N ARG C 757 -9.48 -41.10 -32.71
CA ARG C 757 -8.51 -40.18 -32.15
C ARG C 757 -7.26 -40.92 -31.67
N GLN C 758 -7.42 -42.14 -31.16
CA GLN C 758 -6.28 -42.93 -30.75
C GLN C 758 -5.44 -43.34 -31.95
N ALA C 759 -6.09 -43.65 -33.08
CA ALA C 759 -5.36 -43.95 -34.29
C ALA C 759 -4.68 -42.70 -34.84
N GLU C 760 -5.33 -41.54 -34.69
CA GLU C 760 -4.75 -40.30 -35.15
C GLU C 760 -3.51 -39.93 -34.35
N ARG C 761 -3.57 -40.13 -33.03
CA ARG C 761 -2.40 -39.87 -32.20
C ARG C 761 -1.34 -40.94 -32.40
N THR C 762 -1.75 -42.16 -32.75
CA THR C 762 -0.81 -43.25 -32.94
C THR C 762 -0.11 -43.20 -34.28
N GLU C 763 -0.60 -42.40 -35.22
CA GLU C 763 0.02 -42.30 -36.53
C GLU C 763 1.32 -41.51 -36.52
N GLN C 764 1.67 -40.87 -35.40
CA GLN C 764 2.70 -39.86 -35.38
C GLN C 764 3.94 -40.31 -34.63
N CYS C 799 -21.51 -51.74 -34.31
CA CYS C 799 -22.39 -52.53 -35.17
C CYS C 799 -23.84 -52.35 -34.75
N SER C 800 -24.57 -53.46 -34.64
CA SER C 800 -25.93 -53.41 -34.11
C SER C 800 -25.94 -53.10 -32.62
N SER C 801 -24.84 -53.41 -31.92
CA SER C 801 -24.71 -53.04 -30.53
C SER C 801 -24.69 -51.53 -30.35
N ARG C 802 -24.27 -50.79 -31.37
CA ARG C 802 -24.37 -49.33 -31.32
C ARG C 802 -25.84 -48.89 -31.27
N LEU C 803 -26.69 -49.55 -32.05
CA LEU C 803 -28.11 -49.24 -32.01
C LEU C 803 -28.72 -49.67 -30.69
N MET C 804 -28.26 -50.79 -30.14
CA MET C 804 -28.76 -51.24 -28.84
C MET C 804 -28.35 -50.30 -27.72
N SER C 805 -27.11 -49.80 -27.78
CA SER C 805 -26.64 -48.87 -26.76
C SER C 805 -27.32 -47.51 -26.92
N PHE C 806 -27.63 -47.12 -28.15
CA PHE C 806 -28.41 -45.92 -28.34
C PHE C 806 -29.82 -46.08 -27.80
N LEU C 807 -30.37 -47.28 -27.92
CA LEU C 807 -31.63 -47.57 -27.24
C LEU C 807 -31.46 -47.50 -25.73
N LYS C 808 -30.27 -47.83 -25.22
CA LYS C 808 -30.04 -47.76 -23.79
C LYS C 808 -29.71 -46.36 -23.28
N SER C 809 -29.58 -45.37 -24.17
CA SER C 809 -29.04 -44.07 -23.78
C SER C 809 -30.03 -43.30 -22.90
N PRO C 810 -29.55 -42.61 -21.85
CA PRO C 810 -30.48 -42.05 -20.86
C PRO C 810 -31.23 -40.84 -21.36
N GLN C 811 -30.58 -39.98 -22.15
CA GLN C 811 -31.26 -38.77 -22.60
C GLN C 811 -32.30 -39.06 -23.68
N VAL C 812 -32.05 -40.04 -24.54
CA VAL C 812 -33.09 -40.40 -25.48
C VAL C 812 -34.17 -41.18 -24.77
N LYS C 813 -33.85 -41.83 -23.66
CA LYS C 813 -34.88 -42.41 -22.80
C LYS C 813 -35.71 -41.31 -22.17
N PHE C 814 -35.10 -40.15 -21.88
CA PHE C 814 -35.88 -39.05 -21.33
C PHE C 814 -36.78 -38.42 -22.38
N TYR C 815 -36.26 -38.26 -23.60
CA TYR C 815 -37.09 -37.83 -24.74
C TYR C 815 -38.27 -38.76 -24.94
N TRP C 816 -38.01 -40.06 -24.85
CA TRP C 816 -39.06 -41.04 -25.01
C TRP C 816 -40.05 -40.99 -23.86
N ASN C 817 -39.58 -40.65 -22.66
CA ASN C 817 -40.46 -40.55 -21.50
C ASN C 817 -41.40 -39.35 -21.63
N ILE C 818 -40.88 -38.21 -22.09
CA ILE C 818 -41.79 -37.06 -22.21
C ILE C 818 -42.71 -37.22 -23.41
N ALA C 819 -42.27 -37.95 -24.45
CA ALA C 819 -43.17 -38.24 -25.56
C ALA C 819 -44.29 -39.19 -25.13
N SER C 820 -43.95 -40.18 -24.31
CA SER C 820 -44.97 -41.06 -23.75
C SER C 820 -45.89 -40.31 -22.80
N TYR C 821 -45.37 -39.30 -22.11
CA TYR C 821 -46.22 -38.50 -21.24
C TYR C 821 -47.16 -37.60 -22.04
N PHE C 822 -46.72 -37.14 -23.21
CA PHE C 822 -47.63 -36.40 -24.09
C PHE C 822 -48.70 -37.31 -24.68
N GLY C 823 -48.32 -38.56 -25.00
CA GLY C 823 -49.30 -39.55 -25.40
C GLY C 823 -50.33 -39.79 -24.31
N PHE C 824 -49.88 -39.77 -23.05
CA PHE C 824 -50.80 -39.85 -21.92
C PHE C 824 -51.76 -38.67 -21.86
N LEU C 825 -51.23 -37.46 -22.03
CA LEU C 825 -52.07 -36.27 -21.90
C LEU C 825 -53.11 -36.21 -23.02
N TRP C 826 -52.72 -36.58 -24.23
CA TRP C 826 -53.68 -36.60 -25.33
C TRP C 826 -54.66 -37.76 -25.21
N LEU C 827 -54.23 -38.88 -24.62
CA LEU C 827 -55.16 -39.97 -24.38
C LEU C 827 -56.19 -39.58 -23.33
N PHE C 828 -55.77 -38.79 -22.33
CA PHE C 828 -56.75 -38.24 -21.41
C PHE C 828 -57.63 -37.21 -22.09
N ALA C 829 -57.07 -36.48 -23.06
CA ALA C 829 -57.88 -35.54 -23.83
C ALA C 829 -58.94 -36.24 -24.66
N VAL C 830 -58.67 -37.46 -25.11
CA VAL C 830 -59.68 -38.27 -25.77
C VAL C 830 -60.71 -38.78 -24.75
N VAL C 831 -60.23 -39.43 -23.68
CA VAL C 831 -61.13 -40.19 -22.80
C VAL C 831 -61.84 -39.33 -21.76
N LEU C 832 -61.53 -38.04 -21.68
CA LEU C 832 -62.24 -37.18 -20.73
C LEU C 832 -63.66 -36.88 -21.22
N MET C 833 -63.77 -36.31 -22.41
CA MET C 833 -65.08 -35.97 -22.94
C MET C 833 -65.41 -36.79 -24.19
N SER C 841 -65.14 -47.79 -20.25
CA SER C 841 -64.77 -48.10 -21.63
C SER C 841 -63.49 -48.90 -21.69
N TRP C 842 -63.15 -49.37 -22.90
CA TRP C 842 -61.82 -49.95 -23.14
C TRP C 842 -60.73 -48.90 -22.95
N ARG C 843 -61.02 -47.65 -23.28
CA ARG C 843 -60.09 -46.57 -23.00
C ARG C 843 -59.93 -46.31 -21.51
N GLU C 844 -60.99 -46.55 -20.73
CA GLU C 844 -60.85 -46.48 -19.28
C GLU C 844 -59.96 -47.59 -18.77
N LEU C 845 -60.04 -48.78 -19.38
CA LEU C 845 -59.14 -49.88 -19.02
C LEU C 845 -57.69 -49.55 -19.38
N LEU C 846 -57.48 -48.85 -20.49
CA LEU C 846 -56.14 -48.38 -20.81
C LEU C 846 -55.66 -47.33 -19.82
N LEU C 847 -56.58 -46.53 -19.28
CA LEU C 847 -56.22 -45.58 -18.23
C LEU C 847 -55.81 -46.30 -16.96
N TYR C 848 -56.50 -47.39 -16.61
CA TYR C 848 -56.07 -48.20 -15.48
C TYR C 848 -54.71 -48.83 -15.70
N VAL C 849 -54.45 -49.29 -16.93
CA VAL C 849 -53.13 -49.85 -17.27
C VAL C 849 -52.06 -48.78 -17.14
N TRP C 850 -52.39 -47.55 -17.52
CA TRP C 850 -51.44 -46.46 -17.42
C TRP C 850 -51.15 -46.12 -15.97
N LEU C 851 -52.18 -46.10 -15.13
CA LEU C 851 -51.99 -45.81 -13.71
C LEU C 851 -51.15 -46.88 -13.04
N THR C 852 -51.37 -48.15 -13.38
CA THR C 852 -50.55 -49.23 -12.86
C THR C 852 -49.10 -49.10 -13.34
N SER C 853 -48.92 -48.68 -14.60
CA SER C 853 -47.59 -48.45 -15.16
C SER C 853 -46.83 -47.39 -14.39
N LEU C 854 -47.48 -46.25 -14.15
CA LEU C 854 -46.82 -45.16 -13.45
C LEU C 854 -46.58 -45.49 -11.99
N VAL C 855 -47.48 -46.25 -11.38
CA VAL C 855 -47.29 -46.68 -9.99
C VAL C 855 -46.10 -47.61 -9.89
N CYS C 856 -45.95 -48.54 -10.84
CA CYS C 856 -44.80 -49.44 -10.83
C CYS C 856 -43.49 -48.69 -11.09
N GLU C 857 -43.54 -47.68 -11.96
CA GLU C 857 -42.35 -46.87 -12.21
C GLU C 857 -41.92 -46.10 -10.97
N GLU C 858 -42.89 -45.54 -10.23
CA GLU C 858 -42.56 -44.82 -9.00
C GLU C 858 -42.04 -45.76 -7.92
N ILE C 859 -42.56 -46.98 -7.87
CA ILE C 859 -42.09 -47.96 -6.91
C ILE C 859 -40.64 -48.36 -7.19
N ARG C 860 -40.32 -48.64 -8.46
CA ARG C 860 -38.93 -48.98 -8.76
C ARG C 860 -38.02 -47.77 -8.64
N GLN C 861 -38.55 -46.57 -8.81
CA GLN C 861 -37.74 -45.39 -8.59
C GLN C 861 -37.48 -45.14 -7.11
N LEU C 862 -38.37 -45.59 -6.22
CA LEU C 862 -38.15 -45.36 -4.80
C LEU C 862 -37.42 -46.52 -4.14
N TYR C 863 -38.03 -47.70 -4.13
CA TYR C 863 -37.52 -48.78 -3.30
C TYR C 863 -36.31 -49.45 -3.91
N HIS C 864 -36.34 -49.68 -5.23
CA HIS C 864 -35.25 -50.37 -5.90
C HIS C 864 -33.98 -49.54 -5.93
N ASP C 865 -34.10 -48.22 -5.94
CA ASP C 865 -32.94 -47.36 -5.91
C ASP C 865 -32.28 -47.36 -4.54
N GLY C 870 -32.57 -48.37 3.27
CA GLY C 870 -33.73 -49.06 3.78
C GLY C 870 -35.03 -48.38 3.40
N PHE C 871 -36.16 -48.97 3.81
CA PHE C 871 -37.46 -48.42 3.49
C PHE C 871 -37.77 -47.18 4.33
N ARG C 872 -37.37 -47.20 5.61
CA ARG C 872 -37.70 -46.10 6.51
C ARG C 872 -36.93 -44.83 6.17
N ARG C 873 -35.62 -44.96 5.91
CA ARG C 873 -34.81 -43.79 5.60
C ARG C 873 -35.15 -43.21 4.23
N LYS C 874 -35.36 -44.07 3.24
CA LYS C 874 -35.76 -43.60 1.92
C LYS C 874 -37.16 -43.00 1.94
N ALA C 875 -38.05 -43.53 2.79
CA ALA C 875 -39.39 -42.98 2.92
C ALA C 875 -39.36 -41.61 3.58
N LYS C 876 -38.53 -41.44 4.62
CA LYS C 876 -38.39 -40.14 5.24
C LYS C 876 -37.72 -39.13 4.31
N MET C 877 -36.79 -39.58 3.48
CA MET C 877 -36.16 -38.69 2.52
C MET C 877 -37.12 -38.29 1.41
N TYR C 878 -38.01 -39.20 1.00
CA TYR C 878 -38.98 -38.86 -0.02
C TYR C 878 -40.07 -37.95 0.53
N ILE C 879 -40.47 -38.15 1.79
CA ILE C 879 -41.46 -37.27 2.41
C ILE C 879 -40.87 -35.91 2.77
N LYS C 880 -39.54 -35.84 2.95
CA LYS C 880 -38.90 -34.55 3.17
C LYS C 880 -38.92 -33.70 1.93
N ASP C 881 -38.92 -34.32 0.75
CA ASP C 881 -39.11 -33.59 -0.49
C ASP C 881 -40.57 -33.12 -0.59
N LEU C 882 -40.77 -32.05 -1.34
CA LEU C 882 -42.08 -31.41 -1.42
C LEU C 882 -42.91 -31.93 -2.58
N TRP C 883 -42.31 -32.02 -3.77
CA TRP C 883 -43.05 -32.40 -4.97
C TRP C 883 -43.43 -33.87 -4.96
N ASN C 884 -42.70 -34.69 -4.23
CA ASN C 884 -43.09 -36.08 -4.06
C ASN C 884 -44.40 -36.20 -3.29
N ILE C 885 -44.58 -35.34 -2.29
CA ILE C 885 -45.80 -35.35 -1.50
C ILE C 885 -46.98 -34.87 -2.34
N LEU C 886 -46.76 -33.87 -3.19
CA LEU C 886 -47.84 -33.39 -4.06
C LEU C 886 -48.17 -34.40 -5.15
N ASP C 887 -47.17 -35.11 -5.65
CA ASP C 887 -47.42 -36.13 -6.68
C ASP C 887 -48.15 -37.32 -6.08
N VAL C 888 -47.81 -37.69 -4.84
CA VAL C 888 -48.55 -38.74 -4.15
C VAL C 888 -49.96 -38.26 -3.81
N LEU C 889 -50.13 -36.97 -3.55
CA LEU C 889 -51.45 -36.41 -3.31
C LEU C 889 -52.31 -36.47 -4.57
N SER C 890 -51.72 -36.17 -5.72
CA SER C 890 -52.44 -36.26 -6.99
C SER C 890 -52.78 -37.71 -7.31
N ILE C 891 -51.88 -38.64 -6.98
CA ILE C 891 -52.13 -40.05 -7.22
C ILE C 891 -53.24 -40.59 -6.33
N VAL C 892 -53.27 -40.17 -5.06
CA VAL C 892 -54.31 -40.68 -4.18
C VAL C 892 -55.65 -40.00 -4.48
N LEU C 893 -55.62 -38.76 -4.99
CA LEU C 893 -56.85 -38.11 -5.43
C LEU C 893 -57.42 -38.82 -6.65
N PHE C 894 -56.55 -39.24 -7.57
CA PHE C 894 -57.01 -40.00 -8.72
C PHE C 894 -57.51 -41.39 -8.34
N ILE C 895 -56.91 -42.00 -7.31
CA ILE C 895 -57.38 -43.30 -6.85
C ILE C 895 -58.76 -43.18 -6.23
N ALA C 896 -58.98 -42.15 -5.42
CA ALA C 896 -60.29 -41.92 -4.84
C ALA C 896 -61.31 -41.53 -5.90
N GLY C 897 -60.87 -40.84 -6.96
CA GLY C 897 -61.76 -40.52 -8.06
C GLY C 897 -62.18 -41.74 -8.85
N LEU C 898 -61.26 -42.69 -9.03
CA LEU C 898 -61.61 -43.97 -9.64
C LEU C 898 -62.57 -44.74 -8.75
N ILE C 899 -62.37 -44.67 -7.43
CA ILE C 899 -63.27 -45.35 -6.49
C ILE C 899 -64.66 -44.74 -6.51
N CYS C 900 -64.75 -43.42 -6.72
CA CYS C 900 -66.05 -42.77 -6.75
C CYS C 900 -66.76 -42.96 -8.09
N ARG C 901 -66.03 -42.86 -9.20
CA ARG C 901 -66.63 -43.01 -10.52
C ARG C 901 -66.93 -44.47 -10.85
N LEU C 902 -66.32 -45.42 -10.14
CA LEU C 902 -66.76 -46.81 -10.28
C LEU C 902 -68.02 -47.08 -9.47
N GLN C 903 -68.28 -46.29 -8.44
CA GLN C 903 -69.46 -46.48 -7.60
C GLN C 903 -70.72 -46.11 -8.36
N ALA C 904 -71.66 -47.04 -8.42
CA ALA C 904 -72.83 -46.92 -9.28
C ALA C 904 -73.94 -46.18 -8.55
N SER C 905 -73.91 -44.85 -8.65
CA SER C 905 -75.02 -43.99 -8.25
C SER C 905 -74.86 -42.68 -9.01
N ASP C 906 -75.98 -41.98 -9.20
CA ASP C 906 -76.01 -40.80 -10.05
C ASP C 906 -75.22 -39.65 -9.42
N THR C 907 -75.45 -39.41 -8.13
CA THR C 907 -74.63 -38.45 -7.39
C THR C 907 -73.19 -38.94 -7.30
N VAL C 908 -73.00 -40.25 -7.16
CA VAL C 908 -71.66 -40.81 -7.12
C VAL C 908 -70.97 -40.66 -8.47
N PHE C 909 -71.70 -40.86 -9.57
CA PHE C 909 -71.12 -40.68 -10.89
C PHE C 909 -70.77 -39.22 -11.15
N TYR C 910 -71.63 -38.29 -10.69
CA TYR C 910 -71.38 -36.88 -10.88
C TYR C 910 -70.16 -36.41 -10.09
N ILE C 911 -70.13 -36.71 -8.79
CA ILE C 911 -69.02 -36.26 -7.96
C ILE C 911 -67.74 -37.03 -8.30
N GLY C 912 -67.85 -38.26 -8.81
CA GLY C 912 -66.67 -38.96 -9.29
C GLY C 912 -66.13 -38.37 -10.58
N LYS C 913 -67.00 -37.86 -11.45
CA LYS C 913 -66.54 -37.11 -12.60
C LYS C 913 -65.83 -35.83 -12.18
N VAL C 914 -66.36 -35.16 -11.15
CA VAL C 914 -65.69 -34.00 -10.56
C VAL C 914 -64.32 -34.38 -10.00
N ILE C 915 -64.24 -35.56 -9.39
CA ILE C 915 -63.01 -36.00 -8.75
C ILE C 915 -61.95 -36.36 -9.78
N LEU C 916 -62.35 -37.00 -10.87
CA LEU C 916 -61.41 -37.28 -11.96
C LEU C 916 -60.95 -35.98 -12.62
N CYS C 917 -61.84 -35.00 -12.72
CA CYS C 917 -61.47 -33.71 -13.29
C CYS C 917 -60.44 -32.99 -12.41
N ILE C 918 -60.68 -32.94 -11.10
CA ILE C 918 -59.75 -32.25 -10.21
C ILE C 918 -58.46 -33.04 -10.06
N ASP C 919 -58.51 -34.36 -10.26
CA ASP C 919 -57.29 -35.15 -10.26
C ASP C 919 -56.43 -34.84 -11.46
N PHE C 920 -57.05 -34.68 -12.64
CA PHE C 920 -56.26 -34.26 -13.79
C PHE C 920 -55.78 -32.82 -13.65
N ILE C 921 -56.55 -31.98 -12.96
CA ILE C 921 -56.09 -30.63 -12.65
C ILE C 921 -54.88 -30.67 -11.73
N ILE C 922 -54.80 -31.68 -10.86
CA ILE C 922 -53.61 -31.85 -10.03
C ILE C 922 -52.44 -32.37 -10.86
N PHE C 923 -52.69 -33.30 -11.80
CA PHE C 923 -51.61 -33.80 -12.65
C PHE C 923 -51.14 -32.80 -13.68
N CYS C 924 -51.87 -31.70 -13.86
CA CYS C 924 -51.35 -30.58 -14.64
C CYS C 924 -50.05 -30.03 -14.06
N LEU C 925 -49.92 -30.02 -12.73
CA LEU C 925 -48.69 -29.50 -12.12
C LEU C 925 -47.51 -30.44 -12.36
N ARG C 926 -47.74 -31.76 -12.30
CA ARG C 926 -46.68 -32.71 -12.62
C ARG C 926 -46.34 -32.67 -14.09
N LEU C 927 -47.30 -32.34 -14.95
CA LEU C 927 -47.00 -32.07 -16.35
C LEU C 927 -46.11 -30.84 -16.49
N MET C 928 -46.33 -29.84 -15.65
CA MET C 928 -45.53 -28.63 -15.71
C MET C 928 -44.11 -28.87 -15.20
N ALA C 929 -43.96 -29.70 -14.16
CA ALA C 929 -42.73 -29.71 -13.38
C ALA C 929 -41.54 -30.30 -14.13
N ILE C 930 -41.77 -31.26 -15.02
CA ILE C 930 -40.66 -31.90 -15.72
C ILE C 930 -40.04 -30.93 -16.72
N PHE C 931 -40.87 -30.21 -17.46
CA PHE C 931 -40.36 -29.16 -18.32
C PHE C 931 -39.89 -27.95 -17.53
N SER C 932 -40.33 -27.82 -16.28
CA SER C 932 -39.81 -26.77 -15.40
C SER C 932 -38.40 -27.07 -14.94
N ILE C 933 -37.95 -28.32 -15.03
CA ILE C 933 -36.62 -28.72 -14.58
C ILE C 933 -35.65 -28.75 -15.76
N SER C 934 -35.99 -28.03 -16.82
CA SER C 934 -35.22 -28.08 -18.07
C SER C 934 -33.93 -27.27 -17.95
N ARG C 935 -33.33 -26.99 -19.10
CA ARG C 935 -32.02 -26.32 -19.14
C ARG C 935 -32.12 -24.88 -18.61
N THR C 936 -33.00 -24.08 -19.19
CA THR C 936 -33.19 -22.72 -18.74
C THR C 936 -34.44 -22.52 -17.90
N LEU C 937 -35.30 -23.54 -17.81
CA LEU C 937 -36.47 -23.43 -16.95
C LEU C 937 -36.09 -23.51 -15.47
N GLY C 938 -34.98 -24.19 -15.17
CA GLY C 938 -34.40 -24.18 -13.84
C GLY C 938 -34.09 -22.81 -13.29
N PRO C 939 -33.48 -21.91 -14.07
CA PRO C 939 -33.46 -20.50 -13.68
C PRO C 939 -34.83 -19.86 -13.48
N LYS C 940 -35.84 -20.25 -14.25
CA LYS C 940 -37.18 -19.68 -14.05
C LYS C 940 -37.80 -20.15 -12.74
N ILE C 941 -37.46 -21.38 -12.32
CA ILE C 941 -38.25 -22.11 -11.34
C ILE C 941 -38.14 -21.51 -9.95
N ILE C 942 -36.97 -20.96 -9.61
CA ILE C 942 -36.69 -20.56 -8.23
C ILE C 942 -37.49 -19.33 -7.83
N ILE C 943 -37.93 -18.55 -8.82
CA ILE C 943 -38.55 -17.25 -8.54
C ILE C 943 -39.91 -17.41 -7.87
N VAL C 944 -40.57 -18.55 -8.11
CA VAL C 944 -41.97 -18.70 -7.72
C VAL C 944 -42.13 -18.78 -6.21
N ARG C 945 -41.08 -19.21 -5.51
CA ARG C 945 -41.18 -19.49 -4.08
C ARG C 945 -41.34 -18.21 -3.26
N ARG C 946 -40.83 -17.09 -3.76
CA ARG C 946 -40.77 -15.87 -2.97
C ARG C 946 -42.15 -15.24 -2.77
N MET C 947 -43.01 -15.33 -3.78
CA MET C 947 -44.26 -14.57 -3.78
C MET C 947 -45.24 -15.08 -2.75
N MET C 948 -45.16 -16.38 -2.42
CA MET C 948 -46.15 -17.01 -1.56
C MET C 948 -46.06 -16.54 -0.12
N LEU C 949 -44.87 -16.17 0.35
CA LEU C 949 -44.71 -15.69 1.72
C LEU C 949 -45.40 -14.34 1.91
N ASP C 950 -45.50 -13.55 0.84
CA ASP C 950 -46.11 -12.22 0.89
C ASP C 950 -47.63 -12.27 0.98
N LEU C 951 -48.23 -13.46 0.81
CA LEU C 951 -49.67 -13.57 0.64
C LEU C 951 -50.42 -13.21 1.92
N PHE C 952 -49.85 -13.50 3.09
CA PHE C 952 -50.40 -13.09 4.38
C PHE C 952 -50.67 -11.59 4.46
N PHE C 953 -49.64 -10.79 4.18
CA PHE C 953 -49.78 -9.34 4.22
C PHE C 953 -50.65 -8.81 3.09
N PHE C 954 -50.59 -9.45 1.91
CA PHE C 954 -51.42 -9.02 0.79
C PHE C 954 -52.90 -9.24 1.08
N MET C 955 -53.23 -10.42 1.63
CA MET C 955 -54.58 -10.71 2.06
C MET C 955 -54.99 -9.88 3.26
N PHE C 956 -54.05 -9.47 4.12
CA PHE C 956 -54.39 -8.61 5.24
C PHE C 956 -54.83 -7.24 4.76
N LEU C 957 -54.07 -6.65 3.83
CA LEU C 957 -54.43 -5.34 3.31
C LEU C 957 -55.71 -5.40 2.50
N LEU C 958 -55.87 -6.46 1.70
CA LEU C 958 -57.11 -6.67 0.96
C LEU C 958 -58.29 -6.90 1.90
N SER C 959 -58.05 -7.53 3.04
CA SER C 959 -59.10 -7.83 4.00
C SER C 959 -59.60 -6.56 4.68
N ILE C 960 -58.67 -5.67 5.06
CA ILE C 960 -59.05 -4.40 5.65
C ILE C 960 -59.80 -3.53 4.64
N TRP C 961 -59.34 -3.54 3.37
CA TRP C 961 -60.04 -2.78 2.34
C TRP C 961 -61.44 -3.35 2.08
N VAL C 962 -61.58 -4.67 2.12
CA VAL C 962 -62.86 -5.32 1.81
C VAL C 962 -63.87 -5.01 2.90
N VAL C 963 -63.46 -5.13 4.16
CA VAL C 963 -64.41 -4.83 5.23
C VAL C 963 -64.68 -3.32 5.29
N ALA C 964 -63.73 -2.50 4.81
CA ALA C 964 -63.96 -1.07 4.73
C ALA C 964 -65.05 -0.72 3.73
N TYR C 965 -64.97 -1.29 2.52
CA TYR C 965 -66.02 -1.04 1.52
C TYR C 965 -67.35 -1.65 1.93
N GLY C 966 -67.34 -2.79 2.62
CA GLY C 966 -68.59 -3.37 3.08
C GLY C 966 -69.26 -2.52 4.15
N VAL C 967 -68.48 -1.96 5.07
CA VAL C 967 -69.05 -1.08 6.08
C VAL C 967 -69.51 0.23 5.46
N ALA C 968 -68.81 0.71 4.44
CA ALA C 968 -69.25 1.93 3.76
C ALA C 968 -70.55 1.69 3.01
N LYS C 969 -70.68 0.51 2.39
CA LYS C 969 -71.91 0.16 1.67
C LYS C 969 -73.09 -0.02 2.63
N GLN C 970 -72.84 -0.60 3.81
CA GLN C 970 -73.91 -0.78 4.76
C GLN C 970 -74.33 0.53 5.40
N GLY C 971 -73.37 1.41 5.69
CA GLY C 971 -73.72 2.72 6.19
C GLY C 971 -74.36 3.62 5.15
N ILE C 972 -74.04 3.41 3.87
CA ILE C 972 -74.69 4.18 2.82
C ILE C 972 -76.01 3.57 2.38
N LEU C 973 -76.24 2.31 2.77
CA LEU C 973 -77.48 1.60 2.47
C LEU C 973 -78.64 2.16 3.28
N ILE C 974 -79.83 2.13 2.70
CA ILE C 974 -81.02 2.65 3.38
C ILE C 974 -81.42 1.92 4.66
N GLU C 975 -81.36 0.59 4.66
CA GLU C 975 -81.74 -0.17 5.85
C GLU C 975 -80.96 -1.47 6.08
N ASN C 976 -80.93 -1.91 7.34
CA ASN C 976 -80.26 -3.14 7.72
C ASN C 976 -81.01 -4.38 7.25
N GLU C 977 -80.29 -5.47 6.98
CA GLU C 977 -80.90 -6.70 6.51
C GLU C 977 -80.73 -7.91 7.43
N GLU C 978 -81.84 -8.60 7.70
CA GLU C 978 -81.85 -9.80 8.53
C GLU C 978 -81.66 -11.08 7.74
N ARG C 979 -81.24 -11.00 6.49
CA ARG C 979 -81.17 -12.18 5.63
C ARG C 979 -79.92 -13.00 5.95
N LEU C 980 -79.63 -13.99 5.10
CA LEU C 980 -78.39 -14.75 5.20
C LEU C 980 -77.53 -14.59 3.96
N ASN C 981 -78.07 -14.91 2.77
CA ASN C 981 -77.25 -15.05 1.58
C ASN C 981 -77.01 -13.72 0.89
N TRP C 982 -78.08 -13.00 0.56
CA TRP C 982 -77.95 -11.80 -0.25
C TRP C 982 -77.34 -10.64 0.51
N ILE C 983 -77.54 -10.60 1.84
CA ILE C 983 -76.87 -9.58 2.65
C ILE C 983 -75.36 -9.82 2.69
N ILE C 984 -74.93 -11.07 2.80
CA ILE C 984 -73.50 -11.35 2.82
C ILE C 984 -72.91 -11.16 1.44
N ARG C 985 -73.69 -11.42 0.40
CA ARG C 985 -73.27 -11.15 -0.96
C ARG C 985 -73.03 -9.67 -1.19
N GLY C 986 -74.05 -8.84 -0.91
CA GLY C 986 -73.90 -7.40 -1.02
C GLY C 986 -72.91 -6.80 -0.02
N ALA C 987 -72.58 -7.54 1.03
CA ALA C 987 -71.63 -7.03 2.02
C ALA C 987 -70.18 -7.28 1.58
N VAL C 988 -69.88 -8.50 1.10
CA VAL C 988 -68.50 -8.91 0.85
C VAL C 988 -68.21 -9.08 -0.63
N TYR C 989 -69.11 -9.74 -1.37
CA TYR C 989 -68.83 -10.09 -2.76
C TYR C 989 -68.97 -8.89 -3.68
N GLU C 990 -69.99 -8.07 -3.45
CA GLU C 990 -70.15 -6.85 -4.24
C GLU C 990 -69.01 -5.84 -4.11
N PRO C 991 -68.34 -5.65 -2.96
CA PRO C 991 -67.07 -4.92 -3.00
C PRO C 991 -65.97 -5.65 -3.74
N TYR C 992 -66.00 -6.98 -3.77
CA TYR C 992 -64.92 -7.72 -4.41
C TYR C 992 -65.03 -7.65 -5.93
N ILE C 993 -66.25 -7.58 -6.46
CA ILE C 993 -66.44 -7.33 -7.88
C ILE C 993 -66.31 -5.85 -8.22
N THR C 994 -66.38 -4.96 -7.23
CA THR C 994 -66.25 -3.54 -7.48
C THR C 994 -64.81 -3.12 -7.77
N ILE C 995 -63.84 -3.97 -7.47
CA ILE C 995 -62.43 -3.64 -7.63
C ILE C 995 -61.71 -4.52 -8.64
N PHE C 996 -62.34 -5.59 -9.11
CA PHE C 996 -61.67 -6.51 -10.02
C PHE C 996 -61.57 -5.93 -11.42
N THR C 1033 -86.66 7.86 -4.45
CA THR C 1033 -85.42 8.62 -4.32
C THR C 1033 -84.65 8.21 -3.07
N PRO C 1034 -83.32 8.12 -3.19
CA PRO C 1034 -82.51 7.89 -2.00
C PRO C 1034 -82.43 9.15 -1.15
N VAL C 1035 -82.61 8.97 0.16
CA VAL C 1035 -82.52 10.10 1.08
C VAL C 1035 -81.07 10.55 1.21
N PHE C 1036 -80.14 9.64 1.11
CA PHE C 1036 -78.72 9.95 1.16
C PHE C 1036 -78.24 10.35 -0.24
N PRO C 1037 -77.50 11.45 -0.37
CA PRO C 1037 -77.14 11.93 -1.71
C PRO C 1037 -76.06 11.07 -2.36
N GLU C 1038 -76.29 10.73 -3.63
CA GLU C 1038 -75.44 9.80 -4.34
C GLU C 1038 -74.09 10.40 -4.72
N TRP C 1039 -73.96 11.74 -4.73
CA TRP C 1039 -72.66 12.33 -5.00
C TRP C 1039 -71.70 12.09 -3.85
N LEU C 1040 -72.20 12.12 -2.63
CA LEU C 1040 -71.36 11.81 -1.48
C LEU C 1040 -71.02 10.32 -1.46
N THR C 1041 -71.96 9.49 -1.95
CA THR C 1041 -71.70 8.06 -2.12
C THR C 1041 -70.56 7.82 -3.09
N ILE C 1042 -70.61 8.46 -4.26
CA ILE C 1042 -69.57 8.21 -5.25
C ILE C 1042 -68.27 8.91 -4.87
N MET C 1043 -68.31 9.96 -4.03
CA MET C 1043 -67.07 10.56 -3.56
C MET C 1043 -66.37 9.66 -2.54
N MET C 1044 -67.15 9.09 -1.60
CA MET C 1044 -66.55 8.10 -0.69
C MET C 1044 -66.11 6.85 -1.43
N LEU C 1045 -66.80 6.49 -2.52
CA LEU C 1045 -66.38 5.37 -3.34
C LEU C 1045 -65.07 5.66 -4.06
N CYS C 1046 -64.91 6.90 -4.54
CA CYS C 1046 -63.65 7.27 -5.19
C CYS C 1046 -62.51 7.32 -4.19
N VAL C 1047 -62.81 7.71 -2.94
CA VAL C 1047 -61.80 7.68 -1.89
C VAL C 1047 -61.40 6.24 -1.58
N TYR C 1048 -62.37 5.32 -1.56
CA TYR C 1048 -62.08 3.91 -1.40
C TYR C 1048 -61.22 3.36 -2.53
N LEU C 1049 -61.51 3.77 -3.77
CA LEU C 1049 -60.70 3.29 -4.88
C LEU C 1049 -59.30 3.90 -4.87
N LEU C 1050 -59.16 5.11 -4.34
CA LEU C 1050 -57.83 5.70 -4.18
C LEU C 1050 -57.00 4.91 -3.18
N PHE C 1051 -57.60 4.59 -2.02
CA PHE C 1051 -56.87 3.82 -1.01
C PHE C 1051 -56.60 2.39 -1.48
N ALA C 1052 -57.55 1.80 -2.21
CA ALA C 1052 -57.38 0.43 -2.68
C ALA C 1052 -56.33 0.35 -3.78
N ASN C 1053 -56.27 1.33 -4.66
CA ASN C 1053 -55.22 1.38 -5.66
C ASN C 1053 -53.87 1.66 -5.03
N ILE C 1054 -53.84 2.41 -3.93
CA ILE C 1054 -52.60 2.63 -3.20
C ILE C 1054 -52.09 1.33 -2.60
N LEU C 1055 -52.98 0.56 -1.96
CA LEU C 1055 -52.58 -0.71 -1.37
C LEU C 1055 -52.19 -1.72 -2.44
N LEU C 1056 -52.89 -1.72 -3.58
CA LEU C 1056 -52.56 -2.64 -4.66
C LEU C 1056 -51.22 -2.28 -5.31
N LEU C 1057 -50.93 -0.99 -5.47
CA LEU C 1057 -49.65 -0.58 -6.03
C LEU C 1057 -48.50 -0.91 -5.09
N ASN C 1058 -48.74 -0.76 -3.77
CA ASN C 1058 -47.71 -1.15 -2.81
C ASN C 1058 -47.48 -2.66 -2.82
N LEU C 1059 -48.56 -3.44 -2.97
CA LEU C 1059 -48.40 -4.88 -3.12
C LEU C 1059 -47.68 -5.24 -4.42
N LEU C 1060 -47.90 -4.46 -5.48
CA LEU C 1060 -47.22 -4.73 -6.74
C LEU C 1060 -45.72 -4.45 -6.65
N ILE C 1061 -45.34 -3.33 -6.02
CA ILE C 1061 -43.93 -3.03 -5.88
C ILE C 1061 -43.27 -3.98 -4.88
N ALA C 1062 -44.03 -4.44 -3.88
CA ALA C 1062 -43.51 -5.48 -2.98
C ALA C 1062 -43.35 -6.81 -3.70
N ILE C 1063 -44.17 -7.06 -4.72
CA ILE C 1063 -43.99 -8.27 -5.53
C ILE C 1063 -42.76 -8.12 -6.42
N PHE C 1064 -42.54 -6.92 -6.95
CA PHE C 1064 -41.40 -6.70 -7.83
C PHE C 1064 -40.09 -6.71 -7.07
N ASN C 1065 -40.10 -6.33 -5.79
CA ASN C 1065 -38.90 -6.45 -4.99
C ASN C 1065 -38.60 -7.90 -4.65
N TYR C 1066 -39.64 -8.73 -4.53
CA TYR C 1066 -39.45 -10.14 -4.23
C TYR C 1066 -39.16 -10.92 -5.50
N ASP C 1073 -26.54 -15.27 -9.15
CA ASP C 1073 -25.32 -16.05 -8.98
C ASP C 1073 -25.61 -17.39 -8.34
N ASN C 1074 -26.71 -17.44 -7.58
CA ASN C 1074 -27.06 -18.66 -6.86
C ASN C 1074 -27.65 -19.71 -7.80
N THR C 1075 -28.47 -19.24 -8.73
CA THR C 1075 -29.49 -20.07 -9.33
C THR C 1075 -28.90 -21.08 -10.32
N ASP C 1076 -27.86 -20.68 -11.06
CA ASP C 1076 -27.23 -21.61 -12.00
C ASP C 1076 -26.49 -22.72 -11.25
N THR C 1077 -25.88 -22.37 -10.11
CA THR C 1077 -25.24 -23.38 -9.27
C THR C 1077 -26.27 -24.35 -8.71
N ILE C 1078 -27.43 -23.83 -8.31
CA ILE C 1078 -28.48 -24.71 -7.80
C ILE C 1078 -29.04 -25.58 -8.93
N TRP C 1079 -29.05 -25.06 -10.17
CA TRP C 1079 -29.44 -25.86 -11.32
C TRP C 1079 -28.47 -27.01 -11.55
N LYS C 1080 -27.17 -26.74 -11.43
CA LYS C 1080 -26.18 -27.82 -11.43
C LYS C 1080 -26.42 -28.78 -10.28
N PHE C 1081 -26.84 -28.25 -9.14
CA PHE C 1081 -27.01 -29.04 -7.94
C PHE C 1081 -28.20 -29.98 -8.02
N GLN C 1082 -29.17 -29.70 -8.90
CA GLN C 1082 -30.24 -30.67 -9.16
C GLN C 1082 -30.04 -31.48 -10.44
N ARG C 1083 -29.08 -31.07 -11.28
CA ARG C 1083 -28.83 -31.80 -12.52
C ARG C 1083 -28.40 -33.24 -12.26
N TYR C 1084 -27.71 -33.50 -11.15
CA TYR C 1084 -27.36 -34.87 -10.81
C TYR C 1084 -28.59 -35.70 -10.46
N GLU C 1085 -29.55 -35.10 -9.73
CA GLU C 1085 -30.77 -35.82 -9.39
C GLU C 1085 -31.55 -36.17 -10.66
N LEU C 1086 -31.50 -35.28 -11.65
CA LEU C 1086 -32.09 -35.58 -12.96
C LEU C 1086 -31.40 -36.79 -13.61
N ILE C 1087 -30.07 -36.77 -13.67
CA ILE C 1087 -29.37 -37.81 -14.40
C ILE C 1087 -29.47 -39.15 -13.67
N LYS C 1088 -29.56 -39.11 -12.34
CA LYS C 1088 -29.80 -40.35 -11.59
C LYS C 1088 -31.20 -40.87 -11.87
N GLU C 1089 -32.19 -39.99 -11.89
CA GLU C 1089 -33.57 -40.44 -12.12
C GLU C 1089 -33.76 -41.00 -13.51
N TYR C 1090 -33.01 -40.53 -14.49
CA TYR C 1090 -33.17 -41.07 -15.84
C TYR C 1090 -32.04 -41.97 -16.25
N HIS C 1091 -31.17 -42.33 -15.32
CA HIS C 1091 -30.28 -43.46 -15.55
C HIS C 1091 -30.74 -44.70 -14.82
N SER C 1092 -31.41 -44.54 -13.69
CA SER C 1092 -31.88 -45.69 -12.92
C SER C 1092 -32.98 -46.42 -13.65
N ARG C 1093 -33.82 -45.71 -14.33
CA ARG C 1093 -34.96 -46.34 -14.96
C ARG C 1093 -34.55 -47.00 -16.27
N PRO C 1094 -35.04 -48.20 -16.56
CA PRO C 1094 -34.72 -48.84 -17.83
C PRO C 1094 -35.44 -48.17 -18.97
N ALA C 1095 -34.95 -48.44 -20.18
CA ALA C 1095 -35.39 -47.74 -21.38
C ALA C 1095 -36.62 -48.43 -21.95
N LEU C 1096 -37.80 -48.00 -21.49
CA LEU C 1096 -39.09 -48.48 -21.99
C LEU C 1096 -40.14 -47.45 -21.59
N PRO C 1097 -41.17 -47.22 -22.41
CA PRO C 1097 -42.27 -46.37 -21.97
C PRO C 1097 -43.08 -47.07 -20.90
N PRO C 1098 -43.88 -46.36 -20.10
CA PRO C 1098 -44.62 -46.97 -18.97
C PRO C 1098 -45.49 -48.19 -19.30
N PRO C 1099 -46.25 -48.25 -20.42
CA PRO C 1099 -46.93 -49.52 -20.71
C PRO C 1099 -46.00 -50.63 -21.16
N PHE C 1100 -44.75 -50.32 -21.49
CA PHE C 1100 -43.73 -51.34 -21.71
C PHE C 1100 -42.74 -51.44 -20.57
N ILE C 1101 -42.58 -50.40 -19.75
CA ILE C 1101 -41.73 -50.52 -18.58
C ILE C 1101 -42.43 -51.34 -17.51
N LEU C 1102 -43.75 -51.48 -17.57
CA LEU C 1102 -44.40 -52.44 -16.68
C LEU C 1102 -44.02 -53.87 -17.04
N LEU C 1103 -43.98 -54.17 -18.34
CA LEU C 1103 -43.46 -55.44 -18.82
C LEU C 1103 -42.00 -55.65 -18.44
N SER C 1104 -41.18 -54.60 -18.61
CA SER C 1104 -39.78 -54.70 -18.24
C SER C 1104 -39.61 -54.87 -16.74
N HIS C 1105 -40.51 -54.29 -15.95
CA HIS C 1105 -40.51 -54.52 -14.51
C HIS C 1105 -40.89 -55.96 -14.19
N LEU C 1106 -41.80 -56.55 -14.98
CA LEU C 1106 -42.12 -57.95 -14.79
C LEU C 1106 -40.93 -58.84 -15.11
N ILE C 1107 -40.20 -58.54 -16.18
CA ILE C 1107 -39.03 -59.32 -16.55
C ILE C 1107 -37.92 -59.15 -15.54
N LEU C 1108 -37.76 -57.93 -15.03
CA LEU C 1108 -36.80 -57.67 -13.97
C LEU C 1108 -37.22 -58.35 -12.67
N PHE C 1109 -38.53 -58.49 -12.45
CA PHE C 1109 -38.99 -59.23 -11.27
C PHE C 1109 -38.71 -60.71 -11.41
N ILE C 1110 -38.78 -61.23 -12.64
CA ILE C 1110 -38.39 -62.62 -12.89
C ILE C 1110 -36.90 -62.81 -12.63
N ARG C 1111 -36.08 -61.85 -13.08
CA ARG C 1111 -34.64 -61.94 -12.85
C ARG C 1111 -34.30 -61.79 -11.36
N GLY C 1112 -35.04 -60.93 -10.65
CA GLY C 1112 -34.79 -60.76 -9.23
C GLY C 1112 -35.29 -61.90 -8.38
N VAL C 1113 -36.40 -62.53 -8.79
CA VAL C 1113 -36.88 -63.71 -8.08
C VAL C 1113 -35.97 -64.89 -8.38
N PHE C 1114 -35.34 -64.91 -9.56
CA PHE C 1114 -34.26 -65.86 -9.81
C PHE C 1114 -33.07 -65.59 -8.92
N LEU C 1115 -32.82 -64.32 -8.59
CA LEU C 1115 -31.71 -63.83 -7.77
C LEU C 1115 -30.34 -64.27 -8.30
N ARG C 1121 -26.83 -54.21 -10.61
CA ARG C 1121 -25.59 -53.48 -10.41
C ARG C 1121 -25.42 -52.38 -11.44
N HIS C 1122 -24.52 -51.44 -11.15
CA HIS C 1122 -24.22 -50.37 -12.09
C HIS C 1122 -22.76 -49.99 -11.95
N LYS C 1123 -22.02 -50.15 -13.05
CA LYS C 1123 -20.62 -49.76 -13.10
C LYS C 1123 -20.46 -48.31 -13.54
N ASN C 1124 -21.55 -47.55 -13.58
CA ASN C 1124 -21.47 -46.19 -14.07
C ASN C 1124 -20.77 -45.28 -13.10
N PHE C 1125 -20.99 -45.46 -11.80
CA PHE C 1125 -20.56 -44.50 -10.81
C PHE C 1125 -19.49 -45.06 -9.87
N ARG C 1126 -19.78 -46.13 -9.16
CA ARG C 1126 -18.89 -46.64 -8.15
C ARG C 1126 -18.00 -47.69 -8.77
N GLN C 1127 -16.71 -47.40 -8.86
CA GLN C 1127 -15.78 -48.36 -9.43
C GLN C 1127 -14.66 -48.64 -8.43
N GLU C 1128 -14.13 -49.84 -8.54
CA GLU C 1128 -13.06 -50.32 -7.69
C GLU C 1128 -11.94 -50.79 -8.59
N LEU C 1129 -10.70 -50.62 -8.17
CA LEU C 1129 -9.59 -50.82 -9.07
C LEU C 1129 -8.66 -51.91 -8.56
N GLU C 1130 -7.71 -52.27 -9.41
CA GLU C 1130 -6.60 -53.10 -8.97
C GLU C 1130 -5.71 -52.31 -8.04
N GLN C 1131 -4.85 -53.04 -7.31
CA GLN C 1131 -3.95 -52.38 -6.36
C GLN C 1131 -2.94 -51.50 -7.08
N THR C 1132 -2.47 -51.95 -8.25
CA THR C 1132 -1.41 -51.26 -8.96
C THR C 1132 -1.87 -49.91 -9.50
N GLU C 1133 -3.07 -49.91 -10.10
CA GLU C 1133 -3.63 -48.70 -10.66
C GLU C 1133 -3.88 -47.68 -9.57
N GLU C 1134 -4.39 -48.13 -8.43
CA GLU C 1134 -4.66 -47.19 -7.35
C GLU C 1134 -3.38 -46.67 -6.75
N GLU C 1135 -2.32 -47.48 -6.72
CA GLU C 1135 -1.04 -47.02 -6.19
C GLU C 1135 -0.45 -45.90 -7.06
N GLU C 1136 -0.41 -46.14 -8.38
CA GLU C 1136 0.04 -45.09 -9.30
C GLU C 1136 -0.83 -43.85 -9.20
N LEU C 1137 -2.13 -44.06 -9.04
CA LEU C 1137 -3.04 -42.94 -9.06
C LEU C 1137 -2.90 -42.09 -7.81
N LEU C 1138 -2.66 -42.72 -6.67
CA LEU C 1138 -2.41 -41.96 -5.46
C LEU C 1138 -1.10 -41.21 -5.53
N SER C 1139 -0.08 -41.80 -6.15
CA SER C 1139 1.18 -41.07 -6.29
C SER C 1139 1.02 -39.84 -7.17
N TRP C 1140 0.25 -39.98 -8.24
CA TRP C 1140 -0.01 -38.84 -9.11
C TRP C 1140 -0.82 -37.78 -8.38
N GLU C 1141 -1.74 -38.22 -7.52
CA GLU C 1141 -2.48 -37.30 -6.67
C GLU C 1141 -1.54 -36.50 -5.78
N ALA C 1142 -0.62 -37.19 -5.10
CA ALA C 1142 0.24 -36.53 -4.14
C ALA C 1142 1.16 -35.52 -4.83
N TYR C 1143 1.61 -35.86 -6.04
CA TYR C 1143 2.43 -34.92 -6.79
C TYR C 1143 1.63 -33.68 -7.15
N MET C 1144 0.37 -33.87 -7.54
CA MET C 1144 -0.43 -32.70 -7.86
C MET C 1144 -0.75 -31.87 -6.62
N LYS C 1145 -0.90 -32.52 -5.46
CA LYS C 1145 -1.16 -31.78 -4.24
C LYS C 1145 0.02 -30.91 -3.88
N ASP C 1146 1.22 -31.46 -4.04
CA ASP C 1146 2.42 -30.70 -3.75
C ASP C 1146 2.56 -29.52 -4.70
N ASN C 1147 2.21 -29.73 -5.97
CA ASN C 1147 2.29 -28.66 -6.95
C ASN C 1147 1.33 -27.53 -6.60
N TYR C 1148 0.08 -27.88 -6.30
CA TYR C 1148 -0.92 -26.88 -5.93
C TYR C 1148 -0.52 -26.12 -4.68
N LEU C 1149 0.00 -26.84 -3.70
CA LEU C 1149 0.31 -26.22 -2.43
C LEU C 1149 1.48 -25.25 -2.57
N ALA C 1150 2.48 -25.64 -3.37
CA ALA C 1150 3.57 -24.73 -3.64
C ALA C 1150 3.11 -23.53 -4.45
N SER C 1151 2.13 -23.72 -5.32
CA SER C 1151 1.61 -22.61 -6.11
C SER C 1151 0.93 -21.57 -5.21
N THR C 1152 0.12 -22.04 -4.27
CA THR C 1152 -0.53 -21.10 -3.37
C THR C 1152 0.45 -20.44 -2.42
N ARG C 1153 1.48 -21.18 -2.01
CA ARG C 1153 2.51 -20.55 -1.18
C ARG C 1153 3.23 -19.44 -1.93
N GLN C 1154 3.53 -19.67 -3.20
CA GLN C 1154 4.25 -18.64 -3.95
C GLN C 1154 3.37 -17.43 -4.20
N ASP C 1155 2.11 -17.66 -4.57
CA ASP C 1155 1.27 -16.50 -4.79
C ASP C 1155 0.84 -15.82 -3.51
N GLU C 1156 1.06 -16.45 -2.36
CA GLU C 1156 0.99 -15.69 -1.13
C GLU C 1156 2.12 -14.68 -1.05
N SER C 1157 3.34 -15.12 -1.32
CA SER C 1157 4.51 -14.31 -1.02
C SER C 1157 4.85 -13.30 -2.09
N GLN C 1158 3.89 -12.92 -2.93
CA GLN C 1158 4.03 -11.71 -3.71
C GLN C 1158 2.85 -10.78 -3.53
N SER C 1159 1.88 -11.16 -2.70
CA SER C 1159 0.80 -10.25 -2.36
C SER C 1159 1.34 -9.05 -1.61
N VAL C 1160 0.95 -7.86 -2.05
CA VAL C 1160 1.59 -6.63 -1.61
C VAL C 1160 1.35 -6.35 -0.15
N GLU C 1161 0.29 -6.89 0.42
CA GLU C 1161 0.08 -6.81 1.85
C GLU C 1161 1.17 -7.57 2.59
N HIS C 1162 1.50 -8.76 2.11
CA HIS C 1162 2.60 -9.50 2.69
C HIS C 1162 3.93 -8.81 2.44
N ARG C 1163 4.06 -8.10 1.32
CA ARG C 1163 5.30 -7.41 1.01
C ARG C 1163 5.54 -6.26 1.96
N ILE C 1164 4.50 -5.46 2.22
CA ILE C 1164 4.68 -4.33 3.11
C ILE C 1164 4.89 -4.81 4.53
N HIS C 1165 4.30 -5.95 4.88
CA HIS C 1165 4.55 -6.55 6.18
C HIS C 1165 6.00 -6.98 6.34
N ASP C 1166 6.55 -7.59 5.29
CA ASP C 1166 7.94 -8.05 5.30
C ASP C 1166 8.90 -6.89 5.43
N THR C 1167 8.64 -5.81 4.70
CA THR C 1167 9.51 -4.66 4.77
C THR C 1167 9.45 -4.02 6.13
N ALA C 1168 8.27 -4.04 6.76
CA ALA C 1168 8.16 -3.52 8.12
C ALA C 1168 9.04 -4.31 9.08
N GLU C 1169 9.02 -5.63 8.96
CA GLU C 1169 9.81 -6.47 9.86
C GLU C 1169 11.31 -6.24 9.65
N LYS C 1170 11.76 -6.23 8.39
CA LYS C 1170 13.19 -6.10 8.16
C LYS C 1170 13.69 -4.71 8.50
N VAL C 1171 12.90 -3.67 8.26
CA VAL C 1171 13.39 -2.34 8.59
C VAL C 1171 13.41 -2.14 10.09
N GLY C 1172 12.49 -2.76 10.83
CA GLY C 1172 12.61 -2.76 12.28
C GLY C 1172 13.88 -3.43 12.76
N ALA C 1173 14.25 -4.54 12.11
CA ALA C 1173 15.50 -5.20 12.45
C ALA C 1173 16.71 -4.33 12.10
N MET C 1174 16.61 -3.60 10.99
CA MET C 1174 17.68 -2.70 10.56
C MET C 1174 17.87 -1.60 11.59
N SER C 1175 16.76 -1.07 12.12
CA SER C 1175 16.82 -0.02 13.12
C SER C 1175 17.48 -0.53 14.39
N GLU C 1176 17.10 -1.73 14.83
CA GLU C 1176 17.70 -2.28 16.04
C GLU C 1176 19.20 -2.54 15.86
N LEU C 1177 19.58 -3.08 14.69
CA LEU C 1177 20.98 -3.38 14.42
C LEU C 1177 21.83 -2.13 14.38
N LEU C 1178 21.38 -1.11 13.64
CA LEU C 1178 22.20 0.08 13.54
C LEU C 1178 22.17 0.88 14.83
N GLU C 1179 21.11 0.73 15.64
CA GLU C 1179 21.11 1.33 16.97
C GLU C 1179 22.20 0.71 17.84
N ARG C 1180 22.29 -0.61 17.85
CA ARG C 1180 23.34 -1.26 18.64
C ARG C 1180 24.74 -0.97 18.07
N GLU C 1181 24.86 -0.84 16.75
CA GLU C 1181 26.18 -0.62 16.16
C GLU C 1181 26.66 0.80 16.40
N GLN C 1182 25.77 1.79 16.28
CA GLN C 1182 26.13 3.15 16.61
C GLN C 1182 26.31 3.33 18.10
N GLU C 1183 25.67 2.49 18.92
CA GLU C 1183 25.99 2.48 20.35
C GLU C 1183 27.34 1.83 20.61
N MET C 1184 27.81 0.96 19.71
CA MET C 1184 29.07 0.28 19.95
C MET C 1184 30.27 1.16 19.59
N VAL C 1185 30.30 1.68 18.37
CA VAL C 1185 31.43 2.49 17.94
C VAL C 1185 30.97 3.90 17.62
N UNK C 1186 42.90 7.37 18.84
CA UNK C 1186 44.11 7.85 18.21
C UNK C 1186 45.02 8.56 19.23
N UNK C 1187 44.64 8.50 20.50
CA UNK C 1187 45.46 9.06 21.56
C UNK C 1187 46.63 8.14 21.85
N UNK C 1188 46.45 6.86 21.52
CA UNK C 1188 47.51 5.88 21.64
C UNK C 1188 48.61 6.16 20.61
N UNK C 1189 48.20 6.66 19.44
CA UNK C 1189 49.14 7.07 18.39
C UNK C 1189 50.00 8.24 18.85
N UNK C 1190 49.34 9.21 19.47
CA UNK C 1190 50.03 10.38 20.02
C UNK C 1190 50.94 9.99 21.17
N UNK C 1191 50.52 9.00 21.96
CA UNK C 1191 51.34 8.46 23.04
C UNK C 1191 52.59 7.77 22.51
N UNK C 1192 52.42 7.00 21.43
CA UNK C 1192 53.53 6.32 20.76
C UNK C 1192 54.51 7.31 20.16
N UNK C 1193 53.97 8.37 19.56
CA UNK C 1193 54.79 9.45 19.01
C UNK C 1193 55.58 10.18 20.11
N UNK C 1194 54.94 10.44 21.24
CA UNK C 1194 55.56 11.07 22.39
C UNK C 1194 56.70 10.22 22.94
N UNK C 1195 56.43 8.91 23.06
CA UNK C 1195 57.41 7.94 23.52
C UNK C 1195 58.60 7.83 22.58
N UNK C 1196 58.34 7.88 21.26
CA UNK C 1196 59.41 7.79 20.27
C UNK C 1196 60.25 9.07 20.24
N UNK C 1197 59.62 10.20 20.49
CA UNK C 1197 60.33 11.47 20.60
C UNK C 1197 61.24 11.47 21.83
N UNK C 1198 60.71 10.94 22.93
CA UNK C 1198 61.47 10.75 24.15
C UNK C 1198 62.65 9.79 23.94
N UNK C 1199 62.40 8.74 23.16
CA UNK C 1199 63.42 7.75 22.83
C UNK C 1199 64.51 8.34 21.95
N UNK C 1200 64.10 9.21 21.03
CA UNK C 1200 65.01 9.96 20.16
C UNK C 1200 65.91 10.86 20.99
N UNK C 1201 65.30 11.55 21.96
CA UNK C 1201 66.03 12.42 22.89
C UNK C 1201 67.00 11.64 23.77
N UNK C 1202 66.57 10.48 24.25
CA UNK C 1202 67.40 9.65 25.11
C UNK C 1202 68.55 8.98 24.35
N UNK C 1203 68.32 8.72 23.06
CA UNK C 1203 69.34 8.16 22.20
C UNK C 1203 70.31 9.24 21.74
N UNK C 1204 69.81 10.47 21.64
CA UNK C 1204 70.63 11.62 21.28
C UNK C 1204 71.47 12.05 22.47
N UNK C 1205 71.00 11.68 23.66
CA UNK C 1205 71.76 11.84 24.87
C UNK C 1205 72.70 10.65 25.06
N UNK C 1206 72.47 9.57 24.30
CA UNK C 1206 73.25 8.34 24.44
C UNK C 1206 74.47 8.32 23.54
N UNK C 1207 75.24 9.39 23.55
CA UNK C 1207 76.44 9.49 22.73
C UNK C 1207 77.70 9.32 23.58
N ASP C 1208 49.30 -23.15 33.77
CA ASP C 1208 49.16 -24.59 33.96
C ASP C 1208 47.97 -24.91 34.87
N GLU C 1209 47.79 -26.20 35.15
CA GLU C 1209 46.70 -26.67 36.01
C GLU C 1209 47.30 -27.51 37.12
N GLU C 1210 47.09 -27.07 38.37
CA GLU C 1210 47.55 -27.78 39.55
C GLU C 1210 46.41 -27.96 40.53
N ALA C 1211 46.48 -29.02 41.32
CA ALA C 1211 45.42 -29.34 42.26
C ALA C 1211 45.83 -28.92 43.66
N PRO C 1212 45.20 -27.89 44.25
CA PRO C 1212 45.50 -27.53 45.64
C PRO C 1212 44.86 -28.49 46.62
N HIS C 1213 44.92 -28.16 47.91
CA HIS C 1213 44.19 -28.93 48.91
C HIS C 1213 42.69 -28.79 48.70
N MET C 1214 42.18 -27.55 48.76
CA MET C 1214 40.83 -27.14 48.39
C MET C 1214 39.72 -27.68 49.31
N PHE C 1215 40.10 -28.52 50.27
CA PHE C 1215 39.24 -29.05 51.32
C PHE C 1215 39.76 -28.65 52.69
N ALA C 1216 41.06 -28.86 52.90
CA ALA C 1216 41.80 -28.12 53.91
C ALA C 1216 41.65 -26.62 53.70
N ARG C 1217 41.66 -26.19 52.43
CA ARG C 1217 41.34 -24.80 52.13
C ARG C 1217 39.88 -24.50 52.36
N GLN C 1218 39.00 -25.48 52.15
CA GLN C 1218 37.59 -25.25 52.39
C GLN C 1218 37.28 -25.31 53.88
N LEU C 1219 36.03 -25.03 54.21
CA LEU C 1219 35.46 -25.39 55.51
C LEU C 1219 34.91 -26.81 55.46
N GLN C 1220 35.75 -27.72 55.00
CA GLN C 1220 35.40 -29.10 54.71
C GLN C 1220 35.93 -29.94 55.87
N TYR C 1221 35.00 -30.34 56.73
CA TYR C 1221 35.27 -31.07 57.97
C TYR C 1221 34.05 -31.93 58.21
N PRO C 1222 34.17 -33.02 59.01
CA PRO C 1222 33.02 -33.93 59.15
C PRO C 1222 31.81 -33.41 59.92
N ASP C 1223 31.13 -32.40 59.37
CA ASP C 1223 29.70 -32.14 59.56
C ASP C 1223 29.31 -31.90 61.02
N SER C 1224 29.84 -30.81 61.55
CA SER C 1224 29.37 -30.24 62.81
C SER C 1224 28.78 -28.87 62.52
N THR C 1225 28.14 -28.30 63.55
CA THR C 1225 27.44 -27.04 63.34
C THR C 1225 28.38 -25.85 63.25
N VAL C 1226 29.61 -26.00 63.73
CA VAL C 1226 30.54 -24.87 63.81
C VAL C 1226 30.94 -24.43 62.40
N ARG C 1227 31.02 -23.13 62.21
CA ARG C 1227 31.72 -22.63 61.04
C ARG C 1227 33.19 -22.94 61.21
N ARG C 1228 33.79 -23.62 60.23
CA ARG C 1228 35.19 -24.04 60.33
C ARG C 1228 36.10 -22.84 60.09
N PHE C 1229 37.41 -23.11 59.97
CA PHE C 1229 38.31 -22.07 59.51
C PHE C 1229 38.79 -22.46 58.11
N PRO C 1230 38.10 -22.03 57.06
CA PRO C 1230 38.59 -22.29 55.71
C PRO C 1230 39.78 -21.39 55.40
N VAL C 1231 40.78 -21.96 54.74
CA VAL C 1231 42.11 -21.35 54.67
C VAL C 1231 42.41 -20.94 53.22
N PRO C 1232 43.05 -19.79 52.97
CA PRO C 1232 43.51 -19.50 51.61
C PRO C 1232 44.58 -20.49 51.17
N GLU C 1233 44.64 -20.73 49.86
CA GLU C 1233 45.42 -21.88 49.37
C GLU C 1233 46.92 -21.63 49.40
N GLU C 1234 47.36 -20.37 49.33
CA GLU C 1234 48.74 -20.07 49.63
C GLU C 1234 49.01 -20.07 51.12
N LYS C 1235 47.98 -19.85 51.94
CA LYS C 1235 48.10 -20.00 53.38
C LYS C 1235 47.89 -21.44 53.81
N VAL C 1236 47.19 -22.22 52.99
CA VAL C 1236 47.24 -23.69 53.06
C VAL C 1236 48.68 -24.18 52.94
N SER C 1237 49.43 -23.60 51.99
CA SER C 1237 50.85 -23.86 51.90
C SER C 1237 51.54 -23.36 53.15
N TRP C 1238 52.11 -24.29 53.93
CA TRP C 1238 52.57 -24.02 55.28
C TRP C 1238 53.78 -23.11 55.35
N GLU C 1239 54.43 -22.81 54.22
CA GLU C 1239 55.48 -21.80 54.20
C GLU C 1239 54.89 -20.42 54.40
N VAL C 1240 53.91 -20.04 53.58
CA VAL C 1240 53.26 -18.74 53.74
C VAL C 1240 52.19 -18.89 54.80
N ASN C 1241 52.57 -18.74 56.06
CA ASN C 1241 51.63 -18.91 57.15
C ASN C 1241 50.72 -17.69 57.26
N PHE C 1242 49.52 -17.92 57.77
CA PHE C 1242 48.57 -16.86 58.03
C PHE C 1242 48.60 -16.47 59.51
N SER C 1243 48.10 -15.27 59.79
CA SER C 1243 48.08 -14.72 61.14
C SER C 1243 47.00 -15.29 62.07
N PRO C 1244 45.63 -15.21 61.75
CA PRO C 1244 44.63 -15.42 62.82
C PRO C 1244 44.60 -16.79 63.48
N TYR C 1245 44.32 -17.85 62.71
CA TYR C 1245 44.24 -19.23 63.17
C TYR C 1245 43.32 -19.37 64.38
N GLN C 1246 42.04 -19.16 64.13
CA GLN C 1246 41.03 -19.35 65.17
C GLN C 1246 40.17 -20.56 64.83
N PRO C 1247 40.61 -21.78 65.13
CA PRO C 1247 39.92 -22.96 64.62
C PRO C 1247 38.74 -23.32 65.50
N PRO C 1248 37.90 -24.24 65.05
CA PRO C 1248 37.13 -25.05 65.99
C PRO C 1248 38.04 -26.04 66.65
N VAL C 1249 38.75 -25.61 67.68
CA VAL C 1249 39.85 -26.39 68.22
C VAL C 1249 39.27 -27.45 69.14
N TYR C 1250 38.88 -28.58 68.54
CA TYR C 1250 38.27 -29.69 69.25
C TYR C 1250 38.29 -30.91 68.36
N ASN C 1251 38.05 -32.06 68.97
CA ASN C 1251 37.79 -33.29 68.22
C ASN C 1251 36.28 -33.36 67.97
N GLN C 1252 35.83 -32.51 67.06
CA GLN C 1252 34.41 -32.28 66.81
C GLN C 1252 33.72 -33.48 66.18
N LYS C 1265 49.00 -31.35 66.99
CA LYS C 1265 50.25 -32.07 67.22
C LYS C 1265 51.04 -32.25 65.94
N HIS C 1266 50.51 -31.72 64.83
CA HIS C 1266 51.16 -31.85 63.54
C HIS C 1266 50.65 -30.77 62.59
N ARG C 1267 51.36 -30.62 61.47
CA ARG C 1267 50.87 -29.90 60.31
C ARG C 1267 50.70 -30.90 59.18
N ASN C 1268 49.67 -30.70 58.38
CA ASN C 1268 49.31 -31.68 57.35
C ASN C 1268 50.18 -31.50 56.11
N PRO C 1269 50.90 -32.54 55.68
CA PRO C 1269 51.62 -32.47 54.40
C PRO C 1269 50.64 -32.57 53.23
N GLY C 1270 50.79 -31.65 52.28
CA GLY C 1270 49.76 -31.37 51.28
C GLY C 1270 49.08 -30.05 51.52
N GLY C 1271 49.08 -29.59 52.76
CA GLY C 1271 48.77 -28.21 53.06
C GLY C 1271 48.17 -28.07 54.44
N ARG C 1272 48.23 -26.84 54.96
CA ARG C 1272 47.64 -26.53 56.25
C ARG C 1272 46.13 -26.54 56.15
N THR C 1273 45.48 -27.11 57.16
CA THR C 1273 44.02 -27.20 57.18
C THR C 1273 43.39 -26.06 57.94
N GLY C 1274 44.11 -25.48 58.91
CA GLY C 1274 43.57 -24.45 59.76
C GLY C 1274 42.77 -24.96 60.93
N ILE C 1275 42.48 -26.25 61.00
CA ILE C 1275 41.60 -26.82 62.01
C ILE C 1275 42.46 -27.50 63.05
N ARG C 1276 42.44 -26.97 64.26
CA ARG C 1276 43.05 -27.65 65.39
C ARG C 1276 42.06 -28.65 65.96
N GLY C 1277 42.60 -29.68 66.62
CA GLY C 1277 41.78 -30.74 67.15
C GLY C 1277 41.70 -31.93 66.22
N LYS C 1278 41.37 -33.09 66.80
CA LYS C 1278 41.41 -34.34 66.06
C LYS C 1278 40.31 -34.46 65.02
N GLY C 1279 39.22 -33.70 65.17
CA GLY C 1279 38.11 -33.81 64.25
C GLY C 1279 37.38 -35.12 64.47
N ALA C 1280 37.05 -35.80 63.37
CA ALA C 1280 36.40 -37.12 63.43
C ALA C 1280 37.28 -38.20 62.82
N LEU C 1281 38.58 -38.12 63.03
CA LEU C 1281 39.52 -39.05 62.43
C LEU C 1281 40.05 -40.04 63.46
N ASN C 1282 40.89 -40.97 62.99
CA ASN C 1282 41.29 -42.11 63.82
C ASN C 1282 42.35 -41.73 64.84
N THR C 1283 43.52 -41.29 64.37
CA THR C 1283 44.62 -40.93 65.25
C THR C 1283 45.35 -39.73 64.67
N LEU C 1284 46.34 -39.25 65.43
CA LEU C 1284 47.14 -38.12 65.00
C LEU C 1284 48.06 -38.53 63.86
N GLY C 1285 48.46 -37.54 63.06
CA GLY C 1285 49.28 -37.81 61.90
C GLY C 1285 48.47 -38.40 60.76
N PRO C 1286 49.05 -39.36 60.05
CA PRO C 1286 48.31 -40.06 59.00
C PRO C 1286 47.46 -41.18 59.56
N ASN C 1287 46.24 -41.28 59.04
CA ASN C 1287 45.34 -42.38 59.32
C ASN C 1287 45.19 -43.21 58.05
N HIS C 1288 45.68 -44.44 58.10
CA HIS C 1288 45.89 -45.21 56.88
C HIS C 1288 44.69 -46.07 56.54
N ILE C 1289 44.47 -46.22 55.24
CA ILE C 1289 43.37 -47.04 54.72
C ILE C 1289 43.91 -47.86 53.54
N LEU C 1290 43.29 -49.00 53.28
CA LEU C 1290 43.74 -49.91 52.22
C LEU C 1290 42.63 -50.12 51.20
N HIS C 1291 42.96 -49.93 49.92
CA HIS C 1291 41.97 -50.08 48.85
C HIS C 1291 42.40 -51.15 47.86
N PRO C 1292 41.67 -52.26 47.77
CA PRO C 1292 41.93 -53.24 46.69
C PRO C 1292 41.19 -52.94 45.40
N ILE C 1293 41.93 -52.89 44.29
CA ILE C 1293 41.34 -52.96 42.95
C ILE C 1293 41.60 -54.34 42.41
N PHE C 1294 40.53 -55.07 42.09
CA PHE C 1294 40.63 -56.42 41.55
C PHE C 1294 40.24 -56.39 40.09
N THR C 1295 41.23 -56.48 39.20
CA THR C 1295 40.98 -56.38 37.76
C THR C 1295 41.02 -57.75 37.10
N ARG C 1296 40.00 -58.01 36.27
CA ARG C 1296 39.91 -59.17 35.39
C ARG C 1296 39.61 -58.67 33.98
N TRP C 1297 39.56 -59.59 33.02
CA TRP C 1297 39.20 -59.26 31.66
C TRP C 1297 37.69 -59.37 31.45
N ARG C 1298 37.18 -58.61 30.49
CA ARG C 1298 35.76 -58.53 30.24
C ARG C 1298 35.35 -59.47 29.11
N ASP C 1299 34.10 -59.92 29.17
CA ASP C 1299 33.55 -60.81 28.14
C ASP C 1299 32.65 -60.03 27.17
N LYS C 1303 43.02 -53.94 26.88
CA LYS C 1303 43.06 -52.69 27.62
C LYS C 1303 41.90 -52.59 28.60
N VAL C 1304 40.68 -52.71 28.07
CA VAL C 1304 39.48 -52.57 28.90
C VAL C 1304 39.36 -53.74 29.86
N LEU C 1305 39.12 -53.43 31.14
CA LEU C 1305 39.09 -54.45 32.17
C LEU C 1305 37.85 -54.31 33.04
N GLU C 1306 37.79 -55.04 34.14
CA GLU C 1306 36.65 -55.04 35.05
C GLU C 1306 37.14 -54.92 36.48
N PHE C 1307 36.73 -53.85 37.17
CA PHE C 1307 37.07 -53.65 38.58
C PHE C 1307 35.77 -53.59 39.39
N LEU C 1308 35.91 -53.40 40.69
CA LEU C 1308 34.77 -53.41 41.61
C LEU C 1308 34.28 -51.98 41.83
N ALA C 1309 32.98 -51.77 41.65
CA ALA C 1309 32.35 -50.48 41.90
C ALA C 1309 31.37 -50.60 43.04
N VAL C 1310 31.52 -49.74 44.04
CA VAL C 1310 30.70 -49.76 45.25
C VAL C 1310 29.92 -48.46 45.32
N TRP C 1311 28.69 -48.55 45.80
CA TRP C 1311 27.85 -47.37 46.03
C TRP C 1311 27.37 -47.32 47.47
N ARG C 1317 27.21 -42.08 47.65
CA ARG C 1317 28.38 -41.71 46.86
C ARG C 1317 29.06 -42.95 46.30
N TRP C 1318 29.37 -42.91 45.01
CA TRP C 1318 30.14 -43.97 44.39
C TRP C 1318 31.55 -43.96 44.94
N ALA C 1319 31.98 -45.09 45.50
CA ALA C 1319 33.28 -45.19 46.13
C ALA C 1319 33.85 -46.57 45.85
N LEU C 1320 34.92 -46.90 46.54
CA LEU C 1320 35.63 -48.15 46.35
C LEU C 1320 35.68 -48.88 47.68
N LEU C 1321 35.78 -50.21 47.60
CA LEU C 1321 35.81 -51.05 48.80
C LEU C 1321 37.10 -50.78 49.59
N GLY C 1322 36.95 -50.26 50.79
CA GLY C 1322 38.08 -49.77 51.55
C GLY C 1322 38.13 -50.32 52.95
N GLY C 1323 39.30 -50.78 53.35
CA GLY C 1323 39.50 -51.38 54.64
C GLY C 1323 40.28 -50.47 55.58
N PRO C 1324 39.69 -50.21 56.75
CA PRO C 1324 40.40 -49.43 57.78
C PRO C 1324 41.55 -50.23 58.35
N ALA C 1325 42.76 -49.72 58.19
CA ALA C 1325 43.96 -50.38 58.69
C ALA C 1325 44.05 -50.27 60.21
N LEU C 1331 50.12 -56.28 54.03
CA LEU C 1331 49.55 -55.29 53.13
C LEU C 1331 48.35 -55.87 52.40
N ALA C 1332 48.46 -57.14 52.00
CA ALA C 1332 47.37 -57.86 51.36
C ALA C 1332 46.39 -58.45 52.36
N GLN C 1333 46.70 -58.39 53.66
CA GLN C 1333 45.80 -58.90 54.68
C GLN C 1333 44.55 -58.04 54.82
N VAL C 1334 44.73 -56.72 54.84
CA VAL C 1334 43.58 -55.81 54.93
C VAL C 1334 42.80 -55.82 53.62
N LEU C 1335 43.51 -56.00 52.50
CA LEU C 1335 42.90 -56.26 51.19
C LEU C 1335 41.94 -57.44 51.24
N GLU C 1336 42.42 -58.61 51.70
CA GLU C 1336 41.59 -59.80 51.77
C GLU C 1336 40.51 -59.66 52.83
N ARG C 1337 40.76 -58.91 53.90
CA ARG C 1337 39.78 -58.76 54.96
C ARG C 1337 38.61 -57.87 54.51
N ILE C 1338 38.90 -56.80 53.77
CA ILE C 1338 37.79 -55.98 53.28
C ILE C 1338 37.13 -56.61 52.05
N LEU C 1339 37.85 -57.47 51.32
CA LEU C 1339 37.18 -58.31 50.33
C LEU C 1339 36.18 -59.25 50.98
N GLY C 1340 36.57 -59.90 52.08
CA GLY C 1340 35.67 -60.81 52.76
C GLY C 1340 34.65 -60.14 53.65
N LYS C 1341 34.83 -58.86 53.98
CA LYS C 1341 33.89 -58.13 54.81
C LYS C 1341 32.89 -57.30 54.03
N LYS C 1342 33.30 -56.72 52.90
CA LYS C 1342 32.42 -55.88 52.10
C LYS C 1342 31.96 -56.54 50.82
N LEU C 1343 32.83 -57.29 50.15
CA LEU C 1343 32.55 -57.81 48.82
C LEU C 1343 32.22 -59.29 48.80
N ASN C 1344 33.08 -60.15 49.38
CA ASN C 1344 32.94 -61.59 49.26
C ASN C 1344 32.13 -62.21 50.39
N GLU C 1345 31.25 -61.43 51.03
CA GLU C 1345 30.35 -61.86 52.12
C GLU C 1345 31.06 -62.52 53.30
N GLY C 1354 49.00 -57.10 41.17
CA GLY C 1354 50.08 -56.79 42.10
C GLY C 1354 50.74 -55.46 41.81
N GLU C 1355 49.93 -54.46 41.45
CA GLU C 1355 50.41 -53.12 41.13
C GLU C 1355 49.75 -52.13 42.09
N GLU C 1356 50.57 -51.41 42.85
CA GLU C 1356 50.03 -50.34 43.69
C GLU C 1356 49.63 -49.15 42.83
N VAL C 1357 48.41 -48.65 43.05
CA VAL C 1357 47.98 -47.42 42.40
C VAL C 1357 48.58 -46.21 43.11
N TYR C 1358 48.41 -46.14 44.43
CA TYR C 1358 48.87 -44.96 45.18
C TYR C 1358 49.01 -45.31 46.65
N LYS C 1359 50.21 -45.17 47.19
CA LYS C 1359 50.44 -45.25 48.62
C LYS C 1359 51.01 -43.92 49.11
N GLY C 1360 50.23 -43.20 49.88
CA GLY C 1360 50.66 -41.92 50.39
C GLY C 1360 49.48 -40.99 50.63
N TYR C 1361 49.74 -39.70 50.45
CA TYR C 1361 48.81 -38.66 50.88
C TYR C 1361 47.71 -38.45 49.85
N VAL C 1362 46.48 -38.75 50.24
CA VAL C 1362 45.31 -38.55 49.39
C VAL C 1362 44.45 -37.46 50.01
N ASP C 1363 43.75 -36.71 49.16
CA ASP C 1363 42.92 -35.60 49.60
C ASP C 1363 41.63 -36.10 50.26
N ASP C 1364 41.13 -35.32 51.21
CA ASP C 1364 39.84 -35.61 51.83
C ASP C 1364 39.25 -34.32 52.37
N SER C 1365 37.93 -34.30 52.46
CA SER C 1365 37.15 -33.18 52.99
C SER C 1365 36.99 -33.27 54.51
N ARG C 1366 37.95 -33.87 55.19
CA ARG C 1366 37.87 -34.04 56.63
C ARG C 1366 39.14 -33.65 57.39
N ASN C 1367 40.21 -33.30 56.70
CA ASN C 1367 41.53 -33.31 57.29
C ASN C 1367 41.75 -32.12 58.22
N THR C 1368 42.40 -32.40 59.35
CA THR C 1368 42.91 -31.38 60.25
C THR C 1368 44.43 -31.37 60.15
N ASP C 1369 45.05 -30.31 60.70
CA ASP C 1369 46.50 -30.18 60.64
C ASP C 1369 47.19 -31.30 61.39
N ASN C 1370 46.63 -31.70 62.53
CA ASN C 1370 47.22 -32.80 63.28
C ASN C 1370 46.84 -34.15 62.72
N ALA C 1371 45.60 -34.29 62.23
CA ALA C 1371 45.08 -35.58 61.81
C ALA C 1371 44.60 -35.49 60.37
N TRP C 1372 45.26 -36.23 59.49
CA TRP C 1372 44.86 -36.38 58.10
C TRP C 1372 44.76 -37.86 57.78
N VAL C 1373 44.37 -38.18 56.56
CA VAL C 1373 44.27 -39.57 56.12
C VAL C 1373 45.26 -39.82 54.99
N GLU C 1374 45.73 -41.06 54.91
CA GLU C 1374 46.60 -41.53 53.84
C GLU C 1374 46.18 -42.93 53.41
N THR C 1375 46.39 -43.23 52.14
CA THR C 1375 45.85 -44.43 51.55
C THR C 1375 46.95 -45.33 51.00
N SER C 1376 46.56 -46.57 50.75
CA SER C 1376 47.40 -47.56 50.06
C SER C 1376 46.44 -48.32 49.16
N ILE C 1377 46.32 -47.89 47.91
CA ILE C 1377 45.48 -48.56 46.93
C ILE C 1377 46.37 -49.35 46.00
N ILE C 1378 46.09 -50.66 45.92
CA ILE C 1378 46.87 -51.64 45.18
C ILE C 1378 45.92 -52.44 44.30
N THR C 1379 46.36 -52.76 43.08
CA THR C 1379 45.57 -53.52 42.14
C THR C 1379 46.12 -54.94 42.04
N LEU C 1380 45.33 -55.91 42.47
CA LEU C 1380 45.57 -57.30 42.10
C LEU C 1380 44.87 -57.58 40.79
N HIS C 1381 45.63 -58.09 39.83
CA HIS C 1381 45.11 -58.42 38.51
C HIS C 1381 44.73 -59.89 38.52
N CYS C 1382 43.43 -60.17 38.38
CA CYS C 1382 42.94 -61.53 38.50
C CYS C 1382 43.41 -62.41 37.34
N ASP C 1383 43.58 -61.81 36.15
CA ASP C 1383 44.19 -62.43 34.97
C ASP C 1383 43.43 -63.67 34.51
N LYS C 1384 42.17 -63.45 34.15
CA LYS C 1384 41.35 -64.48 33.52
C LYS C 1384 40.62 -63.85 32.35
N ASN C 1385 40.81 -64.43 31.16
CA ASN C 1385 40.27 -63.84 29.95
C ASN C 1385 38.76 -64.02 29.88
N THR C 1386 38.05 -62.92 29.60
CA THR C 1386 36.60 -62.85 29.45
C THR C 1386 35.82 -63.39 30.64
N MET C 1389 41.90 -67.46 38.43
CA MET C 1389 41.53 -66.23 39.12
C MET C 1389 40.59 -66.51 40.29
N ALA C 1390 41.14 -67.05 41.38
CA ALA C 1390 40.35 -67.41 42.55
C ALA C 1390 40.14 -66.24 43.52
N ASP C 1391 40.52 -65.02 43.13
CA ASP C 1391 40.41 -63.89 44.05
C ASP C 1391 39.04 -63.22 43.98
N LEU C 1392 38.40 -63.20 42.81
CA LEU C 1392 37.13 -62.50 42.67
C LEU C 1392 36.13 -63.24 41.79
N ASN C 1393 36.31 -64.54 41.55
CA ASN C 1393 35.42 -65.28 40.66
C ASN C 1393 34.16 -65.75 41.41
N HIS C 1394 34.34 -66.58 42.43
CA HIS C 1394 33.22 -67.13 43.19
C HIS C 1394 32.78 -66.21 44.32
N MET C 1395 33.39 -65.03 44.45
CA MET C 1395 32.99 -64.05 45.45
C MET C 1395 31.69 -63.39 45.02
N VAL C 1396 30.60 -63.67 45.74
CA VAL C 1396 29.28 -63.14 45.40
C VAL C 1396 29.25 -61.66 45.78
N GLU C 1397 29.27 -60.80 44.77
CA GLU C 1397 29.23 -59.36 45.00
C GLU C 1397 27.84 -58.89 45.41
N LEU C 1406 28.00 -53.59 45.82
CA LEU C 1406 29.06 -53.45 44.83
C LEU C 1406 28.92 -54.49 43.71
N GLN C 1407 29.47 -54.18 42.53
CA GLN C 1407 29.40 -55.08 41.39
C GLN C 1407 30.61 -54.84 40.49
N TRP C 1408 30.56 -55.39 39.28
CA TRP C 1408 31.64 -55.24 38.31
C TRP C 1408 31.41 -54.05 37.39
N ARG C 1409 32.52 -53.43 36.97
CA ARG C 1409 32.48 -52.16 36.27
C ARG C 1409 33.59 -52.13 35.23
N GLU C 1410 33.30 -51.57 34.06
CA GLU C 1410 34.27 -51.45 32.99
C GLU C 1410 35.07 -50.15 33.16
N VAL C 1411 35.94 -49.86 32.19
CA VAL C 1411 36.66 -48.59 32.13
C VAL C 1411 36.25 -47.85 30.86
N SER C 1412 35.73 -46.64 31.05
CA SER C 1412 35.48 -45.74 29.93
C SER C 1412 35.80 -44.29 30.26
N SER C 1413 36.32 -44.00 31.46
CA SER C 1413 36.76 -42.68 31.92
C SER C 1413 35.65 -41.63 31.87
N ASP C 1414 34.39 -42.05 32.08
CA ASP C 1414 33.30 -41.08 32.10
C ASP C 1414 33.15 -40.45 33.48
N ALA C 1415 32.76 -41.25 34.48
CA ALA C 1415 32.67 -40.79 35.87
C ALA C 1415 32.77 -42.04 36.76
N CYS C 1416 33.97 -42.28 37.29
CA CYS C 1416 34.19 -43.51 38.04
C CYS C 1416 33.80 -43.32 39.50
N ARG C 1417 34.14 -44.31 40.33
CA ARG C 1417 33.93 -44.20 41.77
C ARG C 1417 34.77 -43.08 42.36
N CYS C 1418 36.07 -43.10 42.08
CA CYS C 1418 36.97 -42.05 42.52
C CYS C 1418 37.98 -41.81 41.41
N SER C 1419 38.92 -40.89 41.65
CA SER C 1419 40.06 -40.76 40.76
C SER C 1419 40.99 -41.96 40.87
N TYR C 1420 40.95 -42.65 42.01
CA TYR C 1420 41.73 -43.87 42.18
C TYR C 1420 41.16 -45.01 41.35
N GLN C 1421 39.83 -45.10 41.27
CA GLN C 1421 39.19 -46.12 40.44
C GLN C 1421 39.48 -45.89 38.95
N ARG C 1422 39.42 -44.63 38.51
CA ARG C 1422 39.79 -44.31 37.14
C ARG C 1422 41.29 -44.45 36.91
N GLU C 1423 42.11 -44.29 37.95
CA GLU C 1423 43.55 -44.44 37.81
C GLU C 1423 43.92 -45.90 37.60
N ALA C 1424 43.35 -46.80 38.40
CA ALA C 1424 43.55 -48.24 38.18
C ALA C 1424 42.89 -48.68 36.88
N LEU C 1425 41.79 -48.04 36.50
CA LEU C 1425 41.08 -48.38 35.28
C LEU C 1425 41.89 -47.99 34.03
N ARG C 1426 42.54 -46.83 34.06
CA ARG C 1426 43.42 -46.42 32.97
C ARG C 1426 44.75 -47.14 33.01
N GLN C 1427 45.19 -47.58 34.20
CA GLN C 1427 46.38 -48.41 34.29
C GLN C 1427 46.15 -49.76 33.67
N ILE C 1428 44.94 -50.30 33.82
CA ILE C 1428 44.56 -51.49 33.06
C ILE C 1428 44.42 -51.16 31.59
N ALA C 1429 43.89 -49.98 31.27
CA ALA C 1429 43.71 -49.55 29.89
C ALA C 1429 45.05 -49.14 29.25
N LEU D 41 16.67 20.31 -50.63
CA LEU D 41 17.19 19.29 -49.73
C LEU D 41 18.63 18.95 -50.07
N ALA D 42 18.82 17.95 -50.95
CA ALA D 42 20.16 17.43 -51.19
C ALA D 42 20.97 18.35 -52.08
N SER D 43 20.34 19.02 -53.06
CA SER D 43 21.07 19.98 -53.86
C SER D 43 21.45 21.20 -53.03
N TRP D 44 20.59 21.55 -52.07
CA TRP D 44 20.91 22.58 -51.08
C TRP D 44 22.14 22.21 -50.26
N ILE D 45 22.35 20.91 -50.01
CA ILE D 45 23.59 20.47 -49.39
C ILE D 45 24.75 20.66 -50.35
N LYS D 46 24.64 20.05 -51.55
CA LYS D 46 25.80 19.89 -52.43
C LYS D 46 26.26 21.20 -53.06
N GLU D 47 25.39 22.20 -53.14
CA GLU D 47 25.84 23.48 -53.68
C GLU D 47 26.55 24.31 -52.62
N ASN D 48 26.10 24.22 -51.36
CA ASN D 48 26.67 25.00 -50.26
C ASN D 48 28.08 24.58 -49.89
N ILE D 49 28.56 23.45 -50.42
CA ILE D 49 29.91 23.00 -50.12
C ILE D 49 30.93 23.89 -50.82
N LYS D 50 30.88 23.91 -52.15
CA LYS D 50 31.78 24.67 -53.03
C LYS D 50 33.26 24.36 -52.78
N GLY D 117 21.64 7.91 -36.68
CA GLY D 117 22.72 8.82 -36.99
C GLY D 117 22.49 9.58 -38.28
N LYS D 118 23.03 10.78 -38.36
CA LYS D 118 22.92 11.58 -39.56
C LYS D 118 24.24 12.29 -39.80
N TYR D 119 24.67 12.40 -41.06
CA TYR D 119 26.03 12.80 -41.36
C TYR D 119 26.12 13.79 -42.51
N VAL D 120 27.13 14.64 -42.43
CA VAL D 120 27.55 15.54 -43.50
C VAL D 120 29.06 15.39 -43.61
N ARG D 121 29.57 15.29 -44.84
CA ARG D 121 31.02 15.21 -45.08
C ARG D 121 31.44 16.31 -46.04
N VAL D 122 32.25 17.25 -45.54
CA VAL D 122 32.68 18.42 -46.32
C VAL D 122 34.20 18.54 -46.28
N SER D 123 34.71 19.62 -46.86
CA SER D 123 36.14 19.81 -47.08
C SER D 123 36.82 20.51 -45.91
N SER D 124 38.15 20.52 -45.96
CA SER D 124 38.98 21.14 -44.93
C SER D 124 39.10 22.65 -45.09
N ASP D 125 38.43 23.24 -46.08
CA ASP D 125 38.26 24.69 -46.19
C ASP D 125 36.80 24.91 -46.55
N THR D 126 35.93 24.99 -45.54
CA THR D 126 34.51 25.17 -45.76
C THR D 126 33.97 26.29 -44.87
N SER D 127 32.83 26.83 -45.29
CA SER D 127 32.24 28.00 -44.67
C SER D 127 31.66 27.67 -43.31
N CYS D 128 31.77 28.61 -42.37
CA CYS D 128 31.32 28.35 -41.01
C CYS D 128 29.82 28.61 -40.86
N GLU D 129 29.31 29.61 -41.59
CA GLU D 129 27.86 29.86 -41.60
C GLU D 129 27.10 28.67 -42.18
N ASN D 130 27.71 27.97 -43.14
CA ASN D 130 27.12 26.76 -43.72
C ASN D 130 26.92 25.69 -42.66
N LEU D 131 27.98 25.35 -41.90
CA LEU D 131 27.90 24.30 -40.88
C LEU D 131 26.96 24.70 -39.75
N TYR D 132 27.10 25.93 -39.26
CA TYR D 132 26.33 26.39 -38.11
C TYR D 132 24.84 26.47 -38.45
N GLN D 133 24.51 27.08 -39.58
CA GLN D 133 23.13 27.20 -39.99
C GLN D 133 22.55 25.85 -40.41
N LEU D 134 23.34 25.01 -41.08
CA LEU D 134 22.86 23.70 -41.49
C LEU D 134 22.60 22.81 -40.29
N MET D 135 23.42 22.95 -39.25
CA MET D 135 23.18 22.24 -38.01
C MET D 135 21.90 22.73 -37.35
N THR D 136 21.78 24.04 -37.16
CA THR D 136 20.65 24.54 -36.39
C THR D 136 19.34 24.55 -37.15
N GLU D 137 19.36 24.38 -38.47
CA GLU D 137 18.12 24.37 -39.24
C GLU D 137 17.79 23.01 -39.83
N GLN D 138 18.76 22.10 -39.91
CA GLN D 138 18.51 20.82 -40.54
C GLN D 138 17.86 19.83 -39.57
N ASP D 165 32.71 6.03 -14.37
CA ASP D 165 31.27 5.97 -14.11
C ASP D 165 30.75 7.31 -13.62
N LYS D 166 31.52 7.99 -12.76
CA LYS D 166 31.12 9.30 -12.27
C LYS D 166 31.10 10.33 -13.39
N PHE D 167 32.13 10.34 -14.23
CA PHE D 167 32.18 11.23 -15.38
C PHE D 167 31.08 10.91 -16.37
N ARG D 168 30.72 9.63 -16.50
CA ARG D 168 29.62 9.24 -17.38
C ARG D 168 28.30 9.80 -16.87
N ARG D 169 28.03 9.64 -15.57
CA ARG D 169 26.78 10.13 -15.02
C ARG D 169 26.69 11.65 -15.08
N GLY D 170 27.79 12.34 -14.72
CA GLY D 170 27.78 13.80 -14.80
C GLY D 170 27.75 14.31 -16.22
N LEU D 171 28.32 13.54 -17.15
CA LEU D 171 28.31 13.92 -18.55
C LEU D 171 26.90 13.79 -19.13
N ILE D 172 26.19 12.72 -18.76
CA ILE D 172 24.78 12.57 -19.11
C ILE D 172 23.96 13.70 -18.49
N LYS D 173 24.33 14.14 -17.28
CA LYS D 173 23.59 15.21 -16.61
C LYS D 173 23.73 16.53 -17.35
N VAL D 174 24.95 17.02 -17.56
CA VAL D 174 25.09 18.28 -18.27
C VAL D 174 24.77 18.17 -19.74
N ALA D 175 24.78 16.97 -20.31
CA ALA D 175 24.24 16.83 -21.65
C ALA D 175 22.74 16.86 -21.63
N GLN D 176 22.15 16.61 -20.47
CA GLN D 176 20.71 16.46 -20.35
C GLN D 176 20.06 17.73 -19.81
N LEU D 183 31.41 18.42 -28.81
CA LEU D 183 32.23 18.30 -29.99
C LEU D 183 33.39 17.37 -29.70
N THR D 184 33.51 16.30 -30.48
CA THR D 184 34.44 15.22 -30.17
C THR D 184 34.98 14.69 -31.49
N GLY D 185 36.20 14.14 -31.45
CA GLY D 185 36.69 13.37 -32.60
C GLY D 185 35.81 12.17 -32.89
N GLY D 186 35.84 11.74 -34.15
CA GLY D 186 34.79 10.86 -34.65
C GLY D 186 35.11 9.39 -34.82
N THR D 187 36.38 9.01 -34.71
CA THR D 187 36.75 7.61 -34.87
C THR D 187 36.29 6.80 -33.67
N HIS D 188 36.43 5.48 -33.77
CA HIS D 188 35.95 4.66 -32.67
C HIS D 188 36.94 4.62 -31.52
N ALA D 189 38.24 4.75 -31.79
CA ALA D 189 39.27 4.38 -30.82
C ALA D 189 39.72 5.56 -29.97
N GLY D 190 39.98 5.28 -28.70
CA GLY D 190 40.61 6.23 -27.81
C GLY D 190 39.71 6.60 -26.63
N VAL D 191 39.68 7.88 -26.31
CA VAL D 191 38.77 8.43 -25.31
C VAL D 191 37.37 8.64 -25.90
N MET D 192 37.22 8.47 -27.21
CA MET D 192 35.91 8.31 -27.82
C MET D 192 35.14 7.14 -27.20
N LYS D 193 35.87 6.08 -26.85
CA LYS D 193 35.24 4.85 -26.38
C LYS D 193 34.51 5.05 -25.07
N HIS D 194 35.03 5.92 -24.21
CA HIS D 194 34.44 6.14 -22.90
C HIS D 194 33.11 6.87 -23.01
N VAL D 195 33.09 7.95 -23.79
CA VAL D 195 31.85 8.69 -23.98
C VAL D 195 30.87 7.88 -24.82
N GLY D 196 31.36 7.02 -25.70
CA GLY D 196 30.47 6.15 -26.46
C GLY D 196 29.83 5.08 -25.60
N MET D 197 30.59 4.53 -24.66
CA MET D 197 30.02 3.64 -23.65
C MET D 197 28.99 4.36 -22.80
N ALA D 198 29.26 5.62 -22.46
CA ALA D 198 28.32 6.41 -21.66
C ALA D 198 27.00 6.64 -22.38
N VAL D 199 27.06 6.98 -23.68
CA VAL D 199 25.84 7.27 -24.42
C VAL D 199 25.20 6.01 -24.97
N ARG D 200 25.87 4.86 -24.92
CA ARG D 200 25.11 3.63 -25.13
C ARG D 200 24.43 3.20 -23.84
N ASP D 201 25.03 3.52 -22.70
CA ASP D 201 24.54 3.02 -21.42
C ASP D 201 23.18 3.61 -21.06
N TYR D 202 22.99 4.91 -21.24
CA TYR D 202 21.72 5.53 -20.93
C TYR D 202 20.92 5.90 -22.17
N THR D 203 21.58 6.29 -23.26
CA THR D 203 20.89 6.64 -24.48
C THR D 203 21.03 5.54 -25.51
N HIS D 260 25.44 12.36 -34.68
CA HIS D 260 25.65 13.05 -35.94
C HIS D 260 27.13 13.05 -36.25
N PHE D 261 27.44 13.28 -37.51
CA PHE D 261 28.80 13.19 -38.00
C PHE D 261 29.10 14.35 -38.93
N LEU D 262 30.30 14.92 -38.80
CA LEU D 262 30.90 15.77 -39.82
C LEU D 262 32.24 15.14 -40.22
N LEU D 263 32.25 14.45 -41.35
CA LEU D 263 33.50 13.91 -41.88
C LEU D 263 34.15 15.02 -42.70
N VAL D 264 35.20 15.62 -42.14
CA VAL D 264 36.06 16.46 -42.96
C VAL D 264 36.91 15.54 -43.83
N ASP D 265 37.06 15.93 -45.10
CA ASP D 265 37.73 15.10 -46.09
C ASP D 265 38.60 16.01 -46.97
N ASP D 266 39.91 15.82 -46.90
CA ASP D 266 40.82 16.55 -47.77
C ASP D 266 40.94 15.89 -49.13
N GLY D 267 40.21 14.79 -49.35
CA GLY D 267 40.39 14.00 -50.54
C GLY D 267 41.66 13.20 -50.55
N THR D 268 42.33 13.08 -49.40
CA THR D 268 43.71 12.62 -49.32
C THR D 268 43.86 11.21 -48.76
N GLN D 269 43.25 10.95 -47.58
CA GLN D 269 43.47 9.73 -46.80
C GLN D 269 44.96 9.54 -46.51
N GLY D 270 45.48 10.27 -45.51
CA GLY D 270 46.91 10.23 -45.25
C GLY D 270 47.51 11.42 -44.54
N HIS D 271 46.80 12.53 -44.47
CA HIS D 271 47.16 13.61 -43.55
C HIS D 271 46.01 13.83 -42.57
N TYR D 272 46.36 14.02 -41.30
CA TYR D 272 45.35 14.07 -40.25
C TYR D 272 45.21 15.41 -39.56
N GLY D 273 46.30 16.18 -39.40
CA GLY D 273 46.25 17.39 -38.61
C GLY D 273 45.71 18.62 -39.32
N VAL D 274 44.76 18.42 -40.21
CA VAL D 274 44.24 19.48 -41.05
C VAL D 274 42.91 20.01 -40.52
N GLU D 275 42.62 19.79 -39.24
CA GLU D 275 41.34 20.20 -38.69
C GLU D 275 41.42 20.90 -37.35
N ILE D 276 42.59 20.93 -36.71
CA ILE D 276 42.67 21.54 -35.39
C ILE D 276 42.59 23.06 -35.49
N GLU D 277 43.03 23.64 -36.59
CA GLU D 277 42.85 25.07 -36.76
C GLU D 277 41.43 25.39 -37.18
N LEU D 278 40.77 24.50 -37.93
CA LEU D 278 39.33 24.59 -38.16
C LEU D 278 38.57 24.59 -36.84
N ARG D 279 38.96 23.68 -35.95
CA ARG D 279 38.39 23.58 -34.62
C ARG D 279 38.61 24.86 -33.83
N ALA D 280 39.83 25.40 -33.88
CA ALA D 280 40.17 26.61 -33.16
C ALA D 280 39.44 27.82 -33.71
N ARG D 281 39.35 27.92 -35.04
CA ARG D 281 38.68 29.05 -35.67
C ARG D 281 37.18 29.02 -35.41
N LEU D 282 36.57 27.82 -35.46
CA LEU D 282 35.18 27.65 -35.09
C LEU D 282 34.92 28.07 -33.66
N GLU D 283 35.80 27.65 -32.75
CA GLU D 283 35.63 27.96 -31.33
C GLU D 283 35.78 29.45 -31.07
N LYS D 284 36.77 30.09 -31.70
CA LYS D 284 36.94 31.51 -31.45
C LYS D 284 35.86 32.33 -32.14
N LEU D 285 35.29 31.82 -33.24
CA LEU D 285 34.20 32.55 -33.88
C LEU D 285 32.93 32.49 -33.06
N ILE D 286 32.58 31.30 -32.57
CA ILE D 286 31.41 31.20 -31.72
C ILE D 286 31.70 31.83 -30.35
N SER D 287 32.97 31.99 -29.99
CA SER D 287 33.34 32.73 -28.79
C SER D 287 33.09 34.22 -28.96
N LYS D 288 33.44 34.77 -30.12
CA LYS D 288 33.13 36.16 -30.37
C LYS D 288 31.65 36.36 -30.70
N LEU D 289 30.95 35.28 -31.04
CA LEU D 289 29.50 35.33 -31.15
C LEU D 289 28.88 35.56 -29.78
N GLY D 297 26.42 42.07 -22.22
CA GLY D 297 27.75 41.52 -22.03
C GLY D 297 27.78 40.03 -21.79
N VAL D 298 27.46 39.24 -22.80
CA VAL D 298 27.45 37.79 -22.69
C VAL D 298 27.70 37.20 -24.07
N THR D 299 28.62 36.25 -24.15
CA THR D 299 28.91 35.53 -25.37
C THR D 299 28.36 34.12 -25.26
N ILE D 300 28.23 33.46 -26.41
CA ILE D 300 27.79 32.07 -26.46
C ILE D 300 28.89 31.22 -25.83
N PRO D 301 28.64 30.63 -24.66
CA PRO D 301 29.73 30.07 -23.88
C PRO D 301 30.21 28.72 -24.39
N VAL D 302 31.53 28.52 -24.36
CA VAL D 302 32.16 27.27 -24.77
C VAL D 302 33.18 26.88 -23.69
N VAL D 303 33.27 25.58 -23.38
CA VAL D 303 34.13 25.06 -22.33
C VAL D 303 34.73 23.73 -22.84
N CYS D 304 35.57 23.08 -22.04
CA CYS D 304 36.12 21.79 -22.40
C CYS D 304 36.52 20.99 -21.16
N VAL D 305 36.74 19.69 -21.40
CA VAL D 305 37.18 18.74 -20.39
C VAL D 305 38.41 18.02 -20.92
N LEU D 314 48.00 18.36 -25.20
CA LEU D 314 48.17 19.38 -24.19
C LEU D 314 48.07 20.78 -24.78
N ASN D 315 48.41 20.93 -26.06
CA ASN D 315 48.46 22.25 -26.67
C ASN D 315 47.07 22.76 -27.04
N THR D 316 46.11 21.91 -27.38
CA THR D 316 44.76 22.42 -27.57
C THR D 316 44.11 22.80 -26.23
N ILE D 317 44.56 22.18 -25.15
CA ILE D 317 44.19 22.63 -23.82
C ILE D 317 44.75 24.02 -23.55
N TYR D 318 46.03 24.22 -23.91
CA TYR D 318 46.64 25.53 -23.75
C TYR D 318 46.00 26.57 -24.65
N ASN D 319 45.51 26.14 -25.82
CA ASN D 319 44.72 27.02 -26.68
C ASN D 319 43.45 27.44 -25.97
N SER D 320 42.73 26.47 -25.38
CA SER D 320 41.54 26.74 -24.59
C SER D 320 41.83 27.75 -23.48
N MET D 321 43.00 27.60 -22.84
CA MET D 321 43.45 28.58 -21.86
C MET D 321 43.67 29.94 -22.50
N LEU D 322 44.31 29.96 -23.66
CA LEU D 322 44.74 31.20 -24.28
C LEU D 322 43.67 31.82 -25.16
N ASN D 323 42.74 31.00 -25.67
CA ASN D 323 41.52 31.58 -26.20
C ASN D 323 40.51 31.89 -25.09
N HIS D 324 40.91 31.64 -23.83
CA HIS D 324 40.16 32.02 -22.63
C HIS D 324 38.82 31.27 -22.57
N THR D 325 38.92 29.95 -22.60
CA THR D 325 37.78 29.13 -22.26
C THR D 325 38.24 28.07 -21.27
N PRO D 326 37.55 27.92 -20.15
CA PRO D 326 38.06 27.13 -19.04
C PRO D 326 37.89 25.63 -19.31
N CYS D 327 38.24 24.83 -18.31
CA CYS D 327 38.37 23.42 -18.56
C CYS D 327 38.27 22.63 -17.27
N VAL D 328 38.06 21.33 -17.45
CA VAL D 328 37.99 20.37 -16.36
C VAL D 328 39.10 19.34 -16.58
N THR D 352 60.65 23.04 -10.25
CA THR D 352 59.85 21.92 -10.69
C THR D 352 59.88 21.73 -12.20
N MET D 353 60.46 22.68 -12.93
CA MET D 353 60.38 22.65 -14.39
C MET D 353 61.41 21.70 -15.02
N ALA D 354 62.70 21.99 -14.85
CA ALA D 354 63.72 21.35 -15.67
C ALA D 354 63.95 19.89 -15.32
N LEU D 355 63.68 19.50 -14.09
CA LEU D 355 63.91 18.12 -13.68
C LEU D 355 62.66 17.46 -13.13
N ILE D 356 61.85 18.17 -12.35
CA ILE D 356 60.71 17.52 -11.72
C ILE D 356 59.56 17.40 -12.70
N ASN D 357 59.48 18.26 -13.71
CA ASN D 357 58.58 17.99 -14.82
C ASN D 357 59.23 17.13 -15.87
N ARG D 358 60.57 17.09 -15.92
CA ARG D 358 61.21 15.95 -16.56
C ARG D 358 60.93 14.67 -15.79
N LEU D 359 60.80 14.76 -14.47
CA LEU D 359 60.34 13.62 -13.69
C LEU D 359 58.85 13.36 -13.90
N LEU D 360 58.09 14.38 -14.31
CA LEU D 360 56.69 14.15 -14.67
C LEU D 360 56.58 13.44 -16.01
N LYS D 361 57.46 13.81 -16.96
CA LYS D 361 57.59 13.03 -18.18
C LYS D 361 58.18 11.65 -17.93
N ARG D 362 58.87 11.46 -16.81
CA ARG D 362 59.29 10.14 -16.35
C ARG D 362 58.21 9.42 -15.56
N PHE D 363 57.18 10.14 -15.09
CA PHE D 363 56.10 9.49 -14.36
C PHE D 363 55.15 8.76 -15.29
N PHE D 364 54.60 9.48 -16.26
CA PHE D 364 53.90 8.86 -17.37
C PHE D 364 54.89 8.73 -18.53
N MET D 365 55.84 7.82 -18.35
CA MET D 365 56.94 7.65 -19.29
C MET D 365 56.68 6.55 -20.31
N GLU D 373 64.51 15.20 -26.94
CA GLU D 373 65.12 15.96 -28.04
C GLU D 373 65.43 17.40 -27.66
N LEU D 374 65.76 17.61 -26.38
CA LEU D 374 65.99 18.93 -25.77
C LEU D 374 64.79 19.86 -25.90
N GLN D 375 63.59 19.29 -26.03
CA GLN D 375 62.34 20.03 -25.94
C GLN D 375 61.68 19.82 -24.59
N ILE D 376 62.42 19.25 -23.63
CA ILE D 376 61.97 19.20 -22.24
C ILE D 376 61.77 20.61 -21.71
N ILE D 377 62.72 21.49 -22.02
CA ILE D 377 62.61 22.92 -21.72
C ILE D 377 61.36 23.50 -22.36
N GLU D 378 61.12 23.14 -23.62
CA GLU D 378 59.94 23.60 -24.34
C GLU D 378 58.65 23.13 -23.69
N TRP D 379 58.59 21.82 -23.35
CA TRP D 379 57.43 21.22 -22.70
C TRP D 379 57.11 21.92 -21.38
N THR D 380 58.04 21.84 -20.44
CA THR D 380 57.73 22.34 -19.11
C THR D 380 57.72 23.86 -19.02
N LYS D 381 58.20 24.59 -20.02
CA LYS D 381 58.12 26.02 -19.91
C LYS D 381 56.96 26.62 -20.68
N LYS D 382 56.45 25.93 -21.71
CA LYS D 382 55.05 26.11 -22.06
C LYS D 382 54.15 25.83 -20.86
N ILE D 383 54.49 24.81 -20.07
CA ILE D 383 53.74 24.53 -18.85
C ILE D 383 53.95 25.62 -17.80
N GLN D 384 55.14 26.23 -17.76
CA GLN D 384 55.40 27.31 -16.81
C GLN D 384 54.61 28.56 -17.19
N ASP D 385 54.50 28.83 -18.50
CA ASP D 385 53.61 29.87 -18.96
C ASP D 385 52.15 29.54 -18.69
N ILE D 386 51.79 28.26 -18.78
CA ILE D 386 50.40 27.85 -18.61
C ILE D 386 49.98 27.93 -17.15
N LEU D 387 50.90 27.64 -16.23
CA LEU D 387 50.60 27.72 -14.80
C LEU D 387 50.54 29.16 -14.30
N ARG D 388 50.95 30.13 -15.11
CA ARG D 388 50.83 31.54 -14.72
C ARG D 388 49.37 31.99 -14.67
N MET D 389 48.51 31.40 -15.51
CA MET D 389 47.09 31.74 -15.51
C MET D 389 46.31 30.57 -14.91
N PRO D 390 45.91 30.64 -13.65
CA PRO D 390 45.38 29.44 -12.98
C PRO D 390 43.87 29.25 -13.06
N HIS D 391 43.12 30.32 -13.33
CA HIS D 391 41.69 30.33 -13.01
C HIS D 391 40.88 29.43 -13.93
N LEU D 392 41.31 29.28 -15.18
CA LEU D 392 40.53 28.50 -16.13
C LEU D 392 40.65 27.01 -15.88
N LEU D 393 41.67 26.57 -15.16
CA LEU D 393 41.69 25.18 -14.72
C LEU D 393 40.63 24.94 -13.67
N THR D 394 39.94 23.82 -13.82
CA THR D 394 39.14 23.25 -12.75
C THR D 394 39.58 21.80 -12.75
N VAL D 395 40.56 21.47 -11.92
CA VAL D 395 40.93 20.08 -11.74
C VAL D 395 39.81 19.37 -11.00
N ASP D 407 28.41 17.57 -12.44
CA ASP D 407 27.68 18.54 -13.24
C ASP D 407 27.73 19.91 -12.60
N VAL D 408 27.58 19.94 -11.27
CA VAL D 408 27.73 21.16 -10.50
C VAL D 408 29.15 21.68 -10.58
N ALA D 409 30.14 20.80 -10.70
CA ALA D 409 31.52 21.25 -10.78
C ALA D 409 31.79 21.94 -12.12
N ILE D 410 31.17 21.45 -13.19
CA ILE D 410 31.34 22.07 -14.50
C ILE D 410 30.59 23.39 -14.58
N LEU D 411 29.34 23.41 -14.10
CA LEU D 411 28.59 24.66 -14.04
C LEU D 411 29.28 25.69 -13.15
N GLN D 412 29.90 25.24 -12.06
CA GLN D 412 30.62 26.16 -11.20
C GLN D 412 31.98 26.52 -11.77
N ALA D 413 32.54 25.68 -12.63
CA ALA D 413 33.74 26.06 -13.35
C ALA D 413 33.44 27.19 -14.31
N LEU D 414 32.30 27.07 -15.00
CA LEU D 414 31.77 28.20 -15.77
C LEU D 414 31.53 29.41 -14.90
N LEU D 415 31.01 29.20 -13.70
CA LEU D 415 30.65 30.31 -12.82
C LEU D 415 31.87 31.04 -12.30
N LYS D 416 32.83 30.31 -11.75
CA LYS D 416 34.07 30.91 -11.28
C LYS D 416 34.89 31.44 -12.43
N ALA D 417 34.72 30.87 -13.63
CA ALA D 417 35.34 31.42 -14.82
C ALA D 417 34.77 32.78 -15.14
N SER D 418 33.44 32.92 -15.04
CA SER D 418 32.83 34.22 -15.29
C SER D 418 33.23 35.23 -14.23
N ARG D 419 33.28 34.80 -12.96
CA ARG D 419 33.66 35.69 -11.86
C ARG D 419 35.10 36.14 -11.99
N SER D 420 35.98 35.26 -12.45
CA SER D 420 37.35 35.63 -12.73
C SER D 420 37.48 36.45 -14.01
N ASP D 421 36.49 36.38 -14.90
CA ASP D 421 36.54 37.17 -16.13
C ASP D 421 36.26 38.65 -15.88
N GLU D 422 35.73 38.99 -14.71
CA GLU D 422 35.46 40.38 -14.38
C GLU D 422 36.75 41.16 -14.19
N HIS D 427 28.66 44.52 -13.23
CA HIS D 427 27.66 43.52 -12.88
C HIS D 427 28.05 42.21 -13.53
N CYS D 428 29.09 41.60 -12.97
CA CYS D 428 29.52 40.28 -13.42
C CYS D 428 28.49 39.21 -13.05
N TRP D 429 27.81 39.40 -11.92
CA TRP D 429 26.72 38.52 -11.55
C TRP D 429 25.58 38.59 -12.55
N GLU D 430 25.41 39.73 -13.23
CA GLU D 430 24.39 39.80 -14.27
C GLU D 430 24.78 38.95 -15.46
N ARG D 431 26.08 38.85 -15.75
CA ARG D 431 26.55 37.91 -16.76
C ARG D 431 26.28 36.48 -16.33
N GLN D 432 26.60 36.17 -15.07
CA GLN D 432 26.34 34.83 -14.54
C GLN D 432 24.85 34.52 -14.51
N LEU D 433 24.03 35.53 -14.27
CA LEU D 433 22.61 35.31 -14.14
C LEU D 433 21.96 35.16 -15.49
N GLU D 434 22.40 35.95 -16.47
CA GLU D 434 21.96 35.76 -17.84
C GLU D 434 22.44 34.44 -18.39
N LEU D 435 23.56 33.94 -17.90
CA LEU D 435 23.94 32.56 -18.18
C LEU D 435 22.96 31.57 -17.59
N ALA D 436 22.63 31.77 -16.30
CA ALA D 436 21.88 30.77 -15.55
C ALA D 436 20.46 30.64 -16.04
N VAL D 437 19.88 31.71 -16.55
CA VAL D 437 18.48 31.64 -16.89
C VAL D 437 18.29 30.86 -18.18
N ALA D 438 19.18 31.02 -19.15
CA ALA D 438 19.12 30.17 -20.31
C ALA D 438 19.63 28.78 -19.99
N TRP D 439 20.47 28.67 -18.96
CA TRP D 439 20.77 27.36 -18.42
C TRP D 439 19.54 26.73 -17.82
N ASN D 440 18.76 27.52 -17.07
CA ASN D 440 17.53 27.11 -16.42
C ASN D 440 17.77 25.95 -15.44
N ARG D 441 18.66 26.20 -14.47
CA ARG D 441 18.94 25.28 -13.37
C ARG D 441 18.80 25.96 -12.02
N VAL D 442 18.02 25.34 -11.14
CA VAL D 442 17.72 25.92 -9.83
C VAL D 442 18.95 25.92 -8.91
N ASP D 443 19.63 24.79 -8.78
CA ASP D 443 20.35 24.53 -7.54
C ASP D 443 21.65 25.33 -7.44
N ILE D 444 22.52 25.18 -8.44
CA ILE D 444 23.83 25.82 -8.38
C ILE D 444 23.69 27.32 -8.52
N ALA D 445 22.75 27.77 -9.37
CA ALA D 445 22.54 29.21 -9.51
C ALA D 445 21.91 29.80 -8.27
N GLU D 446 21.06 29.03 -7.59
CA GLU D 446 20.46 29.50 -6.36
C GLU D 446 21.48 29.61 -5.25
N SER D 447 22.36 28.62 -5.13
CA SER D 447 23.38 28.68 -4.10
C SER D 447 24.47 29.68 -4.45
N GLU D 448 24.65 29.97 -5.73
CA GLU D 448 25.84 30.67 -6.19
C GLU D 448 25.75 32.17 -5.94
N ILE D 449 24.69 32.82 -6.41
CA ILE D 449 24.54 34.24 -6.18
C ILE D 449 23.56 34.55 -5.06
N PHE D 450 22.61 33.66 -4.79
CA PHE D 450 21.78 33.82 -3.60
C PHE D 450 22.33 32.94 -2.48
N THR D 451 23.56 33.24 -2.14
CA THR D 451 24.15 32.85 -0.88
C THR D 451 23.79 33.88 0.17
N TRP D 456 20.83 41.96 -1.97
CA TRP D 456 20.49 42.66 -3.21
C TRP D 456 19.58 43.84 -2.93
N THR D 457 19.17 44.49 -4.02
CA THR D 457 17.92 45.22 -4.08
C THR D 457 17.22 44.83 -5.37
N SER D 458 15.88 44.81 -5.30
CA SER D 458 15.08 44.08 -6.29
C SER D 458 15.08 44.70 -7.67
N SER D 459 15.44 45.99 -7.78
CA SER D 459 15.32 46.72 -9.03
C SER D 459 16.24 46.16 -10.12
N ASP D 460 17.44 45.74 -9.73
CA ASP D 460 18.34 45.07 -10.67
C ASP D 460 17.87 43.65 -10.99
N LEU D 461 17.04 43.07 -10.14
CA LEU D 461 16.65 41.70 -10.32
C LEU D 461 15.45 41.54 -11.22
N HIS D 462 14.74 42.62 -11.51
CA HIS D 462 13.60 42.58 -12.41
C HIS D 462 13.87 42.01 -13.81
N PRO D 463 14.85 42.51 -14.60
CA PRO D 463 14.83 42.16 -16.03
C PRO D 463 15.25 40.73 -16.29
N ALA D 464 16.23 40.23 -15.55
CA ALA D 464 16.61 38.83 -15.64
C ALA D 464 15.45 37.94 -15.23
N MET D 465 14.77 38.33 -14.16
CA MET D 465 13.52 37.68 -13.82
C MET D 465 12.51 37.82 -14.94
N PHE D 466 12.51 38.98 -15.61
CA PHE D 466 11.73 39.11 -16.82
C PHE D 466 12.20 38.16 -17.89
N SER D 467 13.52 38.05 -18.04
CA SER D 467 14.06 37.05 -18.93
C SER D 467 13.74 35.65 -18.44
N ALA D 468 13.58 35.50 -17.14
CA ALA D 468 13.05 34.24 -16.63
C ALA D 468 11.59 34.10 -16.98
N LEU D 469 10.81 35.17 -16.82
CA LEU D 469 9.37 35.03 -16.72
C LEU D 469 8.73 34.70 -18.05
N VAL D 470 9.34 35.16 -19.14
CA VAL D 470 8.80 34.82 -20.45
C VAL D 470 9.06 33.35 -20.77
N GLY D 471 10.08 32.76 -20.17
CA GLY D 471 10.18 31.33 -20.19
C GLY D 471 9.18 30.71 -19.24
N ASP D 472 8.79 29.48 -19.56
CA ASP D 472 7.79 28.78 -18.75
C ASP D 472 8.50 27.85 -17.77
N LYS D 473 9.28 28.46 -16.87
CA LYS D 473 10.04 27.73 -15.86
C LYS D 473 9.37 27.88 -14.50
N PRO D 474 8.54 26.92 -14.10
CA PRO D 474 7.74 27.12 -12.89
C PRO D 474 8.56 27.05 -11.62
N GLU D 475 9.70 26.41 -11.65
CA GLU D 475 10.49 26.35 -10.43
C GLU D 475 11.29 27.62 -10.23
N PHE D 476 11.77 28.20 -11.33
CA PHE D 476 12.72 29.29 -11.21
C PHE D 476 12.01 30.59 -10.90
N VAL D 477 10.76 30.71 -11.35
CA VAL D 477 9.94 31.81 -10.91
C VAL D 477 9.64 31.69 -9.44
N ARG D 478 9.49 30.45 -8.93
CA ARG D 478 9.33 30.29 -7.50
C ARG D 478 10.59 30.66 -6.75
N LEU D 479 11.75 30.35 -7.34
CA LEU D 479 13.01 30.74 -6.73
C LEU D 479 13.15 32.26 -6.68
N LEU D 480 12.79 32.94 -7.75
CA LEU D 480 12.96 34.39 -7.78
C LEU D 480 11.94 35.08 -6.91
N LEU D 481 10.75 34.50 -6.80
CA LEU D 481 9.78 35.02 -5.86
C LEU D 481 10.14 34.69 -4.43
N GLU D 482 10.89 33.62 -4.21
CA GLU D 482 11.50 33.40 -2.91
C GLU D 482 12.62 34.39 -2.70
N ASN D 483 13.25 34.82 -3.78
CA ASN D 483 14.36 35.76 -3.71
C ASN D 483 13.88 37.19 -3.56
N GLY D 484 12.65 37.49 -4.00
CA GLY D 484 12.13 38.82 -3.76
C GLY D 484 11.58 39.55 -4.96
N VAL D 485 11.20 38.82 -6.01
CA VAL D 485 10.54 39.44 -7.16
C VAL D 485 9.15 39.89 -6.74
N CYS D 486 8.93 41.20 -6.75
CA CYS D 486 7.64 41.79 -6.40
C CYS D 486 6.89 42.16 -7.68
N VAL D 487 5.79 41.47 -7.95
CA VAL D 487 5.05 41.69 -9.18
C VAL D 487 4.36 43.04 -9.20
N ARG D 488 4.11 43.64 -8.04
CA ARG D 488 3.62 45.02 -8.01
C ARG D 488 4.70 45.98 -8.48
N GLU D 489 5.94 45.76 -8.06
CA GLU D 489 7.04 46.51 -8.64
C GLU D 489 7.31 46.09 -10.07
N PHE D 490 7.06 44.83 -10.38
CA PHE D 490 7.48 44.31 -11.68
C PHE D 490 6.54 44.70 -12.79
N LEU D 491 5.26 44.88 -12.49
CA LEU D 491 4.30 45.31 -13.51
C LEU D 491 4.02 46.80 -13.35
N GLU D 492 5.05 47.60 -13.59
CA GLU D 492 4.92 49.04 -13.48
C GLU D 492 4.66 49.74 -14.81
N ARG D 493 5.02 49.13 -15.93
CA ARG D 493 4.79 49.72 -17.24
C ARG D 493 3.89 48.80 -18.06
N GLU D 494 2.91 49.39 -18.73
CA GLU D 494 1.99 48.61 -19.54
C GLU D 494 2.66 48.02 -20.76
N GLU D 495 3.78 48.59 -21.20
CA GLU D 495 4.52 48.03 -22.32
C GLU D 495 5.11 46.68 -21.97
N THR D 496 5.48 46.49 -20.69
CA THR D 496 5.96 45.20 -20.24
C THR D 496 4.87 44.15 -20.37
N LEU D 497 3.67 44.47 -19.88
CA LEU D 497 2.55 43.55 -19.98
C LEU D 497 2.17 43.30 -21.43
N CYS D 498 2.17 44.36 -22.24
CA CYS D 498 1.83 44.24 -23.64
C CYS D 498 2.85 43.39 -24.38
N GLU D 499 4.11 43.44 -23.95
CA GLU D 499 5.10 42.54 -24.50
C GLU D 499 4.86 41.12 -24.05
N LEU D 500 4.37 40.96 -22.82
CA LEU D 500 4.06 39.61 -22.32
C LEU D 500 2.91 39.00 -23.09
N TYR D 501 1.89 39.79 -23.40
CA TYR D 501 0.85 39.31 -24.27
C TYR D 501 1.32 39.21 -25.70
N SER D 502 2.36 39.96 -26.07
CA SER D 502 2.94 39.85 -27.39
C SER D 502 3.76 38.57 -27.50
N HIS D 503 4.42 38.18 -26.43
CA HIS D 503 5.17 36.95 -26.44
C HIS D 503 4.30 35.73 -26.14
N LEU D 504 2.98 35.89 -26.09
CA LEU D 504 2.05 34.79 -25.84
C LEU D 504 2.16 33.78 -26.97
N PRO D 505 2.83 32.67 -26.78
CA PRO D 505 3.39 31.91 -27.91
C PRO D 505 2.37 31.19 -28.79
N SER D 506 1.49 30.37 -28.22
CA SER D 506 0.75 29.42 -29.04
C SER D 506 -0.54 29.07 -28.34
N CYS D 507 -1.66 29.51 -28.91
CA CYS D 507 -2.98 29.33 -28.32
C CYS D 507 -4.06 29.65 -29.34
N PHE D 508 -5.24 29.06 -29.14
CA PHE D 508 -6.43 29.48 -29.90
C PHE D 508 -6.84 30.90 -29.53
N PHE D 509 -6.49 31.32 -28.31
CA PHE D 509 -6.55 32.72 -27.94
C PHE D 509 -5.79 33.61 -28.90
N LEU D 510 -4.62 33.16 -29.39
CA LEU D 510 -3.92 33.94 -30.41
C LEU D 510 -4.66 33.94 -31.73
N ARG D 511 -5.42 32.89 -32.04
CA ARG D 511 -6.20 32.86 -33.27
C ARG D 511 -7.33 33.86 -33.23
N LYS D 512 -8.09 33.86 -32.13
CA LYS D 512 -9.10 34.89 -31.92
C LYS D 512 -8.47 36.27 -31.80
N LEU D 513 -7.24 36.36 -31.28
CA LEU D 513 -6.55 37.63 -31.13
C LEU D 513 -6.18 38.20 -32.48
N ALA D 514 -5.64 37.38 -33.38
CA ALA D 514 -5.31 37.84 -34.72
C ALA D 514 -6.57 38.12 -35.52
N LYS D 515 -7.68 37.45 -35.19
CA LYS D 515 -8.96 37.88 -35.74
C LYS D 515 -9.34 39.25 -35.23
N ARG D 516 -8.93 39.59 -34.00
CA ARG D 516 -9.27 40.88 -33.42
C ARG D 516 -8.24 41.97 -33.66
N VAL D 517 -7.09 41.66 -34.25
CA VAL D 517 -6.09 42.69 -34.52
C VAL D 517 -6.48 43.50 -35.74
N GLN D 518 -6.70 42.83 -36.87
CA GLN D 518 -7.07 43.51 -38.10
C GLN D 518 -7.87 42.59 -39.00
N CYS D 536 -1.01 46.23 -27.95
CA CYS D 536 -2.20 47.03 -27.70
C CYS D 536 -3.18 46.31 -26.79
N LEU D 537 -3.22 46.73 -25.53
CA LEU D 537 -4.07 46.09 -24.53
C LEU D 537 -5.55 46.33 -24.78
N SER D 538 -5.89 47.32 -25.59
CA SER D 538 -7.29 47.57 -25.91
C SER D 538 -7.89 46.44 -26.72
N HIS D 539 -7.14 45.93 -27.70
CA HIS D 539 -7.57 44.74 -28.42
C HIS D 539 -7.66 43.53 -27.51
N VAL D 540 -6.78 43.49 -26.50
CA VAL D 540 -6.82 42.40 -25.54
C VAL D 540 -8.10 42.45 -24.74
N SER D 541 -8.48 43.65 -24.27
CA SER D 541 -9.74 43.79 -23.55
C SER D 541 -10.94 43.55 -24.46
N GLU D 542 -10.79 43.82 -25.76
CA GLU D 542 -11.84 43.47 -26.71
C GLU D 542 -12.02 41.97 -26.80
N GLU D 543 -10.89 41.24 -26.87
CA GLU D 543 -10.94 39.79 -26.85
C GLU D 543 -11.51 39.28 -25.54
N VAL D 544 -11.21 39.97 -24.45
CA VAL D 544 -11.74 39.62 -23.15
C VAL D 544 -13.25 39.81 -23.11
N ARG D 545 -13.71 40.95 -23.60
CA ARG D 545 -15.14 41.25 -23.59
C ARG D 545 -15.91 40.33 -24.51
N HIS D 546 -15.26 39.83 -25.56
CA HIS D 546 -15.90 38.78 -26.32
C HIS D 546 -15.86 37.45 -25.57
N LEU D 547 -14.79 37.21 -24.81
CA LEU D 547 -14.60 35.93 -24.15
C LEU D 547 -15.63 35.72 -23.05
N LEU D 548 -15.72 36.68 -22.15
CA LEU D 548 -16.69 36.58 -21.07
C LEU D 548 -18.10 36.82 -21.56
N GLY D 549 -18.24 37.65 -22.59
CA GLY D 549 -19.51 38.29 -22.87
C GLY D 549 -19.47 39.71 -22.35
N SER D 550 -19.64 40.69 -23.23
CA SER D 550 -19.40 42.08 -22.89
C SER D 550 -20.55 42.73 -22.13
N PHE D 551 -21.47 41.95 -21.57
CA PHE D 551 -22.32 42.45 -20.51
C PHE D 551 -21.49 42.95 -19.34
N THR D 552 -20.38 42.27 -19.06
CA THR D 552 -19.35 42.78 -18.18
C THR D 552 -18.78 44.08 -18.71
N GLN D 553 -18.42 44.97 -17.80
CA GLN D 553 -17.70 46.16 -18.19
C GLN D 553 -16.29 45.78 -18.64
N PRO D 554 -15.76 46.47 -19.64
CA PRO D 554 -14.39 46.17 -20.08
C PRO D 554 -13.37 46.68 -19.09
N LEU D 555 -12.11 46.35 -19.35
CA LEU D 555 -11.06 46.44 -18.34
C LEU D 555 -10.11 47.60 -18.53
N TYR D 556 -9.49 47.74 -19.69
CA TYR D 556 -8.28 48.52 -19.83
C TYR D 556 -8.58 49.80 -20.60
N ILE D 557 -8.73 50.89 -19.86
CA ILE D 557 -9.16 52.16 -20.45
C ILE D 557 -7.88 52.90 -20.86
N ALA D 558 -7.38 52.54 -22.05
CA ALA D 558 -6.57 53.41 -22.90
C ALA D 558 -5.28 53.89 -22.23
N SER D 559 -4.63 52.98 -21.51
CA SER D 559 -3.35 53.19 -20.84
C SER D 559 -3.44 54.33 -19.82
N ARG D 560 -4.24 54.09 -18.79
CA ARG D 560 -4.35 55.00 -17.66
C ARG D 560 -4.39 54.18 -16.38
N TYR D 561 -3.37 54.31 -15.54
CA TYR D 561 -3.22 53.46 -14.37
C TYR D 561 -3.29 54.26 -13.09
N LYS D 562 -4.22 55.21 -13.03
CA LYS D 562 -4.38 56.04 -11.85
C LYS D 562 -5.80 56.58 -11.77
N ASP D 590 -14.16 53.41 -12.26
CA ASP D 590 -13.68 52.18 -12.88
C ASP D 590 -12.16 52.14 -12.90
N THR D 591 -11.63 51.32 -13.82
CA THR D 591 -10.19 51.27 -14.18
C THR D 591 -9.32 50.88 -12.99
N VAL D 592 -9.72 49.85 -12.27
CA VAL D 592 -8.83 49.20 -11.32
C VAL D 592 -7.92 48.28 -12.11
N TRP D 593 -6.65 48.21 -11.71
CA TRP D 593 -5.69 47.53 -12.58
C TRP D 593 -5.42 46.10 -12.14
N ASP D 594 -5.17 45.89 -10.83
CA ASP D 594 -5.08 44.59 -10.16
C ASP D 594 -4.08 43.66 -10.84
N PRO D 595 -2.78 43.88 -10.65
CA PRO D 595 -1.77 43.14 -11.40
C PRO D 595 -1.80 41.64 -11.19
N GLY D 596 -2.19 41.19 -10.00
CA GLY D 596 -2.38 39.78 -9.78
C GLY D 596 -3.49 39.22 -10.63
N ARG D 597 -4.58 39.98 -10.80
CA ARG D 597 -5.64 39.57 -11.72
C ARG D 597 -5.13 39.52 -13.14
N ASP D 598 -4.23 40.42 -13.49
CA ASP D 598 -3.73 40.48 -14.85
C ASP D 598 -2.85 39.28 -15.15
N LEU D 599 -1.92 38.99 -14.25
CA LEU D 599 -1.00 37.88 -14.44
C LEU D 599 -1.71 36.55 -14.39
N PHE D 600 -2.63 36.39 -13.42
CA PHE D 600 -3.41 35.16 -13.35
C PHE D 600 -4.31 35.01 -14.56
N LEU D 601 -4.78 36.13 -15.10
CA LEU D 601 -5.58 36.09 -16.31
C LEU D 601 -4.76 35.58 -17.48
N TRP D 602 -3.54 36.08 -17.63
CA TRP D 602 -2.66 35.63 -18.71
C TRP D 602 -2.36 34.15 -18.59
N ALA D 603 -2.15 33.68 -17.36
CA ALA D 603 -1.91 32.27 -17.14
C ALA D 603 -3.13 31.43 -17.48
N VAL D 604 -4.31 31.83 -17.00
CA VAL D 604 -5.47 30.97 -17.13
C VAL D 604 -5.97 30.99 -18.56
N VAL D 605 -5.68 32.08 -19.28
CA VAL D 605 -5.86 32.07 -20.71
C VAL D 605 -4.89 31.09 -21.35
N GLN D 606 -3.66 31.08 -20.86
CA GLN D 606 -2.57 30.40 -21.53
C GLN D 606 -2.63 28.87 -21.36
N ASN D 607 -3.51 28.37 -20.49
CA ASN D 607 -3.69 26.92 -20.22
C ASN D 607 -2.39 26.26 -19.77
N ASN D 608 -1.74 26.88 -18.78
CA ASN D 608 -0.55 26.34 -18.14
C ASN D 608 -0.90 26.12 -16.67
N ARG D 609 -0.94 24.84 -16.27
CA ARG D 609 -1.46 24.49 -14.96
C ARG D 609 -0.54 24.99 -13.87
N GLU D 610 0.76 24.94 -14.11
CA GLU D 610 1.73 25.48 -13.16
C GLU D 610 1.55 26.98 -13.00
N LEU D 611 1.50 27.70 -14.12
CA LEU D 611 1.39 29.16 -14.02
C LEU D 611 0.04 29.60 -13.50
N ALA D 612 -1.02 28.84 -13.81
CA ALA D 612 -2.33 29.13 -13.25
C ALA D 612 -2.33 28.96 -11.74
N GLU D 613 -1.65 27.92 -11.28
CA GLU D 613 -1.50 27.72 -9.84
C GLU D 613 -0.76 28.87 -9.20
N ILE D 614 0.32 29.33 -9.85
CA ILE D 614 1.14 30.40 -9.29
C ILE D 614 0.34 31.69 -9.20
N GLY D 615 -0.43 32.00 -10.24
CA GLY D 615 -1.24 33.19 -10.22
C GLY D 615 -2.33 33.14 -9.17
N TRP D 616 -3.05 32.02 -9.10
CA TRP D 616 -4.17 31.96 -8.17
C TRP D 616 -3.71 31.95 -6.73
N GLU D 617 -2.54 31.40 -6.46
CA GLU D 617 -1.97 31.61 -5.14
C GLU D 617 -1.60 33.06 -4.96
N GLN D 618 -1.04 33.69 -5.99
CA GLN D 618 -0.53 35.04 -5.79
C GLN D 618 -1.59 36.11 -5.90
N CYS D 619 -2.72 35.84 -6.52
CA CYS D 619 -3.69 36.90 -6.70
C CYS D 619 -4.46 37.15 -5.43
N ARG D 620 -4.96 38.36 -5.28
CA ARG D 620 -5.98 38.66 -4.29
C ARG D 620 -7.32 38.51 -4.99
N ASP D 621 -8.41 38.58 -4.21
CA ASP D 621 -9.80 38.60 -4.66
C ASP D 621 -10.14 37.28 -5.37
N CYS D 622 -9.96 36.21 -4.62
CA CYS D 622 -9.62 34.94 -5.23
C CYS D 622 -10.84 34.23 -5.78
N ILE D 623 -11.96 34.28 -5.05
CA ILE D 623 -13.10 33.45 -5.37
C ILE D 623 -13.76 33.92 -6.66
N ALA D 624 -13.93 35.22 -6.78
CA ALA D 624 -14.52 35.80 -7.98
C ALA D 624 -13.65 35.54 -9.19
N ALA D 625 -12.33 35.63 -9.01
CA ALA D 625 -11.40 35.34 -10.09
C ALA D 625 -11.49 33.88 -10.49
N ALA D 626 -11.65 33.00 -9.51
CA ALA D 626 -11.74 31.58 -9.79
C ALA D 626 -13.00 31.26 -10.58
N LEU D 627 -14.11 31.90 -10.22
CA LEU D 627 -15.33 31.61 -10.94
C LEU D 627 -15.33 32.22 -12.32
N ALA D 628 -14.67 33.38 -12.48
CA ALA D 628 -14.51 33.97 -13.79
C ALA D 628 -13.65 33.07 -14.67
N ALA D 629 -12.62 32.47 -14.09
CA ALA D 629 -11.82 31.51 -14.81
C ALA D 629 -12.63 30.30 -15.21
N SER D 630 -13.54 29.86 -14.34
CA SER D 630 -14.41 28.74 -14.67
C SER D 630 -15.30 29.05 -15.86
N LYS D 631 -15.88 30.25 -15.88
CA LYS D 631 -16.77 30.62 -16.98
C LYS D 631 -16.02 30.75 -18.28
N ILE D 632 -14.84 31.38 -18.26
CA ILE D 632 -14.14 31.53 -19.52
C ILE D 632 -13.49 30.24 -19.97
N LEU D 633 -13.24 29.30 -19.07
CA LEU D 633 -12.76 28.01 -19.52
C LEU D 633 -13.89 27.20 -20.14
N ARG D 634 -15.10 27.33 -19.61
CA ARG D 634 -16.25 26.73 -20.29
C ARG D 634 -16.48 27.37 -21.65
N LYS D 635 -16.22 28.68 -21.76
CA LYS D 635 -16.41 29.36 -23.04
C LYS D 635 -15.34 28.95 -24.04
N LEU D 636 -14.09 28.87 -23.61
CA LEU D 636 -13.02 28.42 -24.50
C LEU D 636 -13.10 26.94 -24.80
N ALA D 637 -13.78 26.15 -23.99
CA ALA D 637 -13.93 24.75 -24.33
C ALA D 637 -15.15 24.49 -25.18
N GLN D 638 -16.17 25.35 -25.06
CA GLN D 638 -17.38 25.20 -25.88
C GLN D 638 -17.08 25.50 -27.34
N GLU D 639 -16.48 26.67 -27.60
CA GLU D 639 -16.14 27.00 -28.98
C GLU D 639 -14.84 26.34 -29.39
N SER D 640 -13.72 26.79 -28.80
CA SER D 640 -12.34 26.33 -29.04
C SER D 640 -11.88 26.45 -30.49
N GLU D 647 -6.34 20.13 -26.00
CA GLU D 647 -6.78 21.05 -24.95
C GLU D 647 -8.19 21.45 -25.32
N ALA D 648 -9.10 20.54 -25.08
CA ALA D 648 -10.53 20.80 -25.05
C ALA D 648 -11.19 20.19 -23.82
N THR D 649 -10.77 19.00 -23.42
CA THR D 649 -11.31 18.34 -22.26
C THR D 649 -10.41 18.44 -21.05
N GLU D 650 -9.10 18.68 -21.25
CA GLU D 650 -8.25 19.08 -20.14
C GLU D 650 -8.65 20.44 -19.60
N MET D 651 -9.15 21.31 -20.49
CA MET D 651 -9.78 22.54 -20.05
C MET D 651 -11.02 22.28 -19.22
N LEU D 652 -11.75 21.21 -19.52
CA LEU D 652 -12.96 20.88 -18.76
C LEU D 652 -12.61 20.42 -17.35
N GLU D 653 -11.61 19.54 -17.24
CA GLU D 653 -11.12 19.14 -15.93
C GLU D 653 -10.51 20.31 -15.19
N LEU D 654 -9.88 21.24 -15.90
CA LEU D 654 -9.31 22.43 -15.27
C LEU D 654 -10.39 23.33 -14.69
N ALA D 655 -11.47 23.53 -15.45
CA ALA D 655 -12.57 24.37 -14.98
C ALA D 655 -13.26 23.72 -13.80
N ASN D 656 -13.45 22.41 -13.85
CA ASN D 656 -14.00 21.70 -12.71
C ASN D 656 -13.07 21.77 -11.51
N HIS D 657 -11.76 21.74 -11.76
CA HIS D 657 -10.76 21.83 -10.70
C HIS D 657 -10.85 23.18 -9.99
N TYR D 658 -10.87 24.26 -10.75
CA TYR D 658 -10.98 25.57 -10.14
C TYR D 658 -12.35 25.84 -9.54
N GLU D 659 -13.39 25.15 -10.01
CA GLU D 659 -14.66 25.20 -9.31
C GLU D 659 -14.52 24.59 -7.92
N LYS D 660 -13.83 23.46 -7.83
CA LYS D 660 -13.58 22.87 -6.53
C LYS D 660 -12.66 23.74 -5.69
N GLN D 661 -11.71 24.42 -6.34
CA GLN D 661 -10.85 25.33 -5.61
C GLN D 661 -11.60 26.55 -5.12
N ALA D 662 -12.69 26.90 -5.78
CA ALA D 662 -13.55 27.94 -5.25
C ALA D 662 -14.30 27.43 -4.03
N ILE D 663 -14.89 26.24 -4.15
CA ILE D 663 -15.77 25.79 -3.09
C ILE D 663 -15.00 25.44 -1.84
N GLY D 664 -13.71 25.14 -1.96
CA GLY D 664 -12.93 24.87 -0.78
C GLY D 664 -12.71 26.11 0.06
N VAL D 665 -12.28 27.19 -0.58
CA VAL D 665 -12.05 28.45 0.12
C VAL D 665 -13.35 28.96 0.71
N PHE D 666 -14.42 28.86 -0.07
CA PHE D 666 -15.67 29.34 0.45
C PHE D 666 -16.23 28.41 1.52
N SER D 667 -15.83 27.14 1.52
CA SER D 667 -16.23 26.23 2.57
C SER D 667 -15.58 26.63 3.88
N GLU D 668 -14.30 26.96 3.84
CA GLU D 668 -13.64 27.39 5.06
C GLU D 668 -14.18 28.73 5.54
N CYS D 669 -14.49 29.63 4.60
CA CYS D 669 -15.04 30.92 4.98
C CYS D 669 -16.41 30.78 5.61
N HIS D 670 -17.26 29.94 5.03
CA HIS D 670 -18.58 29.70 5.59
C HIS D 670 -18.50 28.96 6.91
N SER D 671 -17.44 28.16 7.08
CA SER D 671 -17.17 27.58 8.37
C SER D 671 -16.71 28.61 9.38
N TRP D 672 -16.25 29.77 8.93
CA TRP D 672 -15.83 30.74 9.92
C TRP D 672 -16.99 31.51 10.53
N ASP D 673 -17.68 32.33 9.72
CA ASP D 673 -18.77 33.15 10.24
C ASP D 673 -19.64 33.53 9.04
N ALA D 674 -20.88 33.05 9.03
CA ALA D 674 -21.63 32.96 7.79
C ALA D 674 -22.12 34.32 7.29
N GLN D 675 -22.27 35.29 8.19
CA GLN D 675 -22.72 36.60 7.74
C GLN D 675 -21.66 37.28 6.90
N ARG D 676 -20.40 37.18 7.31
CA ARG D 676 -19.34 37.78 6.54
C ARG D 676 -19.14 37.08 5.21
N ALA D 677 -19.29 35.76 5.21
CA ALA D 677 -19.19 35.02 3.95
C ALA D 677 -20.36 35.35 3.04
N GLN D 678 -21.51 35.62 3.64
CA GLN D 678 -22.65 36.10 2.87
C GLN D 678 -22.34 37.43 2.22
N LYS D 679 -21.64 38.29 2.95
CA LYS D 679 -21.22 39.57 2.39
C LYS D 679 -20.22 39.38 1.25
N LEU D 680 -19.41 38.33 1.32
CA LEU D 680 -18.55 38.02 0.17
C LEU D 680 -19.37 37.58 -1.03
N LEU D 681 -20.33 36.68 -0.81
CA LEU D 681 -20.96 35.99 -1.92
C LEU D 681 -21.80 36.91 -2.78
N ILE D 682 -22.22 38.05 -2.26
CA ILE D 682 -23.05 38.98 -3.00
C ILE D 682 -22.26 40.16 -3.51
N ARG D 683 -20.99 40.27 -3.17
CA ARG D 683 -20.27 41.51 -3.42
C ARG D 683 -20.01 41.69 -4.90
N ILE D 684 -19.71 42.92 -5.27
CA ILE D 684 -19.20 43.21 -6.59
C ILE D 684 -17.72 43.54 -6.44
N SER D 685 -17.01 43.48 -7.56
CA SER D 685 -15.61 43.76 -7.47
C SER D 685 -15.22 44.78 -8.51
N PRO D 686 -14.31 45.70 -8.19
CA PRO D 686 -13.80 46.60 -9.22
C PRO D 686 -13.01 45.86 -10.27
N SER D 687 -12.21 44.90 -9.83
CA SER D 687 -11.64 43.96 -10.77
C SER D 687 -12.72 43.02 -11.29
N TRP D 688 -12.40 42.35 -12.38
CA TRP D 688 -13.23 41.32 -13.02
C TRP D 688 -14.58 41.89 -13.45
N GLY D 689 -14.51 42.93 -14.28
CA GLY D 689 -15.70 43.66 -14.62
C GLY D 689 -16.23 44.36 -13.39
N ARG D 690 -17.55 44.53 -13.34
CA ARG D 690 -18.23 44.92 -12.13
C ARG D 690 -19.25 43.82 -11.92
N SER D 691 -18.80 42.70 -11.36
CA SER D 691 -19.56 41.47 -11.43
C SER D 691 -19.66 40.84 -10.05
N THR D 692 -20.61 39.94 -9.91
CA THR D 692 -20.85 39.22 -8.68
C THR D 692 -20.39 37.78 -8.82
N CYS D 693 -20.22 37.13 -7.67
CA CYS D 693 -19.90 35.72 -7.67
C CYS D 693 -21.04 34.90 -8.24
N LEU D 694 -22.27 35.29 -7.94
CA LEU D 694 -23.43 34.48 -8.26
C LEU D 694 -23.68 34.43 -9.75
N TRP D 695 -23.66 35.59 -10.40
CA TRP D 695 -23.91 35.66 -11.83
C TRP D 695 -22.81 34.97 -12.62
N LEU D 696 -21.59 35.03 -12.12
CA LEU D 696 -20.51 34.26 -12.71
C LEU D 696 -20.74 32.77 -12.53
N ALA D 697 -21.30 32.36 -11.39
CA ALA D 697 -21.61 30.95 -11.21
C ALA D 697 -22.71 30.51 -12.16
N LEU D 698 -23.63 31.41 -12.45
CA LEU D 698 -24.69 31.12 -13.41
C LEU D 698 -24.12 30.97 -14.81
N GLU D 699 -23.27 31.91 -15.21
CA GLU D 699 -22.69 31.86 -16.55
C GLU D 699 -21.67 30.75 -16.71
N ALA D 700 -21.12 30.26 -15.61
CA ALA D 700 -20.15 29.17 -15.66
C ALA D 700 -20.79 27.80 -15.64
N HIS D 701 -22.03 27.71 -15.14
CA HIS D 701 -22.84 26.50 -15.02
C HIS D 701 -22.17 25.43 -14.15
N ASP D 702 -21.17 25.79 -13.35
CA ASP D 702 -20.58 24.85 -12.42
C ASP D 702 -21.56 24.65 -11.28
N LYS D 703 -22.54 23.78 -11.48
CA LYS D 703 -23.61 23.59 -10.52
C LYS D 703 -23.13 22.93 -9.24
N SER D 704 -21.93 22.37 -9.24
CA SER D 704 -21.29 21.94 -8.01
C SER D 704 -21.14 23.10 -7.04
N PHE D 705 -20.83 24.29 -7.55
CA PHE D 705 -20.66 25.46 -6.68
C PHE D 705 -21.97 25.85 -6.02
N ILE D 706 -23.04 25.89 -6.80
CA ILE D 706 -24.32 26.25 -6.22
C ILE D 706 -24.87 25.08 -5.42
N ALA D 707 -24.35 23.87 -5.63
CA ALA D 707 -24.65 22.75 -4.74
C ALA D 707 -23.80 22.93 -3.49
N HIS D 708 -24.26 23.81 -2.61
CA HIS D 708 -23.52 24.12 -1.41
C HIS D 708 -24.48 24.65 -0.37
N SER D 709 -24.11 24.49 0.90
CA SER D 709 -24.97 24.86 2.01
C SER D 709 -25.20 26.37 2.10
N GLY D 710 -24.13 27.14 2.12
CA GLY D 710 -24.24 28.56 2.39
C GLY D 710 -24.95 29.32 1.29
N VAL D 711 -24.73 28.91 0.04
CA VAL D 711 -25.39 29.60 -1.06
C VAL D 711 -26.88 29.35 -1.04
N GLN D 712 -27.29 28.15 -0.63
CA GLN D 712 -28.72 27.88 -0.50
C GLN D 712 -29.30 28.59 0.70
N ALA D 713 -28.51 28.76 1.76
CA ALA D 713 -29.00 29.50 2.93
C ALA D 713 -29.23 30.95 2.59
N LEU D 714 -28.33 31.54 1.80
CA LEU D 714 -28.52 32.93 1.41
C LEU D 714 -29.68 33.08 0.45
N LEU D 715 -29.82 32.16 -0.51
CA LEU D 715 -30.96 32.23 -1.41
C LEU D 715 -32.27 32.00 -0.67
N THR D 716 -32.24 31.20 0.39
CA THR D 716 -33.40 30.99 1.22
C THR D 716 -33.80 32.26 1.94
N GLN D 717 -32.82 32.99 2.49
CA GLN D 717 -33.17 34.25 3.13
C GLN D 717 -33.60 35.29 2.11
N ILE D 718 -33.09 35.20 0.89
CA ILE D 718 -33.51 36.13 -0.14
C ILE D 718 -34.87 35.70 -0.70
N TRP D 719 -35.33 34.53 -0.30
CA TRP D 719 -36.66 34.05 -0.65
C TRP D 719 -37.71 34.33 0.42
N CYS D 720 -37.31 34.33 1.68
CA CYS D 720 -38.29 34.45 2.75
C CYS D 720 -38.57 35.89 3.17
N GLY D 721 -37.78 36.85 2.69
CA GLY D 721 -38.05 38.23 3.02
C GLY D 721 -37.68 38.57 4.46
N GLU D 722 -38.34 39.58 5.00
CA GLU D 722 -38.05 40.02 6.37
C GLU D 722 -38.59 39.04 7.40
N LEU D 723 -39.55 38.21 7.03
CA LEU D 723 -39.87 37.06 7.87
C LEU D 723 -38.76 36.05 7.73
N SER D 724 -38.38 35.43 8.84
CA SER D 724 -37.28 34.50 8.81
C SER D 724 -37.69 33.18 8.16
N VAL D 725 -36.68 32.37 7.82
CA VAL D 725 -36.94 31.10 7.17
C VAL D 725 -37.39 30.03 8.16
N ASP D 726 -37.15 30.23 9.45
CA ASP D 726 -37.49 29.24 10.46
C ASP D 726 -38.99 29.12 10.67
N ASN D 727 -39.77 30.12 10.25
CA ASN D 727 -41.21 30.02 10.30
C ASN D 727 -41.67 28.92 9.35
N PRO D 728 -42.49 28.00 9.80
CA PRO D 728 -42.79 26.80 9.00
C PRO D 728 -43.77 27.07 7.88
N HIS D 729 -44.22 26.00 7.24
CA HIS D 729 -45.35 26.10 6.33
C HIS D 729 -46.64 26.36 7.12
N TRP D 730 -47.68 26.71 6.38
CA TRP D 730 -49.10 26.73 6.75
C TRP D 730 -49.49 27.67 7.89
N LYS D 731 -48.52 28.25 8.60
CA LYS D 731 -48.84 29.41 9.43
C LYS D 731 -48.60 30.67 8.63
N VAL D 732 -47.70 30.57 7.64
CA VAL D 732 -47.59 31.55 6.58
C VAL D 732 -48.90 31.66 5.82
N LEU D 733 -49.48 30.51 5.48
CA LEU D 733 -50.78 30.50 4.79
C LEU D 733 -51.86 31.05 5.70
N LEU D 734 -51.75 30.77 6.99
CA LEU D 734 -52.73 31.23 7.98
C LEU D 734 -52.73 32.74 8.11
N CYS D 735 -51.55 33.35 8.12
CA CYS D 735 -51.48 34.80 8.14
C CYS D 735 -51.77 35.40 6.77
N MET D 736 -51.55 34.63 5.69
CA MET D 736 -51.95 35.07 4.36
C MET D 736 -53.46 35.19 4.25
N ILE D 737 -54.19 34.35 4.97
CA ILE D 737 -55.64 34.50 5.04
C ILE D 737 -56.02 35.52 6.11
N PHE D 738 -55.69 35.23 7.37
CA PHE D 738 -56.07 36.07 8.50
C PHE D 738 -55.01 37.13 8.72
N PHE D 739 -55.37 38.39 8.47
CA PHE D 739 -54.38 39.48 8.42
C PHE D 739 -53.70 39.80 9.74
N PRO D 740 -54.42 40.16 10.86
CA PRO D 740 -53.70 40.86 11.95
C PRO D 740 -52.90 39.97 12.89
N LEU D 741 -52.58 38.74 12.47
CA LEU D 741 -51.91 37.77 13.32
C LEU D 741 -50.49 38.18 13.71
N ILE D 742 -49.89 39.14 13.02
CA ILE D 742 -48.48 39.46 13.21
C ILE D 742 -48.19 40.13 14.55
N TYR D 743 -49.17 40.73 15.20
CA TYR D 743 -48.92 41.34 16.50
C TYR D 743 -49.09 40.35 17.63
N THR D 744 -49.76 39.24 17.38
CA THR D 744 -49.52 38.05 18.19
C THR D 744 -48.17 37.48 17.83
N GLY D 745 -47.48 36.91 18.81
CA GLY D 745 -46.11 36.54 18.56
C GLY D 745 -45.99 35.23 17.82
N PHE D 746 -45.85 35.32 16.50
CA PHE D 746 -45.70 34.19 15.60
C PHE D 746 -44.94 34.70 14.38
N LEU D 747 -44.44 33.75 13.58
CA LEU D 747 -43.87 34.00 12.25
C LEU D 747 -42.68 34.97 12.33
N THR D 748 -41.61 34.43 12.91
CA THR D 748 -40.44 35.19 13.34
C THR D 748 -39.82 36.04 12.23
N PHE D 749 -39.49 37.27 12.58
CA PHE D 749 -38.97 38.25 11.65
C PHE D 749 -37.45 38.19 11.62
N ARG D 750 -36.87 38.77 10.58
CA ARG D 750 -35.42 38.89 10.54
C ARG D 750 -34.94 39.92 11.55
N ARG D 751 -35.51 41.13 11.49
CA ARG D 751 -35.02 42.23 12.32
C ARG D 751 -35.36 42.03 13.79
N ASP D 752 -36.56 41.50 14.07
CA ASP D 752 -36.99 41.32 15.45
C ASP D 752 -36.15 40.27 16.16
N GLU D 753 -36.02 39.09 15.55
CA GLU D 753 -35.18 38.05 16.11
C GLU D 753 -33.71 38.44 16.09
N ASP D 754 -33.33 39.30 15.15
CA ASP D 754 -31.97 39.81 15.11
C ASP D 754 -31.66 40.68 16.32
N ILE D 755 -32.55 41.61 16.63
CA ILE D 755 -32.36 42.45 17.81
C ILE D 755 -32.48 41.63 19.08
N GLN D 756 -33.33 40.60 19.07
CA GLN D 756 -33.46 39.71 20.22
C GLN D 756 -32.17 38.95 20.47
N ARG D 757 -31.59 38.36 19.41
CA ARG D 757 -30.36 37.59 19.57
C ARG D 757 -29.17 38.49 19.87
N GLN D 758 -29.15 39.70 19.32
CA GLN D 758 -28.09 40.64 19.63
C GLN D 758 -28.16 41.10 21.08
N ALA D 759 -29.37 41.28 21.60
CA ALA D 759 -29.52 41.62 23.00
C ALA D 759 -29.17 40.44 23.89
N GLU D 760 -29.45 39.22 23.43
CA GLU D 760 -29.11 38.03 24.20
C GLU D 760 -27.60 37.85 24.28
N ARG D 761 -26.90 38.08 23.17
CA ARG D 761 -25.45 38.00 23.19
C ARG D 761 -24.84 39.18 23.93
N THR D 762 -25.53 40.32 23.93
CA THR D 762 -25.02 41.52 24.58
C THR D 762 -25.22 41.50 26.09
N GLU D 763 -26.07 40.61 26.60
CA GLU D 763 -26.33 40.53 28.02
C GLU D 763 -25.18 39.89 28.80
N GLN D 764 -24.17 39.35 28.11
CA GLN D 764 -23.21 38.46 28.75
C GLN D 764 -21.83 39.09 28.85
N CYS D 799 -43.44 47.45 13.29
CA CYS D 799 -44.73 48.10 13.45
C CYS D 799 -45.63 47.76 12.26
N SER D 800 -46.29 48.78 11.71
CA SER D 800 -47.07 48.59 10.49
C SER D 800 -46.17 48.35 9.28
N SER D 801 -44.93 48.81 9.35
CA SER D 801 -43.95 48.51 8.31
C SER D 801 -43.65 47.03 8.23
N ARG D 802 -43.83 46.29 9.33
CA ARG D 802 -43.71 44.84 9.28
C ARG D 802 -44.80 44.24 8.41
N LEU D 803 -46.02 44.75 8.52
CA LEU D 803 -47.10 44.28 7.67
C LEU D 803 -46.87 44.69 6.23
N MET D 804 -46.30 45.88 6.01
CA MET D 804 -46.01 46.32 4.65
C MET D 804 -44.91 45.47 4.02
N SER D 805 -43.89 45.12 4.80
CA SER D 805 -42.81 44.29 4.28
C SER D 805 -43.29 42.87 4.06
N PHE D 806 -44.20 42.38 4.90
CA PHE D 806 -44.81 41.09 4.64
C PHE D 806 -45.64 41.12 3.38
N LEU D 807 -46.30 42.24 3.10
CA LEU D 807 -46.94 42.39 1.81
C LEU D 807 -45.91 42.40 0.68
N LYS D 808 -44.71 42.88 0.96
CA LYS D 808 -43.67 42.91 -0.06
C LYS D 808 -42.95 41.58 -0.24
N SER D 809 -43.24 40.58 0.59
CA SER D 809 -42.44 39.36 0.64
C SER D 809 -42.61 38.52 -0.62
N PRO D 810 -41.54 37.93 -1.16
CA PRO D 810 -41.65 37.31 -2.49
C PRO D 810 -42.40 35.99 -2.48
N GLN D 811 -42.23 35.18 -1.43
CA GLN D 811 -42.90 33.89 -1.41
C GLN D 811 -44.40 34.02 -1.16
N VAL D 812 -44.81 34.99 -0.34
CA VAL D 812 -46.24 35.18 -0.20
C VAL D 812 -46.80 35.86 -1.44
N LYS D 813 -45.96 36.58 -2.17
CA LYS D 813 -46.35 37.05 -3.49
C LYS D 813 -46.52 35.90 -4.46
N PHE D 814 -45.72 34.84 -4.30
CA PHE D 814 -45.90 33.67 -5.15
C PHE D 814 -47.16 32.90 -4.80
N TYR D 815 -47.43 32.75 -3.50
CA TYR D 815 -48.71 32.19 -3.05
C TYR D 815 -49.89 32.96 -3.61
N TRP D 816 -49.79 34.29 -3.57
CA TRP D 816 -50.83 35.13 -4.09
C TRP D 816 -50.96 35.00 -5.60
N ASN D 817 -49.83 34.77 -6.29
CA ASN D 817 -49.86 34.61 -7.74
C ASN D 817 -50.54 33.31 -8.13
N ILE D 818 -50.26 32.22 -7.42
CA ILE D 818 -50.93 30.98 -7.81
C ILE D 818 -52.38 30.98 -7.37
N ALA D 819 -52.72 31.70 -6.31
CA ALA D 819 -54.13 31.85 -5.94
C ALA D 819 -54.89 32.67 -6.98
N SER D 820 -54.25 33.72 -7.48
CA SER D 820 -54.84 34.51 -8.56
C SER D 820 -54.95 33.68 -9.85
N TYR D 821 -54.01 32.78 -10.07
CA TYR D 821 -54.09 31.91 -11.25
C TYR D 821 -55.20 30.89 -11.10
N PHE D 822 -55.47 30.42 -9.88
CA PHE D 822 -56.63 29.56 -9.67
C PHE D 822 -57.94 30.32 -9.86
N GLY D 823 -57.98 31.58 -9.41
CA GLY D 823 -59.11 32.42 -9.71
C GLY D 823 -59.33 32.60 -11.20
N PHE D 824 -58.24 32.68 -11.96
CA PHE D 824 -58.32 32.69 -13.41
C PHE D 824 -58.92 31.41 -13.97
N LEU D 825 -58.44 30.25 -13.49
CA LEU D 825 -58.91 28.99 -14.04
C LEU D 825 -60.38 28.76 -13.74
N TRP D 826 -60.83 29.13 -12.54
CA TRP D 826 -62.24 28.99 -12.21
C TRP D 826 -63.10 30.03 -12.92
N LEU D 827 -62.54 31.22 -13.19
CA LEU D 827 -63.27 32.20 -13.98
C LEU D 827 -63.44 31.72 -15.40
N PHE D 828 -62.43 31.03 -15.94
CA PHE D 828 -62.61 30.40 -17.25
C PHE D 828 -63.59 29.26 -17.17
N ALA D 829 -63.63 28.56 -16.03
CA ALA D 829 -64.62 27.50 -15.83
C ALA D 829 -66.03 28.04 -15.81
N VAL D 830 -66.22 29.26 -15.34
CA VAL D 830 -67.52 29.93 -15.43
C VAL D 830 -67.80 30.35 -16.87
N VAL D 831 -66.88 31.09 -17.48
CA VAL D 831 -67.16 31.77 -18.74
C VAL D 831 -67.04 30.88 -19.97
N LEU D 832 -66.57 29.64 -19.81
CA LEU D 832 -66.49 28.73 -20.95
C LEU D 832 -67.89 28.26 -21.37
N MET D 833 -68.61 27.63 -20.46
CA MET D 833 -69.93 27.11 -20.78
C MET D 833 -71.02 27.84 -19.99
N SER D 841 -69.80 38.94 -23.44
CA SER D 841 -70.34 39.24 -22.12
C SER D 841 -69.44 40.18 -21.34
N TRP D 842 -69.93 40.64 -20.18
CA TRP D 842 -69.08 41.36 -19.24
C TRP D 842 -67.97 40.47 -18.72
N ARG D 843 -68.24 39.16 -18.57
CA ARG D 843 -67.20 38.22 -18.21
C ARG D 843 -66.18 38.05 -19.31
N GLU D 844 -66.60 38.17 -20.58
CA GLU D 844 -65.64 38.19 -21.68
C GLU D 844 -64.75 39.42 -21.61
N LEU D 845 -65.31 40.57 -21.20
CA LEU D 845 -64.51 41.77 -21.01
C LEU D 845 -63.51 41.59 -19.87
N LEU D 846 -63.92 40.89 -18.81
CA LEU D 846 -62.97 40.56 -17.75
C LEU D 846 -61.88 39.62 -18.24
N LEU D 847 -62.21 38.74 -19.18
CA LEU D 847 -61.19 37.88 -19.78
C LEU D 847 -60.20 38.69 -20.61
N TYR D 848 -60.69 39.71 -21.32
CA TYR D 848 -59.78 40.61 -22.03
C TYR D 848 -58.89 41.38 -21.08
N VAL D 849 -59.45 41.82 -19.95
CA VAL D 849 -58.66 42.52 -18.93
C VAL D 849 -57.60 41.59 -18.36
N TRP D 850 -57.94 40.31 -18.21
CA TRP D 850 -56.99 39.35 -17.68
C TRP D 850 -55.86 39.09 -18.67
N LEU D 851 -56.20 39.00 -19.96
CA LEU D 851 -55.19 38.78 -20.99
C LEU D 851 -54.24 39.96 -21.09
N THR D 852 -54.78 41.19 -20.98
CA THR D 852 -53.93 42.37 -20.96
C THR D 852 -53.03 42.39 -19.72
N SER D 853 -53.57 41.95 -18.59
CA SER D 853 -52.81 41.87 -17.34
C SER D 853 -51.63 40.92 -17.47
N LEU D 854 -51.87 39.73 -18.01
CA LEU D 854 -50.81 38.75 -18.15
C LEU D 854 -49.80 39.17 -19.21
N VAL D 855 -50.26 39.84 -20.27
CA VAL D 855 -49.35 40.35 -21.29
C VAL D 855 -48.43 41.41 -20.71
N CYS D 856 -48.97 42.31 -19.89
CA CYS D 856 -48.15 43.34 -19.25
C CYS D 856 -47.17 42.74 -18.27
N GLU D 857 -47.59 41.70 -17.54
CA GLU D 857 -46.69 41.02 -16.61
C GLU D 857 -45.53 40.36 -17.34
N GLU D 858 -45.81 39.72 -18.48
CA GLU D 858 -44.74 39.09 -19.25
C GLU D 858 -43.81 40.13 -19.87
N ILE D 859 -44.35 41.29 -20.27
CA ILE D 859 -43.51 42.35 -20.81
C ILE D 859 -42.57 42.90 -19.74
N ARG D 860 -43.08 43.17 -18.53
CA ARG D 860 -42.18 43.66 -17.49
C ARG D 860 -41.23 42.57 -17.01
N GLN D 861 -41.62 41.31 -17.14
CA GLN D 861 -40.70 40.24 -16.81
C GLN D 861 -39.60 40.07 -17.84
N LEU D 862 -39.85 40.45 -19.10
CA LEU D 862 -38.81 40.30 -20.11
C LEU D 862 -37.98 41.57 -20.27
N TYR D 863 -38.61 42.67 -20.68
CA TYR D 863 -37.85 43.84 -21.10
C TYR D 863 -37.30 44.61 -19.91
N HIS D 864 -38.13 44.79 -18.88
CA HIS D 864 -37.73 45.58 -17.71
C HIS D 864 -36.63 44.90 -16.91
N ASP D 865 -36.58 43.58 -16.93
CA ASP D 865 -35.52 42.87 -16.24
C ASP D 865 -34.18 43.00 -16.97
N GLY D 870 -29.97 44.28 -23.50
CA GLY D 870 -30.69 44.83 -24.63
C GLY D 870 -31.88 43.98 -25.06
N PHE D 871 -32.61 44.47 -26.06
CA PHE D 871 -33.78 43.74 -26.54
C PHE D 871 -33.39 42.52 -27.37
N ARG D 872 -32.32 42.63 -28.16
CA ARG D 872 -31.93 41.54 -29.05
C ARG D 872 -31.37 40.36 -28.27
N ARG D 873 -30.49 40.62 -27.31
CA ARG D 873 -29.88 39.55 -26.54
C ARG D 873 -30.88 38.88 -25.61
N LYS D 874 -31.72 39.68 -24.95
CA LYS D 874 -32.76 39.10 -24.10
C LYS D 874 -33.80 38.34 -24.91
N ALA D 875 -34.09 38.81 -26.14
CA ALA D 875 -35.02 38.10 -27.01
C ALA D 875 -34.45 36.77 -27.47
N LYS D 876 -33.16 36.75 -27.83
CA LYS D 876 -32.52 35.48 -28.21
C LYS D 876 -32.41 34.54 -27.02
N MET D 877 -32.21 35.06 -25.81
CA MET D 877 -32.15 34.21 -24.63
C MET D 877 -33.53 33.65 -24.28
N TYR D 878 -34.58 34.44 -24.51
CA TYR D 878 -35.92 33.94 -24.23
C TYR D 878 -36.37 32.93 -25.28
N ILE D 879 -35.97 33.14 -26.55
CA ILE D 879 -36.31 32.17 -27.58
C ILE D 879 -35.46 30.92 -27.48
N LYS D 880 -34.29 31.00 -26.86
CA LYS D 880 -33.49 29.81 -26.62
C LYS D 880 -34.13 28.90 -25.57
N ASP D 881 -34.89 29.48 -24.65
CA ASP D 881 -35.68 28.68 -23.73
C ASP D 881 -36.85 28.05 -24.48
N LEU D 882 -37.33 26.92 -23.95
CA LEU D 882 -38.35 26.14 -24.63
C LEU D 882 -39.76 26.52 -24.19
N TRP D 883 -39.97 26.63 -22.88
CA TRP D 883 -41.32 26.86 -22.36
C TRP D 883 -41.79 28.28 -22.64
N ASN D 884 -40.86 29.21 -22.83
CA ASN D 884 -41.25 30.56 -23.25
C ASN D 884 -41.86 30.54 -24.64
N ILE D 885 -41.32 29.70 -25.53
CA ILE D 885 -41.85 29.60 -26.88
C ILE D 885 -43.24 28.96 -26.88
N LEU D 886 -43.44 27.95 -26.02
CA LEU D 886 -44.74 27.31 -25.92
C LEU D 886 -45.77 28.24 -25.27
N ASP D 887 -45.35 29.05 -24.31
CA ASP D 887 -46.27 29.98 -23.67
C ASP D 887 -46.64 31.11 -24.62
N VAL D 888 -45.69 31.57 -25.43
CA VAL D 888 -46.00 32.54 -26.47
C VAL D 888 -46.89 31.92 -27.55
N LEU D 889 -46.72 30.62 -27.81
CA LEU D 889 -47.58 29.92 -28.76
C LEU D 889 -49.00 29.83 -28.24
N SER D 890 -49.16 29.55 -26.94
CA SER D 890 -50.49 29.52 -26.34
C SER D 890 -51.13 30.90 -26.34
N ILE D 891 -50.32 31.94 -26.12
CA ILE D 891 -50.84 33.30 -26.11
C ILE D 891 -51.26 33.74 -27.51
N VAL D 892 -50.50 33.37 -28.53
CA VAL D 892 -50.88 33.79 -29.88
C VAL D 892 -52.05 32.94 -30.39
N LEU D 893 -52.18 31.69 -29.92
CA LEU D 893 -53.35 30.89 -30.25
C LEU D 893 -54.60 31.48 -29.62
N PHE D 894 -54.49 31.97 -28.38
CA PHE D 894 -55.62 32.62 -27.75
C PHE D 894 -55.96 33.95 -28.40
N ILE D 895 -54.95 34.67 -28.91
CA ILE D 895 -55.21 35.92 -29.61
C ILE D 895 -55.94 35.67 -30.91
N ALA D 896 -55.52 34.65 -31.66
CA ALA D 896 -56.21 34.28 -32.89
C ALA D 896 -57.61 33.73 -32.60
N GLY D 897 -57.78 33.07 -31.47
CA GLY D 897 -59.11 32.60 -31.09
C GLY D 897 -60.05 33.74 -30.73
N LEU D 898 -59.53 34.77 -30.08
CA LEU D 898 -60.32 35.98 -29.84
C LEU D 898 -60.67 36.67 -31.15
N ILE D 899 -59.72 36.68 -32.10
CA ILE D 899 -59.97 37.27 -33.41
C ILE D 899 -61.03 36.50 -34.18
N CYS D 900 -61.07 35.19 -34.01
CA CYS D 900 -62.06 34.38 -34.73
C CYS D 900 -63.43 34.44 -34.07
N ARG D 901 -63.48 34.37 -32.74
CA ARG D 901 -64.76 34.41 -32.03
C ARG D 901 -65.36 35.80 -31.98
N LEU D 902 -64.58 36.85 -32.24
CA LEU D 902 -65.16 38.17 -32.43
C LEU D 902 -65.73 38.33 -33.84
N GLN D 903 -65.25 37.54 -34.80
CA GLN D 903 -65.72 37.63 -36.17
C GLN D 903 -67.14 37.09 -36.28
N ALA D 904 -68.04 37.90 -36.81
CA ALA D 904 -69.47 37.60 -36.79
C ALA D 904 -69.84 36.76 -38.00
N SER D 905 -69.72 35.45 -37.86
CA SER D 905 -70.28 34.47 -38.79
C SER D 905 -70.44 33.17 -38.04
N ASP D 906 -71.38 32.33 -38.51
CA ASP D 906 -71.74 31.12 -37.79
C ASP D 906 -70.61 30.10 -37.81
N THR D 907 -70.01 29.88 -38.98
CA THR D 907 -68.81 29.06 -39.05
C THR D 907 -67.66 29.71 -38.30
N VAL D 908 -67.58 31.05 -38.36
CA VAL D 908 -66.54 31.78 -37.63
C VAL D 908 -66.75 31.65 -36.13
N PHE D 909 -68.01 31.72 -35.68
CA PHE D 909 -68.30 31.55 -34.25
C PHE D 909 -68.00 30.12 -33.79
N TYR D 910 -68.31 29.13 -34.62
CA TYR D 910 -68.05 27.74 -34.28
C TYR D 910 -66.55 27.45 -34.18
N ILE D 911 -65.80 27.81 -35.24
CA ILE D 911 -64.37 27.53 -35.25
C ILE D 911 -63.64 28.43 -34.25
N GLY D 912 -64.17 29.61 -33.94
CA GLY D 912 -63.60 30.43 -32.89
C GLY D 912 -63.83 29.87 -31.50
N LYS D 913 -64.98 29.22 -31.30
CA LYS D 913 -65.20 28.48 -30.05
C LYS D 913 -64.23 27.32 -29.94
N VAL D 914 -63.97 26.62 -31.06
CA VAL D 914 -62.96 25.57 -31.10
C VAL D 914 -61.58 26.13 -30.77
N ILE D 915 -61.29 27.34 -31.26
CA ILE D 915 -59.97 27.94 -31.08
C ILE D 915 -59.78 28.38 -29.63
N LEU D 916 -60.81 28.93 -29.01
CA LEU D 916 -60.72 29.28 -27.59
C LEU D 916 -60.58 28.02 -26.73
N CYS D 917 -61.24 26.94 -27.14
CA CYS D 917 -61.12 25.67 -26.42
C CYS D 917 -59.70 25.11 -26.49
N ILE D 918 -59.12 25.08 -27.70
CA ILE D 918 -57.77 24.55 -27.85
C ILE D 918 -56.75 25.49 -27.25
N ASP D 919 -57.06 26.79 -27.17
CA ASP D 919 -56.17 27.72 -26.49
C ASP D 919 -56.14 27.45 -24.99
N PHE D 920 -57.30 27.17 -24.40
CA PHE D 920 -57.30 26.81 -22.98
C PHE D 920 -56.66 25.45 -22.76
N ILE D 921 -56.78 24.54 -23.74
CA ILE D 921 -56.07 23.27 -23.68
C ILE D 921 -54.56 23.50 -23.71
N ILE D 922 -54.11 24.53 -24.40
CA ILE D 922 -52.69 24.88 -24.39
C ILE D 922 -52.29 25.51 -23.05
N PHE D 923 -53.16 26.35 -22.48
CA PHE D 923 -52.85 26.95 -21.19
C PHE D 923 -52.94 25.97 -20.02
N CYS D 924 -53.51 24.79 -20.26
CA CYS D 924 -53.42 23.71 -19.29
C CYS D 924 -51.97 23.34 -18.98
N LEU D 925 -51.08 23.39 -19.98
CA LEU D 925 -49.69 23.05 -19.73
C LEU D 925 -48.99 24.11 -18.89
N ARG D 926 -49.30 25.40 -19.12
CA ARG D 926 -48.74 26.44 -18.28
C ARG D 926 -49.31 26.39 -16.88
N LEU D 927 -50.56 25.92 -16.74
CA LEU D 927 -51.09 25.62 -15.42
C LEU D 927 -50.31 24.51 -14.74
N MET D 928 -49.88 23.52 -15.52
CA MET D 928 -49.14 22.42 -14.95
C MET D 928 -47.73 22.83 -14.55
N ALA D 929 -47.10 23.71 -15.32
CA ALA D 929 -45.65 23.91 -15.25
C ALA D 929 -45.20 24.61 -13.97
N ILE D 930 -46.03 25.49 -13.41
CA ILE D 930 -45.62 26.23 -12.22
C ILE D 930 -45.58 25.31 -11.01
N PHE D 931 -46.60 24.46 -10.87
CA PHE D 931 -46.57 23.45 -9.84
C PHE D 931 -45.59 22.34 -10.16
N SER D 932 -45.20 22.20 -11.43
CA SER D 932 -44.14 21.26 -11.80
C SER D 932 -42.77 21.74 -11.35
N ILE D 933 -42.61 23.03 -11.07
CA ILE D 933 -41.33 23.59 -10.67
C ILE D 933 -41.24 23.69 -9.16
N SER D 934 -42.05 22.91 -8.45
CA SER D 934 -42.17 22.99 -7.01
C SER D 934 -40.98 22.34 -6.31
N ARG D 935 -41.12 22.09 -5.01
CA ARG D 935 -40.02 21.58 -4.19
C ARG D 935 -39.62 20.16 -4.62
N THR D 936 -40.58 19.24 -4.64
CA THR D 936 -40.30 17.89 -5.07
C THR D 936 -40.79 17.58 -6.48
N LEU D 937 -41.54 18.49 -7.09
CA LEU D 937 -41.97 18.27 -8.47
C LEU D 937 -40.82 18.45 -9.43
N GLY D 938 -39.82 19.27 -9.06
CA GLY D 938 -38.59 19.38 -9.80
C GLY D 938 -37.86 18.09 -10.01
N PRO D 939 -37.71 17.23 -8.99
CA PRO D 939 -37.29 15.84 -9.25
C PRO D 939 -38.20 15.05 -10.18
N LYS D 940 -39.51 15.30 -10.16
CA LYS D 940 -40.40 14.59 -11.08
C LYS D 940 -40.20 15.03 -12.53
N ILE D 941 -39.81 16.30 -12.71
CA ILE D 941 -39.97 16.98 -14.00
C ILE D 941 -39.00 16.44 -15.04
N ILE D 942 -37.79 16.05 -14.61
CA ILE D 942 -36.71 15.73 -15.54
C ILE D 942 -36.97 14.44 -16.30
N ILE D 943 -37.82 13.57 -15.72
CA ILE D 943 -38.00 12.23 -16.26
C ILE D 943 -38.72 12.25 -17.60
N VAL D 944 -39.53 13.28 -17.84
CA VAL D 944 -40.44 13.30 -18.98
C VAL D 944 -39.69 13.41 -20.30
N ARG D 945 -38.49 13.99 -20.27
CA ARG D 945 -37.77 14.31 -21.49
C ARG D 945 -37.28 13.05 -22.21
N ARG D 946 -37.03 11.98 -21.46
CA ARG D 946 -36.37 10.81 -22.02
C ARG D 946 -37.28 10.04 -22.97
N MET D 947 -38.58 9.97 -22.65
CA MET D 947 -39.49 9.07 -23.35
C MET D 947 -39.74 9.52 -24.79
N MET D 948 -39.62 10.82 -25.05
CA MET D 948 -40.01 11.37 -26.35
C MET D 948 -39.03 10.96 -27.45
N LEU D 949 -37.75 10.75 -27.12
CA LEU D 949 -36.78 10.34 -28.12
C LEU D 949 -37.05 8.93 -28.62
N ASP D 950 -37.67 8.10 -27.79
CA ASP D 950 -37.98 6.71 -28.14
C ASP D 950 -39.15 6.58 -29.10
N LEU D 951 -39.87 7.68 -29.35
CA LEU D 951 -41.13 7.62 -30.06
C LEU D 951 -40.95 7.22 -31.52
N PHE D 952 -39.84 7.63 -32.15
CA PHE D 952 -39.49 7.20 -33.50
C PHE D 952 -39.47 5.69 -33.66
N PHE D 953 -38.71 5.00 -32.81
CA PHE D 953 -38.63 3.55 -32.86
C PHE D 953 -39.94 2.88 -32.43
N PHE D 954 -40.65 3.47 -31.47
CA PHE D 954 -41.92 2.91 -31.04
C PHE D 954 -42.96 2.97 -32.15
N MET D 955 -43.04 4.12 -32.83
CA MET D 955 -43.91 4.26 -33.98
C MET D 955 -43.44 3.44 -35.16
N PHE D 956 -42.14 3.18 -35.29
CA PHE D 956 -41.65 2.33 -36.36
C PHE D 956 -42.12 0.89 -36.19
N LEU D 957 -41.99 0.36 -34.96
CA LEU D 957 -42.42 -1.00 -34.70
C LEU D 957 -43.95 -1.12 -34.79
N LEU D 958 -44.65 -0.12 -34.27
CA LEU D 958 -46.11 -0.09 -34.40
C LEU D 958 -46.54 0.03 -35.86
N SER D 959 -45.75 0.74 -36.67
CA SER D 959 -46.07 0.94 -38.08
C SER D 959 -45.93 -0.35 -38.87
N ILE D 960 -44.85 -1.10 -38.60
CA ILE D 960 -44.66 -2.39 -39.26
C ILE D 960 -45.75 -3.37 -38.84
N TRP D 961 -46.12 -3.37 -37.55
CA TRP D 961 -47.20 -4.24 -37.10
C TRP D 961 -48.54 -3.85 -37.71
N VAL D 962 -48.78 -2.55 -37.89
CA VAL D 962 -50.06 -2.08 -38.40
C VAL D 962 -50.22 -2.45 -39.87
N VAL D 963 -49.17 -2.24 -40.66
CA VAL D 963 -49.25 -2.62 -42.07
C VAL D 963 -49.27 -4.13 -42.21
N ALA D 964 -48.69 -4.85 -41.24
CA ALA D 964 -48.75 -6.30 -41.26
C ALA D 964 -50.17 -6.81 -41.06
N TYR D 965 -50.87 -6.28 -40.07
CA TYR D 965 -52.26 -6.69 -39.86
C TYR D 965 -53.18 -6.23 -40.98
N GLY D 966 -52.89 -5.08 -41.59
CA GLY D 966 -53.70 -4.63 -42.72
C GLY D 966 -53.52 -5.51 -43.94
N VAL D 967 -52.28 -5.94 -44.21
CA VAL D 967 -52.04 -6.84 -45.32
C VAL D 967 -52.63 -8.22 -45.05
N ALA D 968 -52.60 -8.66 -43.78
CA ALA D 968 -53.21 -9.94 -43.45
C ALA D 968 -54.72 -9.89 -43.60
N LYS D 969 -55.33 -8.76 -43.22
CA LYS D 969 -56.77 -8.58 -43.37
C LYS D 969 -57.17 -8.50 -44.84
N GLN D 970 -56.36 -7.86 -45.68
CA GLN D 970 -56.69 -7.76 -47.08
C GLN D 970 -56.50 -9.09 -47.80
N GLY D 971 -55.45 -9.84 -47.44
CA GLY D 971 -55.29 -11.16 -48.00
C GLY D 971 -56.31 -12.16 -47.50
N ILE D 972 -56.81 -11.97 -46.28
CA ILE D 972 -57.85 -12.85 -45.76
C ILE D 972 -59.25 -12.42 -46.22
N LEU D 973 -59.35 -11.19 -46.71
CA LEU D 973 -60.61 -10.63 -47.22
C LEU D 973 -61.00 -11.30 -48.53
N ILE D 974 -62.31 -11.42 -48.77
CA ILE D 974 -62.80 -12.05 -49.98
C ILE D 974 -62.45 -11.34 -51.29
N GLU D 975 -62.56 -10.01 -51.30
CA GLU D 975 -62.27 -9.25 -52.52
C GLU D 975 -61.66 -7.85 -52.30
N ASN D 976 -60.95 -7.36 -53.31
CA ASN D 976 -60.33 -6.05 -53.28
C ASN D 976 -61.37 -4.93 -53.38
N GLU D 977 -61.06 -3.77 -52.79
CA GLU D 977 -61.99 -2.64 -52.80
C GLU D 977 -61.45 -1.38 -53.49
N GLU D 978 -62.26 -0.82 -54.38
CA GLU D 978 -61.92 0.40 -55.11
C GLU D 978 -62.38 1.67 -54.40
N ARG D 979 -62.77 1.58 -53.14
CA ARG D 979 -63.36 2.73 -52.45
C ARG D 979 -62.27 3.70 -52.01
N LEU D 980 -62.64 4.69 -51.20
CA LEU D 980 -61.68 5.59 -50.57
C LEU D 980 -61.70 5.49 -49.06
N ASN D 981 -62.85 5.68 -48.43
CA ASN D 981 -62.90 5.88 -46.99
C ASN D 981 -62.96 4.56 -46.23
N TRP D 982 -63.94 3.71 -46.56
CA TRP D 982 -64.16 2.50 -45.78
C TRP D 982 -63.08 1.45 -46.01
N ILE D 983 -62.47 1.44 -47.20
CA ILE D 983 -61.33 0.53 -47.43
C ILE D 983 -60.13 0.95 -46.58
N ILE D 984 -59.87 2.25 -46.47
CA ILE D 984 -58.74 2.70 -45.67
C ILE D 984 -59.05 2.53 -44.19
N ARG D 985 -60.31 2.65 -43.82
CA ARG D 985 -60.74 2.38 -42.45
C ARG D 985 -60.50 0.93 -42.07
N GLY D 986 -61.06 0.00 -42.86
CA GLY D 986 -60.83 -1.42 -42.63
C GLY D 986 -59.40 -1.86 -42.84
N ALA D 987 -58.59 -1.04 -43.54
CA ALA D 987 -57.19 -1.40 -43.75
C ALA D 987 -56.32 -1.00 -42.56
N VAL D 988 -56.49 0.23 -42.05
CA VAL D 988 -55.59 0.78 -41.06
C VAL D 988 -56.25 0.93 -39.69
N TYR D 989 -57.47 1.45 -39.64
CA TYR D 989 -58.09 1.78 -38.36
C TYR D 989 -58.61 0.55 -37.65
N GLU D 990 -59.20 -0.39 -38.40
CA GLU D 990 -59.64 -1.64 -37.82
C GLU D 990 -58.53 -2.50 -37.21
N PRO D 991 -57.30 -2.57 -37.75
CA PRO D 991 -56.22 -3.16 -36.94
C PRO D 991 -55.85 -2.33 -35.73
N TYR D 992 -56.04 -1.01 -35.77
CA TYR D 992 -55.65 -0.16 -34.65
C TYR D 992 -56.60 -0.31 -33.48
N ILE D 993 -57.89 -0.55 -33.76
CA ILE D 993 -58.84 -0.88 -32.72
C ILE D 993 -58.76 -2.34 -32.30
N THR D 994 -58.14 -3.19 -33.12
CA THR D 994 -58.00 -4.60 -32.79
C THR D 994 -56.98 -4.86 -31.70
N ILE D 995 -56.12 -3.89 -31.40
CA ILE D 995 -55.04 -4.05 -30.44
C ILE D 995 -55.16 -3.14 -29.23
N PHE D 996 -56.06 -2.17 -29.25
CA PHE D 996 -56.17 -1.21 -28.17
C PHE D 996 -56.83 -1.83 -26.95
N THR D 1033 -71.28 -18.19 -46.73
CA THR D 1033 -70.12 -18.80 -46.09
C THR D 1033 -68.82 -18.26 -46.67
N PRO D 1034 -67.84 -18.01 -45.80
CA PRO D 1034 -66.52 -17.64 -46.30
C PRO D 1034 -65.80 -18.84 -46.89
N VAL D 1035 -65.20 -18.64 -48.07
CA VAL D 1035 -64.46 -19.71 -48.72
C VAL D 1035 -63.17 -19.99 -47.97
N PHE D 1036 -62.58 -18.97 -47.37
CA PHE D 1036 -61.38 -19.12 -46.56
C PHE D 1036 -61.77 -19.51 -45.14
N PRO D 1037 -61.13 -20.52 -44.56
CA PRO D 1037 -61.56 -21.01 -43.24
C PRO D 1037 -61.18 -20.05 -42.13
N GLU D 1038 -62.14 -19.80 -41.24
CA GLU D 1038 -61.97 -18.80 -40.20
C GLU D 1038 -61.04 -19.25 -39.08
N TRP D 1039 -60.79 -20.55 -38.95
CA TRP D 1039 -59.84 -21.00 -37.94
C TRP D 1039 -58.41 -20.61 -38.32
N LEU D 1040 -58.10 -20.65 -39.61
CA LEU D 1040 -56.80 -20.19 -40.06
C LEU D 1040 -56.69 -18.69 -39.94
N THR D 1041 -57.82 -17.98 -40.11
CA THR D 1041 -57.88 -16.55 -39.89
C THR D 1041 -57.56 -16.20 -38.44
N ILE D 1042 -58.21 -16.88 -37.49
CA ILE D 1042 -57.99 -16.57 -36.09
C ILE D 1042 -56.63 -17.09 -35.61
N MET D 1043 -56.06 -18.10 -36.28
CA MET D 1043 -54.71 -18.53 -35.92
C MET D 1043 -53.66 -17.52 -36.37
N MET D 1044 -53.80 -17.00 -37.60
CA MET D 1044 -52.91 -15.93 -38.03
C MET D 1044 -53.13 -14.66 -37.22
N LEU D 1045 -54.37 -14.43 -36.75
CA LEU D 1045 -54.64 -13.29 -35.88
C LEU D 1045 -53.97 -13.46 -34.53
N CYS D 1046 -53.98 -14.68 -33.99
CA CYS D 1046 -53.30 -14.93 -32.72
C CYS D 1046 -51.80 -14.81 -32.86
N VAL D 1047 -51.26 -15.18 -34.03
CA VAL D 1047 -49.84 -14.99 -34.29
C VAL D 1047 -49.50 -13.50 -34.37
N TYR D 1048 -50.39 -12.71 -34.98
CA TYR D 1048 -50.22 -11.26 -35.01
C TYR D 1048 -50.26 -10.66 -33.61
N LEU D 1049 -51.17 -11.15 -32.76
CA LEU D 1049 -51.22 -10.62 -31.40
C LEU D 1049 -50.03 -11.05 -30.58
N LEU D 1050 -49.46 -12.24 -30.86
CA LEU D 1050 -48.22 -12.65 -30.19
C LEU D 1050 -47.07 -11.73 -30.56
N PHE D 1051 -46.90 -11.43 -31.85
CA PHE D 1051 -45.82 -10.55 -32.28
C PHE D 1051 -46.05 -9.12 -31.79
N ALA D 1052 -47.31 -8.67 -31.77
CA ALA D 1052 -47.61 -7.31 -31.35
C ALA D 1052 -47.41 -7.14 -29.85
N ASN D 1053 -47.78 -8.16 -29.06
CA ASN D 1053 -47.51 -8.12 -27.64
C ASN D 1053 -46.02 -8.21 -27.34
N ILE D 1054 -45.26 -8.91 -28.19
CA ILE D 1054 -43.81 -8.95 -28.05
C ILE D 1054 -43.22 -7.57 -28.28
N LEU D 1055 -43.65 -6.89 -29.36
CA LEU D 1055 -43.13 -5.55 -29.65
C LEU D 1055 -43.56 -4.55 -28.59
N LEU D 1056 -44.78 -4.68 -28.07
CA LEU D 1056 -45.26 -3.78 -27.04
C LEU D 1056 -44.53 -4.00 -25.72
N LEU D 1057 -44.22 -5.24 -25.38
CA LEU D 1057 -43.49 -5.52 -24.15
C LEU D 1057 -42.05 -5.03 -24.26
N ASN D 1058 -41.44 -5.15 -25.46
CA ASN D 1058 -40.10 -4.61 -25.65
C ASN D 1058 -40.10 -3.09 -25.57
N LEU D 1059 -41.15 -2.45 -26.09
CA LEU D 1059 -41.29 -1.00 -25.94
C LEU D 1059 -41.50 -0.61 -24.49
N LEU D 1060 -42.21 -1.45 -23.72
CA LEU D 1060 -42.43 -1.15 -22.30
C LEU D 1060 -41.15 -1.25 -21.50
N ILE D 1061 -40.34 -2.29 -21.76
CA ILE D 1061 -39.08 -2.42 -21.02
C ILE D 1061 -38.08 -1.36 -21.49
N ALA D 1062 -38.16 -0.96 -22.76
CA ALA D 1062 -37.35 0.17 -23.22
C ALA D 1062 -37.79 1.49 -22.60
N ILE D 1063 -39.08 1.60 -22.26
CA ILE D 1063 -39.55 2.79 -21.55
C ILE D 1063 -39.07 2.75 -20.10
N PHE D 1064 -39.06 1.56 -19.49
CA PHE D 1064 -38.63 1.45 -18.10
C PHE D 1064 -37.13 1.64 -17.95
N ASN D 1065 -36.36 1.32 -18.99
CA ASN D 1065 -34.93 1.60 -18.94
C ASN D 1065 -34.66 3.09 -19.10
N TYR D 1066 -35.52 3.79 -19.82
CA TYR D 1066 -35.37 5.23 -20.01
C TYR D 1066 -35.98 5.99 -18.84
N ASP D 1073 -28.48 11.65 -8.68
CA ASP D 1073 -27.49 12.57 -8.13
C ASP D 1073 -27.50 13.90 -8.87
N ASN D 1074 -27.95 13.85 -10.13
CA ASN D 1074 -27.96 15.03 -10.96
C ASN D 1074 -29.10 15.97 -10.59
N THR D 1075 -30.25 15.38 -10.29
CA THR D 1075 -31.52 16.07 -10.43
C THR D 1075 -31.74 17.09 -9.33
N ASP D 1076 -31.30 16.78 -8.11
CA ASP D 1076 -31.43 17.75 -7.01
C ASP D 1076 -30.54 18.95 -7.23
N THR D 1077 -29.34 18.73 -7.78
CA THR D 1077 -28.46 19.84 -8.12
C THR D 1077 -29.07 20.71 -9.21
N ILE D 1078 -29.71 20.07 -10.20
CA ILE D 1078 -30.37 20.84 -11.26
C ILE D 1078 -31.58 21.59 -10.70
N TRP D 1079 -32.24 21.03 -9.69
CA TRP D 1079 -33.32 21.73 -9.01
C TRP D 1079 -32.81 22.98 -8.30
N LYS D 1080 -31.67 22.87 -7.63
CA LYS D 1080 -31.00 24.05 -7.08
C LYS D 1080 -30.63 25.02 -8.19
N PHE D 1081 -30.25 24.49 -9.35
CA PHE D 1081 -29.77 25.30 -10.46
C PHE D 1081 -30.90 26.09 -11.11
N GLN D 1082 -32.15 25.67 -10.96
CA GLN D 1082 -33.28 26.49 -11.40
C GLN D 1082 -33.95 27.27 -10.28
N ARG D 1083 -33.63 26.95 -9.03
CA ARG D 1083 -34.24 27.64 -7.91
C ARG D 1083 -33.91 29.14 -7.92
N TYR D 1084 -32.74 29.52 -8.42
CA TYR D 1084 -32.42 30.94 -8.55
C TYR D 1084 -33.30 31.62 -9.58
N GLU D 1085 -33.57 30.94 -10.70
CA GLU D 1085 -34.44 31.53 -11.72
C GLU D 1085 -35.84 31.73 -11.16
N LEU D 1086 -36.28 30.82 -10.30
CA LEU D 1086 -37.54 31.00 -9.59
C LEU D 1086 -37.53 32.25 -8.70
N ILE D 1087 -36.48 32.39 -7.88
CA ILE D 1087 -36.48 33.48 -6.92
C ILE D 1087 -36.29 34.82 -7.62
N LYS D 1088 -35.57 34.83 -8.75
CA LYS D 1088 -35.48 36.05 -9.54
C LYS D 1088 -36.82 36.41 -10.15
N GLU D 1089 -37.54 35.41 -10.69
CA GLU D 1089 -38.82 35.68 -11.33
C GLU D 1089 -39.86 36.17 -10.33
N TYR D 1090 -39.78 35.75 -9.07
CA TYR D 1090 -40.76 36.21 -8.10
C TYR D 1090 -40.19 37.22 -7.13
N HIS D 1091 -38.99 37.72 -7.39
CA HIS D 1091 -38.55 38.93 -6.73
C HIS D 1091 -38.64 40.14 -7.63
N SER D 1092 -38.50 39.94 -8.94
CA SER D 1092 -38.56 41.05 -9.87
C SER D 1092 -39.96 41.63 -9.95
N ARG D 1093 -40.95 40.79 -9.87
CA ARG D 1093 -42.30 41.27 -10.05
C ARG D 1093 -42.81 41.91 -8.77
N PRO D 1094 -43.52 43.04 -8.87
CA PRO D 1094 -44.07 43.67 -7.68
C PRO D 1094 -45.24 42.86 -7.14
N ALA D 1095 -45.58 43.14 -5.89
CA ALA D 1095 -46.56 42.35 -5.15
C ALA D 1095 -47.96 42.87 -5.43
N LEU D 1096 -48.59 42.33 -6.48
CA LEU D 1096 -49.97 42.62 -6.85
C LEU D 1096 -50.46 41.50 -7.74
N PRO D 1097 -51.73 41.12 -7.67
CA PRO D 1097 -52.27 40.16 -8.64
C PRO D 1097 -52.39 40.81 -10.00
N PRO D 1098 -52.48 40.02 -11.09
CA PRO D 1098 -52.47 40.60 -12.47
C PRO D 1098 -53.51 41.69 -12.75
N PRO D 1099 -54.79 41.61 -12.29
CA PRO D 1099 -55.65 42.79 -12.50
C PRO D 1099 -55.29 43.99 -11.64
N PHE D 1100 -54.44 43.81 -10.62
CA PHE D 1100 -53.88 44.92 -9.88
C PHE D 1100 -52.42 45.19 -10.23
N ILE D 1101 -51.71 44.20 -10.78
CA ILE D 1101 -50.35 44.48 -11.22
C ILE D 1101 -50.38 45.25 -12.54
N LEU D 1102 -51.48 45.22 -13.27
CA LEU D 1102 -51.61 46.13 -14.40
C LEU D 1102 -51.68 47.59 -13.94
N LEU D 1103 -52.45 47.84 -12.88
CA LEU D 1103 -52.46 49.14 -12.22
C LEU D 1103 -51.09 49.53 -11.69
N SER D 1104 -50.41 48.58 -11.03
CA SER D 1104 -49.08 48.86 -10.52
C SER D 1104 -48.08 49.10 -11.64
N HIS D 1105 -48.28 48.46 -12.79
CA HIS D 1105 -47.47 48.75 -13.96
C HIS D 1105 -47.76 50.14 -14.49
N LEU D 1106 -49.00 50.59 -14.41
CA LEU D 1106 -49.33 51.95 -14.80
C LEU D 1106 -48.65 52.96 -13.89
N ILE D 1107 -48.67 52.69 -12.58
CA ILE D 1107 -48.04 53.60 -11.62
C ILE D 1107 -46.53 53.60 -11.80
N LEU D 1108 -45.96 52.42 -12.06
CA LEU D 1108 -44.54 52.33 -12.36
C LEU D 1108 -44.20 52.99 -13.67
N PHE D 1109 -45.14 53.00 -14.64
CA PHE D 1109 -44.90 53.72 -15.87
C PHE D 1109 -44.94 55.22 -15.65
N ILE D 1110 -45.77 55.68 -14.73
CA ILE D 1110 -45.78 57.08 -14.35
C ILE D 1110 -44.44 57.47 -13.69
N ARG D 1111 -43.93 56.60 -12.81
CA ARG D 1111 -42.65 56.87 -12.16
C ARG D 1111 -41.50 56.81 -13.17
N GLY D 1112 -41.57 55.90 -14.14
CA GLY D 1112 -40.52 55.82 -15.14
C GLY D 1112 -40.56 56.92 -16.16
N VAL D 1113 -41.77 57.40 -16.51
CA VAL D 1113 -41.89 58.55 -17.39
C VAL D 1113 -41.46 59.81 -16.67
N PHE D 1114 -41.65 59.86 -15.35
CA PHE D 1114 -41.04 60.91 -14.55
C PHE D 1114 -39.53 60.82 -14.56
N LEU D 1115 -38.99 59.60 -14.64
CA LEU D 1115 -37.56 59.28 -14.64
C LEU D 1115 -36.82 59.85 -13.42
N ARG D 1121 -34.16 50.19 -9.12
CA ARG D 1121 -32.96 49.64 -8.54
C ARG D 1121 -33.30 48.52 -7.56
N HIS D 1122 -32.30 47.70 -7.23
CA HIS D 1122 -32.48 46.64 -6.26
C HIS D 1122 -31.18 46.44 -5.49
N LYS D 1123 -31.24 46.64 -4.18
CA LYS D 1123 -30.11 46.41 -3.31
C LYS D 1123 -30.05 44.98 -2.80
N ASN D 1124 -30.86 44.10 -3.38
CA ASN D 1124 -30.94 42.74 -2.87
C ASN D 1124 -29.68 41.94 -3.23
N PHE D 1125 -29.14 42.16 -4.42
CA PHE D 1125 -28.09 41.29 -4.94
C PHE D 1125 -26.75 42.00 -5.09
N ARG D 1126 -26.70 43.07 -5.87
CA ARG D 1126 -25.45 43.72 -6.20
C ARG D 1126 -25.22 44.85 -5.22
N GLN D 1127 -24.21 44.71 -4.39
CA GLN D 1127 -23.90 45.73 -3.41
C GLN D 1127 -22.47 46.18 -3.58
N GLU D 1128 -22.23 47.44 -3.22
CA GLU D 1128 -20.93 48.06 -3.31
C GLU D 1128 -20.62 48.64 -1.93
N LEU D 1129 -19.36 48.63 -1.55
CA LEU D 1129 -19.01 48.92 -0.17
C LEU D 1129 -18.10 50.13 -0.09
N GLU D 1130 -17.87 50.57 1.15
CA GLU D 1130 -16.82 51.53 1.40
C GLU D 1130 -15.47 50.89 1.20
N GLN D 1131 -14.44 51.75 1.09
CA GLN D 1131 -13.09 51.25 0.87
C GLN D 1131 -12.59 50.46 2.07
N THR D 1132 -12.96 50.91 3.27
CA THR D 1132 -12.43 50.32 4.50
C THR D 1132 -12.96 48.91 4.71
N GLU D 1133 -14.27 48.75 4.51
CA GLU D 1133 -14.90 47.46 4.67
C GLU D 1133 -14.36 46.45 3.68
N GLU D 1134 -14.14 46.88 2.45
CA GLU D 1134 -13.62 45.97 1.45
C GLU D 1134 -12.17 45.62 1.72
N GLU D 1135 -11.41 46.55 2.30
CA GLU D 1135 -10.01 46.27 2.63
C GLU D 1135 -9.91 45.20 3.71
N GLU D 1136 -10.68 45.38 4.80
CA GLU D 1136 -10.73 44.36 5.85
C GLU D 1136 -11.24 43.03 5.31
N LEU D 1137 -12.21 43.09 4.41
CA LEU D 1137 -12.82 41.86 3.94
C LEU D 1137 -11.87 41.09 3.04
N LEU D 1138 -11.08 41.79 2.23
CA LEU D 1138 -10.08 41.12 1.41
C LEU D 1138 -8.99 40.52 2.28
N SER D 1139 -8.60 41.21 3.36
CA SER D 1139 -7.58 40.62 4.23
C SER D 1139 -8.08 39.36 4.90
N TRP D 1140 -9.34 39.35 5.31
CA TRP D 1140 -9.93 38.16 5.90
C TRP D 1140 -10.03 37.03 4.88
N GLU D 1141 -10.32 37.40 3.63
CA GLU D 1141 -10.30 36.44 2.54
C GLU D 1141 -8.94 35.79 2.40
N ALA D 1142 -7.89 36.60 2.36
CA ALA D 1142 -6.55 36.09 2.11
C ALA D 1142 -6.10 35.17 3.24
N TYR D 1143 -6.47 35.52 4.47
CA TYR D 1143 -6.15 34.65 5.59
C TYR D 1143 -6.85 33.31 5.46
N MET D 1144 -8.12 33.32 5.04
CA MET D 1144 -8.80 32.06 4.87
C MET D 1144 -8.24 31.26 3.71
N LYS D 1145 -7.77 31.93 2.66
CA LYS D 1145 -7.18 31.20 1.54
C LYS D 1145 -5.91 30.50 1.98
N ASP D 1146 -5.11 31.18 2.78
CA ASP D 1146 -3.88 30.57 3.27
C ASP D 1146 -4.19 29.39 4.17
N ASN D 1147 -5.23 29.51 4.99
CA ASN D 1147 -5.61 28.41 5.87
C ASN D 1147 -6.06 27.20 5.07
N TYR D 1148 -6.93 27.41 4.09
CA TYR D 1148 -7.40 26.31 3.24
C TYR D 1148 -6.26 25.65 2.49
N LEU D 1149 -5.34 26.47 1.97
CA LEU D 1149 -4.28 25.92 1.15
C LEU D 1149 -3.32 25.11 1.98
N ALA D 1150 -3.01 25.58 3.19
CA ALA D 1150 -2.19 24.79 4.09
C ALA D 1150 -2.88 23.51 4.52
N SER D 1151 -4.22 23.55 4.65
CA SER D 1151 -4.96 22.35 5.01
C SER D 1151 -4.86 21.29 3.94
N THR D 1152 -5.02 21.70 2.68
CA THR D 1152 -4.90 20.72 1.60
C THR D 1152 -3.48 20.22 1.43
N ARG D 1153 -2.49 21.09 1.68
CA ARG D 1153 -1.11 20.62 1.64
C ARG D 1153 -0.85 19.58 2.70
N GLN D 1154 -1.37 19.78 3.90
CA GLN D 1154 -1.11 18.82 4.96
C GLN D 1154 -1.81 17.51 4.69
N ASP D 1155 -3.06 17.56 4.25
CA ASP D 1155 -3.75 16.31 3.98
C ASP D 1155 -3.25 15.64 2.72
N GLU D 1156 -2.48 16.33 1.89
CA GLU D 1156 -1.73 15.62 0.88
C GLU D 1156 -0.65 14.75 1.51
N SER D 1157 0.11 15.32 2.43
CA SER D 1157 1.33 14.66 2.89
C SER D 1157 1.09 13.67 4.01
N GLN D 1158 -0.13 13.15 4.15
CA GLN D 1158 -0.34 11.93 4.91
C GLN D 1158 -1.06 10.87 4.10
N SER D 1159 -1.40 11.16 2.84
CA SER D 1159 -1.96 10.15 1.97
C SER D 1159 -0.95 9.06 1.72
N VAL D 1160 -1.38 7.80 1.90
CA VAL D 1160 -0.46 6.68 1.97
C VAL D 1160 0.24 6.43 0.64
N GLU D 1161 -0.35 6.87 -0.46
CA GLU D 1161 0.33 6.82 -1.73
C GLU D 1161 1.55 7.73 -1.72
N HIS D 1162 1.38 8.93 -1.19
CA HIS D 1162 2.53 9.81 -1.04
C HIS D 1162 3.53 9.27 -0.04
N ARG D 1163 3.06 8.54 0.97
CA ARG D 1163 3.96 8.00 1.97
C ARG D 1163 4.84 6.91 1.38
N ILE D 1164 4.25 6.01 0.60
CA ILE D 1164 5.05 4.94 0.02
C ILE D 1164 5.99 5.50 -1.02
N HIS D 1165 5.59 6.58 -1.70
CA HIS D 1165 6.49 7.24 -2.63
C HIS D 1165 7.69 7.86 -1.92
N ASP D 1166 7.44 8.49 -0.77
CA ASP D 1166 8.50 9.11 0.01
C ASP D 1166 9.49 8.07 0.51
N THR D 1167 8.98 6.95 1.00
CA THR D 1167 9.85 5.91 1.49
C THR D 1167 10.68 5.31 0.36
N ALA D 1168 10.10 5.22 -0.83
CA ALA D 1168 10.87 4.75 -1.98
C ALA D 1168 12.04 5.67 -2.27
N GLU D 1169 11.79 6.97 -2.24
CA GLU D 1169 12.85 7.93 -2.53
C GLU D 1169 13.96 7.88 -1.48
N LYS D 1170 13.59 7.87 -0.21
CA LYS D 1170 14.63 7.89 0.82
C LYS D 1170 15.39 6.59 0.90
N VAL D 1171 14.73 5.45 0.67
CA VAL D 1171 15.47 4.20 0.74
C VAL D 1171 16.40 4.07 -0.45
N GLY D 1172 16.02 4.61 -1.61
CA GLY D 1172 16.96 4.67 -2.71
C GLY D 1172 18.18 5.51 -2.39
N ALA D 1173 17.97 6.63 -1.69
CA ALA D 1173 19.10 7.45 -1.26
C ALA D 1173 19.97 6.70 -0.24
N MET D 1174 19.32 5.93 0.63
CA MET D 1174 20.03 5.15 1.63
C MET D 1174 20.92 4.11 0.95
N SER D 1175 20.39 3.48 -0.10
CA SER D 1175 21.16 2.49 -0.84
C SER D 1175 22.37 3.11 -1.50
N GLU D 1176 22.18 4.27 -2.13
CA GLU D 1176 23.30 4.95 -2.78
C GLU D 1176 24.37 5.37 -1.77
N LEU D 1177 23.93 5.90 -0.62
CA LEU D 1177 24.87 6.37 0.40
C LEU D 1177 25.67 5.22 0.99
N LEU D 1178 25.00 4.13 1.36
CA LEU D 1178 25.73 3.03 1.96
C LEU D 1178 26.55 2.29 0.93
N GLU D 1179 26.16 2.34 -0.35
CA GLU D 1179 27.00 1.80 -1.40
C GLU D 1179 28.32 2.57 -1.49
N ARG D 1180 28.24 3.90 -1.50
CA ARG D 1180 29.47 4.69 -1.55
C ARG D 1180 30.29 4.56 -0.28
N GLU D 1181 29.64 4.38 0.88
CA GLU D 1181 30.38 4.31 2.14
C GLU D 1181 31.07 2.95 2.28
N GLN D 1182 30.41 1.87 1.90
CA GLN D 1182 31.05 0.57 1.88
C GLN D 1182 32.09 0.47 0.78
N GLU D 1183 31.95 1.26 -0.28
CA GLU D 1183 33.02 1.37 -1.25
C GLU D 1183 34.20 2.18 -0.70
N MET D 1184 33.95 3.06 0.26
CA MET D 1184 35.02 3.89 0.79
C MET D 1184 35.88 3.15 1.81
N VAL D 1185 35.26 2.59 2.84
CA VAL D 1185 36.01 1.90 3.88
C VAL D 1185 35.60 0.43 3.92
N UNK D 1186 46.32 -1.56 10.02
CA UNK D 1186 46.98 -1.92 11.27
C UNK D 1186 48.39 -2.47 11.00
N UNK D 1187 48.81 -2.41 9.75
CA UNK D 1187 50.16 -2.83 9.38
C UNK D 1187 51.16 -1.77 9.80
N UNK D 1188 50.68 -0.53 9.91
CA UNK D 1188 51.48 0.57 10.40
C UNK D 1188 51.80 0.38 11.88
N UNK D 1189 50.84 -0.21 12.61
CA UNK D 1189 51.03 -0.54 14.02
C UNK D 1189 52.11 -1.59 14.21
N UNK D 1190 52.08 -2.60 13.35
CA UNK D 1190 53.09 -3.66 13.35
C UNK D 1190 54.45 -3.12 12.94
N UNK D 1191 54.45 -2.16 12.01
CA UNK D 1191 55.67 -1.48 11.59
C UNK D 1191 56.29 -0.67 12.73
N UNK D 1192 55.43 0.03 13.48
CA UNK D 1192 55.85 0.81 14.64
C UNK D 1192 56.40 -0.08 15.75
N UNK D 1193 55.75 -1.22 15.95
CA UNK D 1193 56.22 -2.22 16.92
C UNK D 1193 57.58 -2.81 16.52
N UNK D 1194 57.74 -3.08 15.22
CA UNK D 1194 59.00 -3.60 14.68
C UNK D 1194 60.13 -2.59 14.86
N UNK D 1195 59.83 -1.33 14.56
CA UNK D 1195 60.77 -0.24 14.72
C UNK D 1195 61.15 -0.03 16.18
N UNK D 1196 60.19 -0.14 17.10
CA UNK D 1196 60.46 0.02 18.53
C UNK D 1196 61.26 -1.14 19.09
N UNK D 1197 61.04 -2.34 18.55
CA UNK D 1197 61.83 -3.51 18.94
C UNK D 1197 63.28 -3.35 18.47
N UNK D 1198 63.43 -2.85 17.24
CA UNK D 1198 64.73 -2.53 16.69
C UNK D 1198 65.44 -1.44 17.51
N UNK D 1199 64.66 -0.45 17.97
CA UNK D 1199 65.18 0.63 18.79
C UNK D 1199 65.61 0.14 20.16
N UNK D 1200 64.84 -0.80 20.71
CA UNK D 1200 65.15 -1.47 21.96
C UNK D 1200 66.46 -2.23 21.85
N UNK D 1201 66.62 -2.95 20.74
CA UNK D 1201 67.84 -3.69 20.44
C UNK D 1201 69.06 -2.77 20.28
N UNK D 1202 68.86 -1.65 19.58
CA UNK D 1202 69.93 -0.69 19.33
C UNK D 1202 70.31 0.08 20.60
N UNK D 1203 69.36 0.25 21.51
CA UNK D 1203 69.61 0.91 22.78
C UNK D 1203 70.25 -0.07 23.76
N UNK D 1204 69.93 -1.35 23.60
CA UNK D 1204 70.51 -2.41 24.40
C UNK D 1204 71.93 -2.69 23.94
N UNK D 1205 72.20 -2.33 22.70
CA UNK D 1205 73.55 -2.36 22.16
C UNK D 1205 74.28 -1.06 22.51
N UNK D 1206 73.51 -0.06 22.95
CA UNK D 1206 74.08 1.26 23.24
C UNK D 1206 74.52 1.40 24.69
N UNK D 1207 75.28 0.42 25.17
CA UNK D 1207 75.78 0.43 26.55
C UNK D 1207 77.26 0.80 26.58
N ASP D 1208 56.56 30.06 0.52
CA ASP D 1208 56.40 31.48 0.22
C ASP D 1208 55.93 31.70 -1.21
N GLU D 1209 55.80 32.96 -1.60
CA GLU D 1209 55.37 33.33 -2.95
C GLU D 1209 56.41 34.28 -3.54
N GLU D 1210 57.01 33.87 -4.65
CA GLU D 1210 57.99 34.68 -5.36
C GLU D 1210 57.62 34.76 -6.83
N ALA D 1211 58.02 35.85 -7.47
CA ALA D 1211 57.68 36.08 -8.87
C ALA D 1211 58.88 35.76 -9.74
N PRO D 1212 58.83 34.69 -10.55
CA PRO D 1212 59.93 34.42 -11.49
C PRO D 1212 59.88 35.34 -12.70
N HIS D 1213 60.72 35.07 -13.69
CA HIS D 1213 60.62 35.78 -14.96
C HIS D 1213 59.31 35.46 -15.66
N MET D 1214 59.08 34.17 -15.96
CA MET D 1214 57.83 33.58 -16.44
C MET D 1214 57.43 34.04 -17.84
N PHE D 1215 58.18 34.96 -18.44
CA PHE D 1215 58.03 35.42 -19.81
C PHE D 1215 59.30 35.13 -20.60
N ALA D 1216 60.45 35.51 -20.03
CA ALA D 1216 61.72 34.90 -20.38
C ALA D 1216 61.65 33.38 -20.24
N ARG D 1217 60.97 32.90 -19.19
CA ARG D 1217 60.70 31.48 -19.08
C ARG D 1217 59.69 31.02 -20.11
N GLN D 1218 58.76 31.88 -20.49
CA GLN D 1218 57.78 31.50 -21.50
C GLN D 1218 58.41 31.58 -22.89
N LEU D 1219 57.62 31.16 -23.88
CA LEU D 1219 57.88 31.51 -25.28
C LEU D 1219 57.24 32.85 -25.62
N GLN D 1220 57.55 33.83 -24.78
CA GLN D 1220 56.93 35.16 -24.81
C GLN D 1220 57.93 36.08 -25.47
N TYR D 1221 57.65 36.42 -26.72
CA TYR D 1221 58.50 37.21 -27.59
C TYR D 1221 57.55 37.93 -28.54
N PRO D 1222 57.99 39.05 -29.16
CA PRO D 1222 57.04 39.83 -29.97
C PRO D 1222 56.58 39.21 -31.29
N ASP D 1223 55.83 38.10 -31.20
CA ASP D 1223 54.82 37.68 -32.18
C ASP D 1223 55.39 37.45 -33.58
N SER D 1224 56.26 36.45 -33.66
CA SER D 1224 56.68 35.90 -34.94
C SER D 1224 56.20 34.45 -35.00
N THR D 1225 56.35 33.85 -36.17
CA THR D 1225 55.82 32.51 -36.37
C THR D 1225 56.65 31.43 -35.70
N VAL D 1226 57.92 31.73 -35.38
CA VAL D 1226 58.84 30.73 -34.85
C VAL D 1226 58.39 30.29 -33.47
N ARG D 1227 58.49 29.00 -33.21
CA ARG D 1227 58.43 28.54 -31.84
C ARG D 1227 59.68 29.03 -31.13
N ARG D 1228 59.51 29.74 -30.02
CA ARG D 1228 60.63 30.32 -29.29
C ARG D 1228 61.38 29.23 -28.53
N PHE D 1229 62.32 29.63 -27.68
CA PHE D 1229 62.90 28.69 -26.73
C PHE D 1229 62.43 29.09 -25.33
N PRO D 1230 61.30 28.53 -24.87
CA PRO D 1230 60.88 28.80 -23.50
C PRO D 1230 61.76 28.03 -22.52
N VAL D 1231 62.12 28.69 -21.41
CA VAL D 1231 63.21 28.25 -20.56
C VAL D 1231 62.65 27.81 -19.20
N PRO D 1232 63.15 26.75 -18.58
CA PRO D 1232 62.77 26.46 -17.20
C PRO D 1232 63.25 27.54 -16.25
N GLU D 1233 62.51 27.75 -15.16
CA GLU D 1233 62.71 28.95 -14.36
C GLU D 1233 63.96 28.88 -13.48
N GLU D 1234 64.42 27.67 -13.13
CA GLU D 1234 65.75 27.55 -12.55
C GLU D 1234 66.84 27.65 -13.61
N LYS D 1235 66.52 27.34 -14.87
CA LYS D 1235 67.43 27.56 -15.97
C LYS D 1235 67.35 28.99 -16.50
N VAL D 1236 66.20 29.65 -16.26
CA VAL D 1236 66.13 31.10 -16.35
C VAL D 1236 67.14 31.75 -15.42
N SER D 1237 67.26 31.23 -14.21
CA SER D 1237 68.31 31.65 -13.29
C SER D 1237 69.66 31.29 -13.90
N TRP D 1238 70.45 32.32 -14.23
CA TRP D 1238 71.65 32.15 -15.05
C TRP D 1238 72.77 31.38 -14.35
N GLU D 1239 72.66 31.14 -13.05
CA GLU D 1239 73.62 30.25 -12.39
C GLU D 1239 73.43 28.81 -12.84
N VAL D 1240 72.21 28.29 -12.74
CA VAL D 1240 71.93 26.94 -13.19
C VAL D 1240 71.67 26.99 -14.68
N ASN D 1241 72.73 26.95 -15.48
CA ASN D 1241 72.59 27.04 -16.92
C ASN D 1241 72.07 25.73 -17.49
N PHE D 1242 71.38 25.84 -18.62
CA PHE D 1242 70.89 24.69 -19.35
C PHE D 1242 71.83 24.34 -20.51
N SER D 1243 71.72 23.10 -20.99
CA SER D 1243 72.57 22.62 -22.07
C SER D 1243 72.17 23.09 -23.48
N PRO D 1244 70.90 22.84 -24.01
CA PRO D 1244 70.70 22.97 -25.47
C PRO D 1244 70.89 24.35 -26.08
N TYR D 1245 70.10 25.34 -25.66
CA TYR D 1245 70.14 26.72 -26.12
C TYR D 1245 70.09 26.80 -27.65
N GLN D 1246 68.93 26.44 -28.19
CA GLN D 1246 68.71 26.54 -29.63
C GLN D 1246 67.67 27.62 -29.90
N PRO D 1247 68.05 28.89 -29.93
CA PRO D 1247 67.07 29.97 -29.96
C PRO D 1247 66.59 30.22 -31.38
N PRO D 1248 65.55 31.02 -31.53
CA PRO D 1248 65.38 31.76 -32.78
C PRO D 1248 66.39 32.89 -32.81
N VAL D 1249 67.61 32.58 -33.22
CA VAL D 1249 68.72 33.51 -33.06
C VAL D 1249 68.65 34.53 -34.18
N TYR D 1250 67.87 35.58 -33.96
CA TYR D 1250 67.66 36.64 -34.95
C TYR D 1250 67.00 37.81 -34.25
N ASN D 1251 67.03 38.96 -34.92
CA ASN D 1251 66.24 40.12 -34.52
C ASN D 1251 64.88 39.99 -35.21
N GLN D 1252 64.08 39.06 -34.69
CA GLN D 1252 62.83 38.65 -35.31
C GLN D 1252 61.77 39.74 -35.25
N LYS D 1265 74.75 39.46 -26.90
CA LYS D 1265 75.81 40.32 -26.38
C LYS D 1265 75.67 40.54 -24.89
N HIS D 1266 74.67 39.92 -24.28
CA HIS D 1266 74.42 40.07 -22.85
C HIS D 1266 73.58 38.91 -22.35
N ARG D 1267 73.52 38.80 -21.03
CA ARG D 1267 72.53 37.97 -20.34
C ARG D 1267 71.61 38.91 -19.56
N ASN D 1268 70.33 38.56 -19.50
CA ASN D 1268 69.33 39.44 -18.92
C ASN D 1268 69.33 39.32 -17.40
N PRO D 1269 69.54 40.42 -16.67
CA PRO D 1269 69.37 40.39 -15.21
C PRO D 1269 67.90 40.33 -14.84
N GLY D 1270 67.56 39.40 -13.95
CA GLY D 1270 66.19 38.96 -13.72
C GLY D 1270 65.95 37.57 -14.27
N GLY D 1271 66.72 37.17 -15.25
CA GLY D 1271 66.82 35.77 -15.62
C GLY D 1271 67.16 35.61 -17.09
N ARG D 1272 67.65 34.42 -17.43
CA ARG D 1272 67.96 34.10 -18.81
C ARG D 1272 66.68 33.93 -19.61
N THR D 1273 66.68 34.46 -20.83
CA THR D 1273 65.53 34.37 -21.70
C THR D 1273 65.59 33.19 -22.64
N GLY D 1274 66.80 32.74 -22.98
CA GLY D 1274 66.98 31.69 -23.95
C GLY D 1274 66.97 32.14 -25.39
N ILE D 1275 66.63 33.39 -25.65
CA ILE D 1275 66.44 33.89 -27.01
C ILE D 1275 67.66 34.71 -27.39
N ARG D 1276 68.42 34.23 -28.36
CA ARG D 1276 69.48 35.01 -28.95
C ARG D 1276 68.91 35.93 -30.02
N GLY D 1277 69.59 37.03 -30.28
CA GLY D 1277 69.12 38.00 -31.23
C GLY D 1277 68.38 39.14 -30.56
N LYS D 1278 68.31 40.27 -31.27
CA LYS D 1278 67.77 41.50 -30.70
C LYS D 1278 66.26 41.43 -30.50
N GLY D 1279 65.57 40.56 -31.24
CA GLY D 1279 64.12 40.51 -31.14
C GLY D 1279 63.52 41.74 -31.79
N ALA D 1280 62.52 42.33 -31.12
CA ALA D 1280 61.88 43.56 -31.59
C ALA D 1280 62.10 44.72 -30.63
N LEU D 1281 63.28 44.80 -30.03
CA LEU D 1281 63.57 45.80 -29.03
C LEU D 1281 64.49 46.89 -29.59
N ASN D 1282 64.78 47.89 -28.76
CA ASN D 1282 65.44 49.10 -29.24
C ASN D 1282 66.94 48.88 -29.43
N THR D 1283 67.65 48.57 -28.35
CA THR D 1283 69.09 48.38 -28.42
C THR D 1283 69.49 47.25 -27.48
N LEU D 1284 70.78 46.93 -27.48
CA LEU D 1284 71.30 45.88 -26.63
C LEU D 1284 71.33 46.35 -25.18
N GLY D 1285 71.29 45.38 -24.26
CA GLY D 1285 71.24 45.69 -22.85
C GLY D 1285 69.86 46.14 -22.43
N PRO D 1286 69.81 47.14 -21.54
CA PRO D 1286 68.51 47.70 -21.15
C PRO D 1286 68.01 48.74 -22.15
N ASN D 1287 66.72 48.68 -22.43
CA ASN D 1287 66.03 49.67 -23.24
C ASN D 1287 65.08 50.43 -22.32
N HIS D 1288 65.35 51.70 -22.12
CA HIS D 1288 64.72 52.44 -21.03
C HIS D 1288 63.46 53.15 -21.49
N ILE D 1289 62.49 53.22 -20.58
CA ILE D 1289 61.22 53.88 -20.83
C ILE D 1289 60.88 54.71 -19.59
N LEU D 1290 60.08 55.77 -19.77
CA LEU D 1290 59.72 56.68 -18.69
C LEU D 1290 58.21 56.72 -18.51
N HIS D 1291 57.74 56.52 -17.29
CA HIS D 1291 56.31 56.51 -17.00
C HIS D 1291 55.94 57.59 -15.99
N PRO D 1292 55.17 58.60 -16.38
CA PRO D 1292 54.64 59.55 -15.40
C PRO D 1292 53.33 59.12 -14.76
N ILE D 1293 53.28 59.12 -13.43
CA ILE D 1293 52.02 59.06 -12.69
C ILE D 1293 51.73 60.45 -12.15
N PHE D 1294 50.61 61.03 -12.54
CA PHE D 1294 50.22 62.36 -12.10
C PHE D 1294 49.05 62.22 -11.14
N THR D 1295 49.31 62.41 -9.85
CA THR D 1295 48.30 62.21 -8.82
C THR D 1295 47.76 63.55 -8.32
N ARG D 1296 46.44 63.65 -8.25
CA ARG D 1296 45.72 64.75 -7.62
C ARG D 1296 44.71 64.18 -6.64
N TRP D 1297 44.01 65.05 -5.93
CA TRP D 1297 42.96 64.62 -5.02
C TRP D 1297 41.62 64.55 -5.74
N ARG D 1298 40.73 63.70 -5.23
CA ARG D 1298 39.44 63.44 -5.85
C ARG D 1298 38.35 64.28 -5.21
N ASP D 1299 37.32 64.58 -6.01
CA ASP D 1299 36.18 65.35 -5.53
C ASP D 1299 34.99 64.44 -5.24
N LYS D 1303 43.85 59.61 1.28
CA LYS D 1303 44.48 58.40 0.75
C LYS D 1303 44.13 58.20 -0.71
N VAL D 1304 42.82 58.16 -1.00
CA VAL D 1304 42.36 57.91 -2.36
C VAL D 1304 42.69 59.09 -3.26
N LEU D 1305 43.28 58.80 -4.43
CA LEU D 1305 43.74 59.86 -5.32
C LEU D 1305 43.26 59.60 -6.74
N GLU D 1306 43.78 60.37 -7.71
CA GLU D 1306 43.39 60.26 -9.11
C GLU D 1306 44.64 60.25 -9.97
N PHE D 1307 44.83 59.18 -10.73
CA PHE D 1307 45.94 59.07 -11.67
C PHE D 1307 45.39 58.90 -13.08
N LEU D 1308 46.29 58.77 -14.04
CA LEU D 1308 45.90 58.68 -15.45
C LEU D 1308 45.81 57.22 -15.87
N ALA D 1309 44.68 56.85 -16.48
CA ALA D 1309 44.47 55.50 -16.99
C ALA D 1309 44.34 55.55 -18.50
N VAL D 1310 45.15 54.76 -19.19
CA VAL D 1310 45.19 54.73 -20.65
C VAL D 1310 44.76 53.34 -21.12
N TRP D 1311 44.04 53.31 -22.24
CA TRP D 1311 43.64 52.05 -22.85
C TRP D 1311 44.10 52.00 -24.30
N ARG D 1317 44.69 46.79 -24.34
CA ARG D 1317 45.22 46.53 -23.01
C ARG D 1317 45.29 47.81 -22.21
N TRP D 1318 44.79 47.77 -20.98
CA TRP D 1318 44.92 48.89 -20.07
C TRP D 1318 46.38 49.06 -19.69
N ALA D 1319 46.92 50.25 -19.94
CA ALA D 1319 48.32 50.52 -19.69
C ALA D 1319 48.45 51.95 -19.18
N LEU D 1320 49.67 52.43 -19.13
CA LEU D 1320 49.98 53.75 -18.60
C LEU D 1320 50.71 54.54 -19.68
N LEU D 1321 50.59 55.86 -19.61
CA LEU D 1321 51.21 56.75 -20.60
C LEU D 1321 52.74 56.65 -20.47
N GLY D 1322 53.38 56.16 -21.51
CA GLY D 1322 54.80 55.85 -21.45
C GLY D 1322 55.58 56.45 -22.58
N GLY D 1323 56.71 57.07 -22.23
CA GLY D 1323 57.55 57.73 -23.19
C GLY D 1323 58.82 56.97 -23.46
N PRO D 1324 59.08 56.67 -24.75
CA PRO D 1324 60.33 56.02 -25.13
C PRO D 1324 61.50 56.98 -24.95
N ALA D 1325 62.44 56.60 -24.10
CA ALA D 1325 63.62 57.43 -23.83
C ALA D 1325 64.59 57.39 -24.99
N LEU D 1331 65.14 63.82 -16.68
CA LEU D 1331 64.28 62.73 -16.23
C LEU D 1331 62.82 63.15 -16.37
N ALA D 1332 62.53 64.40 -16.02
CA ALA D 1332 61.19 64.97 -16.17
C ALA D 1332 60.91 65.46 -17.58
N GLN D 1333 61.93 65.49 -18.45
CA GLN D 1333 61.74 65.95 -19.82
C GLN D 1333 60.92 64.94 -20.63
N VAL D 1334 61.23 63.65 -20.49
CA VAL D 1334 60.47 62.63 -21.21
C VAL D 1334 59.08 62.48 -20.60
N LEU D 1335 58.97 62.70 -19.29
CA LEU D 1335 57.69 62.84 -18.59
C LEU D 1335 56.80 63.90 -19.24
N GLU D 1336 57.33 65.13 -19.36
CA GLU D 1336 56.55 66.22 -19.95
C GLU D 1336 56.31 65.99 -21.45
N ARG D 1337 57.24 65.33 -22.12
CA ARG D 1337 57.09 65.10 -23.55
C ARG D 1337 56.00 64.06 -23.85
N ILE D 1338 55.92 63.00 -23.04
CA ILE D 1338 54.84 62.04 -23.26
C ILE D 1338 53.52 62.55 -22.67
N LEU D 1339 53.57 63.45 -21.68
CA LEU D 1339 52.35 64.17 -21.29
C LEU D 1339 51.82 65.00 -22.45
N GLY D 1340 52.69 65.75 -23.13
CA GLY D 1340 52.27 66.57 -24.26
C GLY D 1340 52.04 65.81 -25.55
N LYS D 1341 52.52 64.58 -25.66
CA LYS D 1341 52.35 63.78 -26.85
C LYS D 1341 51.18 62.80 -26.77
N LYS D 1342 50.92 62.22 -25.60
CA LYS D 1342 49.84 61.26 -25.44
C LYS D 1342 48.64 61.81 -24.68
N LEU D 1343 48.87 62.64 -23.66
CA LEU D 1343 47.81 63.08 -22.77
C LEU D 1343 47.36 64.51 -23.00
N ASN D 1344 48.28 65.47 -23.00
CA ASN D 1344 47.94 66.88 -23.04
C ASN D 1344 47.87 67.45 -24.45
N GLU D 1345 47.63 66.59 -25.45
CA GLU D 1345 47.49 66.95 -26.88
C GLU D 1345 48.67 67.74 -27.44
N GLY D 1354 56.64 64.01 -6.93
CA GLY D 1354 58.08 63.86 -7.03
C GLY D 1354 58.61 62.60 -6.37
N GLU D 1355 57.86 61.51 -6.51
CA GLU D 1355 58.21 60.21 -5.93
C GLU D 1355 58.37 59.20 -7.05
N GLU D 1356 59.56 58.61 -7.17
CA GLU D 1356 59.73 57.52 -8.12
C GLU D 1356 59.06 56.25 -7.61
N VAL D 1357 58.26 55.62 -8.47
CA VAL D 1357 57.69 54.33 -8.16
C VAL D 1357 58.72 53.23 -8.34
N TYR D 1358 59.36 53.19 -9.51
CA TYR D 1358 60.30 52.10 -9.79
C TYR D 1358 61.24 52.52 -10.92
N LYS D 1359 62.54 52.54 -10.66
CA LYS D 1359 63.55 52.70 -11.69
C LYS D 1359 64.43 51.46 -11.70
N GLY D 1360 64.35 50.69 -12.76
CA GLY D 1360 65.15 49.49 -12.87
C GLY D 1360 64.45 48.44 -13.72
N TYR D 1361 64.71 47.18 -13.37
CA TYR D 1361 64.33 46.07 -14.23
C TYR D 1361 62.87 45.68 -14.03
N VAL D 1362 62.07 45.85 -15.07
CA VAL D 1362 60.66 45.49 -15.06
C VAL D 1362 60.46 44.32 -16.03
N ASP D 1363 59.49 43.47 -15.71
CA ASP D 1363 59.22 42.27 -16.51
C ASP D 1363 58.51 42.65 -17.81
N ASP D 1364 58.75 41.86 -18.86
CA ASP D 1364 58.04 42.01 -20.12
C ASP D 1364 58.05 40.69 -20.85
N SER D 1365 57.03 40.51 -21.70
CA SER D 1365 56.85 39.33 -22.54
C SER D 1365 57.59 39.45 -23.87
N ARG D 1366 58.70 40.19 -23.88
CA ARG D 1366 59.45 40.42 -25.10
C ARG D 1366 60.95 40.20 -24.96
N ASN D 1367 61.46 39.95 -23.76
CA ASN D 1367 62.87 40.14 -23.47
C ASN D 1367 63.72 39.03 -24.06
N THR D 1368 64.87 39.42 -24.60
CA THR D 1368 65.93 38.51 -25.00
C THR D 1368 67.09 38.67 -24.02
N ASP D 1369 68.03 37.71 -24.07
CA ASP D 1369 69.18 37.75 -23.17
C ASP D 1369 70.04 38.98 -23.41
N ASN D 1370 70.21 39.35 -24.68
CA ASN D 1370 71.00 40.54 -25.00
C ASN D 1370 70.19 41.81 -24.80
N ALA D 1371 68.91 41.79 -25.13
CA ALA D 1371 68.08 42.99 -25.16
C ALA D 1371 66.87 42.78 -24.27
N TRP D 1372 66.80 43.57 -23.19
CA TRP D 1372 65.65 43.61 -22.29
C TRP D 1372 65.21 45.06 -22.16
N VAL D 1373 64.13 45.28 -21.40
CA VAL D 1373 63.64 46.63 -21.16
C VAL D 1373 63.74 46.95 -19.67
N GLU D 1374 63.93 48.24 -19.38
CA GLU D 1374 63.95 48.76 -18.02
C GLU D 1374 63.20 50.08 -17.97
N THR D 1375 62.59 50.35 -16.83
CA THR D 1375 61.66 51.46 -16.71
C THR D 1375 62.12 52.47 -15.66
N SER D 1376 61.52 53.65 -15.72
CA SER D 1376 61.67 54.69 -14.71
C SER D 1376 60.28 55.31 -14.57
N ILE D 1377 59.51 54.80 -13.62
CA ILE D 1377 58.18 55.33 -13.34
C ILE D 1377 58.26 56.20 -12.08
N ILE D 1378 57.84 57.45 -12.25
CA ILE D 1378 57.91 58.48 -11.21
C ILE D 1378 56.53 59.13 -11.09
N THR D 1379 56.14 59.45 -9.85
CA THR D 1379 54.86 60.09 -9.58
C THR D 1379 55.09 61.55 -9.24
N LEU D 1380 54.58 62.44 -10.08
CA LEU D 1380 54.40 63.83 -9.69
C LEU D 1380 53.04 63.99 -9.06
N HIS D 1381 53.02 64.54 -7.85
CA HIS D 1381 51.81 64.75 -7.10
C HIS D 1381 51.33 66.17 -7.38
N CYS D 1382 50.18 66.28 -8.03
CA CYS D 1382 49.68 67.59 -8.46
C CYS D 1382 49.29 68.47 -7.28
N ASP D 1383 48.79 67.84 -6.20
CA ASP D 1383 48.53 68.48 -4.91
C ASP D 1383 47.49 69.61 -5.03
N LYS D 1384 46.30 69.23 -5.46
CA LYS D 1384 45.16 70.13 -5.47
C LYS D 1384 43.96 69.38 -4.92
N ASN D 1385 43.36 69.92 -3.86
CA ASN D 1385 42.27 69.22 -3.18
C ASN D 1385 41.01 69.22 -4.02
N THR D 1386 40.40 68.04 -4.15
CA THR D 1386 39.15 67.79 -4.88
C THR D 1386 39.16 68.29 -6.33
N MET D 1389 48.11 73.35 -9.24
CA MET D 1389 48.36 72.11 -9.97
C MET D 1389 48.26 72.32 -11.49
N ALA D 1390 49.27 72.97 -12.06
CA ALA D 1390 49.28 73.27 -13.49
C ALA D 1390 49.80 72.12 -14.35
N ASP D 1391 50.03 70.94 -13.77
CA ASP D 1391 50.62 69.84 -14.53
C ASP D 1391 49.56 69.02 -15.26
N LEU D 1392 48.36 68.87 -14.67
CA LEU D 1392 47.34 68.03 -15.28
C LEU D 1392 45.93 68.60 -15.18
N ASN D 1393 45.79 69.90 -14.92
CA ASN D 1393 44.46 70.50 -14.77
C ASN D 1393 43.84 70.85 -16.12
N HIS D 1394 44.47 71.73 -16.87
CA HIS D 1394 43.97 72.18 -18.16
C HIS D 1394 44.37 71.26 -19.31
N MET D 1395 45.07 70.17 -19.01
CA MET D 1395 45.46 69.19 -20.01
C MET D 1395 44.24 68.35 -20.40
N VAL D 1396 43.75 68.54 -21.63
CA VAL D 1396 42.56 67.85 -22.10
C VAL D 1396 42.92 66.39 -22.38
N GLU D 1397 42.45 65.49 -21.52
CA GLU D 1397 42.73 64.06 -21.66
C GLU D 1397 41.91 63.46 -22.80
N LEU D 1406 42.90 58.24 -22.83
CA LEU D 1406 43.19 58.18 -21.40
C LEU D 1406 42.30 59.15 -20.62
N GLN D 1407 42.09 58.86 -19.33
CA GLN D 1407 41.25 59.69 -18.47
C GLN D 1407 41.74 59.57 -17.04
N TRP D 1408 40.93 60.06 -16.10
CA TRP D 1408 41.25 60.01 -14.68
C TRP D 1408 40.67 58.76 -14.02
N ARG D 1409 41.37 58.26 -13.01
CA ARG D 1409 41.09 56.96 -12.42
C ARG D 1409 41.39 57.03 -10.93
N GLU D 1410 40.53 56.39 -10.13
CA GLU D 1410 40.70 56.35 -8.69
C GLU D 1410 41.59 55.16 -8.31
N VAL D 1411 41.76 54.94 -7.01
CA VAL D 1411 42.45 53.76 -6.48
C VAL D 1411 41.48 52.92 -5.67
N SER D 1412 41.31 51.67 -6.08
CA SER D 1412 40.56 50.70 -5.29
C SER D 1412 41.18 49.32 -5.30
N SER D 1413 42.33 49.14 -5.97
CA SER D 1413 43.11 47.89 -6.03
C SER D 1413 42.31 46.72 -6.60
N ASP D 1414 41.38 46.99 -7.52
CA ASP D 1414 40.63 45.91 -8.15
C ASP D 1414 41.39 45.31 -9.33
N ALA D 1415 41.56 46.11 -10.40
CA ALA D 1415 42.36 45.70 -11.55
C ALA D 1415 42.81 46.98 -12.26
N CYS D 1416 44.05 47.38 -12.01
CA CYS D 1416 44.52 48.64 -12.54
C CYS D 1416 45.08 48.46 -13.94
N ARG D 1417 45.72 49.53 -14.45
CA ARG D 1417 46.40 49.46 -15.73
C ARG D 1417 47.56 48.47 -15.67
N CYS D 1418 48.44 48.63 -14.70
CA CYS D 1418 49.54 47.70 -14.49
C CYS D 1418 49.73 47.55 -12.99
N SER D 1419 50.73 46.76 -12.60
CA SER D 1419 51.15 46.73 -11.20
C SER D 1419 51.82 48.02 -10.80
N TYR D 1420 52.38 48.75 -11.77
CA TYR D 1420 52.96 50.06 -11.51
C TYR D 1420 51.87 51.09 -11.20
N GLN D 1421 50.74 51.02 -11.92
CA GLN D 1421 49.62 51.92 -11.65
C GLN D 1421 49.02 51.68 -10.28
N ARG D 1422 48.87 50.40 -9.90
CA ARG D 1422 48.40 50.07 -8.56
C ARG D 1422 49.45 50.39 -7.51
N GLU D 1423 50.74 50.35 -7.86
CA GLU D 1423 51.80 50.67 -6.92
C GLU D 1423 51.79 52.15 -6.58
N ALA D 1424 51.71 53.01 -7.60
CA ALA D 1424 51.56 54.45 -7.36
C ALA D 1424 50.22 54.77 -6.70
N LEU D 1425 49.19 53.98 -7.02
CA LEU D 1425 47.87 54.18 -6.45
C LEU D 1425 47.84 53.85 -4.96
N ARG D 1426 48.52 52.78 -4.56
CA ARG D 1426 48.62 52.43 -3.14
C ARG D 1426 49.63 53.31 -2.42
N GLN D 1427 50.63 53.83 -3.15
CA GLN D 1427 51.55 54.81 -2.56
C GLN D 1427 50.83 56.10 -2.24
N ILE D 1428 49.88 56.49 -3.09
CA ILE D 1428 49.00 57.60 -2.74
C ILE D 1428 48.07 57.20 -1.61
N ALA D 1429 47.60 55.95 -1.62
CA ALA D 1429 46.70 55.44 -0.58
C ALA D 1429 47.44 55.18 0.72
#